data_8Q5W
#
_entry.id   8Q5W
#
_cell.length_a   147.948
_cell.length_b   156.729
_cell.length_c   206.454
_cell.angle_alpha   90.00
_cell.angle_beta   90.00
_cell.angle_gamma   90.00
#
_symmetry.space_group_name_H-M   'P 21 21 21'
#
loop_
_entity.id
_entity.type
_entity.pdbx_description
1 polymer 'Nitrogenase iron protein'
2 non-polymer "ADENOSINE-5'-DIPHOSPHATE"
3 non-polymer 'MAGNESIUM ION'
4 non-polymer 'NITRATE ION'
5 non-polymer 1,2-ETHANEDIOL
6 non-polymer 'IRON/SULFUR CLUSTER'
7 non-polymer 'CHLORIDE ION'
8 non-polymer GLYCEROL
9 water water
#
_entity_poly.entity_id   1
_entity_poly.type   'polypeptide(L)'
_entity_poly.pdbx_seq_one_letter_code
;MSFDEIAPNAKKVAIYGKGGIGKSTTTQNTAAALAYYYKLKGMIHGCDPKADSTRMILHGKPQETVMDVLREEGEEGVTL
EKVRKVGFCGIYCVESGGPEPGVGCAGRGVITAVNLMKELGGYPDDLDFLFFDVLGDVVCGGFAMPLRDGLAKEIYIVSS
GEMMALYAANNIAKGILKYAEQSGVRLGGIICNSRNVDGERELMEEFCDKLGTKLIHFIPRDNIVQKAEFNKMTVVEFAP
DHPQALEYKKLGKKIMDNDELVIPTPLSMDELEKLVEKYGLYDK
;
_entity_poly.pdbx_strand_id   A,B,C,D,E,F,G,H,I,J,K,L
#
# COMPACT_ATOMS: atom_id res chain seq x y z
N SER A 2 -34.72 -8.32 -2.80
CA SER A 2 -35.64 -8.67 -3.88
C SER A 2 -35.63 -7.61 -4.98
N PHE A 3 -36.11 -7.96 -6.19
CA PHE A 3 -36.15 -7.01 -7.30
C PHE A 3 -37.22 -5.92 -7.14
N ASP A 4 -38.03 -5.97 -6.08
CA ASP A 4 -39.05 -4.94 -5.83
C ASP A 4 -38.50 -3.83 -4.91
N GLU A 5 -37.45 -4.15 -4.13
CA GLU A 5 -36.83 -3.20 -3.20
C GLU A 5 -35.88 -2.22 -3.91
N ILE A 6 -35.34 -2.61 -5.09
CA ILE A 6 -34.43 -1.74 -5.84
C ILE A 6 -35.23 -0.60 -6.49
N ALA A 7 -34.88 0.67 -6.20
CA ALA A 7 -35.58 1.85 -6.74
C ALA A 7 -37.10 1.71 -6.59
N PRO A 8 -37.62 1.72 -5.35
CA PRO A 8 -39.07 1.55 -5.17
C PRO A 8 -39.93 2.72 -5.64
N ASN A 9 -39.41 3.95 -5.60
CA ASN A 9 -40.15 5.13 -6.04
C ASN A 9 -40.03 5.36 -7.55
N ALA A 10 -39.37 4.44 -8.28
CA ALA A 10 -39.17 4.59 -9.72
C ALA A 10 -40.11 3.71 -10.52
N LYS A 11 -40.44 4.16 -11.74
CA LYS A 11 -41.27 3.38 -12.64
C LYS A 11 -40.32 2.45 -13.39
N LYS A 12 -40.29 1.18 -13.02
CA LYS A 12 -39.40 0.21 -13.66
C LYS A 12 -40.00 -0.25 -14.98
N VAL A 13 -39.34 0.07 -16.10
CA VAL A 13 -39.80 -0.28 -17.44
C VAL A 13 -38.71 -1.03 -18.21
N ALA A 14 -39.11 -1.95 -19.09
CA ALA A 14 -38.18 -2.70 -19.91
C ALA A 14 -38.62 -2.61 -21.36
N ILE A 15 -37.73 -2.16 -22.25
CA ILE A 15 -38.03 -2.01 -23.66
C ILE A 15 -37.49 -3.21 -24.43
N TYR A 16 -38.39 -3.96 -25.08
CA TYR A 16 -38.02 -5.13 -25.88
C TYR A 16 -38.27 -4.84 -27.36
N GLY A 17 -37.80 -5.73 -28.23
CA GLY A 17 -37.99 -5.57 -29.66
C GLY A 17 -36.91 -6.23 -30.50
N LYS A 18 -37.16 -6.33 -31.80
CA LYS A 18 -36.25 -6.94 -32.76
C LYS A 18 -34.94 -6.11 -32.85
N GLY A 19 -33.86 -6.74 -33.26
CA GLY A 19 -32.58 -6.06 -33.39
C GLY A 19 -32.63 -5.00 -34.47
N GLY A 20 -32.12 -3.81 -34.17
CA GLY A 20 -32.10 -2.70 -35.12
C GLY A 20 -33.45 -2.04 -35.35
N ILE A 21 -34.45 -2.37 -34.52
CA ILE A 21 -35.78 -1.79 -34.67
C ILE A 21 -35.86 -0.35 -34.12
N GLY A 22 -34.93 0.03 -33.25
CA GLY A 22 -34.91 1.37 -32.68
C GLY A 22 -35.18 1.38 -31.19
N LYS A 23 -34.72 0.35 -30.46
CA LYS A 23 -34.93 0.28 -29.01
C LYS A 23 -34.02 1.29 -28.32
N SER A 24 -32.72 1.26 -28.65
CA SER A 24 -31.73 2.16 -28.05
C SER A 24 -32.08 3.61 -28.35
N THR A 25 -32.48 3.91 -29.59
CA THR A 25 -32.84 5.28 -29.96
C THR A 25 -34.05 5.75 -29.16
N THR A 26 -35.11 4.93 -29.11
CA THR A 26 -36.32 5.29 -28.37
C THR A 26 -36.06 5.40 -26.87
N THR A 27 -35.42 4.39 -26.27
CA THR A 27 -35.15 4.38 -24.82
C THR A 27 -34.31 5.58 -24.39
N GLN A 28 -33.22 5.87 -25.12
CA GLN A 28 -32.35 6.98 -24.78
C GLN A 28 -33.04 8.34 -24.91
N ASN A 29 -33.71 8.57 -26.05
CA ASN A 29 -34.39 9.85 -26.27
C ASN A 29 -35.58 10.04 -25.32
N THR A 30 -36.27 8.95 -24.96
CA THR A 30 -37.40 9.05 -24.04
C THR A 30 -36.86 9.41 -22.65
N ALA A 31 -35.79 8.76 -22.22
CA ALA A 31 -35.18 9.05 -20.93
C ALA A 31 -34.65 10.48 -20.91
N ALA A 32 -34.03 10.92 -22.02
CA ALA A 32 -33.50 12.28 -22.14
C ALA A 32 -34.63 13.30 -22.02
N ALA A 33 -35.77 13.01 -22.63
CA ALA A 33 -36.92 13.91 -22.56
C ALA A 33 -37.47 13.98 -21.13
N LEU A 34 -37.56 12.84 -20.45
CA LEU A 34 -38.08 12.81 -19.08
C LEU A 34 -37.14 13.53 -18.11
N ALA A 35 -35.83 13.44 -18.33
CA ALA A 35 -34.86 14.11 -17.46
C ALA A 35 -34.71 15.58 -17.80
N TYR A 36 -34.91 15.97 -19.06
CA TYR A 36 -34.75 17.36 -19.50
C TYR A 36 -36.03 18.20 -19.34
N TYR A 37 -37.14 17.78 -19.95
CA TYR A 37 -38.38 18.55 -19.86
C TYR A 37 -39.05 18.46 -18.50
N TYR A 38 -39.15 17.24 -17.95
CA TYR A 38 -39.80 17.03 -16.67
C TYR A 38 -38.83 16.97 -15.47
N LYS A 39 -37.53 17.15 -15.70
CA LYS A 39 -36.50 17.13 -14.64
C LYS A 39 -36.60 15.90 -13.73
N LEU A 40 -36.80 14.72 -14.30
CA LEU A 40 -36.89 13.49 -13.53
C LEU A 40 -35.54 12.77 -13.46
N LYS A 41 -35.26 12.14 -12.31
CA LYS A 41 -34.00 11.41 -12.09
C LYS A 41 -34.18 10.04 -12.74
N GLY A 42 -33.30 9.68 -13.65
CA GLY A 42 -33.42 8.41 -14.34
C GLY A 42 -32.14 7.61 -14.48
N MET A 43 -32.28 6.42 -15.05
CA MET A 43 -31.16 5.50 -15.25
C MET A 43 -31.49 4.50 -16.36
N ILE A 44 -30.48 4.15 -17.16
CA ILE A 44 -30.65 3.19 -18.25
C ILE A 44 -29.72 2.02 -18.01
N HIS A 45 -30.25 0.80 -18.04
CA HIS A 45 -29.45 -0.40 -17.87
C HIS A 45 -29.55 -1.19 -19.17
N GLY A 46 -28.49 -1.09 -19.98
CA GLY A 46 -28.42 -1.77 -21.26
C GLY A 46 -28.26 -3.27 -21.12
N CYS A 47 -29.30 -4.02 -21.51
CA CYS A 47 -29.29 -5.47 -21.47
C CYS A 47 -29.20 -6.06 -22.88
N ASP A 48 -28.54 -5.34 -23.81
CA ASP A 48 -28.35 -5.79 -25.17
C ASP A 48 -26.84 -6.03 -25.36
N PRO A 49 -26.41 -7.21 -25.85
CA PRO A 49 -24.95 -7.42 -26.01
C PRO A 49 -24.26 -6.46 -26.96
N LYS A 50 -25.01 -5.63 -27.71
CA LYS A 50 -24.40 -4.67 -28.62
C LYS A 50 -23.61 -3.61 -27.83
N ALA A 51 -24.04 -3.32 -26.58
CA ALA A 51 -23.40 -2.38 -25.66
C ALA A 51 -23.33 -0.93 -26.16
N ASP A 52 -24.36 -0.49 -26.88
CA ASP A 52 -24.42 0.89 -27.37
C ASP A 52 -25.74 1.57 -26.96
N SER A 53 -26.47 0.97 -26.01
CA SER A 53 -27.76 1.48 -25.53
C SER A 53 -27.62 2.74 -24.65
N THR A 54 -26.39 3.16 -24.31
CA THR A 54 -26.17 4.35 -23.49
C THR A 54 -25.13 5.30 -24.12
N ARG A 55 -24.88 5.16 -25.43
CA ARG A 55 -23.82 5.98 -26.08
C ARG A 55 -24.28 7.44 -26.23
N MET A 56 -25.49 7.67 -26.73
CA MET A 56 -25.96 9.04 -26.97
C MET A 56 -26.16 9.80 -25.66
N ILE A 57 -26.49 9.10 -24.57
CA ILE A 57 -26.65 9.76 -23.27
C ILE A 57 -25.26 10.16 -22.79
N LEU A 58 -24.24 9.29 -23.01
CA LEU A 58 -22.86 9.58 -22.63
C LEU A 58 -22.12 10.41 -23.69
N HIS A 59 -22.86 11.03 -24.63
CA HIS A 59 -22.31 11.91 -25.67
C HIS A 59 -21.28 11.25 -26.59
N GLY A 60 -21.62 10.10 -27.14
CA GLY A 60 -20.75 9.37 -28.06
C GLY A 60 -19.67 8.53 -27.41
N LYS A 61 -19.38 8.74 -26.14
CA LYS A 61 -18.33 7.99 -25.45
C LYS A 61 -18.78 6.56 -25.15
N PRO A 62 -18.12 5.51 -25.68
CA PRO A 62 -18.58 4.14 -25.37
C PRO A 62 -18.34 3.82 -23.89
N GLN A 63 -19.23 3.06 -23.28
CA GLN A 63 -19.11 2.70 -21.87
C GLN A 63 -18.52 1.30 -21.70
N GLU A 64 -17.65 1.13 -20.71
CA GLU A 64 -17.06 -0.19 -20.44
C GLU A 64 -18.18 -1.04 -19.85
N THR A 65 -18.39 -2.25 -20.39
CA THR A 65 -19.47 -3.12 -19.91
C THR A 65 -19.11 -3.74 -18.56
N VAL A 66 -20.12 -4.23 -17.82
CA VAL A 66 -19.88 -4.87 -16.54
C VAL A 66 -19.01 -6.11 -16.74
N MET A 67 -19.27 -6.90 -17.80
CA MET A 67 -18.47 -8.09 -18.07
C MET A 67 -17.03 -7.72 -18.37
N ASP A 68 -16.79 -6.61 -19.09
CA ASP A 68 -15.44 -6.18 -19.42
C ASP A 68 -14.69 -5.77 -18.14
N VAL A 69 -15.34 -5.04 -17.25
CA VAL A 69 -14.71 -4.60 -15.99
C VAL A 69 -14.44 -5.82 -15.10
N LEU A 70 -15.38 -6.77 -15.02
CA LEU A 70 -15.16 -7.98 -14.21
C LEU A 70 -14.00 -8.79 -14.79
N ARG A 71 -13.93 -8.89 -16.11
CA ARG A 71 -12.88 -9.66 -16.77
C ARG A 71 -11.48 -9.09 -16.53
N GLU A 72 -11.34 -7.75 -16.49
CA GLU A 72 -10.03 -7.11 -16.30
C GLU A 72 -9.70 -6.80 -14.84
N GLU A 73 -10.61 -6.12 -14.12
CA GLU A 73 -10.38 -5.72 -12.74
C GLU A 73 -10.69 -6.82 -11.71
N GLY A 74 -11.50 -7.80 -12.08
CA GLY A 74 -11.89 -8.86 -11.15
C GLY A 74 -12.91 -8.37 -10.14
N GLU A 75 -13.60 -9.30 -9.46
CA GLU A 75 -14.61 -8.93 -8.47
C GLU A 75 -14.10 -8.03 -7.35
N GLU A 76 -12.78 -8.02 -7.10
CA GLU A 76 -12.21 -7.20 -6.03
C GLU A 76 -12.00 -5.75 -6.48
N GLY A 77 -11.54 -5.56 -7.71
CA GLY A 77 -11.26 -4.23 -8.25
C GLY A 77 -12.43 -3.55 -8.94
N VAL A 78 -13.66 -3.98 -8.64
CA VAL A 78 -14.85 -3.38 -9.30
C VAL A 78 -15.42 -2.25 -8.43
N THR A 79 -15.65 -1.10 -9.04
CA THR A 79 -16.24 0.05 -8.31
C THR A 79 -17.46 0.56 -9.08
N LEU A 80 -18.45 1.07 -8.36
CA LEU A 80 -19.65 1.60 -9.00
C LEU A 80 -19.31 2.72 -10.00
N GLU A 81 -18.18 3.43 -9.82
CA GLU A 81 -17.79 4.50 -10.74
C GLU A 81 -17.33 3.98 -12.11
N LYS A 82 -16.85 2.74 -12.17
CA LYS A 82 -16.34 2.21 -13.46
C LYS A 82 -17.48 1.64 -14.29
N VAL A 83 -18.48 1.06 -13.63
CA VAL A 83 -19.59 0.42 -14.33
C VAL A 83 -20.77 1.36 -14.55
N ARG A 84 -20.96 2.35 -13.67
CA ARG A 84 -22.06 3.30 -13.80
C ARG A 84 -21.53 4.69 -14.10
N LYS A 85 -21.91 5.26 -15.23
CA LYS A 85 -21.47 6.60 -15.63
C LYS A 85 -22.65 7.56 -15.67
N VAL A 86 -22.38 8.86 -15.55
CA VAL A 86 -23.44 9.87 -15.59
C VAL A 86 -23.35 10.61 -16.94
N GLY A 87 -24.50 10.82 -17.58
CA GLY A 87 -24.56 11.49 -18.87
C GLY A 87 -25.51 12.66 -18.89
N PHE A 88 -26.22 12.84 -20.00
CA PHE A 88 -27.16 13.95 -20.18
C PHE A 88 -28.19 14.04 -19.06
N CYS A 89 -28.34 15.25 -18.47
CA CYS A 89 -29.29 15.52 -17.39
C CYS A 89 -29.18 14.55 -16.22
N GLY A 90 -27.96 14.20 -15.86
CA GLY A 90 -27.69 13.30 -14.74
C GLY A 90 -28.26 11.90 -14.87
N ILE A 91 -28.47 11.40 -16.10
CA ILE A 91 -29.00 10.05 -16.28
C ILE A 91 -27.88 9.05 -16.05
N TYR A 92 -28.07 8.11 -15.13
CA TYR A 92 -27.07 7.09 -14.85
C TYR A 92 -27.11 6.05 -15.96
N CYS A 93 -25.95 5.50 -16.34
CA CYS A 93 -25.87 4.53 -17.42
C CYS A 93 -25.09 3.31 -17.00
N VAL A 94 -25.54 2.11 -17.41
CA VAL A 94 -24.86 0.84 -17.12
C VAL A 94 -25.05 -0.08 -18.31
N GLU A 95 -23.99 -0.79 -18.72
CA GLU A 95 -24.07 -1.73 -19.84
C GLU A 95 -23.73 -3.11 -19.32
N SER A 96 -24.67 -4.05 -19.40
CA SER A 96 -24.43 -5.41 -18.92
C SER A 96 -23.34 -6.11 -19.70
N GLY A 97 -23.39 -6.01 -21.02
CA GLY A 97 -22.43 -6.67 -21.88
C GLY A 97 -22.76 -8.14 -22.00
N GLY A 98 -21.78 -8.93 -22.37
CA GLY A 98 -21.98 -10.36 -22.52
C GLY A 98 -20.71 -11.09 -22.91
N PRO A 99 -20.76 -12.44 -23.02
CA PRO A 99 -19.59 -13.23 -23.40
C PRO A 99 -19.26 -13.11 -24.88
N GLU A 100 -18.07 -13.57 -25.28
CA GLU A 100 -17.66 -13.51 -26.71
C GLU A 100 -18.60 -14.41 -27.52
N PRO A 101 -18.99 -14.01 -28.75
CA PRO A 101 -19.86 -14.83 -29.58
C PRO A 101 -19.43 -16.30 -29.60
N GLY A 102 -20.36 -17.22 -29.37
CA GLY A 102 -20.04 -18.65 -29.38
C GLY A 102 -19.62 -19.19 -28.03
N VAL A 103 -19.39 -18.31 -27.04
CA VAL A 103 -18.95 -18.70 -25.70
C VAL A 103 -20.09 -18.53 -24.70
N GLY A 104 -20.61 -19.65 -24.18
CA GLY A 104 -21.66 -19.63 -23.18
C GLY A 104 -23.00 -19.07 -23.62
N CYS A 105 -23.69 -18.44 -22.68
CA CYS A 105 -25.03 -17.87 -22.95
C CYS A 105 -24.93 -16.34 -23.03
N ALA A 106 -25.44 -15.72 -24.10
CA ALA A 106 -25.28 -14.25 -24.29
C ALA A 106 -26.02 -13.48 -23.20
N GLY A 107 -27.12 -14.04 -22.69
CA GLY A 107 -27.93 -13.34 -21.67
C GLY A 107 -27.27 -13.31 -20.31
N ARG A 108 -26.26 -14.17 -20.09
CA ARG A 108 -25.66 -14.25 -18.74
C ARG A 108 -25.16 -12.90 -18.24
N GLY A 109 -24.72 -12.03 -19.14
CA GLY A 109 -24.23 -10.71 -18.75
C GLY A 109 -25.29 -9.88 -18.06
N VAL A 110 -26.56 -10.08 -18.40
CA VAL A 110 -27.66 -9.33 -17.79
C VAL A 110 -27.83 -9.70 -16.34
N ILE A 111 -27.83 -11.01 -16.03
CA ILE A 111 -28.03 -11.46 -14.66
C ILE A 111 -26.89 -10.99 -13.77
N THR A 112 -25.64 -11.13 -14.24
CA THR A 112 -24.48 -10.70 -13.47
C THR A 112 -24.51 -9.20 -13.18
N ALA A 113 -24.87 -8.39 -14.18
CA ALA A 113 -24.91 -6.93 -14.01
C ALA A 113 -26.00 -6.47 -13.07
N VAL A 114 -27.18 -7.08 -13.14
CA VAL A 114 -28.28 -6.70 -12.26
C VAL A 114 -27.92 -7.07 -10.81
N ASN A 115 -27.35 -8.26 -10.61
CA ASN A 115 -26.96 -8.70 -9.27
C ASN A 115 -25.84 -7.81 -8.72
N LEU A 116 -24.88 -7.42 -9.57
CA LEU A 116 -23.79 -6.56 -9.13
C LEU A 116 -24.31 -5.17 -8.77
N MET A 117 -25.25 -4.64 -9.56
CA MET A 117 -25.84 -3.33 -9.29
C MET A 117 -26.55 -3.34 -7.95
N LYS A 118 -27.25 -4.43 -7.63
CA LYS A 118 -27.94 -4.56 -6.36
C LYS A 118 -26.91 -4.62 -5.22
N GLU A 119 -25.84 -5.39 -5.41
CA GLU A 119 -24.78 -5.54 -4.41
C GLU A 119 -24.10 -4.21 -4.10
N LEU A 120 -23.77 -3.42 -5.14
CA LEU A 120 -23.11 -2.12 -4.96
C LEU A 120 -24.09 -0.96 -4.70
N GLY A 121 -25.39 -1.25 -4.69
CA GLY A 121 -26.39 -0.17 -4.54
C GLY A 121 -26.30 0.81 -5.69
N GLY A 122 -26.26 0.32 -6.93
CA GLY A 122 -26.10 1.19 -8.10
C GLY A 122 -27.41 1.79 -8.58
N TYR A 123 -28.53 1.33 -8.01
CA TYR A 123 -29.88 1.88 -8.37
C TYR A 123 -30.34 2.84 -7.28
N PRO A 124 -30.23 4.17 -7.46
CA PRO A 124 -30.63 5.14 -6.44
C PRO A 124 -32.09 4.99 -6.02
N ASP A 125 -32.35 4.98 -4.69
CA ASP A 125 -33.72 4.88 -4.21
C ASP A 125 -34.58 6.06 -4.69
N ASP A 126 -33.99 7.25 -4.82
CA ASP A 126 -34.70 8.44 -5.27
C ASP A 126 -34.91 8.50 -6.78
N LEU A 127 -34.75 7.37 -7.50
CA LEU A 127 -34.97 7.36 -8.95
C LEU A 127 -36.45 7.55 -9.25
N ASP A 128 -36.74 8.19 -10.37
CA ASP A 128 -38.13 8.42 -10.81
C ASP A 128 -38.48 7.41 -11.90
N PHE A 129 -37.50 7.01 -12.72
CA PHE A 129 -37.71 6.02 -13.78
C PHE A 129 -36.43 5.21 -14.00
N LEU A 130 -36.58 3.94 -14.39
CA LEU A 130 -35.45 3.05 -14.64
C LEU A 130 -35.81 2.22 -15.88
N PHE A 131 -35.04 2.38 -16.95
CA PHE A 131 -35.31 1.66 -18.20
C PHE A 131 -34.28 0.57 -18.46
N PHE A 132 -34.73 -0.54 -19.07
CA PHE A 132 -33.87 -1.67 -19.42
C PHE A 132 -33.99 -1.93 -20.92
N ASP A 133 -32.93 -1.65 -21.69
CA ASP A 133 -32.94 -1.89 -23.13
C ASP A 133 -32.61 -3.37 -23.30
N VAL A 134 -33.61 -4.23 -23.55
CA VAL A 134 -33.38 -5.68 -23.65
C VAL A 134 -33.47 -6.21 -25.08
N LEU A 135 -32.58 -7.17 -25.43
CA LEU A 135 -32.58 -7.80 -26.74
C LEU A 135 -33.81 -8.70 -26.80
N GLY A 136 -34.64 -8.53 -27.82
CA GLY A 136 -35.86 -9.33 -27.96
C GLY A 136 -35.89 -10.34 -29.08
N ASP A 137 -34.78 -10.55 -29.79
CA ASP A 137 -34.73 -11.52 -30.89
C ASP A 137 -35.01 -12.94 -30.38
N VAL A 138 -34.59 -13.22 -29.14
CA VAL A 138 -34.82 -14.51 -28.48
C VAL A 138 -35.27 -14.20 -27.05
N VAL A 139 -36.30 -14.91 -26.56
CA VAL A 139 -36.80 -14.71 -25.21
C VAL A 139 -36.29 -15.88 -24.37
N CYS A 140 -35.07 -15.72 -23.84
CA CYS A 140 -34.46 -16.82 -23.07
C CYS A 140 -33.29 -16.28 -22.24
N GLY A 141 -32.92 -17.02 -21.19
CA GLY A 141 -31.81 -16.65 -20.32
C GLY A 141 -31.97 -15.29 -19.69
N GLY A 142 -30.89 -14.52 -19.69
CA GLY A 142 -30.89 -13.18 -19.11
C GLY A 142 -31.84 -12.21 -19.81
N PHE A 143 -32.14 -12.46 -21.10
CA PHE A 143 -33.06 -11.59 -21.83
C PHE A 143 -34.48 -11.75 -21.31
N ALA A 144 -34.87 -12.97 -20.95
CA ALA A 144 -36.21 -13.24 -20.42
C ALA A 144 -36.28 -13.03 -18.90
N MET A 145 -35.13 -12.78 -18.24
CA MET A 145 -35.10 -12.59 -16.80
C MET A 145 -35.98 -11.42 -16.33
N PRO A 146 -35.97 -10.21 -16.95
CA PRO A 146 -36.84 -9.14 -16.46
C PRO A 146 -38.33 -9.51 -16.43
N LEU A 147 -38.76 -10.41 -17.33
CA LEU A 147 -40.17 -10.85 -17.40
C LEU A 147 -40.45 -11.95 -16.37
N ARG A 148 -39.49 -12.85 -16.20
CA ARG A 148 -39.63 -13.99 -15.30
C ARG A 148 -39.51 -13.59 -13.83
N ASP A 149 -38.46 -12.82 -13.47
CA ASP A 149 -38.23 -12.41 -12.08
C ASP A 149 -38.92 -11.09 -11.68
N GLY A 150 -39.72 -10.51 -12.57
CA GLY A 150 -40.42 -9.26 -12.27
C GLY A 150 -39.50 -8.09 -11.99
N LEU A 151 -38.39 -7.98 -12.75
CA LEU A 151 -37.45 -6.87 -12.56
C LEU A 151 -38.13 -5.56 -12.93
N ALA A 152 -38.80 -5.54 -14.09
CA ALA A 152 -39.55 -4.39 -14.58
C ALA A 152 -40.97 -4.89 -14.75
N LYS A 153 -41.94 -4.23 -14.11
CA LYS A 153 -43.35 -4.69 -14.16
C LYS A 153 -44.01 -4.27 -15.47
N GLU A 154 -43.55 -3.17 -16.06
CA GLU A 154 -44.16 -2.63 -17.27
C GLU A 154 -43.26 -2.86 -18.45
N ILE A 155 -43.80 -3.50 -19.49
CA ILE A 155 -43.00 -3.83 -20.70
C ILE A 155 -43.58 -3.11 -21.92
N TYR A 156 -42.73 -2.58 -22.79
CA TYR A 156 -43.14 -1.92 -24.02
C TYR A 156 -42.31 -2.51 -25.13
N ILE A 157 -42.94 -2.86 -26.24
CA ILE A 157 -42.21 -3.45 -27.36
C ILE A 157 -42.15 -2.50 -28.54
N VAL A 158 -40.93 -2.23 -29.04
CA VAL A 158 -40.76 -1.37 -30.20
C VAL A 158 -40.90 -2.26 -31.42
N SER A 159 -41.77 -1.88 -32.36
CA SER A 159 -41.99 -2.68 -33.56
C SER A 159 -42.38 -1.82 -34.75
N SER A 160 -42.21 -2.36 -35.96
CA SER A 160 -42.56 -1.70 -37.20
C SER A 160 -43.55 -2.61 -37.97
N GLY A 161 -43.99 -2.19 -39.15
CA GLY A 161 -44.89 -2.98 -39.96
C GLY A 161 -44.30 -4.28 -40.49
N GLU A 162 -42.97 -4.45 -40.36
CA GLU A 162 -42.29 -5.66 -40.85
C GLU A 162 -42.79 -6.91 -40.15
N MET A 163 -42.86 -8.02 -40.89
CA MET A 163 -43.32 -9.29 -40.35
C MET A 163 -42.42 -9.76 -39.22
N MET A 164 -41.10 -9.65 -39.40
CA MET A 164 -40.14 -10.11 -38.37
C MET A 164 -40.34 -9.28 -37.09
N ALA A 165 -40.53 -7.97 -37.23
CA ALA A 165 -40.68 -7.11 -36.07
C ALA A 165 -41.94 -7.46 -35.29
N LEU A 166 -43.03 -7.78 -36.01
CA LEU A 166 -44.29 -8.15 -35.36
C LEU A 166 -44.18 -9.55 -34.78
N TYR A 167 -43.45 -10.47 -35.45
CA TYR A 167 -43.25 -11.83 -34.99
C TYR A 167 -42.51 -11.78 -33.66
N ALA A 168 -41.43 -10.98 -33.58
CA ALA A 168 -40.66 -10.84 -32.35
C ALA A 168 -41.54 -10.27 -31.25
N ALA A 169 -42.35 -9.25 -31.56
CA ALA A 169 -43.24 -8.64 -30.57
C ALA A 169 -44.26 -9.64 -30.04
N ASN A 170 -44.76 -10.51 -30.91
CA ASN A 170 -45.73 -11.52 -30.51
C ASN A 170 -45.05 -12.54 -29.59
N ASN A 171 -43.78 -12.90 -29.89
CA ASN A 171 -43.03 -13.85 -29.08
C ASN A 171 -42.74 -13.26 -27.70
N ILE A 172 -42.44 -11.96 -27.63
CA ILE A 172 -42.18 -11.31 -26.35
C ILE A 172 -43.49 -11.33 -25.53
N ALA A 173 -44.62 -11.09 -26.19
CA ALA A 173 -45.95 -11.13 -25.56
C ALA A 173 -46.23 -12.53 -24.99
N LYS A 174 -45.76 -13.59 -25.69
CA LYS A 174 -45.93 -14.97 -25.22
C LYS A 174 -45.18 -15.16 -23.90
N GLY A 175 -43.98 -14.58 -23.80
CA GLY A 175 -43.18 -14.65 -22.60
C GLY A 175 -43.81 -13.87 -21.46
N ILE A 176 -44.46 -12.74 -21.77
CA ILE A 176 -45.13 -11.93 -20.76
C ILE A 176 -46.31 -12.73 -20.21
N LEU A 177 -47.14 -13.30 -21.09
CA LEU A 177 -48.31 -14.10 -20.69
C LEU A 177 -47.90 -15.28 -19.80
N LYS A 178 -46.80 -15.96 -20.15
CA LYS A 178 -46.32 -17.12 -19.41
C LYS A 178 -46.05 -16.84 -17.94
N TYR A 179 -45.41 -15.70 -17.62
CA TYR A 179 -45.10 -15.35 -16.22
C TYR A 179 -45.87 -14.14 -15.73
N ALA A 180 -47.06 -13.91 -16.28
CA ALA A 180 -47.88 -12.77 -15.88
C ALA A 180 -48.45 -12.93 -14.47
N GLU A 181 -48.87 -14.13 -14.10
CA GLU A 181 -49.49 -14.28 -12.76
C GLU A 181 -48.39 -14.54 -11.74
N GLN A 182 -47.34 -15.26 -12.12
CA GLN A 182 -46.23 -15.54 -11.21
C GLN A 182 -45.44 -14.30 -10.78
N SER A 183 -45.03 -13.47 -11.75
CA SER A 183 -44.22 -12.27 -11.47
C SER A 183 -45.00 -10.96 -11.45
N GLY A 184 -46.20 -10.95 -12.01
CA GLY A 184 -47.00 -9.72 -12.07
C GLY A 184 -46.54 -8.77 -13.16
N VAL A 185 -45.83 -9.28 -14.17
CA VAL A 185 -45.35 -8.46 -15.27
C VAL A 185 -46.48 -8.26 -16.27
N ARG A 186 -46.60 -7.04 -16.83
CA ARG A 186 -47.67 -6.73 -17.78
C ARG A 186 -47.14 -5.95 -18.99
N LEU A 187 -47.92 -5.93 -20.09
CA LEU A 187 -47.56 -5.21 -21.31
C LEU A 187 -48.26 -3.86 -21.32
N GLY A 188 -47.48 -2.79 -21.27
CA GLY A 188 -48.00 -1.44 -21.28
C GLY A 188 -48.52 -0.99 -22.64
N GLY A 189 -47.89 -1.48 -23.71
CA GLY A 189 -48.30 -1.14 -25.07
C GLY A 189 -47.20 -1.35 -26.08
N ILE A 190 -47.54 -1.19 -27.36
CA ILE A 190 -46.58 -1.35 -28.46
C ILE A 190 -46.18 0.04 -28.94
N ILE A 191 -44.87 0.28 -29.09
CA ILE A 191 -44.37 1.56 -29.59
C ILE A 191 -43.99 1.31 -31.05
N CYS A 192 -44.53 2.10 -31.99
CA CYS A 192 -44.21 1.90 -33.41
C CYS A 192 -43.11 2.84 -33.89
N ASN A 193 -41.96 2.29 -34.28
CA ASN A 193 -40.87 3.08 -34.82
C ASN A 193 -41.09 3.03 -36.33
N SER A 194 -41.69 4.09 -36.88
CA SER A 194 -42.02 4.17 -38.31
C SER A 194 -40.84 3.99 -39.24
N ARG A 195 -41.13 3.37 -40.39
CA ARG A 195 -40.15 3.16 -41.46
C ARG A 195 -40.62 3.86 -42.75
N ASN A 196 -41.63 4.76 -42.66
CA ASN A 196 -42.18 5.51 -43.78
C ASN A 196 -42.85 4.64 -44.84
N VAL A 197 -43.65 3.65 -44.42
CA VAL A 197 -44.38 2.80 -45.37
C VAL A 197 -45.87 3.14 -45.31
N ASP A 198 -46.58 2.92 -46.42
CA ASP A 198 -48.02 3.23 -46.52
C ASP A 198 -48.92 2.36 -45.62
N GLY A 199 -49.69 2.99 -44.76
CA GLY A 199 -50.62 2.29 -43.87
C GLY A 199 -49.93 1.50 -42.78
N GLU A 200 -48.81 2.00 -42.27
CA GLU A 200 -48.08 1.32 -41.21
C GLU A 200 -48.86 1.39 -39.90
N ARG A 201 -49.37 2.58 -39.56
CA ARG A 201 -50.13 2.80 -38.34
C ARG A 201 -51.38 1.92 -38.30
N GLU A 202 -52.11 1.85 -39.42
CA GLU A 202 -53.33 1.05 -39.50
C GLU A 202 -53.07 -0.43 -39.21
N LEU A 203 -51.98 -0.99 -39.74
CA LEU A 203 -51.63 -2.39 -39.51
C LEU A 203 -51.27 -2.58 -38.03
N MET A 204 -50.48 -1.65 -37.46
CA MET A 204 -50.07 -1.70 -36.06
C MET A 204 -51.26 -1.63 -35.10
N GLU A 205 -52.28 -0.87 -35.47
CA GLU A 205 -53.42 -0.67 -34.55
C GLU A 205 -54.29 -1.93 -34.54
N GLU A 206 -54.41 -2.61 -35.68
CA GLU A 206 -55.16 -3.87 -35.72
C GLU A 206 -54.36 -4.96 -34.98
N PHE A 207 -53.02 -4.92 -35.10
CA PHE A 207 -52.14 -5.88 -34.42
C PHE A 207 -52.32 -5.75 -32.91
N CYS A 208 -52.36 -4.51 -32.39
CA CYS A 208 -52.54 -4.26 -30.96
C CYS A 208 -53.92 -4.73 -30.51
N ASP A 209 -54.95 -4.52 -31.35
CA ASP A 209 -56.30 -4.96 -31.02
C ASP A 209 -56.33 -6.48 -30.85
N LYS A 210 -55.71 -7.22 -31.78
CA LYS A 210 -55.67 -8.68 -31.71
C LYS A 210 -54.81 -9.16 -30.54
N LEU A 211 -53.75 -8.41 -30.22
CA LEU A 211 -52.86 -8.73 -29.11
C LEU A 211 -53.43 -8.32 -27.74
N GLY A 212 -54.55 -7.59 -27.72
CA GLY A 212 -55.20 -7.17 -26.49
C GLY A 212 -54.54 -5.99 -25.80
N THR A 213 -53.77 -5.18 -26.56
CA THR A 213 -53.09 -4.02 -26.01
C THR A 213 -53.38 -2.75 -26.87
N LYS A 214 -52.65 -1.65 -26.65
CA LYS A 214 -52.83 -0.40 -27.39
C LYS A 214 -51.54 0.04 -28.05
N LEU A 215 -51.65 0.81 -29.13
CA LEU A 215 -50.48 1.35 -29.81
C LEU A 215 -50.21 2.66 -29.07
N ILE A 216 -49.49 2.57 -27.93
CA ILE A 216 -49.20 3.73 -27.08
C ILE A 216 -48.67 4.96 -27.83
N HIS A 217 -47.78 4.78 -28.82
CA HIS A 217 -47.24 5.92 -29.56
C HIS A 217 -46.70 5.54 -30.92
N PHE A 218 -46.71 6.51 -31.85
CA PHE A 218 -46.21 6.33 -33.21
C PHE A 218 -45.03 7.30 -33.39
N ILE A 219 -43.80 6.78 -33.36
CA ILE A 219 -42.62 7.62 -33.54
C ILE A 219 -42.35 7.75 -35.04
N PRO A 220 -42.32 8.96 -35.62
CA PRO A 220 -42.03 9.07 -37.06
C PRO A 220 -40.55 8.87 -37.38
N ARG A 221 -40.25 8.51 -38.62
CA ARG A 221 -38.86 8.32 -39.07
C ARG A 221 -38.32 9.70 -39.42
N ASP A 222 -37.29 10.18 -38.72
CA ASP A 222 -36.74 11.51 -38.98
C ASP A 222 -35.21 11.50 -39.02
N ASN A 223 -34.62 12.14 -40.05
CA ASN A 223 -33.16 12.22 -40.20
C ASN A 223 -32.48 13.05 -39.10
N ILE A 224 -33.27 13.77 -38.25
CA ILE A 224 -32.69 14.51 -37.14
C ILE A 224 -31.96 13.53 -36.19
N VAL A 225 -32.39 12.26 -36.14
CA VAL A 225 -31.76 11.23 -35.29
C VAL A 225 -30.32 11.04 -35.74
N GLN A 226 -30.10 10.93 -37.05
CA GLN A 226 -28.77 10.74 -37.61
C GLN A 226 -27.93 12.02 -37.47
N LYS A 227 -28.55 13.20 -37.63
CA LYS A 227 -27.84 14.48 -37.51
C LYS A 227 -27.36 14.66 -36.06
N ALA A 228 -28.22 14.29 -35.09
CA ALA A 228 -27.88 14.40 -33.67
C ALA A 228 -26.84 13.34 -33.31
N GLU A 229 -26.97 12.12 -33.87
CA GLU A 229 -26.02 11.04 -33.62
C GLU A 229 -24.63 11.42 -34.13
N PHE A 230 -24.57 12.28 -35.14
CA PHE A 230 -23.26 12.72 -35.72
C PHE A 230 -22.59 13.73 -34.80
N ASN A 231 -23.39 14.52 -34.08
CA ASN A 231 -22.83 15.49 -33.11
C ASN A 231 -22.68 14.79 -31.77
N LYS A 232 -22.80 13.45 -31.76
CA LYS A 232 -22.62 12.71 -30.52
C LYS A 232 -23.55 13.23 -29.42
N MET A 233 -24.85 13.25 -29.72
CA MET A 233 -25.86 13.73 -28.77
C MET A 233 -27.22 13.11 -29.08
N THR A 234 -28.14 13.18 -28.12
CA THR A 234 -29.49 12.67 -28.33
C THR A 234 -30.26 13.77 -29.08
N VAL A 235 -31.44 13.45 -29.64
CA VAL A 235 -32.24 14.44 -30.35
C VAL A 235 -32.72 15.50 -29.33
N VAL A 236 -33.04 15.08 -28.10
CA VAL A 236 -33.51 16.02 -27.07
C VAL A 236 -32.40 17.03 -26.75
N GLU A 237 -31.17 16.54 -26.57
CA GLU A 237 -30.03 17.41 -26.27
C GLU A 237 -29.64 18.28 -27.47
N PHE A 238 -29.74 17.73 -28.69
CA PHE A 238 -29.38 18.43 -29.91
C PHE A 238 -30.37 19.54 -30.27
N ALA A 239 -31.67 19.22 -30.30
CA ALA A 239 -32.69 20.18 -30.65
C ALA A 239 -33.96 19.90 -29.84
N PRO A 240 -34.06 20.38 -28.60
CA PRO A 240 -35.28 20.11 -27.81
C PRO A 240 -36.57 20.72 -28.38
N ASP A 241 -36.46 21.67 -29.32
CA ASP A 241 -37.61 22.30 -29.95
C ASP A 241 -38.04 21.61 -31.26
N HIS A 242 -37.30 20.58 -31.70
CA HIS A 242 -37.62 19.86 -32.93
C HIS A 242 -38.86 18.98 -32.73
N PRO A 243 -39.77 18.87 -33.72
CA PRO A 243 -40.96 18.01 -33.52
C PRO A 243 -40.63 16.60 -33.03
N GLN A 244 -39.50 16.02 -33.48
CA GLN A 244 -39.10 14.67 -33.07
C GLN A 244 -38.82 14.64 -31.57
N ALA A 245 -38.10 15.64 -31.03
CA ALA A 245 -37.82 15.67 -29.59
C ALA A 245 -39.14 15.73 -28.79
N LEU A 246 -40.13 16.47 -29.31
CA LEU A 246 -41.42 16.58 -28.65
C LEU A 246 -42.20 15.25 -28.74
N GLU A 247 -41.95 14.44 -29.78
CA GLU A 247 -42.61 13.13 -29.91
C GLU A 247 -42.13 12.23 -28.76
N TYR A 248 -40.81 12.25 -28.47
CA TYR A 248 -40.26 11.46 -27.37
C TYR A 248 -40.78 11.98 -26.02
N LYS A 249 -41.04 13.30 -25.92
CA LYS A 249 -41.58 13.91 -24.71
C LYS A 249 -43.00 13.40 -24.49
N LYS A 250 -43.80 13.30 -25.57
CA LYS A 250 -45.18 12.80 -25.48
C LYS A 250 -45.15 11.35 -25.02
N LEU A 251 -44.30 10.52 -25.64
CA LEU A 251 -44.18 9.10 -25.28
C LEU A 251 -43.74 8.96 -23.82
N GLY A 252 -42.78 9.77 -23.40
CA GLY A 252 -42.27 9.74 -22.04
C GLY A 252 -43.37 9.97 -21.01
N LYS A 253 -44.22 10.98 -21.25
CA LYS A 253 -45.33 11.26 -20.33
C LYS A 253 -46.33 10.11 -20.38
N LYS A 254 -46.61 9.57 -21.58
CA LYS A 254 -47.56 8.47 -21.74
C LYS A 254 -47.10 7.25 -20.92
N ILE A 255 -45.80 6.95 -20.93
CA ILE A 255 -45.26 5.83 -20.18
C ILE A 255 -45.40 6.10 -18.67
N MET A 256 -45.06 7.31 -18.24
CA MET A 256 -45.15 7.68 -16.83
C MET A 256 -46.58 7.61 -16.30
N ASP A 257 -47.55 8.14 -17.06
CA ASP A 257 -48.94 8.16 -16.64
C ASP A 257 -49.74 6.95 -17.16
N ASN A 258 -49.04 5.88 -17.55
CA ASN A 258 -49.73 4.69 -18.11
C ASN A 258 -50.34 3.86 -16.98
N ASP A 259 -51.55 3.35 -17.21
CA ASP A 259 -52.30 2.57 -16.18
C ASP A 259 -52.96 1.38 -16.88
N GLU A 260 -53.03 1.40 -18.22
CA GLU A 260 -53.63 0.32 -18.99
C GLU A 260 -52.59 -0.76 -19.28
N LEU A 261 -52.18 -1.47 -18.22
CA LEU A 261 -51.20 -2.55 -18.30
C LEU A 261 -52.02 -3.83 -18.38
N VAL A 262 -51.78 -4.63 -19.42
CA VAL A 262 -52.66 -5.82 -19.61
C VAL A 262 -51.86 -7.07 -19.92
N ILE A 263 -52.41 -8.24 -19.59
CA ILE A 263 -51.75 -9.52 -19.98
C ILE A 263 -52.10 -9.74 -21.45
N PRO A 264 -51.12 -10.04 -22.34
CA PRO A 264 -51.40 -10.13 -23.79
C PRO A 264 -52.12 -11.39 -24.29
N THR A 265 -52.74 -11.30 -25.46
CA THR A 265 -53.40 -12.45 -26.09
C THR A 265 -52.61 -12.70 -27.37
N PRO A 266 -51.49 -13.44 -27.29
CA PRO A 266 -50.68 -13.67 -28.50
C PRO A 266 -51.45 -14.23 -29.69
N LEU A 267 -51.12 -13.73 -30.88
CA LEU A 267 -51.75 -14.17 -32.13
C LEU A 267 -51.14 -15.50 -32.56
N SER A 268 -51.89 -16.28 -33.35
CA SER A 268 -51.36 -17.55 -33.86
C SER A 268 -50.50 -17.21 -35.08
N MET A 269 -49.63 -18.13 -35.53
CA MET A 269 -48.79 -17.84 -36.70
C MET A 269 -49.65 -17.54 -37.94
N ASP A 270 -50.83 -18.18 -38.04
CA ASP A 270 -51.73 -17.95 -39.16
C ASP A 270 -52.34 -16.54 -39.08
N GLU A 271 -52.81 -16.14 -37.88
CA GLU A 271 -53.41 -14.82 -37.69
C GLU A 271 -52.42 -13.70 -38.07
N LEU A 272 -51.15 -13.89 -37.71
CA LEU A 272 -50.12 -12.85 -37.99
C LEU A 272 -49.91 -12.76 -39.50
N GLU A 273 -49.73 -13.89 -40.17
CA GLU A 273 -49.46 -13.87 -41.62
C GLU A 273 -50.61 -13.24 -42.38
N LYS A 274 -51.85 -13.65 -42.07
CA LYS A 274 -53.02 -13.11 -42.77
C LYS A 274 -53.18 -11.62 -42.49
N LEU A 275 -52.80 -11.16 -41.30
CA LEU A 275 -52.87 -9.74 -40.98
C LEU A 275 -51.84 -8.99 -41.84
N VAL A 276 -50.63 -9.55 -41.99
CA VAL A 276 -49.59 -8.93 -42.81
C VAL A 276 -50.02 -8.91 -44.27
N GLU A 277 -50.63 -10.00 -44.75
CA GLU A 277 -51.08 -10.11 -46.14
C GLU A 277 -52.23 -9.13 -46.42
N LYS A 278 -53.10 -8.92 -45.43
CA LYS A 278 -54.25 -8.00 -45.57
C LYS A 278 -53.78 -6.60 -45.94
N TYR A 279 -52.74 -6.10 -45.27
CA TYR A 279 -52.21 -4.77 -45.55
C TYR A 279 -51.20 -4.81 -46.70
N GLY A 280 -50.36 -5.82 -46.72
CA GLY A 280 -49.36 -6.02 -47.76
C GLY A 280 -48.47 -4.81 -47.96
N LEU A 281 -47.84 -4.33 -46.89
CA LEU A 281 -46.88 -3.20 -47.05
C LEU A 281 -45.60 -3.71 -47.71
N PHE B 3 -19.91 -36.05 -35.78
CA PHE B 3 -20.90 -35.51 -36.73
C PHE B 3 -20.37 -35.42 -38.17
N ASP B 4 -19.25 -36.09 -38.45
CA ASP B 4 -18.65 -36.14 -39.78
C ASP B 4 -19.17 -37.38 -40.54
N GLU B 5 -19.76 -38.35 -39.81
CA GLU B 5 -20.29 -39.59 -40.37
C GLU B 5 -21.68 -39.40 -41.00
N ILE B 6 -22.42 -38.36 -40.58
CA ILE B 6 -23.75 -38.10 -41.14
C ILE B 6 -23.61 -37.45 -42.52
N ALA B 7 -24.22 -38.06 -43.56
CA ALA B 7 -24.13 -37.56 -44.95
C ALA B 7 -22.67 -37.22 -45.33
N PRO B 8 -21.78 -38.23 -45.43
CA PRO B 8 -20.38 -37.94 -45.75
C PRO B 8 -20.13 -37.46 -47.18
N ASN B 9 -20.95 -37.89 -48.14
CA ASN B 9 -20.79 -37.47 -49.53
C ASN B 9 -21.49 -36.13 -49.82
N ALA B 10 -22.04 -35.46 -48.79
CA ALA B 10 -22.74 -34.20 -48.97
C ALA B 10 -21.91 -33.00 -48.54
N LYS B 11 -22.21 -31.84 -49.14
CA LYS B 11 -21.56 -30.57 -48.84
C LYS B 11 -22.37 -29.96 -47.68
N LYS B 12 -21.87 -30.12 -46.44
CA LYS B 12 -22.58 -29.60 -45.27
C LYS B 12 -22.34 -28.10 -45.15
N VAL B 13 -23.41 -27.31 -45.29
CA VAL B 13 -23.35 -25.85 -45.22
C VAL B 13 -24.36 -25.32 -44.21
N ALA B 14 -24.02 -24.21 -43.54
CA ALA B 14 -24.93 -23.59 -42.58
C ALA B 14 -25.04 -22.11 -42.92
N ILE B 15 -26.27 -21.63 -43.09
CA ILE B 15 -26.53 -20.23 -43.44
C ILE B 15 -26.91 -19.44 -42.18
N TYR B 16 -26.11 -18.44 -41.83
CA TYR B 16 -26.34 -17.59 -40.67
C TYR B 16 -26.71 -16.18 -41.13
N GLY B 17 -27.16 -15.34 -40.20
CA GLY B 17 -27.53 -13.97 -40.52
C GLY B 17 -28.54 -13.37 -39.57
N LYS B 18 -28.69 -12.05 -39.63
CA LYS B 18 -29.67 -11.33 -38.80
C LYS B 18 -31.09 -11.78 -39.17
N GLY B 19 -32.02 -11.60 -38.24
CA GLY B 19 -33.41 -11.96 -38.47
C GLY B 19 -34.06 -11.12 -39.54
N GLY B 20 -34.77 -11.78 -40.46
CA GLY B 20 -35.46 -11.10 -41.55
C GLY B 20 -34.54 -10.61 -42.66
N ILE B 21 -33.27 -11.03 -42.64
CA ILE B 21 -32.31 -10.59 -43.65
C ILE B 21 -32.48 -11.35 -44.99
N GLY B 22 -33.14 -12.50 -44.96
CA GLY B 22 -33.36 -13.29 -46.17
C GLY B 22 -32.63 -14.62 -46.17
N LYS B 23 -32.49 -15.25 -44.99
CA LYS B 23 -31.79 -16.54 -44.90
C LYS B 23 -32.68 -17.64 -45.47
N SER B 24 -33.94 -17.72 -45.01
CA SER B 24 -34.89 -18.72 -45.47
C SER B 24 -35.13 -18.62 -46.97
N THR B 25 -35.27 -17.38 -47.49
CA THR B 25 -35.48 -17.17 -48.91
C THR B 25 -34.27 -17.65 -49.70
N THR B 26 -33.07 -17.25 -49.30
CA THR B 26 -31.85 -17.64 -50.01
C THR B 26 -31.60 -19.15 -49.91
N THR B 27 -31.67 -19.72 -48.70
CA THR B 27 -31.42 -21.15 -48.50
C THR B 27 -32.39 -22.02 -49.30
N GLN B 28 -33.69 -21.72 -49.25
CA GLN B 28 -34.70 -22.49 -49.96
C GLN B 28 -34.53 -22.40 -51.47
N ASN B 29 -34.39 -21.18 -52.01
CA ASN B 29 -34.23 -21.00 -53.45
C ASN B 29 -32.91 -21.57 -53.97
N THR B 30 -31.84 -21.51 -53.17
CA THR B 30 -30.55 -22.06 -53.59
C THR B 30 -30.67 -23.58 -53.65
N ALA B 31 -31.28 -24.19 -52.63
CA ALA B 31 -31.48 -25.63 -52.59
C ALA B 31 -32.38 -26.08 -53.74
N ALA B 32 -33.44 -25.32 -54.03
CA ALA B 32 -34.35 -25.64 -55.11
C ALA B 32 -33.61 -25.58 -56.45
N ALA B 33 -32.72 -24.59 -56.63
CA ALA B 33 -31.96 -24.46 -57.86
C ALA B 33 -31.00 -25.65 -58.02
N LEU B 34 -30.34 -26.06 -56.93
CA LEU B 34 -29.41 -27.18 -56.98
C LEU B 34 -30.12 -28.51 -57.27
N ALA B 35 -31.36 -28.67 -56.78
CA ALA B 35 -32.12 -29.90 -57.00
C ALA B 35 -32.85 -29.89 -58.35
N TYR B 36 -33.20 -28.70 -58.87
CA TYR B 36 -33.91 -28.59 -60.13
C TYR B 36 -32.98 -28.52 -61.35
N TYR B 37 -32.06 -27.54 -61.38
CA TYR B 37 -31.16 -27.38 -62.52
C TYR B 37 -30.08 -28.46 -62.55
N TYR B 38 -29.43 -28.73 -61.41
CA TYR B 38 -28.35 -29.71 -61.36
C TYR B 38 -28.78 -31.10 -60.88
N LYS B 39 -30.07 -31.31 -60.60
CA LYS B 39 -30.60 -32.60 -60.18
C LYS B 39 -29.85 -33.20 -58.97
N LEU B 40 -29.49 -32.36 -57.98
CA LEU B 40 -28.77 -32.84 -56.81
C LEU B 40 -29.74 -33.19 -55.67
N LYS B 41 -29.43 -34.25 -54.93
CA LYS B 41 -30.26 -34.69 -53.81
C LYS B 41 -29.88 -33.82 -52.61
N GLY B 42 -30.85 -33.11 -52.03
CA GLY B 42 -30.50 -32.17 -50.95
C GLY B 42 -31.45 -32.24 -49.76
N MET B 43 -31.13 -31.55 -48.67
CA MET B 43 -31.96 -31.59 -47.44
C MET B 43 -31.81 -30.27 -46.68
N ILE B 44 -32.90 -29.75 -46.11
CA ILE B 44 -32.87 -28.47 -45.38
C ILE B 44 -33.25 -28.72 -43.92
N HIS B 45 -32.38 -28.34 -42.98
CA HIS B 45 -32.66 -28.52 -41.56
C HIS B 45 -32.80 -27.14 -40.94
N GLY B 46 -34.05 -26.71 -40.74
CA GLY B 46 -34.34 -25.41 -40.16
C GLY B 46 -33.99 -25.32 -38.70
N CYS B 47 -32.99 -24.51 -38.38
CA CYS B 47 -32.53 -24.30 -37.01
C CYS B 47 -32.92 -22.88 -36.53
N ASP B 48 -34.03 -22.35 -37.04
CA ASP B 48 -34.53 -21.03 -36.65
C ASP B 48 -35.87 -21.28 -35.93
N PRO B 49 -36.06 -20.74 -34.70
CA PRO B 49 -37.34 -20.99 -34.00
C PRO B 49 -38.58 -20.47 -34.74
N LYS B 50 -38.41 -19.69 -35.82
CA LYS B 50 -39.56 -19.19 -36.58
C LYS B 50 -40.32 -20.36 -37.26
N ALA B 51 -39.60 -21.45 -37.58
CA ALA B 51 -40.14 -22.67 -38.18
C ALA B 51 -40.81 -22.48 -39.56
N ASP B 52 -40.27 -21.57 -40.37
CA ASP B 52 -40.78 -21.32 -41.71
C ASP B 52 -39.67 -21.44 -42.77
N SER B 53 -38.51 -22.02 -42.40
CA SER B 53 -37.37 -22.18 -43.29
C SER B 53 -37.56 -23.28 -44.35
N THR B 54 -38.63 -24.09 -44.23
CA THR B 54 -38.92 -25.17 -45.17
C THR B 54 -40.37 -25.08 -45.66
N ARG B 55 -40.93 -23.87 -45.75
CA ARG B 55 -42.31 -23.69 -46.18
C ARG B 55 -42.48 -23.65 -47.70
N MET B 56 -41.68 -22.84 -48.39
CA MET B 56 -41.78 -22.73 -49.83
C MET B 56 -41.38 -24.04 -50.54
N ILE B 57 -40.49 -24.83 -49.92
CA ILE B 57 -40.10 -26.13 -50.50
C ILE B 57 -41.31 -27.09 -50.36
N LEU B 58 -42.02 -27.02 -49.22
CA LEU B 58 -43.21 -27.85 -48.96
C LEU B 58 -44.49 -27.24 -49.59
N HIS B 59 -44.34 -26.23 -50.47
CA HIS B 59 -45.44 -25.59 -51.18
C HIS B 59 -46.48 -24.92 -50.26
N GLY B 60 -46.00 -24.10 -49.33
CA GLY B 60 -46.87 -23.39 -48.41
C GLY B 60 -47.39 -24.20 -47.24
N LYS B 61 -47.29 -25.55 -47.30
CA LYS B 61 -47.76 -26.41 -46.21
C LYS B 61 -46.88 -26.23 -44.97
N PRO B 62 -47.45 -25.93 -43.79
CA PRO B 62 -46.61 -25.77 -42.59
C PRO B 62 -46.07 -27.12 -42.10
N GLN B 63 -44.81 -27.16 -41.67
CA GLN B 63 -44.24 -28.41 -41.19
C GLN B 63 -44.28 -28.48 -39.68
N GLU B 64 -44.66 -29.65 -39.14
CA GLU B 64 -44.68 -29.85 -37.68
C GLU B 64 -43.23 -29.92 -37.23
N THR B 65 -42.85 -29.12 -36.23
CA THR B 65 -41.45 -29.11 -35.77
C THR B 65 -41.15 -30.36 -34.95
N VAL B 66 -39.87 -30.68 -34.78
CA VAL B 66 -39.45 -31.84 -34.01
C VAL B 66 -39.93 -31.68 -32.56
N MET B 67 -39.80 -30.49 -32.00
CA MET B 67 -40.23 -30.23 -30.63
C MET B 67 -41.74 -30.44 -30.49
N ASP B 68 -42.53 -30.04 -31.49
CA ASP B 68 -43.98 -30.22 -31.44
C ASP B 68 -44.34 -31.70 -31.46
N VAL B 69 -43.69 -32.49 -32.33
CA VAL B 69 -43.97 -33.92 -32.43
C VAL B 69 -43.52 -34.65 -31.14
N LEU B 70 -42.34 -34.28 -30.66
CA LEU B 70 -41.74 -34.87 -29.46
C LEU B 70 -42.60 -34.59 -28.22
N ARG B 71 -43.13 -33.36 -28.11
CA ARG B 71 -43.95 -32.94 -26.97
C ARG B 71 -45.32 -33.63 -26.91
N GLU B 72 -46.02 -33.70 -28.06
CA GLU B 72 -47.36 -34.30 -28.09
C GLU B 72 -47.39 -35.81 -28.30
N GLU B 73 -46.27 -36.45 -28.68
CA GLU B 73 -46.27 -37.90 -28.92
C GLU B 73 -45.20 -38.67 -28.15
N GLY B 74 -44.24 -37.98 -27.56
CA GLY B 74 -43.18 -38.64 -26.81
C GLY B 74 -42.12 -39.23 -27.72
N GLU B 75 -40.94 -39.53 -27.17
CA GLU B 75 -39.84 -40.11 -27.94
C GLU B 75 -40.21 -41.43 -28.62
N GLU B 76 -41.20 -42.17 -28.09
CA GLU B 76 -41.61 -43.44 -28.68
C GLU B 76 -42.52 -43.25 -29.90
N GLY B 77 -43.46 -42.32 -29.81
CA GLY B 77 -44.39 -42.06 -30.90
C GLY B 77 -43.83 -41.25 -32.06
N VAL B 78 -42.53 -40.99 -32.00
CA VAL B 78 -41.85 -40.20 -33.06
C VAL B 78 -41.52 -41.10 -34.24
N THR B 79 -41.72 -40.61 -35.47
CA THR B 79 -41.33 -41.36 -36.67
C THR B 79 -40.70 -40.38 -37.66
N LEU B 80 -39.80 -40.86 -38.53
CA LEU B 80 -39.18 -39.98 -39.54
C LEU B 80 -40.23 -39.39 -40.46
N GLU B 81 -41.30 -40.16 -40.75
CA GLU B 81 -42.40 -39.74 -41.61
C GLU B 81 -43.03 -38.45 -41.08
N LYS B 82 -43.12 -38.29 -39.75
CA LYS B 82 -43.74 -37.12 -39.12
C LYS B 82 -42.82 -35.89 -39.00
N VAL B 83 -41.50 -36.09 -38.85
CA VAL B 83 -40.55 -34.98 -38.68
C VAL B 83 -39.85 -34.60 -39.98
N ARG B 84 -39.68 -35.55 -40.91
CA ARG B 84 -39.02 -35.28 -42.19
C ARG B 84 -40.02 -35.41 -43.33
N LYS B 85 -40.22 -34.32 -44.08
CA LYS B 85 -41.16 -34.30 -45.21
C LYS B 85 -40.39 -34.10 -46.52
N VAL B 86 -41.01 -34.47 -47.65
CA VAL B 86 -40.38 -34.30 -48.96
C VAL B 86 -41.14 -33.21 -49.73
N GLY B 87 -40.38 -32.30 -50.35
CA GLY B 87 -40.98 -31.21 -51.10
C GLY B 87 -40.47 -31.10 -52.52
N PHE B 88 -40.28 -29.86 -53.02
CA PHE B 88 -39.84 -29.60 -54.38
C PHE B 88 -38.57 -30.38 -54.75
N CYS B 89 -38.61 -31.08 -55.89
CA CYS B 89 -37.49 -31.87 -56.42
C CYS B 89 -36.88 -32.83 -55.38
N GLY B 90 -37.74 -33.48 -54.61
CA GLY B 90 -37.30 -34.45 -53.60
C GLY B 90 -36.42 -33.91 -52.49
N ILE B 91 -36.51 -32.59 -52.26
CA ILE B 91 -35.69 -31.94 -51.21
C ILE B 91 -36.31 -32.27 -49.86
N TYR B 92 -35.57 -32.98 -49.01
CA TYR B 92 -36.09 -33.39 -47.69
C TYR B 92 -36.16 -32.16 -46.78
N CYS B 93 -37.06 -32.16 -45.79
CA CYS B 93 -37.24 -30.95 -44.96
C CYS B 93 -37.46 -31.32 -43.48
N VAL B 94 -36.79 -30.62 -42.57
CA VAL B 94 -36.93 -30.84 -41.10
C VAL B 94 -36.91 -29.48 -40.41
N GLU B 95 -37.74 -29.30 -39.40
CA GLU B 95 -37.76 -28.06 -38.63
C GLU B 95 -37.49 -28.40 -37.18
N SER B 96 -36.40 -27.87 -36.62
CA SER B 96 -36.04 -28.16 -35.24
C SER B 96 -37.07 -27.62 -34.26
N GLY B 97 -37.50 -26.38 -34.47
CA GLY B 97 -38.45 -25.74 -33.58
C GLY B 97 -37.76 -25.27 -32.32
N GLY B 98 -38.52 -25.08 -31.26
CA GLY B 98 -37.96 -24.62 -30.00
C GLY B 98 -38.97 -24.53 -28.88
N PRO B 99 -38.52 -24.23 -27.65
CA PRO B 99 -39.48 -24.11 -26.54
C PRO B 99 -40.29 -22.82 -26.62
N GLU B 100 -41.34 -22.70 -25.80
CA GLU B 100 -42.17 -21.50 -25.79
C GLU B 100 -41.34 -20.29 -25.35
N PRO B 101 -41.53 -19.09 -25.93
CA PRO B 101 -40.73 -17.93 -25.49
C PRO B 101 -40.72 -17.73 -23.98
N GLY B 102 -39.53 -17.57 -23.42
CA GLY B 102 -39.34 -17.38 -21.99
C GLY B 102 -39.09 -18.67 -21.23
N VAL B 103 -39.25 -19.83 -21.90
CA VAL B 103 -39.05 -21.13 -21.29
C VAL B 103 -37.77 -21.79 -21.78
N GLY B 104 -36.79 -21.92 -20.91
CA GLY B 104 -35.52 -22.56 -21.24
C GLY B 104 -34.66 -21.82 -22.24
N CYS B 105 -33.90 -22.61 -23.00
CA CYS B 105 -32.97 -22.04 -23.99
C CYS B 105 -33.57 -22.18 -25.40
N ALA B 106 -33.61 -21.08 -26.16
CA ALA B 106 -34.21 -21.08 -27.49
C ALA B 106 -33.53 -22.04 -28.48
N GLY B 107 -32.22 -22.21 -28.34
CA GLY B 107 -31.46 -23.08 -29.22
C GLY B 107 -31.53 -24.56 -28.89
N ARG B 108 -32.18 -24.92 -27.79
CA ARG B 108 -32.31 -26.31 -27.38
C ARG B 108 -32.94 -27.19 -28.42
N GLY B 109 -33.87 -26.65 -29.18
CA GLY B 109 -34.56 -27.41 -30.21
C GLY B 109 -33.62 -27.93 -31.29
N VAL B 110 -32.49 -27.26 -31.50
CA VAL B 110 -31.52 -27.67 -32.50
C VAL B 110 -30.82 -28.97 -32.06
N ILE B 111 -30.33 -29.01 -30.82
CA ILE B 111 -29.63 -30.23 -30.32
C ILE B 111 -30.57 -31.43 -30.40
N THR B 112 -31.81 -31.27 -29.90
CA THR B 112 -32.75 -32.38 -29.88
C THR B 112 -33.04 -32.89 -31.28
N ALA B 113 -33.21 -31.97 -32.25
CA ALA B 113 -33.51 -32.35 -33.63
C ALA B 113 -32.34 -33.00 -34.36
N VAL B 114 -31.13 -32.47 -34.17
CA VAL B 114 -29.96 -33.03 -34.85
C VAL B 114 -29.68 -34.42 -34.27
N ASN B 115 -29.76 -34.56 -32.94
CA ASN B 115 -29.54 -35.89 -32.31
C ASN B 115 -30.62 -36.87 -32.80
N LEU B 116 -31.88 -36.43 -32.83
CA LEU B 116 -32.97 -37.33 -33.21
C LEU B 116 -32.77 -37.78 -34.65
N MET B 117 -32.40 -36.86 -35.55
CA MET B 117 -32.14 -37.25 -36.97
C MET B 117 -30.98 -38.25 -36.99
N LYS B 118 -29.92 -37.97 -36.22
CA LYS B 118 -28.76 -38.84 -36.17
C LYS B 118 -29.16 -40.25 -35.72
N GLU B 119 -30.10 -40.35 -34.76
CA GLU B 119 -30.56 -41.64 -34.26
C GLU B 119 -31.49 -42.36 -35.24
N LEU B 120 -32.45 -41.65 -35.84
CA LEU B 120 -33.37 -42.27 -36.80
C LEU B 120 -32.75 -42.42 -38.21
N GLY B 121 -31.50 -42.01 -38.39
CA GLY B 121 -30.84 -42.09 -39.69
C GLY B 121 -31.55 -41.26 -40.73
N GLY B 122 -31.98 -40.05 -40.35
CA GLY B 122 -32.76 -39.18 -41.27
C GLY B 122 -31.87 -38.34 -42.18
N TYR B 123 -30.57 -38.58 -42.13
CA TYR B 123 -29.63 -37.86 -43.03
C TYR B 123 -29.13 -38.83 -44.09
N PRO B 124 -29.79 -38.95 -45.26
CA PRO B 124 -29.39 -39.91 -46.29
C PRO B 124 -27.89 -39.86 -46.58
N ASP B 125 -27.22 -41.02 -46.62
CA ASP B 125 -25.80 -41.04 -46.97
C ASP B 125 -25.56 -40.55 -48.38
N ASP B 126 -26.48 -40.81 -49.30
CA ASP B 126 -26.34 -40.38 -50.69
C ASP B 126 -26.69 -38.91 -50.95
N LEU B 127 -26.69 -38.09 -49.88
CA LEU B 127 -27.00 -36.65 -50.00
C LEU B 127 -25.86 -35.92 -50.73
N ASP B 128 -26.20 -34.93 -51.56
CA ASP B 128 -25.19 -34.14 -52.27
C ASP B 128 -24.95 -32.83 -51.52
N PHE B 129 -25.98 -32.27 -50.87
CA PHE B 129 -25.86 -31.04 -50.09
C PHE B 129 -26.82 -31.07 -48.90
N LEU B 130 -26.41 -30.45 -47.78
CA LEU B 130 -27.22 -30.39 -46.56
C LEU B 130 -27.10 -28.97 -46.00
N PHE B 131 -28.21 -28.23 -46.00
CA PHE B 131 -28.20 -26.85 -45.52
C PHE B 131 -28.87 -26.72 -44.16
N PHE B 132 -28.37 -25.79 -43.34
CA PHE B 132 -28.90 -25.52 -42.02
C PHE B 132 -29.23 -24.04 -41.92
N ASP B 133 -30.51 -23.67 -41.87
CA ASP B 133 -30.92 -22.27 -41.74
C ASP B 133 -30.83 -21.94 -40.26
N VAL B 134 -29.77 -21.26 -39.82
CA VAL B 134 -29.57 -20.96 -38.39
C VAL B 134 -29.82 -19.50 -38.03
N LEU B 135 -30.43 -19.27 -36.86
CA LEU B 135 -30.69 -17.92 -36.36
C LEU B 135 -29.34 -17.34 -35.93
N GLY B 136 -28.99 -16.17 -36.45
CA GLY B 136 -27.71 -15.54 -36.15
C GLY B 136 -27.75 -14.30 -35.28
N ASP B 137 -28.92 -13.92 -34.74
CA ASP B 137 -29.02 -12.74 -33.89
C ASP B 137 -28.18 -12.91 -32.61
N VAL B 138 -28.05 -14.15 -32.18
CA VAL B 138 -27.27 -14.46 -30.94
C VAL B 138 -26.47 -15.75 -31.19
N VAL B 139 -25.16 -15.75 -30.95
CA VAL B 139 -24.32 -16.91 -31.22
C VAL B 139 -24.12 -17.64 -29.91
N CYS B 140 -25.04 -18.55 -29.61
CA CYS B 140 -24.93 -19.31 -28.34
C CYS B 140 -25.87 -20.51 -28.39
N GLY B 141 -25.68 -21.43 -27.44
CA GLY B 141 -26.51 -22.63 -27.34
C GLY B 141 -26.57 -23.41 -28.63
N GLY B 142 -27.77 -23.87 -28.98
CA GLY B 142 -27.98 -24.65 -30.20
C GLY B 142 -27.66 -23.88 -31.47
N PHE B 143 -27.76 -22.55 -31.44
CA PHE B 143 -27.46 -21.72 -32.61
C PHE B 143 -25.97 -21.75 -32.92
N ALA B 144 -25.12 -21.78 -31.88
CA ALA B 144 -23.68 -21.84 -32.07
C ALA B 144 -23.18 -23.28 -32.19
N MET B 145 -24.08 -24.25 -32.01
CA MET B 145 -23.69 -25.69 -32.04
C MET B 145 -23.10 -26.07 -33.40
N PRO B 146 -23.75 -25.77 -34.55
CA PRO B 146 -23.23 -26.20 -35.85
C PRO B 146 -21.74 -25.92 -35.99
N LEU B 147 -21.31 -24.71 -35.59
CA LEU B 147 -19.85 -24.35 -35.61
C LEU B 147 -19.15 -25.25 -34.58
N ARG B 148 -19.62 -25.21 -33.33
CA ARG B 148 -18.99 -25.97 -32.23
C ARG B 148 -18.64 -27.41 -32.61
N ASP B 149 -19.66 -28.23 -32.88
CA ASP B 149 -19.45 -29.64 -33.19
C ASP B 149 -19.05 -29.89 -34.64
N GLY B 150 -18.75 -28.83 -35.40
CA GLY B 150 -18.35 -29.01 -36.80
C GLY B 150 -19.43 -29.75 -37.58
N LEU B 151 -20.68 -29.39 -37.33
CA LEU B 151 -21.83 -30.01 -37.98
C LEU B 151 -21.77 -29.65 -39.46
N ALA B 152 -21.55 -28.36 -39.76
CA ALA B 152 -21.39 -27.87 -41.12
C ALA B 152 -20.03 -27.21 -41.14
N LYS B 153 -19.13 -27.68 -42.01
CA LYS B 153 -17.78 -27.12 -42.08
C LYS B 153 -17.71 -25.80 -42.85
N GLU B 154 -18.69 -25.52 -43.73
CA GLU B 154 -18.70 -24.29 -44.51
C GLU B 154 -19.85 -23.40 -44.06
N ILE B 155 -19.54 -22.15 -43.73
CA ILE B 155 -20.55 -21.21 -43.25
C ILE B 155 -20.66 -20.04 -44.22
N TYR B 156 -21.88 -19.56 -44.46
CA TYR B 156 -22.12 -18.41 -45.31
C TYR B 156 -23.06 -17.50 -44.56
N ILE B 157 -22.78 -16.20 -44.52
CA ILE B 157 -23.61 -15.26 -43.79
C ILE B 157 -24.36 -14.35 -44.75
N VAL B 158 -25.69 -14.29 -44.62
CA VAL B 158 -26.49 -13.40 -45.44
C VAL B 158 -26.51 -12.04 -44.75
N SER B 159 -26.16 -10.98 -45.48
CA SER B 159 -26.12 -9.64 -44.90
C SER B 159 -26.44 -8.56 -45.93
N SER B 160 -26.83 -7.38 -45.45
CA SER B 160 -27.15 -6.24 -46.29
C SER B 160 -26.25 -5.06 -45.84
N GLY B 161 -26.38 -3.91 -46.48
CA GLY B 161 -25.61 -2.73 -46.12
C GLY B 161 -25.93 -2.17 -44.75
N GLU B 162 -27.02 -2.65 -44.11
CA GLU B 162 -27.43 -2.16 -42.79
C GLU B 162 -26.36 -2.43 -41.74
N MET B 163 -26.23 -1.51 -40.77
CA MET B 163 -25.25 -1.66 -39.70
C MET B 163 -25.54 -2.91 -38.87
N MET B 164 -26.81 -3.13 -38.52
CA MET B 164 -27.17 -4.29 -37.70
C MET B 164 -26.87 -5.60 -38.42
N ALA B 165 -27.10 -5.65 -39.74
CA ALA B 165 -26.83 -6.87 -40.51
C ALA B 165 -25.33 -7.15 -40.54
N LEU B 166 -24.50 -6.11 -40.68
CA LEU B 166 -23.06 -6.27 -40.71
C LEU B 166 -22.55 -6.60 -39.31
N TYR B 167 -23.15 -6.02 -38.25
CA TYR B 167 -22.79 -6.27 -36.87
C TYR B 167 -23.00 -7.75 -36.56
N ALA B 168 -24.17 -8.28 -36.95
CA ALA B 168 -24.50 -9.70 -36.72
C ALA B 168 -23.51 -10.58 -37.47
N ALA B 169 -23.19 -10.23 -38.73
CA ALA B 169 -22.24 -11.01 -39.52
C ALA B 169 -20.86 -11.02 -38.89
N ASN B 170 -20.44 -9.89 -38.32
CA ASN B 170 -19.14 -9.81 -37.66
C ASN B 170 -19.13 -10.67 -36.40
N ASN B 171 -20.25 -10.71 -35.66
CA ASN B 171 -20.37 -11.52 -34.45
C ASN B 171 -20.34 -13.00 -34.80
N ILE B 172 -20.97 -13.40 -35.91
CA ILE B 172 -20.95 -14.81 -36.34
C ILE B 172 -19.51 -15.18 -36.70
N ALA B 173 -18.79 -14.26 -37.38
CA ALA B 173 -17.39 -14.46 -37.75
C ALA B 173 -16.54 -14.66 -36.48
N LYS B 174 -16.87 -13.96 -35.38
CA LYS B 174 -16.16 -14.09 -34.12
C LYS B 174 -16.32 -15.52 -33.59
N GLY B 175 -17.52 -16.07 -33.71
CA GLY B 175 -17.80 -17.43 -33.28
C GLY B 175 -17.08 -18.45 -34.14
N ILE B 176 -16.95 -18.18 -35.45
CA ILE B 176 -16.25 -19.08 -36.37
C ILE B 176 -14.77 -19.11 -35.97
N LEU B 177 -14.16 -17.92 -35.79
CA LEU B 177 -12.74 -17.81 -35.42
C LEU B 177 -12.44 -18.55 -34.12
N LYS B 178 -13.31 -18.43 -33.10
CA LYS B 178 -13.07 -19.09 -31.82
C LYS B 178 -13.08 -20.60 -31.98
N TYR B 179 -13.98 -21.14 -32.80
CA TYR B 179 -14.12 -22.58 -33.01
C TYR B 179 -13.49 -23.06 -34.34
N ALA B 180 -12.51 -22.31 -34.90
CA ALA B 180 -11.89 -22.67 -36.18
C ALA B 180 -10.91 -23.81 -36.06
N GLU B 181 -10.08 -23.82 -35.02
CA GLU B 181 -9.08 -24.86 -34.82
C GLU B 181 -9.65 -26.12 -34.16
N GLN B 182 -10.59 -25.94 -33.23
CA GLN B 182 -11.21 -27.07 -32.54
C GLN B 182 -12.07 -27.93 -33.47
N SER B 183 -12.97 -27.31 -34.25
CA SER B 183 -13.87 -28.04 -35.13
C SER B 183 -13.51 -28.04 -36.61
N GLY B 184 -12.62 -27.16 -37.03
CA GLY B 184 -12.23 -27.08 -38.44
C GLY B 184 -13.29 -26.37 -39.28
N VAL B 185 -14.21 -25.64 -38.63
CA VAL B 185 -15.27 -24.89 -39.32
C VAL B 185 -14.64 -23.68 -40.00
N ARG B 186 -15.26 -23.19 -41.09
CA ARG B 186 -14.69 -22.08 -41.83
C ARG B 186 -15.73 -21.21 -42.52
N LEU B 187 -15.34 -19.97 -42.89
CA LEU B 187 -16.27 -19.04 -43.54
C LEU B 187 -16.05 -19.07 -45.05
N GLY B 188 -17.04 -19.54 -45.79
CA GLY B 188 -16.98 -19.62 -47.24
C GLY B 188 -17.11 -18.26 -47.93
N GLY B 189 -17.89 -17.37 -47.33
CA GLY B 189 -18.10 -16.04 -47.88
C GLY B 189 -19.36 -15.36 -47.37
N ILE B 190 -19.54 -14.09 -47.74
CA ILE B 190 -20.72 -13.32 -47.34
C ILE B 190 -21.66 -13.23 -48.52
N ILE B 191 -22.94 -13.52 -48.32
CA ILE B 191 -23.94 -13.43 -49.39
C ILE B 191 -24.70 -12.13 -49.14
N CYS B 192 -24.78 -11.24 -50.13
CA CYS B 192 -25.48 -9.97 -49.93
C CYS B 192 -26.90 -10.01 -50.47
N ASN B 193 -27.90 -9.87 -49.58
CA ASN B 193 -29.29 -9.82 -50.00
C ASN B 193 -29.59 -8.33 -50.15
N SER B 194 -29.55 -7.83 -51.38
CA SER B 194 -29.75 -6.41 -51.67
C SER B 194 -31.05 -5.81 -51.17
N ARG B 195 -30.97 -4.52 -50.80
CA ARG B 195 -32.09 -3.70 -50.32
C ARG B 195 -32.32 -2.50 -51.28
N ASN B 196 -31.69 -2.51 -52.47
CA ASN B 196 -31.81 -1.46 -53.48
C ASN B 196 -31.28 -0.10 -52.99
N VAL B 197 -30.14 -0.09 -52.27
CA VAL B 197 -29.55 1.16 -51.81
C VAL B 197 -28.30 1.47 -52.63
N ASP B 198 -27.95 2.76 -52.75
CA ASP B 198 -26.79 3.19 -53.52
C ASP B 198 -25.47 2.71 -52.91
N GLY B 199 -24.62 2.13 -53.74
CA GLY B 199 -23.32 1.65 -53.32
C GLY B 199 -23.34 0.57 -52.25
N GLU B 200 -24.33 -0.33 -52.30
CA GLU B 200 -24.43 -1.41 -51.32
C GLU B 200 -23.32 -2.43 -51.58
N ARG B 201 -23.11 -2.80 -52.84
CA ARG B 201 -22.08 -3.77 -53.23
C ARG B 201 -20.69 -3.29 -52.84
N GLU B 202 -20.38 -2.00 -53.08
CA GLU B 202 -19.07 -1.43 -52.75
C GLU B 202 -18.77 -1.51 -51.25
N LEU B 203 -19.77 -1.23 -50.40
CA LEU B 203 -19.59 -1.30 -48.96
C LEU B 203 -19.37 -2.76 -48.54
N MET B 204 -20.16 -3.68 -49.10
CA MET B 204 -20.05 -5.11 -48.80
C MET B 204 -18.69 -5.68 -49.20
N GLU B 205 -18.14 -5.25 -50.34
CA GLU B 205 -16.85 -5.75 -50.81
C GLU B 205 -15.72 -5.29 -49.89
N GLU B 206 -15.76 -4.05 -49.40
CA GLU B 206 -14.73 -3.57 -48.47
C GLU B 206 -14.89 -4.28 -47.13
N PHE B 207 -16.13 -4.57 -46.70
CA PHE B 207 -16.41 -5.28 -45.47
C PHE B 207 -15.79 -6.68 -45.53
N CYS B 208 -15.93 -7.37 -46.66
CA CYS B 208 -15.36 -8.71 -46.84
C CYS B 208 -13.84 -8.64 -46.83
N ASP B 209 -13.26 -7.59 -47.43
CA ASP B 209 -11.81 -7.41 -47.45
C ASP B 209 -11.28 -7.28 -46.03
N LYS B 210 -11.94 -6.46 -45.20
CA LYS B 210 -11.56 -6.25 -43.80
C LYS B 210 -11.78 -7.52 -42.98
N LEU B 211 -12.83 -8.29 -43.31
CA LEU B 211 -13.14 -9.54 -42.62
C LEU B 211 -12.28 -10.73 -43.10
N GLY B 212 -11.49 -10.53 -44.16
CA GLY B 212 -10.62 -11.58 -44.68
C GLY B 212 -11.33 -12.63 -45.51
N THR B 213 -12.50 -12.29 -46.07
CA THR B 213 -13.28 -13.23 -46.89
C THR B 213 -13.69 -12.56 -48.24
N LYS B 214 -14.60 -13.19 -49.01
CA LYS B 214 -15.05 -12.66 -50.30
C LYS B 214 -16.57 -12.50 -50.31
N LEU B 215 -17.08 -11.59 -51.16
CA LEU B 215 -18.51 -11.40 -51.32
C LEU B 215 -18.89 -12.41 -52.38
N ILE B 216 -19.13 -13.67 -51.97
CA ILE B 216 -19.43 -14.76 -52.90
C ILE B 216 -20.53 -14.43 -53.94
N HIS B 217 -21.60 -13.74 -53.53
CA HIS B 217 -22.67 -13.41 -54.47
C HIS B 217 -23.51 -12.21 -54.02
N PHE B 218 -24.10 -11.52 -54.99
CA PHE B 218 -24.96 -10.36 -54.76
C PHE B 218 -26.36 -10.71 -55.26
N ILE B 219 -27.29 -11.01 -54.36
CA ILE B 219 -28.66 -11.35 -54.74
C ILE B 219 -29.45 -10.04 -54.89
N PRO B 220 -30.04 -9.72 -56.06
CA PRO B 220 -30.81 -8.47 -56.16
C PRO B 220 -32.17 -8.55 -55.47
N ARG B 221 -32.75 -7.39 -55.15
CA ARG B 221 -34.06 -7.33 -54.53
C ARG B 221 -35.07 -7.41 -55.67
N ASP B 222 -35.87 -8.48 -55.73
CA ASP B 222 -36.84 -8.64 -56.81
C ASP B 222 -38.24 -8.97 -56.29
N ASN B 223 -39.26 -8.32 -56.86
CA ASN B 223 -40.65 -8.55 -56.45
C ASN B 223 -41.13 -9.97 -56.77
N ILE B 224 -40.43 -10.70 -57.67
CA ILE B 224 -40.80 -12.08 -58.02
C ILE B 224 -40.79 -12.99 -56.79
N VAL B 225 -40.03 -12.63 -55.74
CA VAL B 225 -39.98 -13.44 -54.52
C VAL B 225 -41.36 -13.42 -53.85
N GLN B 226 -41.94 -12.22 -53.71
CA GLN B 226 -43.25 -12.08 -53.08
C GLN B 226 -44.35 -12.65 -53.97
N LYS B 227 -44.18 -12.58 -55.30
CA LYS B 227 -45.18 -13.11 -56.22
C LYS B 227 -45.17 -14.64 -56.18
N ALA B 228 -43.98 -15.26 -56.08
CA ALA B 228 -43.87 -16.71 -55.96
C ALA B 228 -44.36 -17.14 -54.57
N GLU B 229 -44.07 -16.32 -53.55
CA GLU B 229 -44.52 -16.62 -52.18
C GLU B 229 -46.07 -16.66 -52.17
N PHE B 230 -46.71 -15.70 -52.86
CA PHE B 230 -48.16 -15.65 -52.92
C PHE B 230 -48.75 -16.94 -53.52
N ASN B 231 -48.01 -17.56 -54.45
CA ASN B 231 -48.46 -18.81 -55.12
C ASN B 231 -47.97 -20.04 -54.35
N LYS B 232 -47.51 -19.84 -53.11
CA LYS B 232 -47.02 -20.94 -52.26
C LYS B 232 -45.95 -21.79 -52.98
N MET B 233 -44.94 -21.14 -53.55
CA MET B 233 -43.87 -21.83 -54.27
C MET B 233 -42.57 -21.03 -54.21
N THR B 234 -41.44 -21.69 -54.47
CA THR B 234 -40.14 -21.00 -54.50
C THR B 234 -40.02 -20.28 -55.86
N VAL B 235 -39.10 -19.34 -55.99
CA VAL B 235 -38.91 -18.62 -57.26
C VAL B 235 -38.45 -19.59 -58.35
N VAL B 236 -37.64 -20.60 -58.00
CA VAL B 236 -37.16 -21.60 -58.97
C VAL B 236 -38.35 -22.41 -59.50
N GLU B 237 -39.25 -22.84 -58.62
CA GLU B 237 -40.42 -23.61 -59.02
C GLU B 237 -41.44 -22.75 -59.78
N PHE B 238 -41.58 -21.48 -59.38
CA PHE B 238 -42.53 -20.56 -59.99
C PHE B 238 -42.09 -20.12 -61.40
N ALA B 239 -40.86 -19.65 -61.55
CA ALA B 239 -40.35 -19.19 -62.83
C ALA B 239 -38.87 -19.54 -62.96
N PRO B 240 -38.51 -20.77 -63.36
CA PRO B 240 -37.08 -21.11 -63.46
C PRO B 240 -36.30 -20.30 -64.51
N ASP B 241 -37.01 -19.63 -65.43
CA ASP B 241 -36.35 -18.81 -66.46
C ASP B 241 -36.25 -17.33 -66.07
N HIS B 242 -36.73 -16.94 -64.87
CA HIS B 242 -36.65 -15.56 -64.41
C HIS B 242 -35.22 -15.22 -64.00
N PRO B 243 -34.69 -14.01 -64.29
CA PRO B 243 -33.31 -13.69 -63.88
C PRO B 243 -33.00 -14.00 -62.42
N GLN B 244 -33.98 -13.80 -61.52
CA GLN B 244 -33.79 -14.07 -60.09
C GLN B 244 -33.53 -15.56 -59.86
N ALA B 245 -34.35 -16.42 -60.47
CA ALA B 245 -34.18 -17.88 -60.28
C ALA B 245 -32.76 -18.27 -60.70
N LEU B 246 -32.25 -17.62 -61.74
CA LEU B 246 -30.88 -17.88 -62.25
C LEU B 246 -29.86 -17.47 -61.19
N GLU B 247 -30.08 -16.29 -60.60
CA GLU B 247 -29.14 -15.75 -59.61
C GLU B 247 -28.90 -16.80 -58.53
N TYR B 248 -29.97 -17.47 -58.08
CA TYR B 248 -29.85 -18.53 -57.07
C TYR B 248 -29.09 -19.73 -57.64
N LYS B 249 -29.23 -19.98 -58.96
CA LYS B 249 -28.52 -21.07 -59.64
C LYS B 249 -27.02 -20.76 -59.65
N LYS B 250 -26.64 -19.50 -59.91
CA LYS B 250 -25.23 -19.09 -59.93
C LYS B 250 -24.64 -19.27 -58.53
N LEU B 251 -25.39 -18.79 -57.53
CA LEU B 251 -24.98 -18.88 -56.13
C LEU B 251 -24.83 -20.34 -55.69
N GLY B 252 -25.76 -21.18 -56.09
CA GLY B 252 -25.73 -22.61 -55.79
C GLY B 252 -24.48 -23.29 -56.30
N LYS B 253 -24.10 -22.99 -57.55
CA LYS B 253 -22.90 -23.58 -58.13
C LYS B 253 -21.66 -23.04 -57.42
N LYS B 254 -21.65 -21.73 -57.10
CA LYS B 254 -20.53 -21.11 -56.40
C LYS B 254 -20.30 -21.79 -55.05
N ILE B 255 -21.38 -22.11 -54.32
CA ILE B 255 -21.26 -22.78 -53.01
C ILE B 255 -20.70 -24.18 -53.21
N MET B 256 -21.22 -24.93 -54.19
CA MET B 256 -20.77 -26.29 -54.45
C MET B 256 -19.30 -26.35 -54.86
N ASP B 257 -18.87 -25.44 -55.76
CA ASP B 257 -17.48 -25.43 -56.23
C ASP B 257 -16.58 -24.49 -55.41
N ASN B 258 -16.99 -24.11 -54.19
CA ASN B 258 -16.18 -23.20 -53.37
C ASN B 258 -15.02 -23.91 -52.68
N ASP B 259 -13.82 -23.36 -52.83
CA ASP B 259 -12.61 -23.90 -52.20
C ASP B 259 -11.88 -22.82 -51.37
N GLU B 260 -12.33 -21.54 -51.47
CA GLU B 260 -11.71 -20.44 -50.73
C GLU B 260 -12.37 -20.28 -49.36
N LEU B 261 -12.07 -21.23 -48.48
CA LEU B 261 -12.60 -21.21 -47.11
C LEU B 261 -11.53 -20.51 -46.27
N VAL B 262 -11.94 -19.58 -45.41
CA VAL B 262 -10.92 -18.78 -44.66
C VAL B 262 -11.37 -18.54 -43.22
N ILE B 263 -10.42 -18.49 -42.28
CA ILE B 263 -10.75 -18.12 -40.87
C ILE B 263 -10.95 -16.61 -40.84
N PRO B 264 -12.06 -16.08 -40.31
CA PRO B 264 -12.34 -14.65 -40.38
C PRO B 264 -11.50 -13.74 -39.47
N THR B 265 -11.25 -12.50 -39.91
CA THR B 265 -10.53 -11.52 -39.10
C THR B 265 -11.60 -10.51 -38.68
N PRO B 266 -12.35 -10.78 -37.61
CA PRO B 266 -13.41 -9.84 -37.21
C PRO B 266 -12.97 -8.39 -37.03
N LEU B 267 -13.81 -7.47 -37.49
CA LEU B 267 -13.55 -6.03 -37.39
C LEU B 267 -13.83 -5.54 -35.97
N SER B 268 -13.19 -4.45 -35.56
CA SER B 268 -13.45 -3.87 -34.24
C SER B 268 -14.73 -3.03 -34.37
N MET B 269 -15.36 -2.64 -33.25
CA MET B 269 -16.58 -1.82 -33.34
C MET B 269 -16.28 -0.47 -34.01
N ASP B 270 -15.06 0.06 -33.81
CA ASP B 270 -14.67 1.34 -34.45
C ASP B 270 -14.59 1.11 -35.97
N GLU B 271 -13.87 0.07 -36.40
CA GLU B 271 -13.68 -0.19 -37.83
C GLU B 271 -15.00 -0.34 -38.57
N LEU B 272 -15.97 -1.03 -37.96
CA LEU B 272 -17.26 -1.23 -38.58
C LEU B 272 -18.04 0.08 -38.68
N GLU B 273 -18.02 0.90 -37.62
CA GLU B 273 -18.73 2.18 -37.63
C GLU B 273 -18.13 3.13 -38.67
N LYS B 274 -16.79 3.24 -38.73
CA LYS B 274 -16.15 4.14 -39.69
C LYS B 274 -16.45 3.68 -41.11
N LEU B 275 -16.52 2.36 -41.33
CA LEU B 275 -16.81 1.81 -42.65
C LEU B 275 -18.24 2.15 -43.06
N VAL B 276 -19.19 2.06 -42.13
CA VAL B 276 -20.59 2.39 -42.41
C VAL B 276 -20.72 3.87 -42.75
N GLU B 277 -19.97 4.73 -42.03
CA GLU B 277 -19.97 6.18 -42.23
C GLU B 277 -19.30 6.57 -43.56
N LYS B 278 -18.33 5.78 -44.03
CA LYS B 278 -17.63 6.06 -45.28
C LYS B 278 -18.60 6.08 -46.46
N TYR B 279 -19.55 5.13 -46.47
CA TYR B 279 -20.52 5.03 -47.59
C TYR B 279 -21.81 5.76 -47.20
N GLY B 280 -22.16 5.74 -45.91
CA GLY B 280 -23.39 6.41 -45.45
C GLY B 280 -24.58 6.01 -46.30
N LEU B 281 -24.74 4.72 -46.59
CA LEU B 281 -25.88 4.23 -47.41
C LEU B 281 -27.17 4.79 -46.83
N TYR B 282 -27.32 4.70 -45.51
CA TYR B 282 -28.60 5.08 -44.86
C TYR B 282 -28.34 6.30 -43.95
N SER C 2 -30.08 19.57 -5.06
CA SER C 2 -30.55 20.58 -6.00
C SER C 2 -29.59 21.78 -6.05
N PHE C 3 -29.73 22.62 -7.08
CA PHE C 3 -28.82 23.78 -7.26
C PHE C 3 -29.10 24.89 -6.25
N ASP C 4 -30.20 24.79 -5.50
CA ASP C 4 -30.56 25.81 -4.52
C ASP C 4 -29.93 25.50 -3.14
N GLU C 5 -29.59 24.22 -2.90
CA GLU C 5 -29.00 23.77 -1.63
C GLU C 5 -27.51 24.09 -1.53
N ILE C 6 -26.82 24.23 -2.67
CA ILE C 6 -25.39 24.54 -2.68
C ILE C 6 -25.18 26.01 -2.29
N ALA C 7 -24.40 26.28 -1.23
CA ALA C 7 -24.13 27.64 -0.74
C ALA C 7 -25.44 28.45 -0.62
N PRO C 8 -26.33 28.08 0.32
CA PRO C 8 -27.61 28.79 0.44
C PRO C 8 -27.50 30.22 0.98
N ASN C 9 -26.51 30.48 1.83
CA ASN C 9 -26.32 31.83 2.40
C ASN C 9 -25.49 32.74 1.48
N ALA C 10 -25.14 32.28 0.27
CA ALA C 10 -24.33 33.06 -0.66
C ALA C 10 -25.17 33.67 -1.77
N LYS C 11 -24.70 34.79 -2.31
CA LYS C 11 -25.37 35.44 -3.42
C LYS C 11 -24.80 34.80 -4.69
N LYS C 12 -25.56 33.89 -5.31
CA LYS C 12 -25.09 33.19 -6.51
C LYS C 12 -25.26 34.09 -7.73
N VAL C 13 -24.14 34.47 -8.35
CA VAL C 13 -24.14 35.35 -9.52
C VAL C 13 -23.36 34.71 -10.67
N ALA C 14 -23.80 34.98 -11.90
CA ALA C 14 -23.10 34.45 -13.09
C ALA C 14 -22.83 35.60 -14.07
N ILE C 15 -21.55 35.87 -14.33
CA ILE C 15 -21.17 36.98 -15.27
C ILE C 15 -21.12 36.41 -16.69
N TYR C 16 -21.86 37.03 -17.61
CA TYR C 16 -21.83 36.59 -19.03
C TYR C 16 -21.29 37.73 -19.90
N GLY C 17 -20.98 37.45 -21.17
CA GLY C 17 -20.48 38.48 -22.07
C GLY C 17 -19.65 37.93 -23.21
N LYS C 18 -19.35 38.80 -24.18
CA LYS C 18 -18.57 38.43 -25.36
C LYS C 18 -17.12 38.12 -24.95
N GLY C 19 -16.43 37.32 -25.76
CA GLY C 19 -15.05 36.96 -25.49
C GLY C 19 -14.12 38.16 -25.52
N GLY C 20 -13.27 38.28 -24.51
CA GLY C 20 -12.32 39.38 -24.41
C GLY C 20 -12.94 40.71 -24.02
N ILE C 21 -14.21 40.70 -23.59
CA ILE C 21 -14.90 41.93 -23.19
C ILE C 21 -14.47 42.41 -21.79
N GLY C 22 -13.90 41.53 -20.98
CA GLY C 22 -13.46 41.88 -19.63
C GLY C 22 -14.26 41.20 -18.54
N LYS C 23 -14.70 39.96 -18.78
CA LYS C 23 -15.47 39.22 -17.76
C LYS C 23 -14.54 38.77 -16.64
N SER C 24 -13.43 38.12 -16.99
CA SER C 24 -12.46 37.61 -16.02
C SER C 24 -11.89 38.75 -15.20
N THR C 25 -11.56 39.88 -15.84
CA THR C 25 -11.01 41.03 -15.13
C THR C 25 -12.03 41.59 -14.14
N THR C 26 -13.26 41.80 -14.59
CA THR C 26 -14.31 42.33 -13.73
C THR C 26 -14.67 41.36 -12.59
N THR C 27 -14.92 40.08 -12.91
CA THR C 27 -15.29 39.08 -11.91
C THR C 27 -14.22 38.93 -10.83
N GLN C 28 -12.94 38.81 -11.23
CA GLN C 28 -11.86 38.64 -10.28
C GLN C 28 -11.66 39.85 -9.39
N ASN C 29 -11.61 41.06 -9.98
CA ASN C 29 -11.42 42.28 -9.21
C ASN C 29 -12.62 42.62 -8.34
N THR C 30 -13.84 42.25 -8.74
CA THR C 30 -15.01 42.50 -7.94
C THR C 30 -14.96 41.57 -6.73
N ALA C 31 -14.66 40.28 -6.95
CA ALA C 31 -14.55 39.30 -5.87
C ALA C 31 -13.44 39.70 -4.91
N ALA C 32 -12.29 40.17 -5.44
CA ALA C 32 -11.17 40.60 -4.62
C ALA C 32 -11.57 41.77 -3.74
N ALA C 33 -12.36 42.70 -4.29
CA ALA C 33 -12.81 43.86 -3.53
C ALA C 33 -13.78 43.43 -2.42
N LEU C 34 -14.68 42.49 -2.72
CA LEU C 34 -15.65 42.01 -1.73
C LEU C 34 -14.97 41.26 -0.60
N ALA C 35 -13.91 40.50 -0.91
CA ALA C 35 -13.18 39.74 0.10
C ALA C 35 -12.19 40.60 0.88
N TYR C 36 -11.64 41.65 0.25
CA TYR C 36 -10.65 42.51 0.89
C TYR C 36 -11.27 43.67 1.70
N TYR C 37 -12.09 44.51 1.06
CA TYR C 37 -12.70 45.64 1.75
C TYR C 37 -13.80 45.23 2.70
N TYR C 38 -14.71 44.35 2.25
CA TYR C 38 -15.84 43.93 3.08
C TYR C 38 -15.62 42.61 3.84
N LYS C 39 -14.43 41.99 3.72
CA LYS C 39 -14.11 40.75 4.42
C LYS C 39 -15.15 39.64 4.20
N LEU C 40 -15.63 39.48 2.96
CA LEU C 40 -16.62 38.44 2.64
C LEU C 40 -15.96 37.17 2.10
N LYS C 41 -16.49 36.00 2.49
CA LYS C 41 -15.97 34.70 2.03
C LYS C 41 -16.56 34.47 0.64
N GLY C 42 -15.71 34.27 -0.37
CA GLY C 42 -16.17 34.08 -1.74
C GLY C 42 -15.52 32.93 -2.49
N MET C 43 -16.00 32.72 -3.73
CA MET C 43 -15.52 31.65 -4.58
C MET C 43 -15.80 31.97 -6.05
N ILE C 44 -14.87 31.60 -6.95
CA ILE C 44 -15.05 31.84 -8.38
C ILE C 44 -15.00 30.50 -9.09
N HIS C 45 -16.00 30.22 -9.92
CA HIS C 45 -16.06 28.99 -10.69
C HIS C 45 -15.99 29.38 -12.17
N GLY C 46 -14.81 29.25 -12.75
CA GLY C 46 -14.57 29.57 -14.15
C GLY C 46 -15.25 28.62 -15.10
N CYS C 47 -16.26 29.11 -15.83
CA CYS C 47 -17.00 28.31 -16.80
C CYS C 47 -16.63 28.77 -18.23
N ASP C 48 -15.40 29.25 -18.44
CA ASP C 48 -14.92 29.70 -19.74
C ASP C 48 -13.80 28.72 -20.15
N PRO C 49 -13.84 28.12 -21.35
CA PRO C 49 -12.77 27.18 -21.72
C PRO C 49 -11.37 27.79 -21.79
N LYS C 50 -11.24 29.13 -21.68
CA LYS C 50 -9.92 29.78 -21.70
C LYS C 50 -9.11 29.37 -20.46
N ALA C 51 -9.81 29.06 -19.34
CA ALA C 51 -9.21 28.62 -18.08
C ALA C 51 -8.25 29.62 -17.43
N ASP C 52 -8.53 30.91 -17.56
CA ASP C 52 -7.71 31.96 -16.95
C ASP C 52 -8.57 32.90 -16.09
N SER C 53 -9.82 32.50 -15.78
CA SER C 53 -10.74 33.30 -14.97
C SER C 53 -10.37 33.36 -13.49
N THR C 54 -9.35 32.61 -13.05
CA THR C 54 -8.92 32.61 -11.65
C THR C 54 -7.40 32.80 -11.53
N ARG C 55 -6.72 33.26 -12.59
CA ARG C 55 -5.27 33.41 -12.54
C ARG C 55 -4.80 34.57 -11.65
N MET C 56 -5.45 35.74 -11.71
CA MET C 56 -5.05 36.89 -10.90
C MET C 56 -5.33 36.66 -9.42
N ILE C 57 -6.38 35.89 -9.09
CA ILE C 57 -6.69 35.58 -7.70
C ILE C 57 -5.61 34.62 -7.18
N LEU C 58 -5.18 33.66 -8.01
CA LEU C 58 -4.12 32.71 -7.64
C LEU C 58 -2.71 33.27 -7.89
N HIS C 59 -2.59 34.60 -8.08
CA HIS C 59 -1.32 35.30 -8.27
C HIS C 59 -0.49 34.81 -9.46
N GLY C 60 -1.12 34.78 -10.63
CA GLY C 60 -0.45 34.37 -11.87
C GLY C 60 -0.30 32.88 -12.07
N LYS C 61 -0.33 32.08 -11.00
CA LYS C 61 -0.18 30.63 -11.12
C LYS C 61 -1.38 30.04 -11.87
N PRO C 62 -1.17 29.30 -12.98
CA PRO C 62 -2.32 28.73 -13.69
C PRO C 62 -2.91 27.57 -12.89
N GLN C 63 -4.22 27.40 -12.95
CA GLN C 63 -4.91 26.34 -12.22
C GLN C 63 -5.21 25.15 -13.10
N GLU C 64 -5.04 23.93 -12.54
CA GLU C 64 -5.36 22.72 -13.30
C GLU C 64 -6.88 22.65 -13.38
N THR C 65 -7.44 22.51 -14.59
CA THR C 65 -8.89 22.47 -14.75
C THR C 65 -9.45 21.13 -14.28
N VAL C 66 -10.76 21.07 -14.02
CA VAL C 66 -11.41 19.83 -13.58
C VAL C 66 -11.26 18.75 -14.65
N MET C 67 -11.43 19.12 -15.93
CA MET C 67 -11.30 18.16 -17.01
C MET C 67 -9.87 17.61 -17.08
N ASP C 68 -8.86 18.46 -16.84
CA ASP C 68 -7.47 18.01 -16.86
C ASP C 68 -7.19 17.02 -15.74
N VAL C 69 -7.71 17.30 -14.53
CA VAL C 69 -7.49 16.41 -13.39
C VAL C 69 -8.21 15.07 -13.60
N LEU C 70 -9.45 15.10 -14.12
CA LEU C 70 -10.17 13.86 -14.37
C LEU C 70 -9.52 13.04 -15.51
N ARG C 71 -8.82 13.71 -16.44
CA ARG C 71 -8.16 13.02 -17.55
C ARG C 71 -6.93 12.24 -17.05
N GLU C 72 -6.14 12.87 -16.16
CA GLU C 72 -4.92 12.25 -15.67
C GLU C 72 -5.16 11.35 -14.45
N GLU C 73 -5.74 11.91 -13.38
CA GLU C 73 -5.99 11.18 -12.14
C GLU C 73 -7.25 10.31 -12.16
N GLY C 74 -8.19 10.62 -13.04
CA GLY C 74 -9.44 9.88 -13.13
C GLY C 74 -10.39 10.21 -12.01
N GLU C 75 -11.56 9.57 -11.99
CA GLU C 75 -12.55 9.82 -10.94
C GLU C 75 -12.08 9.29 -9.58
N GLU C 76 -11.29 8.21 -9.57
CA GLU C 76 -10.79 7.64 -8.32
C GLU C 76 -9.69 8.50 -7.68
N GLY C 77 -8.90 9.18 -8.50
CA GLY C 77 -7.82 10.02 -8.01
C GLY C 77 -8.15 11.50 -7.89
N VAL C 78 -9.40 11.90 -8.17
CA VAL C 78 -9.77 13.32 -8.06
C VAL C 78 -10.01 13.67 -6.58
N THR C 79 -9.61 14.87 -6.18
CA THR C 79 -9.79 15.32 -4.81
C THR C 79 -10.10 16.81 -4.84
N LEU C 80 -10.75 17.31 -3.80
CA LEU C 80 -11.11 18.71 -3.73
C LEU C 80 -9.89 19.64 -3.71
N GLU C 81 -8.73 19.15 -3.27
CA GLU C 81 -7.52 19.98 -3.19
C GLU C 81 -6.94 20.26 -4.58
N LYS C 82 -6.98 19.28 -5.49
CA LYS C 82 -6.44 19.45 -6.83
C LYS C 82 -7.30 20.31 -7.73
N VAL C 83 -8.62 20.35 -7.48
CA VAL C 83 -9.52 21.14 -8.33
C VAL C 83 -9.87 22.49 -7.74
N ARG C 84 -9.91 22.59 -6.40
CA ARG C 84 -10.22 23.86 -5.75
C ARG C 84 -8.97 24.38 -5.05
N LYS C 85 -8.58 25.63 -5.34
CA LYS C 85 -7.41 26.24 -4.73
C LYS C 85 -7.81 27.54 -4.01
N VAL C 86 -6.97 28.01 -3.11
CA VAL C 86 -7.25 29.23 -2.35
C VAL C 86 -6.28 30.33 -2.80
N GLY C 87 -6.81 31.52 -3.05
CA GLY C 87 -6.01 32.64 -3.50
C GLY C 87 -6.15 33.87 -2.63
N PHE C 88 -6.16 35.05 -3.26
CA PHE C 88 -6.27 36.32 -2.54
C PHE C 88 -7.46 36.39 -1.59
N CYS C 89 -7.21 36.78 -0.33
CA CYS C 89 -8.22 36.90 0.71
C CYS C 89 -9.10 35.66 0.86
N GLY C 90 -8.49 34.49 0.79
CA GLY C 90 -9.19 33.22 0.95
C GLY C 90 -10.26 32.93 -0.07
N ILE C 91 -10.17 33.50 -1.28
CA ILE C 91 -11.17 33.24 -2.32
C ILE C 91 -10.89 31.87 -2.92
N TYR C 92 -11.89 30.98 -2.92
CA TYR C 92 -11.73 29.66 -3.50
C TYR C 92 -11.83 29.77 -5.02
N CYS C 93 -11.06 28.97 -5.75
CA CYS C 93 -11.05 29.02 -7.21
C CYS C 93 -11.21 27.66 -7.81
N VAL C 94 -11.97 27.56 -8.90
CA VAL C 94 -12.20 26.31 -9.63
C VAL C 94 -12.31 26.63 -11.11
N GLU C 95 -11.69 25.82 -11.98
CA GLU C 95 -11.76 26.04 -13.43
C GLU C 95 -12.38 24.80 -14.04
N SER C 96 -13.54 24.95 -14.69
CA SER C 96 -14.23 23.82 -15.29
C SER C 96 -13.41 23.21 -16.42
N GLY C 97 -12.87 24.06 -17.28
CA GLY C 97 -12.10 23.61 -18.43
C GLY C 97 -13.04 23.13 -19.52
N GLY C 98 -12.51 22.30 -20.40
CA GLY C 98 -13.31 21.76 -21.49
C GLY C 98 -12.54 20.78 -22.36
N PRO C 99 -13.21 20.17 -23.33
CA PRO C 99 -12.51 19.22 -24.21
C PRO C 99 -11.58 19.93 -25.18
N GLU C 100 -10.71 19.16 -25.85
CA GLU C 100 -9.77 19.73 -26.81
C GLU C 100 -10.53 20.39 -27.97
N PRO C 101 -10.07 21.54 -28.51
CA PRO C 101 -10.82 22.17 -29.62
C PRO C 101 -11.16 21.20 -30.76
N GLY C 102 -12.42 21.20 -31.16
CA GLY C 102 -12.91 20.33 -32.22
C GLY C 102 -13.45 18.99 -31.73
N VAL C 103 -13.27 18.69 -30.43
CA VAL C 103 -13.72 17.44 -29.85
C VAL C 103 -14.94 17.66 -28.94
N GLY C 104 -16.08 17.12 -29.34
CA GLY C 104 -17.31 17.21 -28.55
C GLY C 104 -18.01 18.55 -28.42
N CYS C 105 -18.51 18.83 -27.20
CA CYS C 105 -19.25 20.04 -26.88
C CYS C 105 -18.35 20.84 -25.93
N ALA C 106 -18.08 22.11 -26.27
CA ALA C 106 -17.22 22.97 -25.46
C ALA C 106 -17.75 23.21 -24.04
N GLY C 107 -19.06 23.26 -23.87
CA GLY C 107 -19.68 23.50 -22.58
C GLY C 107 -19.80 22.31 -21.66
N ARG C 108 -19.47 21.10 -22.13
CA ARG C 108 -19.58 19.90 -21.28
C ARG C 108 -18.76 20.01 -20.00
N GLY C 109 -17.62 20.69 -20.07
CA GLY C 109 -16.75 20.84 -18.91
C GLY C 109 -17.43 21.53 -17.74
N VAL C 110 -18.38 22.43 -18.05
CA VAL C 110 -19.11 23.17 -17.01
C VAL C 110 -20.01 22.23 -16.21
N ILE C 111 -20.78 21.39 -16.90
CA ILE C 111 -21.71 20.47 -16.24
C ILE C 111 -20.96 19.48 -15.36
N THR C 112 -19.87 18.90 -15.88
CA THR C 112 -19.07 17.94 -15.13
C THR C 112 -18.48 18.58 -13.87
N ALA C 113 -17.94 19.80 -13.99
CA ALA C 113 -17.33 20.49 -12.85
C ALA C 113 -18.33 20.88 -11.78
N VAL C 114 -19.52 21.36 -12.17
CA VAL C 114 -20.52 21.75 -11.19
C VAL C 114 -21.01 20.50 -10.45
N ASN C 115 -21.26 19.40 -11.17
CA ASN C 115 -21.70 18.15 -10.55
C ASN C 115 -20.62 17.60 -9.63
N LEU C 116 -19.35 17.68 -10.03
CA LEU C 116 -18.26 17.17 -9.20
C LEU C 116 -18.13 18.01 -7.93
N MET C 117 -18.26 19.33 -8.08
CA MET C 117 -18.20 20.23 -6.90
C MET C 117 -19.25 19.79 -5.88
N LYS C 118 -20.49 19.61 -6.35
CA LYS C 118 -21.61 19.20 -5.45
C LYS C 118 -21.23 17.88 -4.78
N GLU C 119 -20.76 16.91 -5.56
CA GLU C 119 -20.42 15.58 -5.06
C GLU C 119 -19.35 15.67 -3.97
N LEU C 120 -18.31 16.48 -4.17
CA LEU C 120 -17.24 16.63 -3.17
C LEU C 120 -17.53 17.72 -2.10
N GLY C 121 -18.68 18.38 -2.18
CA GLY C 121 -19.04 19.42 -1.23
C GLY C 121 -18.07 20.59 -1.28
N GLY C 122 -17.70 20.97 -2.49
CA GLY C 122 -16.76 22.05 -2.71
C GLY C 122 -17.31 23.45 -2.66
N TYR C 123 -18.62 23.61 -2.45
CA TYR C 123 -19.22 24.93 -2.35
C TYR C 123 -19.50 25.11 -0.86
N PRO C 124 -18.61 25.77 -0.10
CA PRO C 124 -18.86 25.93 1.35
C PRO C 124 -20.21 26.58 1.66
N ASP C 125 -20.93 26.06 2.65
CA ASP C 125 -22.23 26.59 3.03
C ASP C 125 -22.13 28.01 3.58
N ASP C 126 -21.03 28.32 4.27
CA ASP C 126 -20.83 29.66 4.84
C ASP C 126 -20.33 30.70 3.83
N LEU C 127 -20.47 30.43 2.52
CA LEU C 127 -20.05 31.39 1.50
C LEU C 127 -20.96 32.60 1.54
N ASP C 128 -20.42 33.78 1.20
CA ASP C 128 -21.19 35.02 1.15
C ASP C 128 -21.53 35.35 -0.31
N PHE C 129 -20.64 35.00 -1.25
CA PHE C 129 -20.86 35.22 -2.67
C PHE C 129 -20.19 34.11 -3.50
N LEU C 130 -20.79 33.78 -4.65
CA LEU C 130 -20.26 32.74 -5.54
C LEU C 130 -20.44 33.24 -6.97
N PHE C 131 -19.35 33.45 -7.69
CA PHE C 131 -19.40 33.96 -9.06
C PHE C 131 -19.06 32.89 -10.08
N PHE C 132 -19.70 32.96 -11.25
CA PHE C 132 -19.45 32.02 -12.36
C PHE C 132 -19.07 32.83 -13.59
N ASP C 133 -17.82 32.75 -14.03
CA ASP C 133 -17.37 33.45 -15.23
C ASP C 133 -17.77 32.57 -16.41
N VAL C 134 -18.88 32.90 -17.10
CA VAL C 134 -19.36 32.06 -18.20
C VAL C 134 -19.11 32.66 -19.58
N LEU C 135 -18.77 31.81 -20.56
CA LEU C 135 -18.56 32.24 -21.94
C LEU C 135 -19.93 32.57 -22.53
N GLY C 136 -20.09 33.76 -23.07
CA GLY C 136 -21.38 34.20 -23.62
C GLY C 136 -21.46 34.34 -25.13
N ASP C 137 -20.42 33.94 -25.87
CA ASP C 137 -20.44 34.04 -27.34
C ASP C 137 -21.54 33.17 -27.93
N VAL C 138 -21.85 32.03 -27.29
CA VAL C 138 -22.92 31.12 -27.70
C VAL C 138 -23.67 30.73 -26.43
N VAL C 139 -25.01 30.74 -26.50
CA VAL C 139 -25.83 30.39 -25.35
C VAL C 139 -26.33 28.98 -25.62
N CYS C 140 -25.53 28.00 -25.19
CA CYS C 140 -25.89 26.59 -25.46
C CYS C 140 -25.09 25.67 -24.55
N GLY C 141 -25.54 24.44 -24.41
CA GLY C 141 -24.86 23.42 -23.62
C GLY C 141 -24.58 23.86 -22.20
N GLY C 142 -23.37 23.59 -21.73
CA GLY C 142 -22.95 23.96 -20.39
C GLY C 142 -22.93 25.46 -20.15
N PHE C 143 -22.76 26.26 -21.20
CA PHE C 143 -22.75 27.71 -21.07
C PHE C 143 -24.13 28.23 -20.70
N ALA C 144 -25.19 27.63 -21.26
CA ALA C 144 -26.56 28.02 -20.97
C ALA C 144 -27.13 27.29 -19.73
N MET C 145 -26.39 26.32 -19.16
CA MET C 145 -26.84 25.58 -17.99
C MET C 145 -27.13 26.47 -16.78
N PRO C 146 -26.28 27.45 -16.39
CA PRO C 146 -26.63 28.27 -15.22
C PRO C 146 -27.97 29.00 -15.36
N LEU C 147 -28.39 29.31 -16.59
CA LEU C 147 -29.66 30.01 -16.85
C LEU C 147 -30.82 29.02 -16.86
N ARG C 148 -30.60 27.84 -17.44
CA ARG C 148 -31.64 26.83 -17.55
C ARG C 148 -31.92 26.11 -16.21
N ASP C 149 -30.89 25.65 -15.52
CA ASP C 149 -31.05 24.92 -14.25
C ASP C 149 -31.10 25.82 -13.00
N GLY C 150 -31.07 27.14 -13.17
CA GLY C 150 -31.12 28.06 -12.04
C GLY C 150 -29.94 27.93 -11.09
N LEU C 151 -28.73 27.75 -11.64
CA LEU C 151 -27.53 27.61 -10.82
C LEU C 151 -27.28 28.95 -10.11
N ALA C 152 -27.30 30.05 -10.88
CA ALA C 152 -27.11 31.40 -10.36
C ALA C 152 -28.39 32.14 -10.71
N LYS C 153 -29.09 32.68 -9.73
CA LYS C 153 -30.35 33.38 -9.97
C LYS C 153 -30.16 34.80 -10.48
N GLU C 154 -29.00 35.42 -10.23
CA GLU C 154 -28.73 36.78 -10.68
C GLU C 154 -27.68 36.77 -11.76
N ILE C 155 -27.96 37.36 -12.92
CA ILE C 155 -26.99 37.41 -14.03
C ILE C 155 -26.63 38.86 -14.31
N TYR C 156 -25.37 39.08 -14.69
CA TYR C 156 -24.88 40.40 -15.08
C TYR C 156 -24.10 40.20 -16.34
N ILE C 157 -24.29 41.07 -17.33
CA ILE C 157 -23.59 40.92 -18.60
C ILE C 157 -22.60 42.06 -18.80
N VAL C 158 -21.34 41.72 -19.08
CA VAL C 158 -20.31 42.73 -19.32
C VAL C 158 -20.38 43.06 -20.81
N SER C 159 -20.49 44.35 -21.14
CA SER C 159 -20.59 44.75 -22.53
C SER C 159 -19.98 46.14 -22.75
N SER C 160 -19.65 46.44 -24.01
CA SER C 160 -19.08 47.72 -24.42
C SER C 160 -19.99 48.30 -25.52
N GLY C 161 -19.65 49.47 -26.03
CA GLY C 161 -20.43 50.10 -27.09
C GLY C 161 -20.41 49.36 -28.41
N GLU C 162 -19.53 48.36 -28.55
CA GLU C 162 -19.42 47.57 -29.78
C GLU C 162 -20.71 46.85 -30.12
N MET C 163 -21.03 46.73 -31.41
CA MET C 163 -22.24 46.06 -31.86
C MET C 163 -22.22 44.59 -31.45
N MET C 164 -21.07 43.93 -31.60
CA MET C 164 -21.01 42.47 -31.27
C MET C 164 -21.20 42.28 -29.77
N ALA C 165 -20.64 43.18 -28.94
CA ALA C 165 -20.79 43.05 -27.49
C ALA C 165 -22.26 43.22 -27.09
N LEU C 166 -22.97 44.16 -27.72
CA LEU C 166 -24.38 44.39 -27.43
C LEU C 166 -25.23 43.25 -28.00
N TYR C 167 -24.84 42.70 -29.17
CA TYR C 167 -25.55 41.60 -29.81
C TYR C 167 -25.49 40.39 -28.87
N ALA C 168 -24.29 40.08 -28.35
CA ALA C 168 -24.11 38.96 -27.43
C ALA C 168 -24.94 39.17 -26.18
N ALA C 169 -24.93 40.39 -25.63
CA ALA C 169 -25.71 40.70 -24.44
C ALA C 169 -27.20 40.52 -24.67
N ASN C 170 -27.68 40.88 -25.86
CA ASN C 170 -29.09 40.72 -26.19
C ASN C 170 -29.43 39.23 -26.31
N ASN C 171 -28.52 38.43 -26.87
CA ASN C 171 -28.73 36.98 -27.02
C ASN C 171 -28.76 36.30 -25.66
N ILE C 172 -27.91 36.76 -24.72
CA ILE C 172 -27.89 36.19 -23.37
C ILE C 172 -29.24 36.53 -22.71
N ALA C 173 -29.74 37.76 -22.92
CA ALA C 173 -31.03 38.21 -22.38
C ALA C 173 -32.16 37.33 -22.93
N LYS C 174 -32.04 36.87 -24.18
CA LYS C 174 -33.05 36.00 -24.79
C LYS C 174 -33.09 34.66 -24.06
N GLY C 175 -31.91 34.14 -23.69
CA GLY C 175 -31.80 32.90 -22.94
C GLY C 175 -32.37 33.05 -21.54
N ILE C 176 -32.17 34.23 -20.92
CA ILE C 176 -32.69 34.50 -19.58
C ILE C 176 -34.22 34.49 -19.66
N LEU C 177 -34.78 35.23 -20.61
CA LEU C 177 -36.27 35.30 -20.74
C LEU C 177 -36.84 33.91 -20.96
N LYS C 178 -36.25 33.11 -21.86
CA LYS C 178 -36.77 31.78 -22.18
C LYS C 178 -37.01 30.92 -20.94
N TYR C 179 -36.05 30.89 -19.99
CA TYR C 179 -36.20 30.08 -18.78
C TYR C 179 -36.39 30.93 -17.52
N ALA C 180 -36.98 32.11 -17.66
CA ALA C 180 -37.22 32.99 -16.52
C ALA C 180 -38.28 32.42 -15.58
N GLU C 181 -39.37 31.87 -16.13
CA GLU C 181 -40.43 31.31 -15.29
C GLU C 181 -40.08 29.92 -14.79
N GLN C 182 -39.43 29.10 -15.64
CA GLN C 182 -39.05 27.74 -15.28
C GLN C 182 -38.01 27.69 -14.15
N SER C 183 -36.92 28.45 -14.27
CA SER C 183 -35.84 28.43 -13.29
C SER C 183 -35.81 29.61 -12.31
N GLY C 184 -36.53 30.67 -12.62
CA GLY C 184 -36.54 31.85 -11.75
C GLY C 184 -35.29 32.69 -11.88
N VAL C 185 -34.58 32.57 -13.02
CA VAL C 185 -33.35 33.32 -13.26
C VAL C 185 -33.70 34.73 -13.71
N ARG C 186 -32.93 35.72 -13.26
CA ARG C 186 -33.19 37.13 -13.57
C ARG C 186 -31.93 37.88 -13.99
N LEU C 187 -32.11 39.01 -14.67
CA LEU C 187 -30.99 39.86 -15.10
C LEU C 187 -30.86 41.03 -14.11
N GLY C 188 -29.76 41.07 -13.38
CA GLY C 188 -29.50 42.13 -12.41
C GLY C 188 -29.14 43.46 -13.03
N GLY C 189 -28.47 43.42 -14.18
CA GLY C 189 -28.08 44.64 -14.88
C GLY C 189 -26.92 44.42 -15.85
N ILE C 190 -26.59 45.46 -16.62
CA ILE C 190 -25.49 45.39 -17.59
C ILE C 190 -24.30 46.14 -17.01
N ILE C 191 -23.12 45.53 -17.06
CA ILE C 191 -21.89 46.16 -16.58
C ILE C 191 -21.14 46.64 -17.81
N CYS C 192 -20.77 47.93 -17.88
CA CYS C 192 -20.07 48.44 -19.05
C CYS C 192 -18.56 48.52 -18.83
N ASN C 193 -17.80 47.73 -19.60
CA ASN C 193 -16.35 47.77 -19.52
C ASN C 193 -15.94 48.75 -20.62
N SER C 194 -15.66 50.00 -20.23
CA SER C 194 -15.32 51.06 -21.18
C SER C 194 -14.13 50.78 -22.09
N ARG C 195 -14.20 51.30 -23.31
CA ARG C 195 -13.16 51.22 -24.34
C ARG C 195 -12.67 52.65 -24.73
N ASN C 196 -13.02 53.68 -23.93
CA ASN C 196 -12.64 55.07 -24.14
C ASN C 196 -13.19 55.66 -25.46
N VAL C 197 -14.46 55.38 -25.78
CA VAL C 197 -15.07 55.93 -27.00
C VAL C 197 -16.09 57.01 -26.60
N ASP C 198 -16.34 57.96 -27.50
CA ASP C 198 -17.27 59.06 -27.26
C ASP C 198 -18.71 58.59 -27.08
N GLY C 199 -19.36 59.04 -26.01
CA GLY C 199 -20.76 58.70 -25.72
C GLY C 199 -21.04 57.22 -25.53
N GLU C 200 -20.10 56.50 -24.92
CA GLU C 200 -20.29 55.06 -24.70
C GLU C 200 -21.37 54.82 -23.65
N ARG C 201 -21.30 55.57 -22.53
CA ARG C 201 -22.28 55.43 -21.45
C ARG C 201 -23.69 55.77 -21.92
N GLU C 202 -23.83 56.84 -22.71
CA GLU C 202 -25.15 57.24 -23.20
C GLU C 202 -25.81 56.15 -24.04
N LEU C 203 -25.03 55.47 -24.90
CA LEU C 203 -25.54 54.40 -25.74
C LEU C 203 -25.97 53.21 -24.87
N MET C 204 -25.14 52.87 -23.88
CA MET C 204 -25.44 51.75 -22.98
C MET C 204 -26.68 52.01 -22.14
N GLU C 205 -26.89 53.25 -21.67
CA GLU C 205 -28.07 53.55 -20.86
C GLU C 205 -29.35 53.41 -21.67
N GLU C 206 -29.34 53.82 -22.95
CA GLU C 206 -30.51 53.66 -23.80
C GLU C 206 -30.73 52.17 -24.10
N PHE C 207 -29.63 51.41 -24.28
CA PHE C 207 -29.69 49.98 -24.55
C PHE C 207 -30.36 49.27 -23.36
N CYS C 208 -29.99 49.64 -22.12
CA CYS C 208 -30.57 49.05 -20.92
C CYS C 208 -32.05 49.41 -20.82
N ASP C 209 -32.42 50.65 -21.19
CA ASP C 209 -33.81 51.08 -21.16
C ASP C 209 -34.65 50.22 -22.10
N LYS C 210 -34.15 49.98 -23.32
CA LYS C 210 -34.83 49.16 -24.32
C LYS C 210 -34.88 47.69 -23.87
N LEU C 211 -33.84 47.23 -23.17
CA LEU C 211 -33.75 45.85 -22.68
C LEU C 211 -34.54 45.64 -21.36
N GLY C 212 -35.05 46.72 -20.77
CA GLY C 212 -35.83 46.64 -19.53
C GLY C 212 -35.01 46.44 -18.28
N THR C 213 -33.72 46.82 -18.32
CA THR C 213 -32.82 46.67 -17.17
C THR C 213 -32.09 48.01 -16.90
N LYS C 214 -31.07 48.00 -16.02
CA LYS C 214 -30.31 49.20 -15.68
C LYS C 214 -28.81 49.00 -15.94
N LEU C 215 -28.09 50.10 -16.15
CA LEU C 215 -26.64 50.03 -16.35
C LEU C 215 -26.07 50.13 -14.93
N ILE C 216 -25.99 48.98 -14.24
CA ILE C 216 -25.52 48.91 -12.86
C ILE C 216 -24.21 49.67 -12.59
N HIS C 217 -23.21 49.57 -13.48
CA HIS C 217 -21.94 50.25 -13.26
C HIS C 217 -21.16 50.50 -14.55
N PHE C 218 -20.32 51.53 -14.53
CA PHE C 218 -19.48 51.92 -15.65
C PHE C 218 -18.02 51.76 -15.22
N ILE C 219 -17.34 50.70 -15.67
CA ILE C 219 -15.94 50.49 -15.31
C ILE C 219 -15.07 51.25 -16.31
N PRO C 220 -14.22 52.19 -15.89
CA PRO C 220 -13.37 52.90 -16.87
C PRO C 220 -12.20 52.04 -17.35
N ARG C 221 -11.64 52.36 -18.53
CA ARG C 221 -10.49 51.63 -19.05
C ARG C 221 -9.25 52.25 -18.40
N ASP C 222 -8.52 51.48 -17.60
CA ASP C 222 -7.35 52.00 -16.89
C ASP C 222 -6.11 51.13 -17.09
N ASN C 223 -4.95 51.77 -17.30
CA ASN C 223 -3.68 51.06 -17.51
C ASN C 223 -3.24 50.28 -16.27
N ILE C 224 -3.79 50.60 -15.08
CA ILE C 224 -3.43 49.90 -13.84
C ILE C 224 -3.78 48.41 -13.91
N VAL C 225 -4.73 48.02 -14.77
CA VAL C 225 -5.10 46.61 -14.91
C VAL C 225 -3.91 45.82 -15.46
N GLN C 226 -3.30 46.34 -16.53
CA GLN C 226 -2.15 45.68 -17.15
C GLN C 226 -0.91 45.73 -16.24
N LYS C 227 -0.73 46.79 -15.44
CA LYS C 227 0.42 46.88 -14.55
C LYS C 227 0.27 45.86 -13.41
N ALA C 228 -0.95 45.72 -12.88
CA ALA C 228 -1.21 44.74 -11.82
C ALA C 228 -1.04 43.33 -12.41
N GLU C 229 -1.50 43.11 -13.66
CA GLU C 229 -1.39 41.81 -14.33
C GLU C 229 0.07 41.40 -14.47
N PHE C 230 0.92 42.36 -14.83
CA PHE C 230 2.39 42.14 -14.95
C PHE C 230 2.94 41.75 -13.57
N ASN C 231 2.29 42.22 -12.50
CA ASN C 231 2.77 41.90 -11.12
C ASN C 231 2.04 40.65 -10.61
N LYS C 232 1.42 39.88 -11.51
CA LYS C 232 0.78 38.60 -11.11
C LYS C 232 -0.21 38.86 -9.97
N MET C 233 -0.98 39.95 -10.05
CA MET C 233 -1.91 40.28 -8.97
C MET C 233 -3.13 41.01 -9.51
N THR C 234 -4.20 41.07 -8.71
CA THR C 234 -5.41 41.80 -9.10
C THR C 234 -5.16 43.28 -8.82
N VAL C 235 -6.00 44.17 -9.36
CA VAL C 235 -5.85 45.61 -9.11
C VAL C 235 -6.10 45.90 -7.62
N VAL C 236 -7.03 45.18 -6.98
CA VAL C 236 -7.32 45.37 -5.56
C VAL C 236 -6.10 45.00 -4.71
N GLU C 237 -5.46 43.87 -5.03
CA GLU C 237 -4.27 43.43 -4.29
C GLU C 237 -3.06 44.32 -4.59
N PHE C 238 -2.98 44.81 -5.83
CA PHE C 238 -1.83 45.65 -6.27
C PHE C 238 -1.92 47.05 -5.66
N ALA C 239 -3.05 47.72 -5.82
CA ALA C 239 -3.22 49.08 -5.31
C ALA C 239 -4.65 49.28 -4.82
N PRO C 240 -4.98 48.88 -3.58
CA PRO C 240 -6.37 49.05 -3.10
C PRO C 240 -6.82 50.52 -2.98
N ASP C 241 -5.89 51.47 -3.01
CA ASP C 241 -6.21 52.89 -2.93
C ASP C 241 -6.36 53.56 -4.31
N HIS C 242 -6.13 52.80 -5.41
CA HIS C 242 -6.24 53.36 -6.75
C HIS C 242 -7.72 53.57 -7.12
N PRO C 243 -8.08 54.65 -7.84
CA PRO C 243 -9.50 54.85 -8.20
C PRO C 243 -10.15 53.62 -8.86
N GLN C 244 -9.38 52.87 -9.67
CA GLN C 244 -9.91 51.68 -10.34
C GLN C 244 -10.30 50.61 -9.31
N ALA C 245 -9.47 50.36 -8.30
CA ALA C 245 -9.81 49.38 -7.25
C ALA C 245 -11.12 49.77 -6.55
N LEU C 246 -11.31 51.09 -6.32
CA LEU C 246 -12.51 51.63 -5.70
C LEU C 246 -13.73 51.44 -6.61
N GLU C 247 -13.53 51.46 -7.94
CA GLU C 247 -14.64 51.26 -8.88
C GLU C 247 -15.17 49.84 -8.72
N TYR C 248 -14.27 48.85 -8.59
CA TYR C 248 -14.68 47.46 -8.40
C TYR C 248 -15.35 47.28 -7.03
N LYS C 249 -14.94 48.07 -6.03
CA LYS C 249 -15.54 48.04 -4.69
C LYS C 249 -16.98 48.55 -4.78
N LYS C 250 -17.21 49.62 -5.55
CA LYS C 250 -18.55 50.19 -5.73
C LYS C 250 -19.45 49.15 -6.41
N LEU C 251 -18.95 48.54 -7.50
CA LEU C 251 -19.71 47.52 -8.23
C LEU C 251 -20.03 46.33 -7.33
N GLY C 252 -19.04 45.91 -6.54
CA GLY C 252 -19.22 44.79 -5.62
C GLY C 252 -20.36 45.01 -4.65
N LYS C 253 -20.44 46.21 -4.06
CA LYS C 253 -21.50 46.54 -3.13
C LYS C 253 -22.83 46.61 -3.88
N LYS C 254 -22.84 47.20 -5.08
CA LYS C 254 -24.05 47.30 -5.89
C LYS C 254 -24.63 45.92 -6.18
N ILE C 255 -23.77 44.93 -6.50
CA ILE C 255 -24.21 43.57 -6.78
C ILE C 255 -24.79 42.94 -5.52
N MET C 256 -24.10 43.11 -4.39
CA MET C 256 -24.56 42.55 -3.11
C MET C 256 -25.91 43.13 -2.67
N ASP C 257 -26.08 44.45 -2.77
CA ASP C 257 -27.32 45.10 -2.36
C ASP C 257 -28.33 45.27 -3.51
N ASN C 258 -28.18 44.49 -4.60
CA ASN C 258 -29.10 44.62 -5.73
C ASN C 258 -30.42 43.88 -5.50
N ASP C 259 -31.54 44.60 -5.71
CA ASP C 259 -32.89 44.06 -5.57
C ASP C 259 -33.71 44.25 -6.87
N GLU C 260 -33.20 45.02 -7.84
CA GLU C 260 -33.88 45.29 -9.10
C GLU C 260 -33.50 44.23 -10.13
N LEU C 261 -33.96 42.99 -9.90
CA LEU C 261 -33.70 41.87 -10.79
C LEU C 261 -34.92 41.76 -11.70
N VAL C 262 -34.75 41.91 -13.01
CA VAL C 262 -35.92 42.00 -13.95
C VAL C 262 -35.79 41.01 -15.12
N ILE C 263 -36.90 40.39 -15.56
CA ILE C 263 -36.85 39.52 -16.78
C ILE C 263 -36.66 40.47 -17.97
N PRO C 264 -35.70 40.21 -18.89
CA PRO C 264 -35.40 41.17 -19.96
C PRO C 264 -36.39 41.24 -21.12
N THR C 265 -36.38 42.35 -21.87
CA THR C 265 -37.21 42.53 -23.05
C THR C 265 -36.23 42.64 -24.22
N PRO C 266 -35.76 41.50 -24.77
CA PRO C 266 -34.78 41.57 -25.86
C PRO C 266 -35.17 42.45 -27.03
N LEU C 267 -34.19 43.19 -27.56
CA LEU C 267 -34.39 44.09 -28.70
C LEU C 267 -34.42 43.28 -29.98
N SER C 268 -35.08 43.79 -31.01
CA SER C 268 -35.12 43.12 -32.31
C SER C 268 -33.81 43.45 -33.03
N MET C 269 -33.47 42.71 -34.08
CA MET C 269 -32.24 42.96 -34.86
C MET C 269 -32.24 44.40 -35.39
N ASP C 270 -33.41 44.90 -35.79
CA ASP C 270 -33.54 46.25 -36.33
C ASP C 270 -33.33 47.30 -35.24
N GLU C 271 -33.95 47.09 -34.07
CA GLU C 271 -33.81 48.04 -32.95
C GLU C 271 -32.36 48.23 -32.54
N LEU C 272 -31.57 47.14 -32.47
CA LEU C 272 -30.17 47.24 -32.06
C LEU C 272 -29.33 48.00 -33.08
N GLU C 273 -29.34 47.57 -34.35
CA GLU C 273 -28.54 48.26 -35.39
C GLU C 273 -28.94 49.72 -35.57
N LYS C 274 -30.21 50.08 -35.35
CA LYS C 274 -30.62 51.49 -35.47
C LYS C 274 -30.10 52.27 -34.26
N LEU C 275 -30.09 51.64 -33.07
CA LEU C 275 -29.57 52.26 -31.85
C LEU C 275 -28.06 52.49 -32.01
N VAL C 276 -27.33 51.53 -32.61
CA VAL C 276 -25.90 51.65 -32.84
C VAL C 276 -25.63 52.79 -33.81
N GLU C 277 -26.44 52.91 -34.88
CA GLU C 277 -26.26 53.97 -35.87
C GLU C 277 -26.56 55.34 -35.29
N LYS C 278 -27.53 55.44 -34.38
CA LYS C 278 -27.93 56.70 -33.75
C LYS C 278 -26.72 57.35 -33.05
N TYR C 279 -25.92 56.55 -32.33
CA TYR C 279 -24.74 57.07 -31.63
C TYR C 279 -23.50 57.04 -32.52
N GLY C 280 -23.33 55.96 -33.28
CA GLY C 280 -22.20 55.79 -34.19
C GLY C 280 -20.86 55.89 -33.50
N ASP D 4 -16.86 16.30 -51.22
CA ASP D 4 -15.92 16.55 -52.31
C ASP D 4 -16.62 16.67 -53.66
N GLU D 5 -17.74 15.95 -53.85
CA GLU D 5 -18.50 16.01 -55.11
C GLU D 5 -19.15 17.39 -55.21
N ILE D 6 -19.58 17.91 -54.06
CA ILE D 6 -20.27 19.24 -54.07
C ILE D 6 -19.33 20.27 -54.68
N ALA D 7 -19.82 21.01 -55.66
CA ALA D 7 -19.05 22.05 -56.38
C ALA D 7 -17.56 21.75 -56.67
N PRO D 8 -17.25 20.63 -57.35
CA PRO D 8 -15.84 20.28 -57.59
C PRO D 8 -14.88 21.26 -58.25
N ASN D 9 -15.37 22.09 -59.18
CA ASN D 9 -14.51 23.06 -59.87
C ASN D 9 -14.31 24.35 -59.08
N ALA D 10 -14.80 24.43 -57.83
CA ALA D 10 -14.68 25.63 -57.01
C ALA D 10 -13.69 25.46 -55.87
N LYS D 11 -12.99 26.54 -55.48
CA LYS D 11 -12.06 26.46 -54.36
C LYS D 11 -12.90 26.67 -53.11
N LYS D 12 -13.01 25.61 -52.30
CA LYS D 12 -13.84 25.66 -51.07
C LYS D 12 -13.02 26.26 -49.93
N VAL D 13 -13.42 27.45 -49.46
CA VAL D 13 -12.71 28.14 -48.38
C VAL D 13 -13.66 28.42 -47.21
N ALA D 14 -13.13 28.40 -45.99
CA ALA D 14 -13.91 28.69 -44.79
C ALA D 14 -13.17 29.73 -43.98
N ILE D 15 -13.84 30.84 -43.65
CA ILE D 15 -13.26 31.92 -42.89
C ILE D 15 -13.68 31.82 -41.43
N TYR D 16 -12.70 31.63 -40.53
CA TYR D 16 -12.93 31.52 -39.10
C TYR D 16 -12.36 32.76 -38.40
N GLY D 17 -12.62 32.92 -37.11
CA GLY D 17 -12.11 34.06 -36.36
C GLY D 17 -12.97 34.41 -35.16
N LYS D 18 -12.52 35.40 -34.39
CA LYS D 18 -13.23 35.86 -33.21
C LYS D 18 -14.47 36.67 -33.64
N GLY D 19 -15.47 36.72 -32.78
CA GLY D 19 -16.68 37.48 -33.08
C GLY D 19 -16.40 38.97 -33.19
N GLY D 20 -16.90 39.60 -34.25
CA GLY D 20 -16.71 41.02 -34.48
C GLY D 20 -15.32 41.40 -34.96
N ILE D 21 -14.52 40.40 -35.34
CA ILE D 21 -13.16 40.67 -35.83
C ILE D 21 -13.14 41.17 -37.28
N GLY D 22 -14.22 40.94 -38.03
CA GLY D 22 -14.32 41.38 -39.42
C GLY D 22 -14.38 40.24 -40.41
N LYS D 23 -15.02 39.13 -40.02
CA LYS D 23 -15.13 37.98 -40.93
C LYS D 23 -16.11 38.29 -42.04
N SER D 24 -17.34 38.73 -41.68
CA SER D 24 -18.37 39.04 -42.65
C SER D 24 -17.93 40.15 -43.61
N THR D 25 -17.26 41.18 -43.09
CA THR D 25 -16.78 42.27 -43.92
C THR D 25 -15.74 41.77 -44.92
N THR D 26 -14.76 41.00 -44.45
CA THR D 26 -13.72 40.47 -45.31
C THR D 26 -14.28 39.46 -46.33
N THR D 27 -15.08 38.52 -45.85
CA THR D 27 -15.63 37.46 -46.75
C THR D 27 -16.46 38.11 -47.86
N GLN D 28 -17.38 39.00 -47.51
CA GLN D 28 -18.26 39.63 -48.49
C GLN D 28 -17.50 40.48 -49.51
N ASN D 29 -16.61 41.35 -49.03
CA ASN D 29 -15.85 42.22 -49.93
C ASN D 29 -14.88 41.42 -50.80
N THR D 30 -14.31 40.32 -50.28
CA THR D 30 -13.38 39.49 -51.06
C THR D 30 -14.18 38.81 -52.17
N ALA D 31 -15.35 38.25 -51.83
CA ALA D 31 -16.20 37.59 -52.82
C ALA D 31 -16.67 38.61 -53.87
N ALA D 32 -17.04 39.83 -53.43
CA ALA D 32 -17.50 40.88 -54.33
C ALA D 32 -16.38 41.28 -55.29
N ALA D 33 -15.13 41.39 -54.80
CA ALA D 33 -13.99 41.75 -55.63
C ALA D 33 -13.69 40.62 -56.63
N LEU D 34 -13.87 39.37 -56.22
CA LEU D 34 -13.61 38.23 -57.10
C LEU D 34 -14.68 38.10 -58.20
N ALA D 35 -15.94 38.42 -57.88
CA ALA D 35 -17.04 38.36 -58.85
C ALA D 35 -17.08 39.60 -59.76
N TYR D 36 -16.59 40.76 -59.26
CA TYR D 36 -16.62 42.00 -60.02
C TYR D 36 -15.39 42.21 -60.91
N TYR D 37 -14.19 42.20 -60.33
CA TYR D 37 -12.96 42.43 -61.09
C TYR D 37 -12.57 41.26 -62.00
N TYR D 38 -12.50 40.05 -61.45
CA TYR D 38 -12.09 38.87 -62.23
C TYR D 38 -13.32 38.09 -62.79
N LYS D 39 -14.55 38.53 -62.48
CA LYS D 39 -15.82 37.97 -62.98
C LYS D 39 -16.08 36.48 -62.70
N LEU D 40 -15.96 36.07 -61.43
CA LEU D 40 -16.21 34.67 -61.08
C LEU D 40 -17.55 34.39 -60.45
N LYS D 41 -18.00 33.15 -60.63
CA LYS D 41 -19.25 32.69 -60.07
C LYS D 41 -18.94 32.17 -58.68
N GLY D 42 -19.60 32.71 -57.68
CA GLY D 42 -19.35 32.29 -56.31
C GLY D 42 -20.60 32.14 -55.49
N MET D 43 -20.41 31.85 -54.21
CA MET D 43 -21.51 31.67 -53.28
C MET D 43 -21.01 31.79 -51.85
N ILE D 44 -21.78 32.46 -50.99
CA ILE D 44 -21.40 32.62 -49.60
C ILE D 44 -22.43 31.87 -48.76
N HIS D 45 -21.94 30.98 -47.88
CA HIS D 45 -22.80 30.22 -47.00
C HIS D 45 -22.50 30.65 -45.56
N GLY D 46 -23.35 31.51 -45.03
CA GLY D 46 -23.19 32.03 -43.68
C GLY D 46 -23.44 30.99 -42.61
N CYS D 47 -22.37 30.61 -41.89
CA CYS D 47 -22.42 29.63 -40.82
C CYS D 47 -22.27 30.32 -39.45
N ASP D 48 -22.70 31.58 -39.33
CA ASP D 48 -22.62 32.35 -38.10
C ASP D 48 -24.06 32.61 -37.65
N PRO D 49 -24.43 32.29 -36.39
CA PRO D 49 -25.83 32.54 -35.98
C PRO D 49 -26.27 34.01 -36.03
N LYS D 50 -25.34 34.96 -36.28
CA LYS D 50 -25.72 36.37 -36.39
C LYS D 50 -26.61 36.59 -37.62
N ALA D 51 -26.46 35.76 -38.66
CA ALA D 51 -27.24 35.79 -39.90
C ALA D 51 -27.15 37.10 -40.70
N ASP D 52 -25.97 37.73 -40.69
CA ASP D 52 -25.75 38.98 -41.44
C ASP D 52 -24.51 38.86 -42.34
N SER D 53 -23.99 37.65 -42.55
CA SER D 53 -22.82 37.42 -43.37
C SER D 53 -23.08 37.60 -44.88
N THR D 54 -24.36 37.78 -45.29
CA THR D 54 -24.73 37.97 -46.68
C THR D 54 -25.69 39.17 -46.81
N ARG D 55 -25.53 40.20 -45.98
CA ARG D 55 -26.41 41.36 -46.03
C ARG D 55 -25.93 42.40 -47.03
N MET D 56 -24.62 42.67 -47.09
CA MET D 56 -24.07 43.64 -48.02
C MET D 56 -24.18 43.17 -49.47
N ILE D 57 -24.07 41.85 -49.71
CA ILE D 57 -24.18 41.30 -51.06
C ILE D 57 -25.63 41.45 -51.52
N LEU D 58 -26.59 41.23 -50.62
CA LEU D 58 -28.01 41.38 -50.95
C LEU D 58 -28.47 42.84 -50.82
N HIS D 59 -27.53 43.80 -50.75
CA HIS D 59 -27.80 45.25 -50.68
C HIS D 59 -28.68 45.66 -49.49
N GLY D 60 -28.27 45.25 -48.29
CA GLY D 60 -28.97 45.60 -47.06
C GLY D 60 -30.23 44.82 -46.79
N LYS D 61 -30.73 44.08 -47.79
CA LYS D 61 -31.95 43.30 -47.62
C LYS D 61 -31.68 42.08 -46.73
N PRO D 62 -32.41 41.92 -45.62
CA PRO D 62 -32.17 40.75 -44.76
C PRO D 62 -32.61 39.45 -45.43
N GLN D 63 -31.82 38.39 -45.26
CA GLN D 63 -32.14 37.11 -45.88
C GLN D 63 -32.77 36.18 -44.85
N GLU D 64 -33.80 35.42 -45.26
CA GLU D 64 -34.43 34.48 -44.36
C GLU D 64 -33.52 33.27 -44.23
N THR D 65 -33.26 32.90 -42.98
CA THR D 65 -32.34 31.76 -42.71
C THR D 65 -33.02 30.43 -43.02
N VAL D 66 -32.23 29.39 -43.25
CA VAL D 66 -32.73 28.05 -43.51
C VAL D 66 -33.61 27.58 -42.33
N MET D 67 -33.25 27.97 -41.10
CA MET D 67 -34.02 27.46 -39.93
C MET D 67 -35.38 28.16 -39.84
N ASP D 68 -35.50 29.41 -40.28
CA ASP D 68 -36.79 30.08 -40.28
C ASP D 68 -37.69 29.47 -41.33
N VAL D 69 -37.15 29.26 -42.55
CA VAL D 69 -37.90 28.66 -43.65
C VAL D 69 -38.37 27.26 -43.25
N LEU D 70 -37.47 26.45 -42.66
CA LEU D 70 -37.86 25.08 -42.26
C LEU D 70 -38.90 25.14 -41.14
N ARG D 71 -38.72 26.04 -40.16
CA ARG D 71 -39.63 26.15 -39.03
C ARG D 71 -41.04 26.61 -39.42
N GLU D 72 -41.15 27.69 -40.21
CA GLU D 72 -42.46 28.21 -40.58
C GLU D 72 -43.09 27.59 -41.84
N GLU D 73 -42.41 26.63 -42.52
CA GLU D 73 -42.98 26.01 -43.73
C GLU D 73 -42.79 24.49 -43.84
N GLY D 74 -42.06 23.87 -42.92
CA GLY D 74 -41.82 22.44 -42.97
C GLY D 74 -40.91 22.05 -44.11
N GLU D 75 -40.44 20.79 -44.14
CA GLU D 75 -39.46 20.33 -45.16
C GLU D 75 -40.09 20.13 -46.55
N GLU D 76 -41.40 20.27 -46.68
CA GLU D 76 -42.06 20.19 -47.99
C GLU D 76 -42.18 21.59 -48.57
N GLY D 77 -42.38 22.60 -47.72
CA GLY D 77 -42.50 23.98 -48.18
C GLY D 77 -41.16 24.67 -48.40
N VAL D 78 -40.07 23.90 -48.31
CA VAL D 78 -38.71 24.47 -48.51
C VAL D 78 -38.33 24.35 -50.00
N THR D 79 -37.88 25.45 -50.60
CA THR D 79 -37.47 25.46 -52.00
C THR D 79 -36.18 26.25 -52.15
N LEU D 80 -35.43 26.02 -53.23
CA LEU D 80 -34.11 26.68 -53.40
C LEU D 80 -34.28 28.21 -53.51
N GLU D 81 -35.42 28.68 -54.02
CA GLU D 81 -35.64 30.12 -54.20
C GLU D 81 -35.76 30.88 -52.88
N LYS D 82 -36.31 30.24 -51.84
CA LYS D 82 -36.50 30.89 -50.53
C LYS D 82 -35.25 30.87 -49.65
N VAL D 83 -34.36 29.87 -49.83
CA VAL D 83 -33.17 29.77 -48.99
C VAL D 83 -31.91 30.34 -49.67
N ARG D 84 -31.84 30.31 -51.00
CA ARG D 84 -30.69 30.82 -51.74
C ARG D 84 -31.11 32.04 -52.57
N LYS D 85 -30.49 33.20 -52.30
CA LYS D 85 -30.79 34.44 -53.02
C LYS D 85 -29.61 34.91 -53.85
N VAL D 86 -29.88 35.77 -54.85
CA VAL D 86 -28.86 36.33 -55.73
C VAL D 86 -28.62 37.80 -55.38
N GLY D 87 -27.35 38.19 -55.30
CA GLY D 87 -26.99 39.57 -54.99
C GLY D 87 -25.99 40.16 -55.95
N PHE D 88 -25.05 40.97 -55.43
CA PHE D 88 -24.04 41.64 -56.23
C PHE D 88 -23.26 40.67 -57.12
N CYS D 89 -23.17 41.00 -58.43
CA CYS D 89 -22.44 40.21 -59.42
C CYS D 89 -22.84 38.73 -59.43
N GLY D 90 -24.13 38.46 -59.30
CA GLY D 90 -24.67 37.11 -59.31
C GLY D 90 -24.18 36.18 -58.22
N ILE D 91 -23.81 36.72 -57.06
CA ILE D 91 -23.35 35.88 -55.96
C ILE D 91 -24.54 35.22 -55.28
N TYR D 92 -24.49 33.89 -55.10
CA TYR D 92 -25.55 33.19 -54.41
C TYR D 92 -25.28 33.33 -52.91
N CYS D 93 -26.33 33.51 -52.13
CA CYS D 93 -26.22 33.71 -50.70
C CYS D 93 -27.15 32.78 -49.93
N VAL D 94 -26.75 32.39 -48.72
CA VAL D 94 -27.57 31.54 -47.86
C VAL D 94 -27.10 31.69 -46.42
N GLU D 95 -28.04 31.72 -45.47
CA GLU D 95 -27.72 31.84 -44.06
C GLU D 95 -28.22 30.61 -43.35
N SER D 96 -27.32 29.85 -42.72
CA SER D 96 -27.70 28.64 -42.01
C SER D 96 -28.63 28.97 -40.83
N GLY D 97 -28.30 30.01 -40.09
CA GLY D 97 -29.09 30.40 -38.93
C GLY D 97 -28.81 29.49 -37.76
N GLY D 98 -29.75 29.45 -36.83
CA GLY D 98 -29.59 28.59 -35.66
C GLY D 98 -30.79 28.62 -34.74
N PRO D 99 -30.78 27.78 -33.70
CA PRO D 99 -31.91 27.76 -32.77
C PRO D 99 -31.92 28.98 -31.85
N GLU D 100 -33.02 29.19 -31.12
CA GLU D 100 -33.11 30.33 -30.20
C GLU D 100 -32.05 30.19 -29.08
N PRO D 101 -31.43 31.29 -28.61
CA PRO D 101 -30.42 31.15 -27.54
C PRO D 101 -30.93 30.34 -26.36
N GLY D 102 -30.12 29.38 -25.92
CA GLY D 102 -30.46 28.49 -24.80
C GLY D 102 -31.17 27.22 -25.21
N VAL D 103 -31.56 27.11 -26.50
CA VAL D 103 -32.25 25.94 -27.01
C VAL D 103 -31.34 25.11 -27.92
N GLY D 104 -30.98 23.92 -27.46
CA GLY D 104 -30.14 23.01 -28.24
C GLY D 104 -28.72 23.47 -28.51
N CYS D 105 -28.15 23.02 -29.62
CA CYS D 105 -26.78 23.32 -30.04
C CYS D 105 -26.79 24.47 -31.05
N ALA D 106 -26.00 25.53 -30.81
CA ALA D 106 -25.95 26.69 -31.71
C ALA D 106 -25.48 26.34 -33.13
N GLY D 107 -24.58 25.37 -33.24
CA GLY D 107 -24.05 24.95 -34.53
C GLY D 107 -24.94 24.00 -35.33
N ARG D 108 -26.06 23.53 -34.72
CA ARG D 108 -26.99 22.63 -35.41
C ARG D 108 -27.53 23.22 -36.72
N GLY D 109 -27.60 24.55 -36.80
CA GLY D 109 -28.09 25.23 -37.97
C GLY D 109 -27.22 25.04 -39.20
N VAL D 110 -25.90 24.88 -38.98
CA VAL D 110 -24.93 24.69 -40.05
C VAL D 110 -25.11 23.31 -40.68
N ILE D 111 -25.23 22.26 -39.85
CA ILE D 111 -25.38 20.88 -40.30
C ILE D 111 -26.59 20.68 -41.21
N THR D 112 -27.78 21.11 -40.76
CA THR D 112 -28.99 20.95 -41.55
C THR D 112 -28.97 21.83 -42.82
N ALA D 113 -28.30 22.98 -42.78
CA ALA D 113 -28.23 23.86 -43.96
C ALA D 113 -27.35 23.26 -45.04
N VAL D 114 -26.21 22.66 -44.67
CA VAL D 114 -25.32 22.06 -45.66
C VAL D 114 -25.99 20.81 -46.26
N ASN D 115 -26.66 20.02 -45.42
CA ASN D 115 -27.34 18.80 -45.91
C ASN D 115 -28.53 19.19 -46.79
N LEU D 116 -29.34 20.15 -46.34
CA LEU D 116 -30.53 20.54 -47.11
C LEU D 116 -30.10 21.08 -48.47
N MET D 117 -29.06 21.93 -48.50
CA MET D 117 -28.55 22.48 -49.76
C MET D 117 -27.98 21.33 -50.62
N LYS D 118 -27.35 20.34 -49.98
CA LYS D 118 -26.79 19.17 -50.67
C LYS D 118 -27.94 18.40 -51.35
N GLU D 119 -29.10 18.29 -50.68
CA GLU D 119 -30.26 17.59 -51.23
C GLU D 119 -30.88 18.34 -52.41
N LEU D 120 -31.07 19.68 -52.28
CA LEU D 120 -31.65 20.45 -53.39
C LEU D 120 -30.60 20.79 -54.48
N GLY D 121 -29.35 20.38 -54.29
CA GLY D 121 -28.29 20.69 -55.25
C GLY D 121 -28.07 22.18 -55.39
N GLY D 122 -28.06 22.86 -54.26
CA GLY D 122 -27.88 24.31 -54.19
C GLY D 122 -26.47 24.79 -54.41
N TYR D 123 -25.51 23.86 -54.56
CA TYR D 123 -24.12 24.19 -54.82
C TYR D 123 -23.87 23.97 -56.30
N PRO D 124 -23.91 25.03 -57.15
CA PRO D 124 -23.73 24.87 -58.60
C PRO D 124 -22.38 24.21 -58.93
N ASP D 125 -22.38 23.24 -59.85
CA ASP D 125 -21.14 22.58 -60.25
C ASP D 125 -20.17 23.55 -60.92
N ASP D 126 -20.70 24.54 -61.66
CA ASP D 126 -19.86 25.53 -62.35
C ASP D 126 -19.36 26.66 -61.44
N LEU D 127 -19.41 26.49 -60.11
CA LEU D 127 -18.92 27.54 -59.21
C LEU D 127 -17.40 27.63 -59.31
N ASP D 128 -16.87 28.82 -59.08
CA ASP D 128 -15.43 29.07 -59.11
C ASP D 128 -14.87 29.13 -57.69
N PHE D 129 -15.68 29.57 -56.72
CA PHE D 129 -15.25 29.64 -55.32
C PHE D 129 -16.47 29.56 -54.39
N LEU D 130 -16.27 29.03 -53.19
CA LEU D 130 -17.34 28.89 -52.21
C LEU D 130 -16.80 29.29 -50.84
N PHE D 131 -17.37 30.32 -50.22
CA PHE D 131 -16.89 30.76 -48.90
C PHE D 131 -17.90 30.43 -47.80
N PHE D 132 -17.37 30.07 -46.60
CA PHE D 132 -18.16 29.73 -45.41
C PHE D 132 -17.80 30.67 -44.26
N ASP D 133 -18.66 31.63 -43.94
CA ASP D 133 -18.38 32.55 -42.83
C ASP D 133 -18.78 31.81 -41.57
N VAL D 134 -17.81 31.34 -40.78
CA VAL D 134 -18.13 30.48 -39.60
C VAL D 134 -17.74 31.16 -38.28
N LEU D 135 -18.51 30.91 -37.21
CA LEU D 135 -18.21 31.43 -35.88
C LEU D 135 -17.03 30.64 -35.30
N GLY D 136 -15.97 31.35 -34.92
CA GLY D 136 -14.76 30.73 -34.38
C GLY D 136 -14.52 30.89 -32.89
N ASP D 137 -15.49 31.50 -32.17
CA ASP D 137 -15.33 31.67 -30.72
C ASP D 137 -15.25 30.31 -30.02
N VAL D 138 -15.96 29.30 -30.55
CA VAL D 138 -15.94 27.93 -30.04
C VAL D 138 -15.82 27.01 -31.24
N VAL D 139 -14.93 26.03 -31.16
CA VAL D 139 -14.72 25.08 -32.29
C VAL D 139 -15.38 23.75 -31.94
N CYS D 140 -16.71 23.66 -32.13
CA CYS D 140 -17.45 22.43 -31.77
C CYS D 140 -18.73 22.39 -32.59
N GLY D 141 -19.41 21.25 -32.60
CA GLY D 141 -20.66 21.06 -33.31
C GLY D 141 -20.58 21.46 -34.78
N GLY D 142 -21.60 22.15 -35.26
CA GLY D 142 -21.66 22.60 -36.64
C GLY D 142 -20.55 23.56 -37.01
N PHE D 143 -20.02 24.31 -36.04
CA PHE D 143 -18.93 25.25 -36.31
C PHE D 143 -17.64 24.52 -36.66
N ALA D 144 -17.40 23.37 -36.02
CA ALA D 144 -16.21 22.56 -36.30
C ALA D 144 -16.45 21.55 -37.46
N MET D 145 -17.68 21.43 -37.97
CA MET D 145 -18.01 20.50 -39.05
C MET D 145 -17.19 20.77 -40.33
N PRO D 146 -17.02 22.02 -40.82
CA PRO D 146 -16.21 22.22 -42.03
C PRO D 146 -14.79 21.67 -41.92
N LEU D 147 -14.22 21.67 -40.69
CA LEU D 147 -12.87 21.16 -40.46
C LEU D 147 -12.89 19.64 -40.36
N ARG D 148 -13.94 19.07 -39.74
CA ARG D 148 -14.05 17.63 -39.55
C ARG D 148 -14.43 16.87 -40.80
N ASP D 149 -15.49 17.33 -41.49
CA ASP D 149 -16.01 16.61 -42.68
C ASP D 149 -15.37 17.12 -43.98
N GLY D 150 -14.30 17.93 -43.88
CA GLY D 150 -13.59 18.39 -45.06
C GLY D 150 -14.49 19.13 -46.04
N LEU D 151 -15.40 19.98 -45.52
CA LEU D 151 -16.32 20.73 -46.38
C LEU D 151 -15.50 21.74 -47.17
N ALA D 152 -14.61 22.47 -46.48
CA ALA D 152 -13.72 23.44 -47.09
C ALA D 152 -12.31 22.97 -46.74
N LYS D 153 -11.49 22.70 -47.76
CA LYS D 153 -10.13 22.21 -47.53
C LYS D 153 -9.15 23.31 -47.13
N GLU D 154 -9.45 24.57 -47.48
CA GLU D 154 -8.57 25.69 -47.16
C GLU D 154 -9.23 26.59 -46.12
N ILE D 155 -8.53 26.86 -45.02
CA ILE D 155 -9.06 27.69 -43.93
C ILE D 155 -8.22 28.95 -43.78
N TYR D 156 -8.87 30.08 -43.51
CA TYR D 156 -8.18 31.34 -43.28
C TYR D 156 -8.81 31.94 -42.04
N ILE D 157 -8.01 32.44 -41.10
CA ILE D 157 -8.55 32.98 -39.86
C ILE D 157 -8.28 34.48 -39.75
N VAL D 158 -9.34 35.30 -39.70
CA VAL D 158 -9.19 36.74 -39.57
C VAL D 158 -8.84 37.04 -38.11
N SER D 159 -7.77 37.80 -37.88
CA SER D 159 -7.32 38.13 -36.52
C SER D 159 -6.67 39.51 -36.46
N SER D 160 -6.60 40.08 -35.26
CA SER D 160 -5.99 41.37 -35.01
C SER D 160 -4.90 41.18 -33.94
N GLY D 161 -4.21 42.26 -33.56
CA GLY D 161 -3.17 42.19 -32.54
C GLY D 161 -3.67 41.86 -31.16
N GLU D 162 -5.00 41.87 -30.95
CA GLU D 162 -5.60 41.57 -29.65
C GLU D 162 -5.28 40.15 -29.21
N MET D 163 -5.08 39.96 -27.90
CA MET D 163 -4.77 38.65 -27.33
C MET D 163 -5.91 37.66 -27.58
N MET D 164 -7.17 38.10 -27.39
CA MET D 164 -8.32 37.23 -27.59
C MET D 164 -8.44 36.79 -29.04
N ALA D 165 -8.15 37.70 -30.00
CA ALA D 165 -8.23 37.36 -31.42
C ALA D 165 -7.16 36.32 -31.77
N LEU D 166 -5.95 36.45 -31.21
CA LEU D 166 -4.88 35.49 -31.47
C LEU D 166 -5.17 34.17 -30.74
N TYR D 167 -5.76 34.24 -29.53
CA TYR D 167 -6.12 33.05 -28.76
C TYR D 167 -7.12 32.22 -29.56
N ALA D 168 -8.16 32.88 -30.11
CA ALA D 168 -9.17 32.20 -30.92
C ALA D 168 -8.52 31.58 -32.14
N ALA D 169 -7.64 32.32 -32.83
CA ALA D 169 -6.95 31.82 -34.00
C ALA D 169 -6.11 30.59 -33.68
N ASN D 170 -5.46 30.58 -32.51
CA ASN D 170 -4.65 29.45 -32.10
C ASN D 170 -5.55 28.24 -31.82
N ASN D 171 -6.72 28.46 -31.22
CA ASN D 171 -7.67 27.39 -30.92
C ASN D 171 -8.22 26.80 -32.22
N ILE D 172 -8.48 27.63 -33.23
CA ILE D 172 -8.99 27.14 -34.51
C ILE D 172 -7.88 26.28 -35.16
N ALA D 173 -6.61 26.73 -35.05
CA ALA D 173 -5.47 25.99 -35.56
C ALA D 173 -5.38 24.61 -34.89
N LYS D 174 -5.73 24.54 -33.59
CA LYS D 174 -5.72 23.27 -32.86
C LYS D 174 -6.74 22.30 -33.46
N GLY D 175 -7.91 22.83 -33.83
CA GLY D 175 -8.97 22.04 -34.46
C GLY D 175 -8.57 21.58 -35.85
N ILE D 176 -7.87 22.43 -36.61
CA ILE D 176 -7.38 22.02 -37.96
C ILE D 176 -6.36 20.91 -37.76
N LEU D 177 -5.54 20.98 -36.73
CA LEU D 177 -4.50 19.95 -36.62
C LEU D 177 -5.11 18.62 -36.16
N LYS D 178 -6.15 18.66 -35.32
CA LYS D 178 -6.81 17.41 -34.91
C LYS D 178 -7.36 16.64 -36.11
N TYR D 179 -8.03 17.34 -37.04
CA TYR D 179 -8.63 16.69 -38.21
C TYR D 179 -7.89 16.97 -39.52
N ALA D 180 -6.56 17.08 -39.47
CA ALA D 180 -5.76 17.33 -40.67
C ALA D 180 -5.55 16.07 -41.50
N GLU D 181 -5.26 14.93 -40.85
CA GLU D 181 -5.04 13.68 -41.57
C GLU D 181 -6.35 13.02 -41.98
N GLN D 182 -7.37 13.09 -41.12
CA GLN D 182 -8.67 12.47 -41.39
C GLN D 182 -9.39 13.13 -42.57
N SER D 183 -9.50 14.46 -42.58
CA SER D 183 -10.23 15.18 -43.63
C SER D 183 -9.35 15.87 -44.68
N GLY D 184 -8.07 16.04 -44.41
CA GLY D 184 -7.18 16.72 -45.34
C GLY D 184 -7.34 18.22 -45.34
N VAL D 185 -7.90 18.78 -44.26
CA VAL D 185 -8.10 20.23 -44.14
C VAL D 185 -6.77 20.91 -43.78
N ARG D 186 -6.52 22.11 -44.33
CA ARG D 186 -5.27 22.83 -44.09
C ARG D 186 -5.49 24.32 -43.84
N LEU D 187 -4.49 24.98 -43.23
CA LEU D 187 -4.56 26.41 -42.95
C LEU D 187 -3.80 27.17 -44.04
N GLY D 188 -4.53 27.96 -44.81
CA GLY D 188 -3.94 28.75 -45.89
C GLY D 188 -3.15 29.96 -45.39
N GLY D 189 -3.58 30.55 -44.28
CA GLY D 189 -2.89 31.70 -43.71
C GLY D 189 -3.76 32.53 -42.80
N ILE D 190 -3.15 33.53 -42.16
CA ILE D 190 -3.82 34.45 -41.22
C ILE D 190 -4.10 35.77 -41.93
N ILE D 191 -5.35 36.23 -41.92
CA ILE D 191 -5.72 37.51 -42.54
C ILE D 191 -5.79 38.50 -41.40
N CYS D 192 -5.07 39.61 -41.48
CA CYS D 192 -5.09 40.61 -40.42
C CYS D 192 -6.05 41.74 -40.69
N ASN D 193 -7.06 41.91 -39.84
CA ASN D 193 -7.98 43.02 -39.97
C ASN D 193 -7.46 44.06 -39.01
N SER D 194 -6.70 45.04 -39.53
CA SER D 194 -6.06 46.09 -38.71
C SER D 194 -7.01 46.88 -37.82
N ARG D 195 -6.49 47.27 -36.64
CA ARG D 195 -7.16 48.08 -35.63
C ARG D 195 -6.44 49.43 -35.44
N ASN D 196 -5.48 49.77 -36.33
CA ASN D 196 -4.70 51.01 -36.28
C ASN D 196 -3.82 51.11 -35.02
N VAL D 197 -3.16 50.00 -34.63
CA VAL D 197 -2.26 50.03 -33.46
C VAL D 197 -0.82 49.92 -33.94
N ASP D 198 0.12 50.44 -33.14
CA ASP D 198 1.54 50.44 -33.49
C ASP D 198 2.12 49.03 -33.52
N GLY D 199 2.83 48.70 -34.60
CA GLY D 199 3.48 47.40 -34.75
C GLY D 199 2.54 46.21 -34.77
N GLU D 200 1.34 46.37 -35.34
CA GLU D 200 0.38 45.28 -35.40
C GLU D 200 0.86 44.21 -36.38
N ARG D 201 1.33 44.63 -37.56
CA ARG D 201 1.83 43.72 -38.60
C ARG D 201 3.01 42.90 -38.09
N GLU D 202 3.96 43.54 -37.40
CA GLU D 202 5.15 42.86 -36.87
C GLU D 202 4.79 41.74 -35.90
N LEU D 203 3.81 41.99 -35.02
CA LEU D 203 3.38 40.98 -34.05
C LEU D 203 2.71 39.81 -34.79
N MET D 204 1.86 40.13 -35.76
CA MET D 204 1.15 39.07 -36.52
C MET D 204 2.17 38.20 -37.26
N GLU D 205 3.17 38.81 -37.89
CA GLU D 205 4.12 38.05 -38.68
C GLU D 205 4.89 37.06 -37.81
N GLU D 206 5.27 37.47 -36.58
CA GLU D 206 5.97 36.55 -35.67
C GLU D 206 5.00 35.45 -35.19
N PHE D 207 3.72 35.81 -35.01
CA PHE D 207 2.69 34.83 -34.60
C PHE D 207 2.54 33.76 -35.68
N CYS D 208 2.49 34.17 -36.96
CA CYS D 208 2.37 33.22 -38.07
C CYS D 208 3.60 32.33 -38.15
N ASP D 209 4.79 32.90 -37.89
CA ASP D 209 6.05 32.16 -37.91
C ASP D 209 6.01 31.01 -36.90
N LYS D 210 5.58 31.27 -35.65
CA LYS D 210 5.51 30.23 -34.63
C LYS D 210 4.36 29.26 -34.94
N LEU D 211 3.27 29.76 -35.52
CA LEU D 211 2.14 28.90 -35.88
C LEU D 211 2.43 28.04 -37.13
N GLY D 212 3.54 28.30 -37.81
CA GLY D 212 3.92 27.54 -39.00
C GLY D 212 3.17 27.92 -40.27
N THR D 213 2.62 29.14 -40.31
CA THR D 213 1.87 29.62 -41.49
C THR D 213 2.40 31.01 -41.90
N LYS D 214 1.72 31.71 -42.81
CA LYS D 214 2.18 33.03 -43.23
C LYS D 214 1.06 34.04 -43.16
N LEU D 215 1.41 35.30 -42.89
CA LEU D 215 0.44 36.40 -42.83
C LEU D 215 0.03 36.64 -44.29
N ILE D 216 -1.04 35.97 -44.74
CA ILE D 216 -1.51 36.09 -46.12
C ILE D 216 -1.70 37.54 -46.55
N HIS D 217 -2.34 38.33 -45.68
CA HIS D 217 -2.61 39.73 -46.06
C HIS D 217 -2.91 40.63 -44.87
N PHE D 218 -2.74 41.94 -45.07
CA PHE D 218 -2.98 42.95 -44.05
C PHE D 218 -4.06 43.92 -44.55
N ILE D 219 -5.29 43.79 -44.04
CA ILE D 219 -6.38 44.66 -44.45
C ILE D 219 -6.32 45.92 -43.56
N PRO D 220 -6.18 47.14 -44.12
CA PRO D 220 -6.16 48.33 -43.25
C PRO D 220 -7.53 48.71 -42.72
N ARG D 221 -7.56 49.47 -41.61
CA ARG D 221 -8.82 49.93 -41.04
C ARG D 221 -9.21 51.19 -41.80
N ASP D 222 -10.32 51.14 -42.54
CA ASP D 222 -10.75 52.28 -43.34
C ASP D 222 -12.21 52.64 -43.09
N ASN D 223 -12.50 53.94 -42.95
CA ASN D 223 -13.87 54.40 -42.71
C ASN D 223 -14.80 54.15 -43.91
N ILE D 224 -14.24 53.84 -45.10
CA ILE D 224 -15.07 53.57 -46.28
C ILE D 224 -15.96 52.33 -46.07
N VAL D 225 -15.56 51.42 -45.20
CA VAL D 225 -16.40 50.20 -44.91
C VAL D 225 -17.73 50.65 -44.30
N GLN D 226 -17.66 51.50 -43.27
CA GLN D 226 -18.86 52.00 -42.58
C GLN D 226 -19.67 52.96 -43.45
N LYS D 227 -19.02 53.70 -44.35
CA LYS D 227 -19.72 54.61 -45.26
C LYS D 227 -20.51 53.79 -46.28
N ALA D 228 -19.88 52.73 -46.82
CA ALA D 228 -20.55 51.84 -47.76
C ALA D 228 -21.65 51.04 -47.05
N GLU D 229 -21.45 50.75 -45.77
CA GLU D 229 -22.49 50.05 -44.99
C GLU D 229 -23.75 50.92 -44.99
N PHE D 230 -23.60 52.20 -44.64
CA PHE D 230 -24.74 53.10 -44.55
C PHE D 230 -25.51 53.12 -45.86
N ASN D 231 -24.82 53.01 -47.00
CA ASN D 231 -25.47 53.00 -48.31
C ASN D 231 -26.02 51.60 -48.69
N LYS D 232 -25.98 50.60 -47.77
CA LYS D 232 -26.45 49.24 -48.03
C LYS D 232 -25.72 48.68 -49.26
N MET D 233 -24.39 48.66 -49.19
CA MET D 233 -23.56 48.22 -50.32
C MET D 233 -22.18 47.77 -49.85
N THR D 234 -21.50 46.88 -50.62
CA THR D 234 -20.15 46.45 -50.24
C THR D 234 -19.19 47.56 -50.66
N VAL D 235 -17.95 47.55 -50.17
CA VAL D 235 -16.97 48.56 -50.54
C VAL D 235 -16.64 48.44 -52.05
N VAL D 236 -16.62 47.20 -52.58
CA VAL D 236 -16.34 46.96 -54.00
C VAL D 236 -17.45 47.58 -54.86
N GLU D 237 -18.71 47.36 -54.47
CA GLU D 237 -19.85 47.91 -55.22
C GLU D 237 -19.96 49.42 -55.07
N PHE D 238 -19.64 49.96 -53.88
CA PHE D 238 -19.72 51.39 -53.61
C PHE D 238 -18.62 52.17 -54.32
N ALA D 239 -17.35 51.77 -54.15
CA ALA D 239 -16.24 52.48 -54.76
C ALA D 239 -15.17 51.47 -55.22
N PRO D 240 -15.32 50.85 -56.39
CA PRO D 240 -14.30 49.87 -56.82
C PRO D 240 -12.91 50.44 -57.05
N ASP D 241 -12.78 51.78 -57.16
CA ASP D 241 -11.49 52.43 -57.36
C ASP D 241 -10.85 52.90 -56.04
N HIS D 242 -11.51 52.68 -54.88
CA HIS D 242 -10.97 53.08 -53.59
C HIS D 242 -9.83 52.14 -53.18
N PRO D 243 -8.74 52.63 -52.56
CA PRO D 243 -7.65 51.72 -52.16
C PRO D 243 -8.12 50.49 -51.37
N GLN D 244 -9.16 50.66 -50.53
CA GLN D 244 -9.67 49.54 -49.73
C GLN D 244 -10.26 48.47 -50.64
N ALA D 245 -11.05 48.85 -51.66
CA ALA D 245 -11.63 47.89 -52.60
C ALA D 245 -10.52 47.12 -53.32
N LEU D 246 -9.43 47.85 -53.66
CA LEU D 246 -8.24 47.32 -54.32
C LEU D 246 -7.60 46.26 -53.42
N GLU D 247 -7.56 46.54 -52.10
CA GLU D 247 -6.96 45.58 -51.14
C GLU D 247 -7.71 44.23 -51.22
N TYR D 248 -9.04 44.26 -51.07
CA TYR D 248 -9.82 43.02 -51.08
C TYR D 248 -9.60 42.25 -52.40
N LYS D 249 -9.38 42.98 -53.51
CA LYS D 249 -9.10 42.36 -54.81
C LYS D 249 -7.76 41.64 -54.75
N LYS D 250 -6.79 42.19 -54.01
CA LYS D 250 -5.47 41.55 -53.89
C LYS D 250 -5.63 40.28 -53.08
N LEU D 251 -6.29 40.38 -51.90
CA LEU D 251 -6.52 39.22 -51.03
C LEU D 251 -7.24 38.12 -51.79
N GLY D 252 -8.23 38.50 -52.58
CA GLY D 252 -8.99 37.54 -53.38
C GLY D 252 -8.11 36.72 -54.30
N LYS D 253 -7.19 37.39 -54.99
CA LYS D 253 -6.26 36.72 -55.89
C LYS D 253 -5.30 35.83 -55.10
N LYS D 254 -4.77 36.31 -53.95
CA LYS D 254 -3.85 35.49 -53.16
C LYS D 254 -4.53 34.23 -52.65
N ILE D 255 -5.83 34.32 -52.29
CA ILE D 255 -6.55 33.12 -51.83
C ILE D 255 -6.68 32.15 -53.00
N MET D 256 -7.06 32.63 -54.18
CA MET D 256 -7.21 31.78 -55.36
C MET D 256 -5.90 31.13 -55.79
N ASP D 257 -4.79 31.89 -55.73
CA ASP D 257 -3.49 31.36 -56.21
C ASP D 257 -2.67 30.78 -55.05
N ASN D 258 -3.29 30.55 -53.89
CA ASN D 258 -2.55 30.08 -52.74
C ASN D 258 -2.19 28.60 -52.84
N ASP D 259 -0.91 28.30 -52.68
CA ASP D 259 -0.37 26.93 -52.72
C ASP D 259 0.25 26.54 -51.36
N GLU D 260 0.54 27.52 -50.48
CA GLU D 260 1.12 27.24 -49.18
C GLU D 260 0.08 26.83 -48.15
N LEU D 261 -0.46 25.61 -48.29
CA LEU D 261 -1.44 25.07 -47.36
C LEU D 261 -0.65 24.22 -46.36
N VAL D 262 -0.62 24.63 -45.09
CA VAL D 262 0.27 23.90 -44.13
C VAL D 262 -0.51 23.45 -42.89
N ILE D 263 -0.11 22.31 -42.30
CA ILE D 263 -0.74 21.87 -41.02
C ILE D 263 -0.16 22.76 -39.92
N PRO D 264 -0.99 23.36 -39.04
CA PRO D 264 -0.48 24.32 -38.05
C PRO D 264 0.36 23.75 -36.88
N THR D 265 1.13 24.60 -36.22
CA THR D 265 1.90 24.21 -35.04
C THR D 265 1.37 25.12 -33.93
N PRO D 266 0.23 24.77 -33.29
CA PRO D 266 -0.31 25.65 -32.26
C PRO D 266 0.67 26.03 -31.15
N LEU D 267 0.60 27.28 -30.71
CA LEU D 267 1.47 27.81 -29.67
C LEU D 267 0.92 27.39 -28.30
N SER D 268 1.80 27.31 -27.30
CA SER D 268 1.37 26.98 -25.96
C SER D 268 0.82 28.27 -25.32
N MET D 269 0.08 28.16 -24.20
CA MET D 269 -0.45 29.34 -23.53
C MET D 269 0.76 30.27 -23.29
N ASP D 270 1.80 29.77 -22.61
CA ASP D 270 3.01 30.55 -22.33
C ASP D 270 3.61 31.28 -23.54
N GLU D 271 3.77 30.57 -24.67
CA GLU D 271 4.35 31.16 -25.89
C GLU D 271 3.52 32.34 -26.38
N LEU D 272 2.19 32.22 -26.35
CA LEU D 272 1.31 33.28 -26.81
C LEU D 272 1.38 34.49 -25.87
N GLU D 273 1.46 34.23 -24.57
CA GLU D 273 1.57 35.34 -23.58
C GLU D 273 2.87 36.11 -23.83
N LYS D 274 4.00 35.41 -23.83
CA LYS D 274 5.30 36.07 -24.02
C LYS D 274 5.37 36.84 -25.34
N LEU D 275 4.53 36.48 -26.32
CA LEU D 275 4.54 37.17 -27.61
C LEU D 275 3.76 38.48 -27.52
N VAL D 276 2.56 38.47 -26.91
CA VAL D 276 1.78 39.70 -26.76
C VAL D 276 2.48 40.69 -25.82
N GLU D 277 3.20 40.19 -24.79
CA GLU D 277 3.92 41.09 -23.87
C GLU D 277 5.13 41.71 -24.57
N LYS D 278 5.77 40.96 -25.49
CA LYS D 278 6.93 41.43 -26.24
C LYS D 278 6.59 42.71 -27.02
N TYR D 279 5.43 42.73 -27.67
CA TYR D 279 5.00 43.89 -28.46
C TYR D 279 4.10 44.84 -27.65
N GLY D 280 2.87 44.43 -27.34
CA GLY D 280 1.91 45.24 -26.60
C GLY D 280 1.55 46.53 -27.28
N ASP E 4 14.76 49.06 -24.38
CA ASP E 4 16.08 49.20 -25.00
C ASP E 4 16.24 50.51 -25.76
N GLU E 5 15.12 51.13 -26.23
CA GLU E 5 15.22 52.41 -26.94
C GLU E 5 15.31 53.61 -26.00
N ILE E 6 14.92 53.48 -24.71
CA ILE E 6 15.03 54.60 -23.77
C ILE E 6 16.52 54.82 -23.51
N ALA E 7 17.04 56.02 -23.82
CA ALA E 7 18.46 56.36 -23.65
C ALA E 7 19.37 55.27 -24.26
N PRO E 8 19.36 55.10 -25.59
CA PRO E 8 20.19 54.04 -26.19
C PRO E 8 21.69 54.29 -26.13
N ASN E 9 22.12 55.57 -26.16
CA ASN E 9 23.54 55.90 -26.10
C ASN E 9 24.07 55.99 -24.65
N ALA E 10 23.22 55.69 -23.65
CA ALA E 10 23.62 55.74 -22.25
C ALA E 10 23.85 54.36 -21.66
N LYS E 11 24.70 54.29 -20.63
CA LYS E 11 24.98 53.03 -19.95
C LYS E 11 23.94 52.88 -18.83
N LYS E 12 22.99 51.97 -19.00
CA LYS E 12 21.94 51.75 -18.01
C LYS E 12 22.45 50.85 -16.90
N VAL E 13 22.54 51.39 -15.68
CA VAL E 13 23.01 50.65 -14.51
C VAL E 13 21.98 50.70 -13.38
N ALA E 14 21.89 49.64 -12.59
CA ALA E 14 20.98 49.58 -11.45
C ALA E 14 21.76 49.15 -10.23
N ILE E 15 21.69 49.95 -9.15
CA ILE E 15 22.40 49.70 -7.91
C ILE E 15 21.51 49.00 -6.89
N TYR E 16 22.01 47.88 -6.36
CA TYR E 16 21.24 47.11 -5.36
C TYR E 16 22.03 47.00 -4.07
N GLY E 17 21.44 46.36 -3.06
CA GLY E 17 22.07 46.17 -1.77
C GLY E 17 21.07 46.20 -0.65
N LYS E 18 21.54 45.94 0.56
CA LYS E 18 20.67 45.94 1.74
C LYS E 18 20.32 47.38 2.13
N GLY E 19 19.27 47.56 2.89
CA GLY E 19 18.86 48.89 3.35
C GLY E 19 19.90 49.50 4.26
N GLY E 20 20.29 50.74 3.96
CA GLY E 20 21.29 51.43 4.76
C GLY E 20 22.72 51.01 4.49
N ILE E 21 22.95 50.24 3.43
CA ILE E 21 24.30 49.77 3.09
C ILE E 21 25.13 50.86 2.39
N GLY E 22 24.50 51.92 1.91
CA GLY E 22 25.21 53.01 1.24
C GLY E 22 24.93 53.06 -0.25
N LYS E 23 23.74 52.64 -0.67
CA LYS E 23 23.37 52.66 -2.08
C LYS E 23 23.22 54.09 -2.57
N SER E 24 22.41 54.90 -1.87
CA SER E 24 22.16 56.29 -2.23
C SER E 24 23.45 57.10 -2.20
N THR E 25 24.30 56.88 -1.18
CA THR E 25 25.56 57.60 -1.07
C THR E 25 26.47 57.25 -2.25
N THR E 26 26.63 55.96 -2.56
CA THR E 26 27.49 55.54 -3.66
C THR E 26 26.95 55.99 -5.02
N THR E 27 25.65 55.76 -5.29
CA THR E 27 25.02 56.14 -6.55
C THR E 27 25.14 57.64 -6.82
N GLN E 28 24.81 58.47 -5.83
CA GLN E 28 24.87 59.92 -5.99
C GLN E 28 26.28 60.44 -6.20
N ASN E 29 27.23 60.01 -5.36
CA ASN E 29 28.60 60.47 -5.47
C ASN E 29 29.27 59.96 -6.75
N THR E 30 28.94 58.75 -7.20
CA THR E 30 29.51 58.21 -8.44
C THR E 30 29.00 59.03 -9.61
N ALA E 31 27.69 59.32 -9.64
CA ALA E 31 27.09 60.12 -10.70
C ALA E 31 27.68 61.53 -10.69
N ALA E 32 27.86 62.11 -9.49
CA ALA E 32 28.44 63.44 -9.35
C ALA E 32 29.86 63.47 -9.90
N ALA E 33 30.63 62.41 -9.67
CA ALA E 33 32.00 62.31 -10.14
C ALA E 33 32.06 62.25 -11.67
N LEU E 34 31.16 61.49 -12.30
CA LEU E 34 31.15 61.38 -13.77
C LEU E 34 30.73 62.68 -14.41
N ALA E 35 29.74 63.37 -13.84
CA ALA E 35 29.26 64.63 -14.37
C ALA E 35 30.23 65.79 -14.11
N TYR E 36 31.01 65.70 -13.02
CA TYR E 36 31.95 66.78 -12.69
C TYR E 36 33.35 66.59 -13.29
N TYR E 37 34.02 65.46 -13.02
CA TYR E 37 35.36 65.24 -13.53
C TYR E 37 35.41 64.97 -15.03
N TYR E 38 34.54 64.09 -15.52
CA TYR E 38 34.53 63.74 -16.95
C TYR E 38 33.51 64.54 -17.78
N LYS E 39 32.64 65.32 -17.12
CA LYS E 39 31.64 66.16 -17.79
C LYS E 39 30.60 65.36 -18.59
N LEU E 40 30.11 64.26 -18.01
CA LEU E 40 29.09 63.44 -18.66
C LEU E 40 27.71 63.81 -18.12
N LYS E 41 26.68 63.76 -18.97
CA LYS E 41 25.33 64.10 -18.52
C LYS E 41 24.64 62.81 -18.06
N GLY E 42 24.15 62.81 -16.83
CA GLY E 42 23.51 61.63 -16.24
C GLY E 42 22.12 61.88 -15.68
N MET E 43 21.56 60.80 -15.15
CA MET E 43 20.19 60.87 -14.59
C MET E 43 20.03 59.77 -13.55
N ILE E 44 19.47 60.10 -12.38
CA ILE E 44 19.29 59.13 -11.31
C ILE E 44 17.79 58.92 -11.14
N HIS E 45 17.36 57.65 -11.15
CA HIS E 45 15.96 57.31 -10.96
C HIS E 45 15.87 56.51 -9.68
N GLY E 46 15.51 57.21 -8.60
CA GLY E 46 15.38 56.61 -7.29
C GLY E 46 14.21 55.66 -7.23
N CYS E 47 14.50 54.38 -7.03
CA CYS E 47 13.48 53.34 -6.98
C CYS E 47 13.38 52.72 -5.57
N ASP E 48 13.72 53.50 -4.54
CA ASP E 48 13.68 53.08 -3.15
C ASP E 48 12.54 53.86 -2.49
N PRO E 49 11.59 53.22 -1.78
CA PRO E 49 10.49 53.99 -1.18
C PRO E 49 10.93 55.03 -0.14
N LYS E 50 12.21 55.03 0.26
CA LYS E 50 12.70 56.02 1.22
C LYS E 50 12.66 57.44 0.62
N ALA E 51 12.77 57.55 -0.72
CA ALA E 51 12.71 58.79 -1.48
C ALA E 51 13.79 59.82 -1.12
N ASP E 52 15.00 59.36 -0.79
CA ASP E 52 16.11 60.24 -0.47
C ASP E 52 17.34 59.94 -1.35
N SER E 53 17.17 59.16 -2.43
CA SER E 53 18.25 58.77 -3.32
C SER E 53 18.74 59.91 -4.25
N THR E 54 18.08 61.07 -4.23
CA THR E 54 18.48 62.21 -5.06
C THR E 54 18.57 63.53 -4.25
N ARG E 55 18.52 63.47 -2.92
CA ARG E 55 18.56 64.68 -2.11
C ARG E 55 19.90 65.42 -2.19
N MET E 56 21.02 64.70 -2.22
CA MET E 56 22.34 65.33 -2.26
C MET E 56 22.62 66.00 -3.61
N ILE E 57 22.18 65.38 -4.70
CA ILE E 57 22.35 66.02 -6.05
C ILE E 57 21.50 67.30 -6.07
N LEU E 58 20.31 67.26 -5.46
CA LEU E 58 19.43 68.43 -5.43
C LEU E 58 19.78 69.42 -4.29
N HIS E 59 20.99 69.33 -3.72
CA HIS E 59 21.46 70.23 -2.68
C HIS E 59 20.59 70.25 -1.42
N GLY E 60 20.30 69.07 -0.88
CA GLY E 60 19.50 68.93 0.33
C GLY E 60 18.00 69.09 0.17
N LYS E 61 17.55 69.69 -0.95
CA LYS E 61 16.12 69.90 -1.17
C LYS E 61 15.39 68.58 -1.46
N PRO E 62 14.35 68.22 -0.67
CA PRO E 62 13.63 66.97 -0.94
C PRO E 62 12.83 67.05 -2.24
N GLN E 63 12.76 65.93 -2.96
CA GLN E 63 12.03 65.87 -4.23
C GLN E 63 10.66 65.26 -4.09
N GLU E 64 9.68 65.85 -4.78
CA GLU E 64 8.31 65.28 -4.79
C GLU E 64 8.35 63.99 -5.60
N THR E 65 7.86 62.90 -5.02
CA THR E 65 7.91 61.62 -5.73
C THR E 65 6.85 61.58 -6.83
N VAL E 66 6.99 60.68 -7.79
CA VAL E 66 6.02 60.53 -8.88
C VAL E 66 4.65 60.17 -8.30
N MET E 67 4.63 59.26 -7.31
CA MET E 67 3.39 58.85 -6.68
C MET E 67 2.69 60.04 -6.02
N ASP E 68 3.45 60.92 -5.36
CA ASP E 68 2.90 62.10 -4.70
C ASP E 68 2.30 63.07 -5.71
N VAL E 69 2.98 63.30 -6.84
CA VAL E 69 2.50 64.22 -7.87
C VAL E 69 1.23 63.66 -8.52
N LEU E 70 1.18 62.35 -8.83
CA LEU E 70 -0.05 61.76 -9.41
C LEU E 70 -1.22 61.92 -8.42
N ARG E 71 -0.96 61.70 -7.14
CA ARG E 71 -1.98 61.75 -6.10
C ARG E 71 -2.66 63.12 -5.98
N GLU E 72 -1.88 64.22 -6.00
CA GLU E 72 -2.44 65.56 -5.84
C GLU E 72 -2.83 66.23 -7.17
N GLU E 73 -1.98 66.16 -8.19
CA GLU E 73 -2.25 66.81 -9.47
C GLU E 73 -3.06 65.95 -10.45
N GLY E 74 -2.99 64.63 -10.31
CA GLY E 74 -3.68 63.73 -11.22
C GLY E 74 -2.91 63.58 -12.51
N GLU E 75 -3.18 62.51 -13.26
CA GLU E 75 -2.41 62.23 -14.51
C GLU E 75 -2.44 63.41 -15.50
N GLU E 76 -3.44 64.28 -15.39
CA GLU E 76 -3.58 65.39 -16.39
C GLU E 76 -2.60 66.47 -15.95
N GLY E 77 -2.65 66.88 -14.68
CA GLY E 77 -1.80 67.96 -14.18
C GLY E 77 -0.35 67.57 -13.91
N VAL E 78 0.04 66.38 -14.37
CA VAL E 78 1.45 65.91 -14.15
C VAL E 78 2.34 66.42 -15.29
N THR E 79 3.40 67.15 -14.94
CA THR E 79 4.34 67.64 -15.95
C THR E 79 5.74 67.07 -15.66
N LEU E 80 6.65 67.16 -16.64
CA LEU E 80 8.01 66.67 -16.50
C LEU E 80 8.82 67.52 -15.50
N GLU E 81 8.44 68.79 -15.30
CA GLU E 81 9.14 69.68 -14.37
C GLU E 81 8.82 69.37 -12.90
N LYS E 82 7.67 68.74 -12.62
CA LYS E 82 7.25 68.43 -11.25
C LYS E 82 7.89 67.11 -10.77
N VAL E 83 8.14 66.19 -11.69
CA VAL E 83 8.68 64.86 -11.31
C VAL E 83 10.19 64.82 -11.53
N ARG E 84 10.69 65.51 -12.55
CA ARG E 84 12.10 65.48 -12.87
C ARG E 84 12.75 66.83 -12.58
N LYS E 85 13.76 66.85 -11.68
CA LYS E 85 14.46 68.07 -11.30
C LYS E 85 15.93 68.00 -11.73
N VAL E 86 16.59 69.16 -11.87
CA VAL E 86 18.01 69.21 -12.26
C VAL E 86 18.83 69.62 -11.04
N GLY E 87 19.94 68.93 -10.81
CA GLY E 87 20.81 69.21 -9.67
C GLY E 87 22.26 69.45 -10.06
N PHE E 88 23.18 68.96 -9.22
CA PHE E 88 24.62 69.13 -9.44
C PHE E 88 25.07 68.68 -10.83
N CYS E 89 25.82 69.54 -11.53
CA CYS E 89 26.35 69.28 -12.88
C CYS E 89 25.28 68.79 -13.86
N GLY E 90 24.10 69.39 -13.81
CA GLY E 90 23.00 69.05 -14.70
C GLY E 90 22.48 67.62 -14.62
N ILE E 91 22.65 66.95 -13.47
CA ILE E 91 22.17 65.58 -13.32
C ILE E 91 20.66 65.64 -13.09
N TYR E 92 19.86 65.02 -13.97
CA TYR E 92 18.41 65.03 -13.78
C TYR E 92 18.09 63.99 -12.70
N CYS E 93 17.04 64.23 -11.91
CA CYS E 93 16.66 63.39 -10.78
C CYS E 93 15.18 63.07 -10.82
N VAL E 94 14.82 61.83 -10.45
CA VAL E 94 13.42 61.38 -10.40
C VAL E 94 13.29 60.41 -9.23
N GLU E 95 12.21 60.53 -8.45
CA GLU E 95 11.96 59.63 -7.33
C GLU E 95 10.65 58.92 -7.58
N SER E 96 10.69 57.58 -7.68
CA SER E 96 9.47 56.81 -7.95
C SER E 96 8.47 56.90 -6.80
N GLY E 97 8.95 56.76 -5.58
CA GLY E 97 8.11 56.79 -4.40
C GLY E 97 7.38 55.47 -4.24
N GLY E 98 6.27 55.49 -3.52
CA GLY E 98 5.49 54.28 -3.31
C GLY E 98 4.23 54.51 -2.52
N PRO E 99 3.40 53.47 -2.35
CA PRO E 99 2.17 53.64 -1.57
C PRO E 99 2.44 53.72 -0.07
N GLU E 100 1.43 54.11 0.71
CA GLU E 100 1.59 54.21 2.16
C GLU E 100 1.89 52.82 2.75
N PRO E 101 2.76 52.70 3.77
CA PRO E 101 3.04 51.36 4.34
C PRO E 101 1.78 50.58 4.69
N GLY E 102 1.74 49.33 4.24
CA GLY E 102 0.60 48.44 4.47
C GLY E 102 -0.45 48.49 3.38
N VAL E 103 -0.32 49.43 2.43
CA VAL E 103 -1.26 49.59 1.33
C VAL E 103 -0.66 49.13 0.01
N GLY E 104 -1.16 48.03 -0.52
CA GLY E 104 -0.71 47.49 -1.80
C GLY E 104 0.72 46.96 -1.82
N CYS E 105 1.34 47.02 -2.99
CA CYS E 105 2.71 46.54 -3.21
C CYS E 105 3.68 47.72 -3.15
N ALA E 106 4.74 47.60 -2.33
CA ALA E 106 5.72 48.66 -2.18
C ALA E 106 6.46 49.02 -3.48
N GLY E 107 6.68 48.04 -4.34
CA GLY E 107 7.37 48.26 -5.60
C GLY E 107 6.52 48.82 -6.73
N ARG E 108 5.20 48.99 -6.52
CA ARG E 108 4.33 49.50 -7.56
C ARG E 108 4.71 50.91 -8.03
N GLY E 109 5.32 51.70 -7.17
CA GLY E 109 5.73 53.05 -7.52
C GLY E 109 6.82 53.06 -8.59
N VAL E 110 7.66 52.02 -8.62
CA VAL E 110 8.73 51.92 -9.61
C VAL E 110 8.13 51.74 -11.01
N ILE E 111 7.06 50.93 -11.09
CA ILE E 111 6.34 50.62 -12.32
C ILE E 111 5.70 51.87 -12.91
N THR E 112 4.96 52.63 -12.09
CA THR E 112 4.27 53.83 -12.55
C THR E 112 5.26 54.89 -12.97
N ALA E 113 6.40 55.01 -12.27
CA ALA E 113 7.38 56.03 -12.59
C ALA E 113 8.13 55.74 -13.89
N VAL E 114 8.64 54.51 -14.08
CA VAL E 114 9.34 54.18 -15.32
C VAL E 114 8.46 54.42 -16.55
N ASN E 115 7.19 53.99 -16.50
CA ASN E 115 6.28 54.18 -17.62
C ASN E 115 5.91 55.65 -17.82
N LEU E 116 5.70 56.39 -16.72
CA LEU E 116 5.38 57.85 -16.80
C LEU E 116 6.57 58.59 -17.43
N MET E 117 7.78 58.09 -17.17
CA MET E 117 9.00 58.76 -17.70
C MET E 117 9.09 58.56 -19.22
N LYS E 118 8.77 57.35 -19.70
CA LYS E 118 8.90 57.10 -21.15
C LYS E 118 7.76 57.78 -21.92
N GLU E 119 6.56 57.88 -21.30
CA GLU E 119 5.42 58.53 -21.93
C GLU E 119 5.68 60.04 -22.10
N LEU E 120 6.38 60.66 -21.14
CA LEU E 120 6.68 62.08 -21.17
C LEU E 120 8.07 62.42 -21.78
N GLY E 121 8.80 61.41 -22.23
CA GLY E 121 10.13 61.62 -22.79
C GLY E 121 11.12 62.11 -21.74
N GLY E 122 10.99 61.55 -20.54
CA GLY E 122 11.83 61.89 -19.40
C GLY E 122 13.19 61.22 -19.39
N TYR E 123 13.53 60.45 -20.43
CA TYR E 123 14.83 59.80 -20.52
C TYR E 123 15.54 60.41 -21.73
N PRO E 124 16.41 61.43 -21.56
CA PRO E 124 17.04 62.03 -22.76
C PRO E 124 17.85 61.03 -23.57
N ASP E 125 17.69 61.07 -24.91
CA ASP E 125 18.41 60.15 -25.80
C ASP E 125 19.92 60.39 -25.75
N ASP E 126 20.35 61.66 -25.58
CA ASP E 126 21.76 62.00 -25.53
C ASP E 126 22.42 61.71 -24.16
N LEU E 127 21.78 60.88 -23.31
CA LEU E 127 22.35 60.54 -22.00
C LEU E 127 23.60 59.69 -22.18
N ASP E 128 24.51 59.74 -21.22
CA ASP E 128 25.74 58.97 -21.24
C ASP E 128 25.67 57.85 -20.18
N PHE E 129 25.01 58.12 -19.03
CA PHE E 129 24.84 57.13 -17.98
C PHE E 129 23.49 57.30 -17.29
N LEU E 130 22.85 56.18 -16.91
CA LEU E 130 21.55 56.20 -16.25
C LEU E 130 21.58 55.25 -15.06
N PHE E 131 21.35 55.76 -13.85
CA PHE E 131 21.41 54.94 -12.64
C PHE E 131 20.04 54.76 -11.99
N PHE E 132 19.82 53.57 -11.40
CA PHE E 132 18.56 53.25 -10.70
C PHE E 132 18.88 52.77 -9.29
N ASP E 133 18.56 53.56 -8.27
CA ASP E 133 18.77 53.12 -6.87
C ASP E 133 17.60 52.22 -6.47
N VAL E 134 17.81 50.90 -6.45
CA VAL E 134 16.66 49.97 -6.18
C VAL E 134 16.81 49.31 -4.80
N LEU E 135 15.72 49.23 -4.05
CA LEU E 135 15.71 48.57 -2.75
C LEU E 135 15.96 47.08 -2.99
N GLY E 136 16.98 46.53 -2.33
CA GLY E 136 17.34 45.12 -2.50
C GLY E 136 16.99 44.19 -1.35
N ASP E 137 16.33 44.69 -0.30
CA ASP E 137 15.95 43.82 0.84
C ASP E 137 15.04 42.69 0.39
N VAL E 138 14.24 42.93 -0.65
CA VAL E 138 13.33 41.93 -1.19
C VAL E 138 13.38 42.03 -2.72
N VAL E 139 13.41 40.88 -3.40
CA VAL E 139 13.48 40.85 -4.86
C VAL E 139 12.12 40.45 -5.40
N CYS E 140 11.26 41.44 -5.59
CA CYS E 140 9.92 41.15 -6.16
C CYS E 140 9.25 42.44 -6.61
N GLY E 141 8.16 42.30 -7.33
CA GLY E 141 7.41 43.44 -7.83
C GLY E 141 8.26 44.43 -8.60
N GLY E 142 8.03 45.72 -8.34
CA GLY E 142 8.77 46.79 -8.99
C GLY E 142 10.26 46.76 -8.70
N PHE E 143 10.66 46.20 -7.55
CA PHE E 143 12.08 46.12 -7.20
C PHE E 143 12.81 45.13 -8.10
N ALA E 144 12.15 44.03 -8.46
CA ALA E 144 12.75 43.03 -9.35
C ALA E 144 12.52 43.36 -10.83
N MET E 145 11.78 44.43 -11.15
CA MET E 145 11.52 44.81 -12.53
C MET E 145 12.78 45.10 -13.34
N PRO E 146 13.75 45.90 -12.86
CA PRO E 146 14.95 46.14 -13.67
C PRO E 146 15.61 44.89 -14.23
N LEU E 147 15.58 43.80 -13.44
CA LEU E 147 16.20 42.53 -13.85
C LEU E 147 15.28 41.81 -14.83
N ARG E 148 13.97 41.90 -14.59
CA ARG E 148 13.00 41.17 -15.45
C ARG E 148 12.84 41.88 -16.80
N ASP E 149 12.55 43.18 -16.78
CA ASP E 149 12.32 43.91 -18.02
C ASP E 149 13.60 44.48 -18.65
N GLY E 150 14.76 44.12 -18.12
CA GLY E 150 16.03 44.59 -18.65
C GLY E 150 16.18 46.10 -18.72
N LEU E 151 15.55 46.85 -17.78
CA LEU E 151 15.67 48.32 -17.74
C LEU E 151 17.15 48.71 -17.74
N ALA E 152 17.94 47.99 -16.93
CA ALA E 152 19.37 48.20 -16.81
C ALA E 152 20.06 46.86 -17.01
N LYS E 153 20.83 46.71 -18.08
CA LYS E 153 21.55 45.47 -18.35
C LYS E 153 22.71 45.27 -17.35
N GLU E 154 23.20 46.38 -16.78
CA GLU E 154 24.33 46.31 -15.83
C GLU E 154 23.81 46.38 -14.39
N ILE E 155 24.21 45.44 -13.53
CA ILE E 155 23.78 45.41 -12.14
C ILE E 155 25.04 45.49 -11.28
N TYR E 156 24.97 46.16 -10.13
CA TYR E 156 26.10 46.28 -9.21
C TYR E 156 25.46 46.24 -7.84
N ILE E 157 25.98 45.41 -6.94
CA ILE E 157 25.41 45.29 -5.61
C ILE E 157 26.37 45.85 -4.56
N VAL E 158 25.87 46.80 -3.74
CA VAL E 158 26.68 47.39 -2.68
C VAL E 158 26.52 46.49 -1.48
N SER E 159 27.64 46.04 -0.91
CA SER E 159 27.61 45.13 0.23
C SER E 159 28.80 45.35 1.17
N SER E 160 28.65 44.90 2.41
CA SER E 160 29.68 45.00 3.43
C SER E 160 29.96 43.57 3.95
N GLY E 161 30.88 43.43 4.89
CA GLY E 161 31.21 42.14 5.46
C GLY E 161 30.10 41.49 6.28
N GLU E 162 29.02 42.24 6.55
CA GLU E 162 27.93 41.71 7.35
C GLU E 162 27.23 40.54 6.65
N MET E 163 26.77 39.57 7.43
CA MET E 163 26.09 38.39 6.86
C MET E 163 24.86 38.85 6.06
N MET E 164 24.01 39.68 6.68
CA MET E 164 22.79 40.09 5.99
C MET E 164 23.08 40.82 4.68
N ALA E 165 24.15 41.63 4.62
CA ALA E 165 24.49 42.34 3.38
C ALA E 165 24.89 41.35 2.30
N LEU E 166 25.60 40.29 2.67
CA LEU E 166 26.01 39.25 1.69
C LEU E 166 24.80 38.39 1.34
N TYR E 167 23.95 38.11 2.33
CA TYR E 167 22.74 37.31 2.10
C TYR E 167 21.86 38.03 1.07
N ALA E 168 21.67 39.35 1.25
CA ALA E 168 20.87 40.15 0.34
C ALA E 168 21.52 40.14 -1.06
N ALA E 169 22.85 40.33 -1.12
CA ALA E 169 23.57 40.33 -2.39
C ALA E 169 23.43 39.00 -3.11
N ASN E 170 23.44 37.89 -2.36
CA ASN E 170 23.30 36.57 -2.96
C ASN E 170 21.88 36.39 -3.53
N ASN E 171 20.83 36.92 -2.85
CA ASN E 171 19.47 36.79 -3.38
C ASN E 171 19.30 37.65 -4.62
N ILE E 172 19.91 38.84 -4.63
CA ILE E 172 19.83 39.67 -5.87
C ILE E 172 20.46 38.87 -7.02
N ALA E 173 21.60 38.24 -6.75
CA ALA E 173 22.29 37.42 -7.75
C ALA E 173 21.37 36.30 -8.24
N LYS E 174 20.54 35.73 -7.35
CA LYS E 174 19.61 34.67 -7.72
C LYS E 174 18.58 35.20 -8.72
N GLY E 175 18.12 36.42 -8.51
CA GLY E 175 17.17 37.07 -9.42
C GLY E 175 17.81 37.38 -10.74
N ILE E 176 19.10 37.75 -10.75
CA ILE E 176 19.82 38.05 -11.97
C ILE E 176 19.95 36.76 -12.80
N LEU E 177 20.46 35.69 -12.19
CA LEU E 177 20.67 34.42 -12.95
C LEU E 177 19.35 33.94 -13.55
N LYS E 178 18.29 33.88 -12.74
CA LYS E 178 17.01 33.35 -13.22
C LYS E 178 16.52 34.07 -14.48
N TYR E 179 16.63 35.41 -14.53
CA TYR E 179 16.19 36.20 -15.67
C TYR E 179 17.35 36.69 -16.54
N ALA E 180 18.47 35.96 -16.54
CA ALA E 180 19.66 36.31 -17.32
C ALA E 180 19.48 36.05 -18.80
N GLU E 181 18.86 34.92 -19.17
CA GLU E 181 18.65 34.57 -20.57
C GLU E 181 17.46 35.32 -21.17
N GLN E 182 16.39 35.49 -20.39
CA GLN E 182 15.18 36.16 -20.85
C GLN E 182 15.40 37.66 -21.14
N SER E 183 16.03 38.39 -20.21
CA SER E 183 16.25 39.83 -20.37
C SER E 183 17.65 40.25 -20.76
N GLY E 184 18.63 39.36 -20.61
CA GLY E 184 20.01 39.68 -20.94
C GLY E 184 20.71 40.52 -19.88
N VAL E 185 20.18 40.51 -18.64
CA VAL E 185 20.78 41.30 -17.56
C VAL E 185 21.98 40.54 -16.98
N ARG E 186 23.01 41.29 -16.56
CA ARG E 186 24.23 40.67 -16.03
C ARG E 186 24.74 41.39 -14.78
N LEU E 187 25.61 40.70 -14.03
CA LEU E 187 26.19 41.27 -12.80
C LEU E 187 27.58 41.82 -13.12
N GLY E 188 27.73 43.15 -13.04
CA GLY E 188 29.01 43.80 -13.32
C GLY E 188 30.05 43.60 -12.24
N GLY E 189 29.60 43.52 -10.99
CA GLY E 189 30.50 43.33 -9.86
C GLY E 189 29.91 43.76 -8.53
N ILE E 190 30.65 43.52 -7.45
CA ILE E 190 30.25 43.87 -6.08
C ILE E 190 30.95 45.15 -5.65
N ILE E 191 30.18 46.14 -5.18
CA ILE E 191 30.76 47.38 -4.65
C ILE E 191 30.83 47.15 -3.15
N CYS E 192 31.99 47.38 -2.52
CA CYS E 192 32.11 47.17 -1.08
C CYS E 192 32.13 48.48 -0.34
N ASN E 193 31.09 48.75 0.47
CA ASN E 193 31.04 49.97 1.25
C ASN E 193 31.60 49.58 2.62
N SER E 194 32.88 49.83 2.84
CA SER E 194 33.52 49.33 4.08
C SER E 194 32.95 49.98 5.34
N ARG E 195 33.19 49.32 6.48
CA ARG E 195 32.64 49.79 7.78
C ARG E 195 33.73 49.72 8.86
N ASN E 196 35.02 49.89 8.50
CA ASN E 196 36.09 49.73 9.53
C ASN E 196 36.18 48.39 10.26
N VAL E 197 36.28 47.29 9.51
CA VAL E 197 36.35 45.92 10.12
C VAL E 197 37.62 45.22 9.64
N ASP E 198 38.18 44.34 10.47
CA ASP E 198 39.39 43.59 10.08
C ASP E 198 39.19 42.50 9.04
N GLY E 199 39.88 42.63 7.91
CA GLY E 199 39.83 41.65 6.82
C GLY E 199 38.50 41.69 6.08
N GLU E 200 37.92 42.88 5.92
CA GLU E 200 36.65 43.01 5.21
C GLU E 200 36.85 42.75 3.72
N ARG E 201 37.89 43.33 3.13
CA ARG E 201 38.20 43.17 1.72
C ARG E 201 38.45 41.70 1.38
N GLU E 202 39.19 41.02 2.26
CA GLU E 202 39.54 39.59 2.01
C GLU E 202 38.27 38.73 2.01
N LEU E 203 37.27 39.08 2.80
CA LEU E 203 36.02 38.28 2.75
C LEU E 203 35.31 38.56 1.42
N MET E 204 35.16 39.84 1.07
CA MET E 204 34.39 40.18 -0.16
C MET E 204 35.05 39.52 -1.38
N GLU E 205 36.38 39.45 -1.41
CA GLU E 205 37.06 38.90 -2.57
C GLU E 205 36.77 37.41 -2.73
N GLU E 206 36.74 36.65 -1.63
CA GLU E 206 36.42 35.22 -1.71
C GLU E 206 34.93 35.05 -2.05
N PHE E 207 34.08 35.94 -1.52
CA PHE E 207 32.64 35.91 -1.79
C PHE E 207 32.39 36.12 -3.29
N CYS E 208 33.11 37.08 -3.90
CA CYS E 208 32.98 37.35 -5.33
C CYS E 208 33.46 36.16 -6.14
N ASP E 209 34.55 35.50 -5.70
CA ASP E 209 35.08 34.32 -6.39
C ASP E 209 34.04 33.21 -6.41
N LYS E 210 33.39 32.95 -5.28
CA LYS E 210 32.37 31.91 -5.19
C LYS E 210 31.13 32.31 -5.99
N LEU E 211 30.80 33.60 -6.03
CA LEU E 211 29.65 34.13 -6.76
C LEU E 211 29.91 34.25 -8.28
N GLY E 212 31.16 34.04 -8.70
CA GLY E 212 31.54 34.11 -10.12
C GLY E 212 31.68 35.52 -10.66
N THR E 213 31.92 36.50 -9.78
CA THR E 213 32.08 37.90 -10.20
C THR E 213 33.37 38.50 -9.59
N LYS E 214 33.56 39.83 -9.67
CA LYS E 214 34.74 40.50 -9.14
C LYS E 214 34.36 41.60 -8.15
N LEU E 215 35.28 41.95 -7.24
CA LEU E 215 35.06 43.03 -6.29
C LEU E 215 35.56 44.27 -7.03
N ILE E 216 34.72 44.82 -7.91
CA ILE E 216 35.09 45.98 -8.74
C ILE E 216 35.73 47.15 -7.95
N HIS E 217 35.23 47.49 -6.74
CA HIS E 217 35.82 48.60 -5.97
C HIS E 217 35.59 48.47 -4.47
N PHE E 218 36.50 49.06 -3.68
CA PHE E 218 36.43 49.07 -2.22
C PHE E 218 36.32 50.53 -1.77
N ILE E 219 35.13 50.96 -1.37
CA ILE E 219 34.92 52.33 -0.91
C ILE E 219 35.25 52.40 0.58
N PRO E 220 36.20 53.24 1.03
CA PRO E 220 36.49 53.31 2.48
C PRO E 220 35.44 54.09 3.27
N ARG E 221 35.34 53.85 4.58
CA ARG E 221 34.40 54.59 5.42
C ARG E 221 35.08 55.88 5.81
N ASP E 222 34.55 57.03 5.38
CA ASP E 222 35.16 58.32 5.66
C ASP E 222 34.18 59.31 6.29
N ASN E 223 34.62 60.05 7.31
CA ASN E 223 33.80 61.04 8.01
C ASN E 223 33.39 62.22 7.12
N ILE E 224 34.03 62.35 5.95
CA ILE E 224 33.76 63.49 5.04
C ILE E 224 32.33 63.40 4.50
N VAL E 225 31.81 62.19 4.31
CA VAL E 225 30.49 61.99 3.71
C VAL E 225 29.46 62.71 4.60
N GLN E 226 29.58 62.53 5.92
CA GLN E 226 28.67 63.16 6.89
C GLN E 226 28.88 64.69 6.94
N LYS E 227 30.12 65.16 6.75
CA LYS E 227 30.40 66.59 6.75
C LYS E 227 29.79 67.24 5.51
N ALA E 228 29.87 66.56 4.35
CA ALA E 228 29.27 67.07 3.12
C ALA E 228 27.74 67.02 3.22
N GLU E 229 27.20 65.98 3.88
CA GLU E 229 25.75 65.81 4.06
C GLU E 229 25.17 66.96 4.89
N PHE E 230 25.82 67.31 6.03
CA PHE E 230 25.33 68.39 6.89
C PHE E 230 25.41 69.75 6.18
N ASN E 231 26.19 69.83 5.10
CA ASN E 231 26.31 71.09 4.30
C ASN E 231 25.37 71.03 3.08
N LYS E 232 24.47 70.05 3.05
CA LYS E 232 23.49 69.88 1.98
C LYS E 232 24.17 69.76 0.60
N MET E 233 25.16 68.86 0.48
CA MET E 233 25.88 68.68 -0.79
C MET E 233 26.52 67.30 -0.91
N THR E 234 26.85 66.91 -2.14
CA THR E 234 27.51 65.64 -2.44
C THR E 234 29.01 65.81 -2.12
N VAL E 235 29.73 64.70 -1.89
CA VAL E 235 31.17 64.74 -1.59
C VAL E 235 31.94 65.42 -2.73
N VAL E 236 31.74 64.97 -3.98
CA VAL E 236 32.41 65.54 -5.16
C VAL E 236 32.23 67.07 -5.21
N GLU E 237 31.04 67.57 -4.85
CA GLU E 237 30.78 69.01 -4.85
C GLU E 237 31.43 69.71 -3.64
N PHE E 238 31.43 69.05 -2.48
CA PHE E 238 31.99 69.62 -1.25
C PHE E 238 33.52 69.73 -1.30
N ALA E 239 34.20 68.63 -1.63
CA ALA E 239 35.66 68.61 -1.70
C ALA E 239 36.10 67.67 -2.84
N PRO E 240 36.15 68.16 -4.10
CA PRO E 240 36.55 67.26 -5.19
C PRO E 240 38.01 66.78 -5.11
N ASP E 241 38.83 67.41 -4.27
CA ASP E 241 40.23 67.02 -4.10
C ASP E 241 40.44 66.06 -2.93
N HIS E 242 39.38 65.71 -2.18
CA HIS E 242 39.49 64.81 -1.04
C HIS E 242 39.70 63.36 -1.54
N PRO E 243 40.54 62.54 -0.88
CA PRO E 243 40.71 61.15 -1.36
C PRO E 243 39.41 60.39 -1.59
N GLN E 244 38.39 60.64 -0.76
CA GLN E 244 37.10 59.97 -0.90
C GLN E 244 36.43 60.35 -2.22
N ALA E 245 36.46 61.65 -2.59
CA ALA E 245 35.88 62.09 -3.86
C ALA E 245 36.56 61.40 -5.04
N LEU E 246 37.87 61.16 -4.94
CA LEU E 246 38.63 60.49 -5.98
C LEU E 246 38.18 59.02 -6.05
N GLU E 247 38.00 58.38 -4.89
CA GLU E 247 37.48 56.98 -4.87
C GLU E 247 36.26 56.83 -5.77
N TYR E 248 35.26 57.70 -5.60
CA TYR E 248 34.03 57.65 -6.40
C TYR E 248 34.37 57.88 -7.88
N LYS E 249 35.40 58.69 -8.17
CA LYS E 249 35.83 58.96 -9.54
C LYS E 249 36.41 57.68 -10.14
N LYS E 250 37.20 56.95 -9.33
CA LYS E 250 37.78 55.67 -9.83
C LYS E 250 36.64 54.69 -10.11
N LEU E 251 35.71 54.53 -9.17
CA LEU E 251 34.59 53.60 -9.34
C LEU E 251 33.77 53.99 -10.56
N GLY E 252 33.52 55.29 -10.75
CA GLY E 252 32.78 55.78 -11.89
C GLY E 252 33.38 55.37 -13.22
N LYS E 253 34.70 55.50 -13.35
CA LYS E 253 35.39 55.10 -14.57
C LYS E 253 35.33 53.58 -14.73
N LYS E 254 35.39 52.84 -13.62
CA LYS E 254 35.38 51.37 -13.76
C LYS E 254 34.02 50.94 -14.31
N ILE E 255 32.93 51.52 -13.78
CA ILE E 255 31.60 51.12 -14.25
C ILE E 255 31.47 51.43 -15.73
N MET E 256 32.00 52.59 -16.17
CA MET E 256 31.92 53.01 -17.56
C MET E 256 32.76 52.13 -18.49
N ASP E 257 33.96 51.73 -18.05
CA ASP E 257 34.82 50.87 -18.87
C ASP E 257 34.68 49.39 -18.49
N ASN E 258 33.58 48.99 -17.84
CA ASN E 258 33.40 47.60 -17.45
C ASN E 258 32.91 46.74 -18.61
N ASP E 259 33.65 45.67 -18.91
CA ASP E 259 33.32 44.72 -19.98
C ASP E 259 33.13 43.30 -19.41
N GLU E 260 33.60 43.03 -18.19
CA GLU E 260 33.48 41.72 -17.56
C GLU E 260 32.09 41.55 -16.95
N LEU E 261 31.10 41.20 -17.76
CA LEU E 261 29.72 41.02 -17.24
C LEU E 261 29.39 39.52 -17.25
N VAL E 262 29.09 38.94 -16.09
CA VAL E 262 28.93 37.46 -16.01
C VAL E 262 27.65 37.08 -15.26
N ILE E 263 26.93 36.07 -15.75
CA ILE E 263 25.74 35.58 -15.01
C ILE E 263 26.26 34.96 -13.71
N PRO E 264 25.69 35.29 -12.53
CA PRO E 264 26.27 34.82 -11.27
C PRO E 264 26.08 33.33 -10.93
N THR E 265 26.81 32.83 -9.93
CA THR E 265 26.67 31.46 -9.44
C THR E 265 26.32 31.60 -7.97
N PRO E 266 25.03 31.82 -7.62
CA PRO E 266 24.67 32.01 -6.21
C PRO E 266 25.16 30.92 -5.27
N LEU E 267 25.63 31.33 -4.09
CA LEU E 267 26.11 30.42 -3.06
C LEU E 267 24.94 29.77 -2.35
N SER E 268 25.13 28.58 -1.80
CA SER E 268 24.07 27.91 -1.05
C SER E 268 24.02 28.56 0.32
N MET E 269 22.86 28.52 1.00
CA MET E 269 22.75 29.12 2.34
C MET E 269 23.80 28.53 3.30
N ASP E 270 24.33 27.35 2.97
CA ASP E 270 25.35 26.67 3.76
C ASP E 270 26.70 27.34 3.47
N GLU E 271 27.10 27.41 2.19
CA GLU E 271 28.36 28.00 1.73
C GLU E 271 28.58 29.40 2.28
N LEU E 272 27.52 30.21 2.32
CA LEU E 272 27.64 31.60 2.83
C LEU E 272 27.99 31.56 4.32
N GLU E 273 27.30 30.71 5.10
CA GLU E 273 27.54 30.62 6.54
C GLU E 273 28.97 30.20 6.87
N LYS E 274 29.55 29.27 6.09
CA LYS E 274 30.92 28.81 6.36
C LYS E 274 31.89 29.94 6.04
N LEU E 275 31.68 30.63 4.91
CA LEU E 275 32.54 31.72 4.48
C LEU E 275 32.58 32.86 5.51
N VAL E 276 31.43 33.22 6.11
CA VAL E 276 31.40 34.29 7.10
C VAL E 276 32.09 33.81 8.39
N GLU E 277 31.84 32.55 8.79
CA GLU E 277 32.43 31.99 10.00
C GLU E 277 33.98 31.96 9.92
N LYS E 278 34.51 31.59 8.76
CA LYS E 278 35.99 31.47 8.59
C LYS E 278 36.66 32.81 8.90
N TYR E 279 36.07 33.93 8.49
CA TYR E 279 36.69 35.26 8.67
C TYR E 279 36.39 35.79 10.07
N GLY E 280 35.22 35.45 10.61
CA GLY E 280 34.84 35.96 11.95
C GLY E 280 34.95 37.48 12.02
N LEU E 281 34.61 38.18 10.95
CA LEU E 281 34.71 39.67 10.93
C LEU E 281 34.02 40.25 12.16
N TYR E 282 32.92 39.63 12.60
CA TYR E 282 32.17 40.10 13.80
C TYR E 282 32.06 38.95 14.81
N PHE F 3 -8.73 34.60 13.21
CA PHE F 3 -7.35 34.88 13.69
C PHE F 3 -7.39 35.15 15.20
N ASP F 4 -8.56 34.99 15.81
CA ASP F 4 -8.69 35.22 17.28
C ASP F 4 -8.99 33.87 17.95
N GLU F 5 -9.53 32.90 17.20
CA GLU F 5 -9.78 31.58 17.77
C GLU F 5 -8.50 30.75 17.90
N ILE F 6 -7.47 31.04 17.10
CA ILE F 6 -6.20 30.31 17.16
C ILE F 6 -5.44 30.71 18.42
N ALA F 7 -5.09 29.73 19.29
CA ALA F 7 -4.38 29.98 20.56
C ALA F 7 -5.01 31.15 21.34
N PRO F 8 -6.24 30.99 21.84
CA PRO F 8 -6.89 32.11 22.56
C PRO F 8 -6.28 32.44 23.92
N ASN F 9 -5.72 31.44 24.62
CA ASN F 9 -5.10 31.67 25.93
C ASN F 9 -3.64 32.13 25.82
N ALA F 10 -3.14 32.38 24.60
CA ALA F 10 -1.76 32.79 24.38
C ALA F 10 -1.62 34.27 24.11
N LYS F 11 -0.46 34.81 24.49
CA LYS F 11 -0.15 36.24 24.22
C LYS F 11 0.45 36.33 22.82
N LYS F 12 -0.39 36.65 21.83
CA LYS F 12 0.02 36.72 20.43
C LYS F 12 0.84 37.98 20.19
N VAL F 13 2.09 37.82 19.79
CA VAL F 13 3.01 38.93 19.54
C VAL F 13 3.71 38.77 18.21
N ALA F 14 4.02 39.89 17.54
CA ALA F 14 4.72 39.88 16.27
C ALA F 14 5.89 40.84 16.37
N ILE F 15 7.11 40.35 16.09
CA ILE F 15 8.32 41.14 16.16
C ILE F 15 8.70 41.62 14.76
N TYR F 16 8.73 42.95 14.57
CA TYR F 16 9.10 43.56 13.29
C TYR F 16 10.43 44.29 13.42
N GLY F 17 11.02 44.70 12.30
CA GLY F 17 12.30 45.42 12.34
C GLY F 17 13.08 45.33 11.04
N LYS F 18 14.15 46.12 10.90
CA LYS F 18 15.01 46.13 9.68
C LYS F 18 15.75 44.80 9.57
N GLY F 19 16.26 44.47 8.39
CA GLY F 19 17.03 43.23 8.18
C GLY F 19 18.32 43.24 8.96
N GLY F 20 18.60 42.16 9.71
CA GLY F 20 19.86 42.05 10.44
C GLY F 20 19.92 42.89 11.71
N ILE F 21 18.78 43.45 12.14
CA ILE F 21 18.74 44.28 13.34
C ILE F 21 18.77 43.44 14.63
N GLY F 22 18.43 42.15 14.54
CA GLY F 22 18.43 41.27 15.70
C GLY F 22 17.05 40.80 16.10
N LYS F 23 16.16 40.59 15.11
CA LYS F 23 14.81 40.13 15.41
C LYS F 23 14.84 38.65 15.81
N SER F 24 15.49 37.81 14.99
CA SER F 24 15.60 36.37 15.25
C SER F 24 16.30 36.12 16.57
N THR F 25 17.39 36.86 16.86
CA THR F 25 18.13 36.68 18.10
C THR F 25 17.24 37.03 19.28
N THR F 26 16.58 38.19 19.24
CA THR F 26 15.71 38.63 20.33
C THR F 26 14.52 37.70 20.52
N THR F 27 13.79 37.40 19.43
CA THR F 27 12.61 36.55 19.50
C THR F 27 12.92 35.16 20.05
N GLN F 28 13.99 34.53 19.56
CA GLN F 28 14.35 33.19 20.01
C GLN F 28 14.79 33.18 21.48
N ASN F 29 15.68 34.09 21.86
CA ASN F 29 16.16 34.13 23.24
C ASN F 29 15.06 34.54 24.22
N THR F 30 14.13 35.41 23.81
CA THR F 30 13.03 35.82 24.67
C THR F 30 12.11 34.62 24.90
N ALA F 31 11.79 33.89 23.82
CA ALA F 31 10.94 32.71 23.91
C ALA F 31 11.63 31.65 24.77
N ALA F 32 12.94 31.46 24.59
CA ALA F 32 13.71 30.48 25.36
C ALA F 32 13.69 30.84 26.84
N ALA F 33 13.78 32.13 27.17
CA ALA F 33 13.73 32.58 28.56
C ALA F 33 12.36 32.33 29.16
N LEU F 34 11.30 32.60 28.39
CA LEU F 34 9.94 32.40 28.88
C LEU F 34 9.63 30.92 29.12
N ALA F 35 10.14 30.05 28.25
CA ALA F 35 9.91 28.62 28.37
C ALA F 35 10.83 27.97 29.42
N TYR F 36 12.03 28.52 29.64
CA TYR F 36 12.99 27.96 30.59
C TYR F 36 12.81 28.48 32.03
N TYR F 37 12.85 29.80 32.23
CA TYR F 37 12.72 30.38 33.57
C TYR F 37 11.28 30.32 34.09
N TYR F 38 10.31 30.71 33.25
CA TYR F 38 8.91 30.73 33.66
C TYR F 38 8.10 29.48 33.28
N LYS F 39 8.74 28.48 32.64
CA LYS F 39 8.08 27.24 32.25
C LYS F 39 6.79 27.46 31.44
N LEU F 40 6.81 28.41 30.49
CA LEU F 40 5.63 28.69 29.67
C LEU F 40 5.68 27.95 28.34
N LYS F 41 4.51 27.48 27.87
CA LYS F 41 4.40 26.78 26.58
C LYS F 41 4.39 27.84 25.48
N GLY F 42 5.32 27.73 24.53
CA GLY F 42 5.41 28.71 23.45
C GLY F 42 5.60 28.15 22.06
N MET F 43 5.61 29.05 21.08
CA MET F 43 5.76 28.70 19.67
C MET F 43 6.26 29.89 18.87
N ILE F 44 7.13 29.63 17.88
CA ILE F 44 7.67 30.68 17.02
C ILE F 44 7.29 30.39 15.58
N HIS F 45 6.70 31.36 14.89
CA HIS F 45 6.33 31.22 13.50
C HIS F 45 7.16 32.22 12.70
N GLY F 46 8.22 31.73 12.06
CA GLY F 46 9.10 32.55 11.26
C GLY F 46 8.45 33.05 9.98
N CYS F 47 8.23 34.36 9.90
CA CYS F 47 7.64 34.99 8.73
C CYS F 47 8.70 35.82 7.99
N ASP F 48 9.97 35.40 8.04
CA ASP F 48 11.07 36.07 7.35
C ASP F 48 11.58 35.10 6.28
N PRO F 49 11.70 35.51 5.01
CA PRO F 49 12.17 34.56 3.98
C PRO F 49 13.59 34.02 4.21
N LYS F 50 14.34 34.56 5.20
CA LYS F 50 15.68 34.06 5.50
C LYS F 50 15.61 32.61 6.04
N ALA F 51 14.50 32.25 6.69
CA ALA F 51 14.23 30.92 7.23
C ALA F 51 15.23 30.44 8.29
N ASP F 52 15.73 31.35 9.12
CA ASP F 52 16.66 31.00 10.19
C ASP F 52 16.15 31.54 11.55
N SER F 53 14.88 31.95 11.63
CA SER F 53 14.27 32.48 12.84
C SER F 53 14.01 31.42 13.92
N THR F 54 14.22 30.13 13.62
CA THR F 54 14.00 29.05 14.58
C THR F 54 15.23 28.12 14.65
N ARG F 55 16.40 28.56 14.14
CA ARG F 55 17.60 27.76 14.10
C ARG F 55 18.17 27.44 15.48
N MET F 56 18.32 28.45 16.35
CA MET F 56 18.89 28.23 17.66
C MET F 56 17.97 27.47 18.59
N ILE F 57 16.65 27.61 18.43
CA ILE F 57 15.71 26.85 19.25
C ILE F 57 15.82 25.37 18.84
N LEU F 58 15.99 25.10 17.54
CA LEU F 58 16.16 23.73 17.05
C LEU F 58 17.63 23.25 17.13
N HIS F 59 18.47 23.95 17.91
CA HIS F 59 19.86 23.61 18.14
C HIS F 59 20.72 23.58 16.87
N GLY F 60 20.67 24.67 16.13
CA GLY F 60 21.43 24.86 14.90
C GLY F 60 21.05 24.00 13.71
N LYS F 61 19.87 23.35 13.74
CA LYS F 61 19.46 22.51 12.61
C LYS F 61 18.45 23.25 11.72
N PRO F 62 18.79 23.61 10.46
CA PRO F 62 17.78 24.29 9.61
C PRO F 62 16.50 23.47 9.46
N GLN F 63 15.38 24.17 9.53
CA GLN F 63 14.04 23.61 9.43
C GLN F 63 13.53 23.70 8.01
N GLU F 64 12.82 22.66 7.54
CA GLU F 64 12.24 22.69 6.20
C GLU F 64 11.08 23.68 6.26
N THR F 65 11.05 24.65 5.34
CA THR F 65 9.99 25.66 5.35
C THR F 65 8.68 25.06 4.84
N VAL F 66 7.55 25.71 5.13
CA VAL F 66 6.25 25.25 4.68
C VAL F 66 6.23 25.22 3.13
N MET F 67 6.77 26.26 2.51
CA MET F 67 6.84 26.35 1.04
C MET F 67 7.62 25.19 0.45
N ASP F 68 8.72 24.81 1.10
CA ASP F 68 9.55 23.70 0.62
C ASP F 68 8.79 22.37 0.72
N VAL F 69 8.09 22.14 1.83
CA VAL F 69 7.34 20.91 2.02
C VAL F 69 6.16 20.83 1.04
N LEU F 70 5.43 21.94 0.86
CA LEU F 70 4.30 21.97 -0.07
C LEU F 70 4.79 21.82 -1.52
N ARG F 71 5.96 22.37 -1.84
CA ARG F 71 6.50 22.29 -3.19
C ARG F 71 6.97 20.87 -3.55
N GLU F 72 7.66 20.19 -2.61
CA GLU F 72 8.16 18.84 -2.87
C GLU F 72 7.23 17.72 -2.43
N GLU F 73 6.08 18.03 -1.82
CA GLU F 73 5.14 16.98 -1.38
C GLU F 73 3.65 17.25 -1.64
N GLY F 74 3.31 18.47 -2.01
CA GLY F 74 1.92 18.84 -2.29
C GLY F 74 1.07 18.94 -1.05
N GLU F 75 -0.13 19.54 -1.20
CA GLU F 75 -1.05 19.73 -0.08
C GLU F 75 -1.52 18.41 0.55
N GLU F 76 -1.35 17.28 -0.15
CA GLU F 76 -1.77 15.97 0.37
C GLU F 76 -0.68 15.33 1.22
N GLY F 77 0.58 15.48 0.80
CA GLY F 77 1.71 14.91 1.52
C GLY F 77 2.18 15.74 2.70
N VAL F 78 1.61 16.94 2.91
CA VAL F 78 2.01 17.78 4.02
C VAL F 78 1.33 17.33 5.31
N THR F 79 2.10 17.28 6.40
CA THR F 79 1.59 16.90 7.72
C THR F 79 2.21 17.85 8.74
N LEU F 80 1.59 17.93 9.92
CA LEU F 80 2.06 18.82 10.96
C LEU F 80 3.45 18.48 11.48
N GLU F 81 3.84 17.20 11.38
CA GLU F 81 5.14 16.71 11.86
C GLU F 81 6.29 17.21 10.98
N LYS F 82 6.04 17.44 9.69
CA LYS F 82 7.07 17.89 8.75
C LYS F 82 7.28 19.41 8.73
N VAL F 83 6.26 20.18 9.11
CA VAL F 83 6.34 21.65 9.13
C VAL F 83 6.54 22.24 10.52
N ARG F 84 6.08 21.55 11.57
CA ARG F 84 6.23 22.03 12.95
C ARG F 84 7.18 21.11 13.72
N LYS F 85 8.29 21.67 14.21
CA LYS F 85 9.27 20.90 14.97
C LYS F 85 9.33 21.39 16.41
N VAL F 86 9.80 20.55 17.33
CA VAL F 86 9.90 20.94 18.73
C VAL F 86 11.39 21.14 19.06
N GLY F 87 11.70 22.19 19.80
CA GLY F 87 13.07 22.50 20.17
C GLY F 87 13.26 22.72 21.65
N PHE F 88 14.11 23.69 22.01
CA PHE F 88 14.42 23.99 23.41
C PHE F 88 13.18 24.24 24.26
N CYS F 89 13.09 23.54 25.41
CA CYS F 89 11.98 23.66 26.35
C CYS F 89 10.59 23.50 25.70
N GLY F 90 10.49 22.55 24.78
CA GLY F 90 9.23 22.28 24.11
C GLY F 90 8.65 23.40 23.27
N ILE F 91 9.50 24.32 22.78
CA ILE F 91 8.99 25.43 21.96
C ILE F 91 8.73 24.90 20.54
N TYR F 92 7.51 25.09 20.04
CA TYR F 92 7.16 24.64 18.68
C TYR F 92 7.74 25.64 17.69
N CYS F 93 8.20 25.16 16.53
CA CYS F 93 8.80 26.02 15.53
C CYS F 93 8.21 25.78 14.15
N VAL F 94 8.00 26.85 13.39
CA VAL F 94 7.47 26.77 12.02
C VAL F 94 8.12 27.86 11.19
N GLU F 95 8.52 27.56 9.95
CA GLU F 95 9.14 28.54 9.07
C GLU F 95 8.25 28.66 7.83
N SER F 96 7.70 29.86 7.58
CA SER F 96 6.83 30.07 6.43
C SER F 96 7.58 29.89 5.12
N GLY F 97 8.76 30.48 5.03
CA GLY F 97 9.56 30.42 3.82
C GLY F 97 9.03 31.40 2.79
N GLY F 98 9.36 31.15 1.53
CA GLY F 98 8.91 32.00 0.45
C GLY F 98 9.36 31.54 -0.92
N PRO F 99 8.89 32.22 -1.98
CA PRO F 99 9.30 31.83 -3.33
C PRO F 99 10.75 32.23 -3.65
N GLU F 100 11.29 31.71 -4.76
CA GLU F 100 12.65 32.03 -5.16
C GLU F 100 12.77 33.53 -5.46
N PRO F 101 13.90 34.20 -5.14
CA PRO F 101 14.00 35.64 -5.44
C PRO F 101 13.66 35.98 -6.88
N GLY F 102 12.81 36.99 -7.06
CA GLY F 102 12.37 37.42 -8.39
C GLY F 102 11.10 36.74 -8.85
N VAL F 103 10.63 35.72 -8.12
CA VAL F 103 9.42 34.98 -8.48
C VAL F 103 8.27 35.31 -7.55
N GLY F 104 7.25 35.99 -8.06
CA GLY F 104 6.06 36.36 -7.30
C GLY F 104 6.30 37.33 -6.16
N CYS F 105 5.50 37.20 -5.10
CA CYS F 105 5.56 38.06 -3.92
C CYS F 105 6.28 37.31 -2.78
N ALA F 106 7.26 37.96 -2.12
CA ALA F 106 8.01 37.35 -1.03
C ALA F 106 7.18 37.01 0.20
N GLY F 107 6.16 37.81 0.50
CA GLY F 107 5.30 37.60 1.65
C GLY F 107 4.27 36.50 1.47
N ARG F 108 4.08 36.00 0.23
CA ARG F 108 3.10 34.95 -0.06
C ARG F 108 3.27 33.72 0.83
N GLY F 109 4.50 33.40 1.19
CA GLY F 109 4.78 32.25 2.05
C GLY F 109 4.16 32.38 3.43
N VAL F 110 4.02 33.61 3.93
CA VAL F 110 3.44 33.85 5.25
C VAL F 110 1.96 33.49 5.28
N ILE F 111 1.21 33.95 4.28
CA ILE F 111 -0.23 33.70 4.24
C ILE F 111 -0.51 32.21 4.11
N THR F 112 0.21 31.53 3.23
CA THR F 112 0.03 30.10 3.02
C THR F 112 0.32 29.31 4.32
N ALA F 113 1.42 29.64 5.01
CA ALA F 113 1.79 28.95 6.23
C ALA F 113 0.82 29.17 7.38
N VAL F 114 0.31 30.39 7.55
CA VAL F 114 -0.64 30.67 8.62
C VAL F 114 -1.94 29.93 8.35
N ASN F 115 -2.38 29.92 7.08
CA ASN F 115 -3.61 29.19 6.71
C ASN F 115 -3.42 27.70 6.98
N LEU F 116 -2.28 27.13 6.55
CA LEU F 116 -2.02 25.68 6.72
C LEU F 116 -2.04 25.32 8.20
N MET F 117 -1.34 26.11 9.03
CA MET F 117 -1.31 25.86 10.50
C MET F 117 -2.75 25.88 11.02
N LYS F 118 -3.56 26.83 10.55
CA LYS F 118 -4.94 26.93 10.99
C LYS F 118 -5.70 25.64 10.66
N GLU F 119 -5.57 25.14 9.42
CA GLU F 119 -6.26 23.92 9.00
C GLU F 119 -5.75 22.69 9.75
N LEU F 120 -4.42 22.54 9.89
CA LEU F 120 -3.89 21.38 10.59
C LEU F 120 -3.95 21.50 12.12
N GLY F 121 -4.46 22.62 12.63
CA GLY F 121 -4.56 22.83 14.07
C GLY F 121 -3.19 22.84 14.72
N GLY F 122 -2.21 23.45 14.05
CA GLY F 122 -0.83 23.41 14.54
C GLY F 122 -0.49 24.56 15.48
N TYR F 123 -1.51 25.24 16.00
CA TYR F 123 -1.28 26.31 17.01
C TYR F 123 -1.94 25.77 18.29
N PRO F 124 -1.21 25.02 19.15
CA PRO F 124 -1.81 24.42 20.33
C PRO F 124 -2.63 25.45 21.12
N ASP F 125 -3.85 25.13 21.53
CA ASP F 125 -4.71 26.12 22.22
C ASP F 125 -4.11 26.45 23.59
N ASP F 126 -3.62 25.43 24.31
CA ASP F 126 -3.01 25.63 25.62
C ASP F 126 -1.69 26.44 25.56
N LEU F 127 -1.47 27.16 24.45
CA LEU F 127 -0.24 27.99 24.30
C LEU F 127 -0.29 29.17 25.26
N ASP F 128 0.86 29.57 25.81
CA ASP F 128 0.94 30.72 26.71
C ASP F 128 1.43 31.94 25.93
N PHE F 129 2.28 31.74 24.92
CA PHE F 129 2.78 32.83 24.08
C PHE F 129 3.04 32.32 22.67
N LEU F 130 2.88 33.21 21.70
CA LEU F 130 3.09 32.87 20.29
C LEU F 130 3.76 34.06 19.62
N PHE F 131 4.96 33.86 19.08
CA PHE F 131 5.71 34.94 18.44
C PHE F 131 5.82 34.75 16.93
N PHE F 132 5.82 35.87 16.20
CA PHE F 132 5.95 35.88 14.74
C PHE F 132 7.12 36.76 14.36
N ASP F 133 8.22 36.17 13.86
CA ASP F 133 9.40 36.94 13.43
C ASP F 133 9.09 37.42 12.02
N VAL F 134 8.69 38.70 11.87
CA VAL F 134 8.31 39.22 10.55
C VAL F 134 9.35 40.16 9.95
N LEU F 135 9.56 40.08 8.62
CA LEU F 135 10.47 40.95 7.91
C LEU F 135 9.83 42.34 7.85
N GLY F 136 10.53 43.36 8.31
CA GLY F 136 9.99 44.71 8.35
C GLY F 136 10.58 45.72 7.38
N ASP F 137 11.46 45.27 6.46
CA ASP F 137 12.07 46.18 5.48
C ASP F 137 11.00 46.80 4.58
N VAL F 138 9.93 46.04 4.29
CA VAL F 138 8.80 46.50 3.48
C VAL F 138 7.52 46.07 4.20
N VAL F 139 6.54 46.96 4.28
CA VAL F 139 5.28 46.65 4.94
C VAL F 139 4.24 46.41 3.84
N CYS F 140 4.21 45.18 3.34
CA CYS F 140 3.28 44.85 2.23
C CYS F 140 3.10 43.34 2.11
N GLY F 141 2.01 42.90 1.49
CA GLY F 141 1.73 41.49 1.29
C GLY F 141 1.63 40.71 2.58
N GLY F 142 2.23 39.53 2.59
CA GLY F 142 2.23 38.67 3.76
C GLY F 142 2.92 39.27 4.98
N PHE F 143 3.87 40.19 4.75
CA PHE F 143 4.59 40.83 5.85
C PHE F 143 3.65 41.78 6.61
N ALA F 144 2.75 42.46 5.90
CA ALA F 144 1.79 43.36 6.53
C ALA F 144 0.51 42.64 6.98
N MET F 145 0.36 41.35 6.65
CA MET F 145 -0.82 40.59 7.00
C MET F 145 -1.06 40.52 8.53
N PRO F 146 -0.05 40.25 9.39
CA PRO F 146 -0.35 40.22 10.84
C PRO F 146 -0.94 41.52 11.37
N LEU F 147 -0.62 42.65 10.75
CA LEU F 147 -1.14 43.96 11.18
C LEU F 147 -2.54 44.20 10.63
N ARG F 148 -2.79 43.81 9.39
CA ARG F 148 -4.08 44.02 8.74
C ARG F 148 -5.15 43.04 9.24
N ASP F 149 -4.85 41.73 9.26
CA ASP F 149 -5.83 40.73 9.68
C ASP F 149 -5.89 40.48 11.19
N GLY F 150 -5.13 41.24 11.98
CA GLY F 150 -5.13 41.08 13.43
C GLY F 150 -4.66 39.72 13.90
N LEU F 151 -3.61 39.19 13.26
CA LEU F 151 -3.08 37.89 13.64
C LEU F 151 -2.47 38.00 15.03
N ALA F 152 -1.64 39.02 15.24
CA ALA F 152 -1.00 39.31 16.51
C ALA F 152 -1.46 40.71 16.90
N LYS F 153 -2.10 40.84 18.08
CA LYS F 153 -2.62 42.12 18.54
C LYS F 153 -1.54 43.04 19.12
N GLU F 154 -0.41 42.46 19.57
CA GLU F 154 0.67 43.26 20.16
C GLU F 154 1.90 43.20 19.25
N ILE F 155 2.42 44.37 18.87
CA ILE F 155 3.58 44.44 17.99
C ILE F 155 4.75 45.09 18.72
N TYR F 156 5.96 44.60 18.48
CA TYR F 156 7.17 45.16 19.08
C TYR F 156 8.17 45.30 17.96
N ILE F 157 8.83 46.45 17.87
CA ILE F 157 9.80 46.67 16.80
C ILE F 157 11.22 46.73 17.35
N VAL F 158 12.11 45.90 16.79
CA VAL F 158 13.51 45.90 17.21
C VAL F 158 14.20 46.97 16.39
N SER F 159 14.91 47.89 17.04
CA SER F 159 15.59 48.97 16.34
C SER F 159 16.86 49.41 17.07
N SER F 160 17.76 50.08 16.35
CA SER F 160 19.01 50.60 16.88
C SER F 160 19.04 52.11 16.58
N GLY F 161 20.10 52.79 17.00
CA GLY F 161 20.24 54.23 16.76
C GLY F 161 20.40 54.59 15.30
N GLU F 162 20.61 53.61 14.41
CA GLU F 162 20.78 53.85 12.99
C GLU F 162 19.54 54.50 12.38
N MET F 163 19.74 55.39 11.40
CA MET F 163 18.65 56.08 10.73
C MET F 163 17.75 55.08 10.02
N MET F 164 18.32 54.11 9.29
CA MET F 164 17.52 53.14 8.56
C MET F 164 16.69 52.27 9.51
N ALA F 165 17.24 51.92 10.68
CA ALA F 165 16.51 51.10 11.64
C ALA F 165 15.32 51.89 12.20
N LEU F 166 15.52 53.19 12.46
CA LEU F 166 14.44 54.04 12.98
C LEU F 166 13.42 54.32 11.86
N TYR F 167 13.88 54.47 10.60
CA TYR F 167 13.02 54.71 9.45
C TYR F 167 12.08 53.52 9.28
N ALA F 168 12.64 52.30 9.33
CA ALA F 168 11.84 51.09 9.19
C ALA F 168 10.82 51.01 10.32
N ALA F 169 11.24 51.30 11.56
CA ALA F 169 10.35 51.26 12.71
C ALA F 169 9.21 52.25 12.55
N ASN F 170 9.48 53.44 12.00
CA ASN F 170 8.44 54.44 11.80
C ASN F 170 7.48 53.98 10.71
N ASN F 171 7.98 53.30 9.67
CA ASN F 171 7.14 52.79 8.59
C ASN F 171 6.23 51.68 9.12
N ILE F 172 6.75 50.82 10.00
CA ILE F 172 5.95 49.73 10.57
C ILE F 172 4.85 50.36 11.44
N ALA F 173 5.18 51.45 12.18
CA ALA F 173 4.21 52.18 13.00
C ALA F 173 3.11 52.78 12.11
N LYS F 174 3.45 53.22 10.89
CA LYS F 174 2.47 53.77 9.95
C LYS F 174 1.46 52.68 9.57
N GLY F 175 1.94 51.46 9.35
CA GLY F 175 1.10 50.33 9.01
C GLY F 175 0.19 49.95 10.17
N ILE F 176 0.68 50.09 11.41
CA ILE F 176 -0.12 49.79 12.61
C ILE F 176 -1.25 50.82 12.70
N LEU F 177 -0.92 52.11 12.52
CA LEU F 177 -1.88 53.20 12.57
C LEU F 177 -3.00 53.01 11.54
N LYS F 178 -2.66 52.57 10.31
CA LYS F 178 -3.66 52.38 9.27
C LYS F 178 -4.70 51.31 9.63
N TYR F 179 -4.27 50.16 10.15
CA TYR F 179 -5.22 49.06 10.43
C TYR F 179 -5.48 48.95 11.94
N ALA F 180 -5.11 49.98 12.71
CA ALA F 180 -5.25 49.93 14.18
C ALA F 180 -6.72 49.73 14.58
N GLU F 181 -7.64 50.47 13.97
CA GLU F 181 -9.07 50.39 14.38
C GLU F 181 -9.70 49.08 13.91
N GLN F 182 -9.51 48.72 12.64
CA GLN F 182 -10.16 47.50 12.09
C GLN F 182 -9.57 46.24 12.73
N SER F 183 -8.24 46.14 12.81
CA SER F 183 -7.60 44.91 13.33
C SER F 183 -7.34 45.04 14.84
N GLY F 184 -7.62 46.20 15.41
CA GLY F 184 -7.38 46.42 16.85
C GLY F 184 -5.92 46.22 17.21
N VAL F 185 -5.04 46.12 16.20
CA VAL F 185 -3.63 45.85 16.50
C VAL F 185 -3.01 47.08 17.16
N ARG F 186 -2.06 46.85 18.07
CA ARG F 186 -1.42 47.95 18.80
C ARG F 186 0.09 47.75 18.91
N LEU F 187 0.80 48.86 19.20
CA LEU F 187 2.25 48.82 19.37
C LEU F 187 2.56 48.75 20.86
N GLY F 188 3.15 47.65 21.29
CA GLY F 188 3.51 47.46 22.70
C GLY F 188 4.72 48.26 23.13
N GLY F 189 5.66 48.47 22.21
CA GLY F 189 6.86 49.24 22.50
C GLY F 189 8.00 48.96 21.55
N ILE F 190 9.09 49.72 21.67
CA ILE F 190 10.26 49.55 20.82
C ILE F 190 11.34 48.84 21.63
N ILE F 191 11.95 47.80 21.06
CA ILE F 191 13.01 47.06 21.72
C ILE F 191 14.32 47.54 21.07
N CYS F 192 15.29 48.01 21.88
CA CYS F 192 16.54 48.49 21.32
C CYS F 192 17.65 47.45 21.36
N ASN F 193 18.13 47.02 20.19
CA ASN F 193 19.30 46.11 20.16
C ASN F 193 20.53 47.02 20.16
N SER F 194 21.41 46.90 21.16
CA SER F 194 22.55 47.85 21.28
C SER F 194 23.66 47.61 20.26
N ARG F 195 24.16 48.69 19.65
CA ARG F 195 25.31 48.60 18.75
C ARG F 195 26.58 49.20 19.41
N ASN F 196 26.52 49.49 20.73
CA ASN F 196 27.62 50.08 21.50
C ASN F 196 28.01 51.48 21.03
N VAL F 197 27.02 52.35 20.75
CA VAL F 197 27.30 53.73 20.34
C VAL F 197 26.91 54.67 21.48
N ASP F 198 27.56 55.84 21.53
CA ASP F 198 27.32 56.82 22.59
C ASP F 198 25.96 57.52 22.55
N GLY F 199 25.18 57.37 23.61
CA GLY F 199 23.88 58.00 23.74
C GLY F 199 22.83 57.33 22.86
N GLU F 200 22.93 56.01 22.70
CA GLU F 200 21.96 55.27 21.88
C GLU F 200 20.61 55.23 22.57
N ARG F 201 20.61 54.93 23.88
CA ARG F 201 19.39 54.86 24.68
C ARG F 201 18.65 56.20 24.71
N GLU F 202 19.39 57.30 24.89
CA GLU F 202 18.79 58.63 24.96
C GLU F 202 18.06 58.99 23.66
N LEU F 203 18.65 58.63 22.50
CA LEU F 203 18.02 58.91 21.21
C LEU F 203 16.75 58.06 21.06
N MET F 204 16.82 56.79 21.46
CA MET F 204 15.69 55.89 21.36
C MET F 204 14.53 56.32 22.26
N GLU F 205 14.83 56.82 23.47
CA GLU F 205 13.77 57.25 24.38
C GLU F 205 13.03 58.46 23.82
N GLU F 206 13.74 59.41 23.18
CA GLU F 206 13.09 60.58 22.58
C GLU F 206 12.28 60.12 21.36
N PHE F 207 12.79 59.13 20.60
CA PHE F 207 12.10 58.59 19.44
C PHE F 207 10.77 57.97 19.86
N CYS F 208 10.77 57.21 20.97
CA CYS F 208 9.56 56.58 21.49
C CYS F 208 8.57 57.65 21.96
N ASP F 209 9.07 58.73 22.58
CA ASP F 209 8.22 59.83 23.05
C ASP F 209 7.48 60.46 21.87
N LYS F 210 8.21 60.73 20.78
CA LYS F 210 7.61 61.33 19.59
C LYS F 210 6.67 60.35 18.88
N LEU F 211 6.99 59.05 18.95
CA LEU F 211 6.17 58.00 18.34
C LEU F 211 4.93 57.64 19.21
N GLY F 212 4.86 58.16 20.43
CA GLY F 212 3.75 57.90 21.34
C GLY F 212 3.80 56.56 22.02
N THR F 213 5.00 55.95 22.13
CA THR F 213 5.16 54.64 22.77
C THR F 213 6.31 54.69 23.80
N LYS F 214 6.75 53.52 24.32
CA LYS F 214 7.82 53.45 25.32
C LYS F 214 8.96 52.54 24.84
N LEU F 215 10.17 52.77 25.35
CA LEU F 215 11.32 51.93 25.01
C LEU F 215 11.24 50.80 26.02
N ILE F 216 10.44 49.77 25.71
CA ILE F 216 10.20 48.65 26.61
C ILE F 216 11.49 48.03 27.19
N HIS F 217 12.55 47.88 26.37
CA HIS F 217 13.79 47.28 26.88
C HIS F 217 15.01 47.64 26.05
N PHE F 218 16.19 47.63 26.68
CA PHE F 218 17.47 47.93 26.05
C PHE F 218 18.34 46.68 26.12
N ILE F 219 18.49 45.96 25.01
CA ILE F 219 19.31 44.75 24.97
C ILE F 219 20.75 45.16 24.69
N PRO F 220 21.73 44.84 25.56
CA PRO F 220 23.12 45.23 25.26
C PRO F 220 23.76 44.34 24.20
N ARG F 221 24.83 44.85 23.55
CA ARG F 221 25.56 44.09 22.55
C ARG F 221 26.55 43.21 23.33
N ASP F 222 26.40 41.88 23.26
CA ASP F 222 27.28 40.98 23.99
C ASP F 222 27.83 39.86 23.10
N ASN F 223 29.13 39.57 23.26
CA ASN F 223 29.81 38.52 22.49
C ASN F 223 29.28 37.12 22.80
N ILE F 224 28.57 36.95 23.93
CA ILE F 224 28.00 35.64 24.32
C ILE F 224 26.99 35.15 23.28
N VAL F 225 26.38 36.05 22.48
CA VAL F 225 25.41 35.65 21.46
C VAL F 225 26.14 34.82 20.41
N GLN F 226 27.29 35.32 19.93
CA GLN F 226 28.07 34.63 18.91
C GLN F 226 28.70 33.34 19.48
N LYS F 227 29.07 33.34 20.77
CA LYS F 227 29.65 32.14 21.40
C LYS F 227 28.59 31.05 21.50
N ALA F 228 27.35 31.42 21.88
CA ALA F 228 26.26 30.47 21.99
C ALA F 228 25.86 29.98 20.58
N GLU F 229 25.90 30.89 19.58
CA GLU F 229 25.57 30.53 18.19
C GLU F 229 26.55 29.48 17.70
N PHE F 230 27.84 29.65 18.03
CA PHE F 230 28.88 28.71 17.66
C PHE F 230 28.64 27.35 18.31
N ASN F 231 28.12 27.32 19.54
CA ASN F 231 27.83 26.05 20.21
C ASN F 231 26.50 25.45 19.74
N LYS F 232 25.84 26.12 18.78
CA LYS F 232 24.53 25.65 18.27
C LYS F 232 23.51 25.70 19.42
N MET F 233 23.48 26.81 20.15
CA MET F 233 22.56 26.92 21.32
C MET F 233 22.06 28.36 21.46
N THR F 234 20.95 28.55 22.18
CA THR F 234 20.46 29.92 22.47
C THR F 234 21.19 30.43 23.71
N VAL F 235 21.33 31.75 23.88
CA VAL F 235 22.10 32.25 25.02
C VAL F 235 21.49 31.70 26.32
N VAL F 236 20.16 31.56 26.38
CA VAL F 236 19.48 31.03 27.57
C VAL F 236 19.90 29.58 27.80
N GLU F 237 19.93 28.76 26.74
CA GLU F 237 20.31 27.35 26.84
C GLU F 237 21.81 27.21 27.13
N PHE F 238 22.64 28.09 26.55
CA PHE F 238 24.08 28.06 26.71
C PHE F 238 24.54 28.48 28.10
N ALA F 239 24.07 29.64 28.58
CA ALA F 239 24.45 30.15 29.88
C ALA F 239 23.26 30.88 30.51
N PRO F 240 22.32 30.17 31.17
CA PRO F 240 21.18 30.88 31.77
C PRO F 240 21.53 31.85 32.90
N ASP F 241 22.75 31.75 33.44
CA ASP F 241 23.21 32.64 34.52
C ASP F 241 23.98 33.87 33.98
N HIS F 242 24.18 33.98 32.65
CA HIS F 242 24.89 35.10 32.07
C HIS F 242 24.02 36.37 32.10
N PRO F 243 24.58 37.57 32.37
CA PRO F 243 23.74 38.77 32.38
C PRO F 243 22.85 38.93 31.14
N GLN F 244 23.30 38.50 29.96
CA GLN F 244 22.49 38.60 28.74
C GLN F 244 21.27 37.71 28.81
N ALA F 245 21.44 36.47 29.29
CA ALA F 245 20.31 35.55 29.43
C ALA F 245 19.24 36.17 30.36
N LEU F 246 19.68 36.92 31.38
CA LEU F 246 18.77 37.58 32.30
C LEU F 246 18.12 38.82 31.65
N GLU F 247 18.79 39.46 30.67
CA GLU F 247 18.21 40.61 29.97
C GLU F 247 17.01 40.14 29.16
N TYR F 248 17.14 38.99 28.49
CA TYR F 248 16.04 38.42 27.71
C TYR F 248 14.90 37.97 28.64
N LYS F 249 15.24 37.54 29.87
CA LYS F 249 14.26 37.13 30.87
C LYS F 249 13.45 38.35 31.31
N LYS F 250 14.12 39.49 31.51
CA LYS F 250 13.46 40.74 31.91
C LYS F 250 12.50 41.18 30.80
N LEU F 251 12.98 41.18 29.54
CA LEU F 251 12.16 41.56 28.39
C LEU F 251 10.95 40.62 28.26
N GLY F 252 11.17 39.33 28.43
CA GLY F 252 10.12 38.33 28.35
C GLY F 252 8.98 38.61 29.30
N LYS F 253 9.32 38.92 30.56
CA LYS F 253 8.31 39.24 31.57
C LYS F 253 7.61 40.55 31.22
N LYS F 254 8.38 41.55 30.75
CA LYS F 254 7.82 42.84 30.37
C LYS F 254 6.78 42.67 29.26
N ILE F 255 7.05 41.80 28.27
CA ILE F 255 6.11 41.56 27.17
C ILE F 255 4.87 40.88 27.72
N MET F 256 5.03 39.86 28.57
CA MET F 256 3.89 39.14 29.14
C MET F 256 3.00 40.03 30.00
N ASP F 257 3.59 40.87 30.85
CA ASP F 257 2.83 41.75 31.73
C ASP F 257 2.59 43.14 31.12
N ASN F 258 2.72 43.29 29.78
CA ASN F 258 2.51 44.59 29.15
C ASN F 258 1.04 44.92 28.95
N ASP F 259 0.63 46.11 29.40
CA ASP F 259 -0.73 46.61 29.25
C ASP F 259 -0.77 47.98 28.55
N GLU F 260 0.41 48.61 28.34
CA GLU F 260 0.51 49.91 27.69
C GLU F 260 0.65 49.74 26.19
N LEU F 261 -0.41 49.23 25.55
CA LEU F 261 -0.40 49.08 24.07
C LEU F 261 -1.12 50.31 23.47
N VAL F 262 -0.45 51.08 22.62
CA VAL F 262 -1.06 52.34 22.12
C VAL F 262 -0.90 52.46 20.60
N ILE F 263 -1.87 53.08 19.93
CA ILE F 263 -1.74 53.33 18.47
C ILE F 263 -0.62 54.36 18.28
N PRO F 264 0.29 54.19 17.31
CA PRO F 264 1.45 55.10 17.19
C PRO F 264 1.20 56.44 16.48
N THR F 265 2.04 57.43 16.76
CA THR F 265 1.96 58.74 16.12
C THR F 265 3.22 58.83 15.25
N PRO F 266 3.21 58.27 14.04
CA PRO F 266 4.43 58.31 13.20
C PRO F 266 5.03 59.69 13.01
N LEU F 267 6.36 59.76 13.04
CA LEU F 267 7.11 60.99 12.86
C LEU F 267 7.18 61.34 11.37
N SER F 268 7.34 62.62 11.04
CA SER F 268 7.47 63.03 9.65
C SER F 268 8.93 62.79 9.24
N MET F 269 9.22 62.79 7.94
CA MET F 269 10.60 62.57 7.46
C MET F 269 11.55 63.62 8.03
N ASP F 270 11.05 64.86 8.22
CA ASP F 270 11.86 65.95 8.76
C ASP F 270 12.13 65.73 10.25
N GLU F 271 11.08 65.35 11.02
CA GLU F 271 11.23 65.11 12.46
C GLU F 271 12.27 64.04 12.75
N LEU F 272 12.26 62.96 11.96
CA LEU F 272 13.19 61.87 12.17
C LEU F 272 14.63 62.29 11.84
N GLU F 273 14.83 63.03 10.74
CA GLU F 273 16.16 63.49 10.36
C GLU F 273 16.72 64.46 11.40
N LYS F 274 15.90 65.42 11.86
CA LYS F 274 16.34 66.40 12.86
C LYS F 274 16.71 65.71 14.17
N LEU F 275 15.97 64.64 14.53
CA LEU F 275 16.22 63.89 15.75
C LEU F 275 17.54 63.13 15.64
N VAL F 276 17.82 62.54 14.47
CA VAL F 276 19.07 61.80 14.25
C VAL F 276 20.25 62.75 14.31
N GLU F 277 20.12 63.94 13.71
CA GLU F 277 21.21 64.93 13.70
C GLU F 277 21.48 65.46 15.10
N LYS F 278 20.42 65.68 15.88
CA LYS F 278 20.57 66.20 17.26
C LYS F 278 21.51 65.29 18.03
N TYR F 279 21.11 64.03 18.25
CA TYR F 279 21.96 63.07 18.98
C TYR F 279 23.24 62.83 18.18
N GLY F 280 23.13 62.82 16.85
CA GLY F 280 24.31 62.59 15.99
C GLY F 280 25.13 61.42 16.50
N LEU F 281 24.51 60.22 16.56
CA LEU F 281 25.21 59.01 17.05
C LEU F 281 26.45 58.76 16.18
N TYR F 282 26.31 58.90 14.86
CA TYR F 282 27.45 58.58 13.95
C TYR F 282 27.84 59.86 13.18
N SER G 2 2.43 17.32 32.11
CA SER G 2 3.51 17.63 33.03
C SER G 2 4.27 16.36 33.43
N PHE G 3 5.49 16.53 33.96
CA PHE G 3 6.32 15.39 34.37
C PHE G 3 5.80 14.68 35.64
N ASP G 4 4.74 15.21 36.29
CA ASP G 4 4.17 14.58 37.48
C ASP G 4 3.01 13.64 37.08
N GLU G 5 2.40 13.87 35.90
CA GLU G 5 1.29 13.05 35.42
C GLU G 5 1.72 11.70 34.86
N ILE G 6 2.96 11.60 34.39
CA ILE G 6 3.49 10.34 33.83
C ILE G 6 3.77 9.36 34.96
N ALA G 7 3.15 8.15 34.93
CA ALA G 7 3.30 7.12 35.97
C ALA G 7 3.13 7.72 37.38
N PRO G 8 1.93 8.20 37.73
CA PRO G 8 1.74 8.82 39.05
C PRO G 8 1.82 7.85 40.23
N ASN G 9 1.42 6.59 40.03
CA ASN G 9 1.47 5.60 41.11
C ASN G 9 2.85 4.94 41.25
N ALA G 10 3.85 5.39 40.47
CA ALA G 10 5.19 4.83 40.51
C ALA G 10 6.18 5.68 41.29
N LYS G 11 7.23 5.03 41.83
CA LYS G 11 8.30 5.71 42.56
C LYS G 11 9.36 6.13 41.55
N LYS G 12 9.31 7.39 41.10
CA LYS G 12 10.25 7.89 40.11
C LYS G 12 11.62 8.15 40.73
N VAL G 13 12.63 7.39 40.30
CA VAL G 13 14.00 7.49 40.81
C VAL G 13 14.98 7.66 39.66
N ALA G 14 16.08 8.39 39.89
CA ALA G 14 17.11 8.59 38.89
C ALA G 14 18.47 8.25 39.52
N ILE G 15 19.21 7.32 38.90
CA ILE G 15 20.52 6.89 39.39
C ILE G 15 21.63 7.64 38.65
N TYR G 16 22.42 8.43 39.38
CA TYR G 16 23.53 9.19 38.81
C TYR G 16 24.86 8.62 39.31
N GLY G 17 25.97 9.06 38.72
CA GLY G 17 27.29 8.59 39.12
C GLY G 17 28.32 8.68 38.01
N LYS G 18 29.59 8.50 38.39
CA LYS G 18 30.71 8.54 37.45
C LYS G 18 30.61 7.38 36.46
N GLY G 19 31.22 7.54 35.29
CA GLY G 19 31.21 6.50 34.27
C GLY G 19 31.94 5.25 34.72
N GLY G 20 31.33 4.09 34.50
CA GLY G 20 31.91 2.81 34.89
C GLY G 20 31.91 2.54 36.38
N ILE G 21 31.17 3.35 37.16
CA ILE G 21 31.09 3.16 38.60
C ILE G 21 30.15 2.01 39.00
N GLY G 22 29.26 1.61 38.11
CA GLY G 22 28.31 0.53 38.38
C GLY G 22 26.87 0.98 38.46
N LYS G 23 26.49 1.99 37.66
CA LYS G 23 25.11 2.49 37.67
C LYS G 23 24.20 1.48 36.98
N SER G 24 24.58 1.05 35.76
CA SER G 24 23.79 0.10 34.99
C SER G 24 23.64 -1.22 35.74
N THR G 25 24.71 -1.71 36.36
CA THR G 25 24.67 -2.96 37.12
C THR G 25 23.71 -2.83 38.30
N THR G 26 23.86 -1.75 39.08
CA THR G 26 23.00 -1.54 40.25
C THR G 26 21.54 -1.31 39.86
N THR G 27 21.29 -0.42 38.90
CA THR G 27 19.93 -0.11 38.47
C THR G 27 19.20 -1.34 37.93
N GLN G 28 19.85 -2.12 37.06
CA GLN G 28 19.21 -3.30 36.49
C GLN G 28 18.93 -4.35 37.55
N ASN G 29 19.94 -4.70 38.37
CA ASN G 29 19.76 -5.73 39.38
C ASN G 29 18.76 -5.31 40.46
N THR G 30 18.70 -4.01 40.79
CA THR G 30 17.74 -3.53 41.78
C THR G 30 16.34 -3.66 41.20
N ALA G 31 16.15 -3.25 39.95
CA ALA G 31 14.85 -3.36 39.27
C ALA G 31 14.43 -4.82 39.16
N ALA G 32 15.39 -5.71 38.81
CA ALA G 32 15.14 -7.13 38.67
C ALA G 32 14.69 -7.72 40.02
N ALA G 33 15.31 -7.27 41.12
CA ALA G 33 14.94 -7.75 42.44
C ALA G 33 13.53 -7.28 42.82
N LEU G 34 13.20 -6.02 42.48
CA LEU G 34 11.86 -5.47 42.82
C LEU G 34 10.78 -6.21 42.02
N ALA G 35 11.06 -6.52 40.75
CA ALA G 35 10.09 -7.19 39.90
C ALA G 35 9.99 -8.69 40.19
N TYR G 36 11.08 -9.30 40.65
CA TYR G 36 11.11 -10.74 40.93
C TYR G 36 10.66 -11.10 42.34
N TYR G 37 11.32 -10.56 43.38
CA TYR G 37 10.98 -10.88 44.75
C TYR G 37 9.67 -10.23 45.20
N TYR G 38 9.49 -8.93 44.92
CA TYR G 38 8.31 -8.21 45.34
C TYR G 38 7.20 -8.09 44.29
N LYS G 39 7.39 -8.68 43.09
CA LYS G 39 6.38 -8.62 42.02
C LYS G 39 5.85 -7.19 41.79
N LEU G 40 6.76 -6.30 41.42
CA LEU G 40 6.43 -4.91 41.16
C LEU G 40 6.60 -4.63 39.66
N LYS G 41 5.62 -3.96 39.05
CA LYS G 41 5.68 -3.62 37.63
C LYS G 41 6.66 -2.44 37.52
N GLY G 42 7.72 -2.60 36.73
CA GLY G 42 8.73 -1.56 36.60
C GLY G 42 9.15 -1.23 35.18
N MET G 43 10.04 -0.23 35.07
CA MET G 43 10.54 0.23 33.75
C MET G 43 11.87 0.95 33.94
N ILE G 44 12.82 0.76 33.01
CA ILE G 44 14.13 1.40 33.06
C ILE G 44 14.27 2.28 31.82
N HIS G 45 14.64 3.54 32.01
CA HIS G 45 14.83 4.47 30.91
C HIS G 45 16.31 4.87 30.92
N GLY G 46 17.09 4.27 30.06
CA GLY G 46 18.52 4.53 29.96
C GLY G 46 18.81 5.91 29.39
N CYS G 47 19.37 6.79 30.23
CA CYS G 47 19.74 8.14 29.83
C CYS G 47 21.27 8.28 29.76
N ASP G 48 21.98 7.19 29.42
CA ASP G 48 23.42 7.18 29.28
C ASP G 48 23.72 6.91 27.80
N PRO G 49 24.55 7.74 27.12
CA PRO G 49 24.82 7.48 25.70
C PRO G 49 25.50 6.15 25.40
N LYS G 50 25.94 5.40 26.43
CA LYS G 50 26.56 4.09 26.21
C LYS G 50 25.53 3.10 25.66
N ALA G 51 24.23 3.29 25.99
CA ALA G 51 23.12 2.48 25.51
C ALA G 51 23.17 1.00 25.89
N ASP G 52 23.71 0.70 27.08
CA ASP G 52 23.78 -0.68 27.57
C ASP G 52 23.13 -0.81 28.97
N SER G 53 22.36 0.21 29.40
CA SER G 53 21.71 0.23 30.69
C SER G 53 20.52 -0.73 30.81
N THR G 54 20.12 -1.38 29.70
CA THR G 54 19.00 -2.33 29.71
C THR G 54 19.37 -3.67 29.07
N ARG G 55 20.67 -3.96 28.89
CA ARG G 55 21.07 -5.20 28.25
C ARG G 55 20.85 -6.47 29.08
N MET G 56 21.18 -6.44 30.36
CA MET G 56 21.00 -7.63 31.20
C MET G 56 19.52 -7.93 31.43
N ILE G 57 18.66 -6.89 31.43
CA ILE G 57 17.24 -7.11 31.59
C ILE G 57 16.70 -7.75 30.30
N LEU G 58 17.21 -7.30 29.13
CA LEU G 58 16.82 -7.87 27.84
C LEU G 58 17.62 -9.14 27.47
N HIS G 59 18.32 -9.73 28.45
CA HIS G 59 19.08 -10.96 28.28
C HIS G 59 20.18 -10.89 27.20
N GLY G 60 21.03 -9.88 27.31
CA GLY G 60 22.14 -9.68 26.40
C GLY G 60 21.81 -9.08 25.04
N LYS G 61 20.53 -9.09 24.64
CA LYS G 61 20.13 -8.55 23.35
C LYS G 61 20.23 -7.00 23.36
N PRO G 62 21.03 -6.39 22.46
CA PRO G 62 21.13 -4.92 22.47
C PRO G 62 19.83 -4.28 22.02
N GLN G 63 19.49 -3.13 22.60
CA GLN G 63 18.26 -2.43 22.26
C GLN G 63 18.51 -1.27 21.31
N GLU G 64 17.62 -1.09 20.33
CA GLU G 64 17.72 0.01 19.39
C GLU G 64 17.37 1.27 20.18
N THR G 65 18.22 2.31 20.15
CA THR G 65 17.95 3.53 20.91
C THR G 65 16.88 4.36 20.22
N VAL G 66 16.26 5.30 20.95
CA VAL G 66 15.23 6.16 20.39
C VAL G 66 15.82 7.00 19.25
N MET G 67 17.03 7.51 19.43
CA MET G 67 17.67 8.31 18.40
C MET G 67 17.92 7.48 17.13
N ASP G 68 18.30 6.21 17.29
CA ASP G 68 18.54 5.33 16.14
C ASP G 68 17.23 5.09 15.37
N VAL G 69 16.13 4.84 16.10
CA VAL G 69 14.84 4.59 15.45
C VAL G 69 14.36 5.87 14.77
N LEU G 70 14.55 7.05 15.40
CA LEU G 70 14.14 8.33 14.80
C LEU G 70 14.93 8.60 13.51
N ARG G 71 16.23 8.29 13.52
CA ARG G 71 17.10 8.52 12.37
C ARG G 71 16.75 7.64 11.18
N GLU G 72 16.38 6.37 11.40
CA GLU G 72 16.06 5.44 10.31
C GLU G 72 14.56 5.43 9.93
N GLU G 73 13.67 5.15 10.90
CA GLU G 73 12.24 5.09 10.64
C GLU G 73 11.56 6.46 10.49
N GLY G 74 12.18 7.52 11.00
CA GLY G 74 11.58 8.84 10.94
C GLY G 74 10.44 8.96 11.95
N GLU G 75 10.02 10.18 12.29
CA GLU G 75 8.95 10.37 13.27
C GLU G 75 7.65 9.65 12.90
N GLU G 76 7.38 9.45 11.60
CA GLU G 76 6.16 8.78 11.17
C GLU G 76 6.21 7.25 11.36
N GLY G 77 7.35 6.64 11.10
CA GLY G 77 7.51 5.19 11.23
C GLY G 77 7.89 4.71 12.62
N VAL G 78 7.76 5.60 13.61
CA VAL G 78 8.15 5.21 14.98
C VAL G 78 6.92 4.68 15.72
N THR G 79 7.12 3.64 16.53
CA THR G 79 6.06 3.01 17.30
C THR G 79 6.64 2.62 18.64
N LEU G 80 5.77 2.50 19.62
CA LEU G 80 6.18 2.15 20.98
C LEU G 80 6.86 0.76 21.03
N GLU G 81 6.60 -0.11 20.04
CA GLU G 81 7.20 -1.45 20.03
C GLU G 81 8.67 -1.43 19.62
N LYS G 82 9.07 -0.48 18.76
CA LYS G 82 10.47 -0.40 18.32
C LYS G 82 11.37 0.28 19.35
N VAL G 83 10.81 1.10 20.25
CA VAL G 83 11.61 1.80 21.25
C VAL G 83 11.49 1.22 22.66
N ARG G 84 10.37 0.58 23.00
CA ARG G 84 10.18 0.00 24.32
C ARG G 84 10.09 -1.53 24.21
N LYS G 85 11.01 -2.23 24.88
CA LYS G 85 11.03 -3.69 24.86
C LYS G 85 10.75 -4.25 26.26
N VAL G 86 10.29 -5.50 26.34
CA VAL G 86 9.99 -6.14 27.62
C VAL G 86 11.06 -7.19 27.89
N GLY G 87 11.57 -7.21 29.13
CA GLY G 87 12.60 -8.16 29.52
C GLY G 87 12.24 -8.95 30.75
N PHE G 88 13.24 -9.20 31.62
CA PHE G 88 13.05 -9.98 32.83
C PHE G 88 11.90 -9.48 33.71
N CYS G 89 11.00 -10.39 34.10
CA CYS G 89 9.84 -10.10 34.94
C CYS G 89 8.99 -8.92 34.43
N GLY G 90 8.79 -8.87 33.13
CA GLY G 90 8.00 -7.82 32.50
C GLY G 90 8.49 -6.40 32.69
N ILE G 91 9.81 -6.20 32.90
CA ILE G 91 10.35 -4.87 33.07
C ILE G 91 10.46 -4.21 31.70
N TYR G 92 9.84 -3.04 31.52
CA TYR G 92 9.91 -2.32 30.25
C TYR G 92 11.26 -1.63 30.16
N CYS G 93 11.82 -1.58 28.94
CA CYS G 93 13.13 -0.98 28.75
C CYS G 93 13.12 0.01 27.60
N VAL G 94 13.84 1.14 27.78
CA VAL G 94 13.94 2.18 26.76
C VAL G 94 15.35 2.76 26.83
N GLU G 95 15.98 3.00 25.67
CA GLU G 95 17.31 3.60 25.64
C GLU G 95 17.22 4.91 24.88
N SER G 96 17.54 6.03 25.54
CA SER G 96 17.47 7.34 24.90
C SER G 96 18.47 7.46 23.76
N GLY G 97 19.70 7.03 24.00
CA GLY G 97 20.75 7.14 22.99
C GLY G 97 21.27 8.56 22.94
N GLY G 98 21.88 8.92 21.82
CA GLY G 98 22.42 10.26 21.66
C GLY G 98 23.03 10.49 20.29
N PRO G 99 23.47 11.72 20.01
CA PRO G 99 24.09 11.99 18.71
C PRO G 99 25.49 11.40 18.63
N GLU G 100 26.05 11.36 17.41
CA GLU G 100 27.39 10.81 17.21
C GLU G 100 28.42 11.67 17.97
N PRO G 101 29.48 11.07 18.57
CA PRO G 101 30.47 11.90 19.29
C PRO G 101 30.98 13.07 18.46
N GLY G 102 30.97 14.26 19.07
CA GLY G 102 31.42 15.48 18.41
C GLY G 102 30.31 16.25 17.72
N VAL G 103 29.11 15.64 17.62
CA VAL G 103 27.97 16.26 16.96
C VAL G 103 26.91 16.70 17.98
N GLY G 104 26.73 18.01 18.13
CA GLY G 104 25.73 18.57 19.03
C GLY G 104 25.95 18.32 20.51
N CYS G 105 24.84 18.25 21.26
CA CYS G 105 24.84 18.05 22.71
C CYS G 105 24.58 16.57 23.00
N ALA G 106 25.43 15.94 23.82
CA ALA G 106 25.30 14.53 24.17
C ALA G 106 23.99 14.20 24.90
N GLY G 107 23.50 15.13 25.70
CA GLY G 107 22.27 14.92 26.47
C GLY G 107 20.98 15.15 25.72
N ARG G 108 21.05 15.60 24.46
CA ARG G 108 19.79 15.91 23.71
C ARG G 108 18.94 14.65 23.59
N GLY G 109 19.56 13.47 23.44
CA GLY G 109 18.83 12.22 23.28
C GLY G 109 17.89 11.94 24.43
N VAL G 110 18.22 12.40 25.63
CA VAL G 110 17.40 12.19 26.81
C VAL G 110 16.09 12.96 26.69
N ILE G 111 16.17 14.25 26.32
CA ILE G 111 14.98 15.09 26.22
C ILE G 111 14.04 14.55 25.13
N THR G 112 14.58 14.19 23.96
CA THR G 112 13.78 13.67 22.87
C THR G 112 13.06 12.37 23.27
N ALA G 113 13.77 11.46 23.95
CA ALA G 113 13.21 10.17 24.36
C ALA G 113 12.13 10.32 25.41
N VAL G 114 12.32 11.21 26.39
CA VAL G 114 11.33 11.41 27.44
C VAL G 114 10.06 12.02 26.83
N ASN G 115 10.23 13.01 25.94
CA ASN G 115 9.08 13.64 25.29
C ASN G 115 8.36 12.65 24.38
N LEU G 116 9.10 11.78 23.67
CA LEU G 116 8.48 10.79 22.79
C LEU G 116 7.71 9.77 23.62
N MET G 117 8.28 9.34 24.76
CA MET G 117 7.62 8.38 25.64
C MET G 117 6.30 8.95 26.14
N LYS G 118 6.27 10.25 26.46
CA LYS G 118 5.04 10.90 26.93
C LYS G 118 4.02 10.96 25.77
N GLU G 119 4.49 11.29 24.57
CA GLU G 119 3.63 11.39 23.39
C GLU G 119 2.98 10.05 23.05
N LEU G 120 3.75 8.96 23.09
CA LEU G 120 3.23 7.62 22.79
C LEU G 120 2.61 6.90 24.00
N GLY G 121 2.59 7.54 25.17
CA GLY G 121 2.04 6.95 26.37
C GLY G 121 2.80 5.70 26.77
N GLY G 122 4.14 5.76 26.67
CA GLY G 122 4.97 4.57 26.94
C GLY G 122 5.41 4.52 28.39
N TYR G 123 4.72 5.23 29.28
CA TYR G 123 5.04 5.15 30.73
C TYR G 123 3.77 4.61 31.39
N PRO G 124 3.57 3.26 31.45
CA PRO G 124 2.33 2.70 31.98
C PRO G 124 1.96 3.34 33.33
N ASP G 125 0.69 3.71 33.50
CA ASP G 125 0.23 4.37 34.76
C ASP G 125 0.27 3.35 35.89
N ASP G 126 0.07 2.07 35.58
CA ASP G 126 0.04 1.01 36.64
C ASP G 126 1.48 0.65 37.01
N LEU G 127 2.46 1.48 36.65
CA LEU G 127 3.87 1.24 37.03
C LEU G 127 4.04 1.47 38.54
N ASP G 128 4.85 0.63 39.19
CA ASP G 128 5.13 0.77 40.65
C ASP G 128 6.45 1.50 40.82
N PHE G 129 7.45 1.17 40.00
CA PHE G 129 8.76 1.81 40.07
C PHE G 129 9.20 2.21 38.68
N LEU G 130 10.05 3.23 38.60
CA LEU G 130 10.54 3.73 37.33
C LEU G 130 11.93 4.33 37.57
N PHE G 131 12.98 3.73 36.98
CA PHE G 131 14.34 4.20 37.18
C PHE G 131 14.93 4.83 35.92
N PHE G 132 15.86 5.78 36.11
CA PHE G 132 16.54 6.46 35.02
C PHE G 132 18.04 6.33 35.24
N ASP G 133 18.74 5.60 34.36
CA ASP G 133 20.19 5.46 34.48
C ASP G 133 20.79 6.68 33.78
N VAL G 134 21.21 7.70 34.54
CA VAL G 134 21.73 8.94 33.95
C VAL G 134 23.26 9.07 34.06
N LEU G 135 23.89 9.61 33.01
CA LEU G 135 25.34 9.83 32.99
C LEU G 135 25.61 11.01 33.93
N GLY G 136 26.50 10.83 34.89
CA GLY G 136 26.80 11.88 35.86
C GLY G 136 28.17 12.53 35.76
N ASP G 137 28.96 12.19 34.72
CA ASP G 137 30.30 12.78 34.56
C ASP G 137 30.21 14.29 34.39
N VAL G 138 29.10 14.74 33.79
CA VAL G 138 28.87 16.20 33.58
C VAL G 138 27.38 16.47 33.86
N VAL G 139 27.08 17.50 34.62
CA VAL G 139 25.70 17.85 34.97
C VAL G 139 25.25 18.99 34.09
N CYS G 140 24.72 18.63 32.92
CA CYS G 140 24.29 19.67 31.96
C CYS G 140 23.40 19.06 30.88
N GLY G 141 22.63 19.91 30.20
CA GLY G 141 21.74 19.47 29.13
C GLY G 141 20.73 18.43 29.57
N GLY G 142 20.55 17.41 28.75
CA GLY G 142 19.62 16.33 29.03
C GLY G 142 19.98 15.53 30.28
N PHE G 143 21.27 15.51 30.65
CA PHE G 143 21.70 14.77 31.84
C PHE G 143 21.20 15.47 33.10
N ALA G 144 21.19 16.80 33.11
CA ALA G 144 20.70 17.57 34.25
C ALA G 144 19.18 17.81 34.19
N MET G 145 18.51 17.42 33.09
CA MET G 145 17.07 17.61 32.95
C MET G 145 16.26 16.91 34.05
N PRO G 146 16.51 15.64 34.43
CA PRO G 146 15.71 15.03 35.50
C PRO G 146 15.73 15.82 36.80
N LEU G 147 16.83 16.53 37.09
CA LEU G 147 16.97 17.32 38.32
C LEU G 147 16.29 18.68 38.17
N ARG G 148 16.42 19.28 36.99
CA ARG G 148 15.88 20.60 36.70
C ARG G 148 14.35 20.60 36.53
N ASP G 149 13.83 19.70 35.69
CA ASP G 149 12.40 19.63 35.40
C ASP G 149 11.60 18.72 36.36
N GLY G 150 12.25 18.18 37.39
CA GLY G 150 11.58 17.32 38.36
C GLY G 150 10.99 16.04 37.78
N LEU G 151 11.71 15.39 36.86
CA LEU G 151 11.23 14.14 36.27
C LEU G 151 11.23 13.06 37.33
N ALA G 152 12.34 12.93 38.07
CA ALA G 152 12.46 11.97 39.15
C ALA G 152 12.72 12.80 40.39
N LYS G 153 11.85 12.68 41.41
CA LYS G 153 12.01 13.47 42.61
C LYS G 153 13.02 12.88 43.60
N GLU G 154 13.35 11.59 43.46
CA GLU G 154 14.34 10.96 44.34
C GLU G 154 15.58 10.60 43.54
N ILE G 155 16.75 11.06 44.00
CA ILE G 155 18.00 10.80 43.32
C ILE G 155 18.93 9.97 44.21
N TYR G 156 19.66 9.03 43.61
CA TYR G 156 20.63 8.22 44.34
C TYR G 156 21.89 8.23 43.52
N ILE G 157 23.05 8.44 44.16
CA ILE G 157 24.30 8.49 43.45
C ILE G 157 25.17 7.28 43.79
N VAL G 158 25.62 6.55 42.77
CA VAL G 158 26.49 5.41 42.98
C VAL G 158 27.92 5.97 43.00
N SER G 159 28.70 5.62 44.02
CA SER G 159 30.08 6.11 44.13
C SER G 159 30.98 5.07 44.80
N SER G 160 32.30 5.30 44.75
CA SER G 160 33.31 4.43 45.35
C SER G 160 34.29 5.33 46.13
N GLY G 161 35.23 4.73 46.84
CA GLY G 161 36.24 5.47 47.59
C GLY G 161 37.07 6.42 46.73
N GLU G 162 37.07 6.22 45.41
CA GLU G 162 37.87 7.02 44.51
C GLU G 162 37.53 8.50 44.58
N MET G 163 38.54 9.36 44.42
CA MET G 163 38.31 10.83 44.49
C MET G 163 37.36 11.25 43.38
N MET G 164 37.61 10.81 42.14
CA MET G 164 36.77 11.23 40.99
C MET G 164 35.31 10.81 41.23
N ALA G 165 35.11 9.61 41.75
CA ALA G 165 33.73 9.12 42.03
C ALA G 165 33.06 10.05 43.05
N LEU G 166 33.80 10.44 44.09
CA LEU G 166 33.24 11.32 45.10
C LEU G 166 33.09 12.74 44.56
N TYR G 167 34.02 13.18 43.69
CA TYR G 167 33.97 14.50 43.07
C TYR G 167 32.70 14.60 42.22
N ALA G 168 32.44 13.56 41.41
CA ALA G 168 31.26 13.52 40.55
C ALA G 168 30.01 13.55 41.42
N ALA G 169 29.98 12.76 42.51
CA ALA G 169 28.83 12.72 43.40
C ALA G 169 28.56 14.08 44.04
N ASN G 170 29.63 14.81 44.39
CA ASN G 170 29.50 16.12 44.99
C ASN G 170 28.93 17.10 43.96
N ASN G 171 29.35 17.01 42.69
CA ASN G 171 28.84 17.90 41.65
C ASN G 171 27.39 17.60 41.36
N ILE G 172 26.98 16.32 41.40
CA ILE G 172 25.59 15.97 41.17
C ILE G 172 24.75 16.58 42.31
N ALA G 173 25.27 16.51 43.55
CA ALA G 173 24.62 17.10 44.73
C ALA G 173 24.48 18.62 44.55
N LYS G 174 25.46 19.27 43.90
CA LYS G 174 25.39 20.72 43.64
C LYS G 174 24.22 21.03 42.70
N GLY G 175 24.01 20.17 41.71
CA GLY G 175 22.91 20.31 40.77
C GLY G 175 21.57 20.09 41.46
N ILE G 176 21.53 19.15 42.42
CA ILE G 176 20.30 18.86 43.17
C ILE G 176 19.94 20.09 44.01
N LEU G 177 20.92 20.63 44.76
CA LEU G 177 20.71 21.80 45.61
C LEU G 177 20.23 23.01 44.81
N LYS G 178 20.81 23.23 43.63
CA LYS G 178 20.45 24.36 42.78
C LYS G 178 18.96 24.39 42.43
N TYR G 179 18.38 23.24 42.06
CA TYR G 179 16.96 23.18 41.69
C TYR G 179 16.12 22.40 42.69
N ALA G 180 16.52 22.42 43.96
CA ALA G 180 15.78 21.72 45.00
C ALA G 180 14.46 22.42 45.30
N GLU G 181 14.46 23.76 45.37
CA GLU G 181 13.24 24.50 45.66
C GLU G 181 12.37 24.66 44.42
N GLN G 182 12.99 24.87 43.25
CA GLN G 182 12.25 25.04 41.99
C GLN G 182 11.49 23.79 41.55
N SER G 183 12.16 22.63 41.55
CA SER G 183 11.57 21.38 41.10
C SER G 183 11.14 20.40 42.20
N GLY G 184 11.62 20.60 43.42
CA GLY G 184 11.29 19.71 44.52
C GLY G 184 12.03 18.40 44.49
N VAL G 185 13.18 18.36 43.79
CA VAL G 185 13.98 17.13 43.69
C VAL G 185 14.84 17.01 44.95
N ARG G 186 15.05 15.77 45.41
CA ARG G 186 15.82 15.51 46.63
C ARG G 186 16.80 14.36 46.47
N LEU G 187 17.78 14.31 47.37
CA LEU G 187 18.78 13.25 47.36
C LEU G 187 18.39 12.20 48.40
N GLY G 188 18.07 11.00 47.94
CA GLY G 188 17.67 9.90 48.80
C GLY G 188 18.83 9.29 49.57
N GLY G 189 20.01 9.28 48.97
CA GLY G 189 21.20 8.73 49.60
C GLY G 189 22.29 8.34 48.62
N ILE G 190 23.45 7.95 49.14
CA ILE G 190 24.58 7.54 48.31
C ILE G 190 24.67 6.02 48.36
N ILE G 191 24.80 5.37 47.20
CA ILE G 191 24.93 3.93 47.11
C ILE G 191 26.40 3.66 46.86
N CYS G 192 27.06 2.84 47.69
CA CYS G 192 28.49 2.56 47.50
C CYS G 192 28.72 1.26 46.76
N ASN G 193 29.31 1.33 45.56
CA ASN G 193 29.64 0.13 44.79
C ASN G 193 31.08 -0.16 45.17
N SER G 194 31.27 -1.10 46.09
CA SER G 194 32.60 -1.45 46.60
C SER G 194 33.62 -1.85 45.53
N ARG G 195 34.86 -1.44 45.74
CA ARG G 195 36.00 -1.76 44.88
C ARG G 195 37.04 -2.59 45.66
N ASN G 196 36.62 -3.18 46.79
CA ASN G 196 37.54 -4.04 47.61
C ASN G 196 38.73 -3.20 48.08
N VAL G 197 38.50 -2.06 48.74
CA VAL G 197 39.58 -1.21 49.26
C VAL G 197 39.42 -1.12 50.77
N ASP G 198 40.53 -0.92 51.49
CA ASP G 198 40.52 -0.85 52.94
C ASP G 198 39.79 0.41 53.45
N GLY G 199 38.85 0.24 54.37
CA GLY G 199 38.11 1.35 54.94
C GLY G 199 37.31 2.17 53.95
N GLU G 200 36.73 1.52 52.95
CA GLU G 200 35.92 2.21 51.94
C GLU G 200 34.61 2.69 52.56
N ARG G 201 33.94 1.81 53.34
CA ARG G 201 32.68 2.15 53.98
C ARG G 201 32.85 3.33 54.94
N GLU G 202 33.92 3.32 55.74
CA GLU G 202 34.18 4.39 56.71
C GLU G 202 34.32 5.75 56.03
N LEU G 203 34.99 5.81 54.85
CA LEU G 203 35.17 7.07 54.11
C LEU G 203 33.81 7.53 53.54
N MET G 204 33.03 6.57 53.03
CA MET G 204 31.72 6.91 52.44
C MET G 204 30.79 7.47 53.52
N GLU G 205 30.82 6.87 54.72
CA GLU G 205 29.92 7.30 55.79
C GLU G 205 30.26 8.72 56.22
N GLU G 206 31.54 9.08 56.31
CA GLU G 206 31.92 10.44 56.69
C GLU G 206 31.56 11.41 55.54
N PHE G 207 31.72 10.96 54.29
CA PHE G 207 31.37 11.76 53.11
C PHE G 207 29.89 12.09 53.13
N CYS G 208 29.03 11.09 53.45
CA CYS G 208 27.59 11.30 53.50
C CYS G 208 27.23 12.24 54.64
N ASP G 209 27.93 12.13 55.79
CA ASP G 209 27.70 13.02 56.93
C ASP G 209 27.95 14.46 56.53
N LYS G 210 29.08 14.72 55.85
CA LYS G 210 29.42 16.08 55.42
C LYS G 210 28.48 16.56 54.32
N LEU G 211 27.98 15.65 53.47
CA LEU G 211 27.05 15.99 52.39
C LEU G 211 25.60 16.14 52.90
N GLY G 212 25.34 15.79 54.16
CA GLY G 212 24.02 15.91 54.75
C GLY G 212 23.05 14.82 54.35
N THR G 213 23.56 13.64 53.94
CA THR G 213 22.72 12.51 53.53
C THR G 213 23.18 11.22 54.25
N LYS G 214 22.67 10.04 53.83
CA LYS G 214 23.02 8.76 54.42
C LYS G 214 23.58 7.80 53.38
N LEU G 215 24.40 6.83 53.81
CA LEU G 215 24.94 5.83 52.92
C LEU G 215 23.87 4.73 52.93
N ILE G 216 22.85 4.90 52.08
CA ILE G 216 21.71 3.99 52.01
C ILE G 216 22.10 2.50 51.93
N HIS G 217 23.13 2.14 51.13
CA HIS G 217 23.53 0.75 51.02
C HIS G 217 24.98 0.58 50.56
N PHE G 218 25.58 -0.55 50.94
CA PHE G 218 26.95 -0.90 50.57
C PHE G 218 26.91 -2.17 49.72
N ILE G 219 27.10 -2.03 48.40
CA ILE G 219 27.07 -3.18 47.49
C ILE G 219 28.47 -3.80 47.46
N PRO G 220 28.66 -5.08 47.84
CA PRO G 220 30.02 -5.63 47.77
C PRO G 220 30.45 -5.96 46.34
N ARG G 221 31.77 -6.05 46.11
CA ARG G 221 32.30 -6.40 44.80
C ARG G 221 32.26 -7.93 44.72
N ASP G 222 31.45 -8.50 43.81
CA ASP G 222 31.33 -9.95 43.70
C ASP G 222 31.52 -10.44 42.27
N ASN G 223 32.27 -11.54 42.11
CA ASN G 223 32.53 -12.14 40.80
C ASN G 223 31.25 -12.68 40.14
N ILE G 224 30.17 -12.92 40.91
CA ILE G 224 28.91 -13.42 40.36
C ILE G 224 28.33 -12.45 39.33
N VAL G 225 28.67 -11.16 39.38
CA VAL G 225 28.15 -10.17 38.42
C VAL G 225 28.68 -10.53 37.03
N GLN G 226 29.99 -10.78 36.92
CA GLN G 226 30.61 -11.12 35.65
C GLN G 226 30.16 -12.51 35.17
N LYS G 227 29.93 -13.45 36.10
CA LYS G 227 29.47 -14.78 35.71
C LYS G 227 28.05 -14.70 35.14
N ALA G 228 27.18 -13.90 35.78
CA ALA G 228 25.81 -13.72 35.29
C ALA G 228 25.84 -12.98 33.96
N GLU G 229 26.74 -11.99 33.80
CA GLU G 229 26.87 -11.23 32.57
C GLU G 229 27.24 -12.16 31.42
N PHE G 230 28.17 -13.09 31.69
CA PHE G 230 28.62 -14.07 30.69
C PHE G 230 27.45 -14.92 30.20
N ASN G 231 26.49 -15.22 31.08
CA ASN G 231 25.31 -16.02 30.70
C ASN G 231 24.16 -15.14 30.15
N LYS G 232 24.41 -13.83 29.94
CA LYS G 232 23.42 -12.90 29.41
C LYS G 232 22.21 -12.80 30.37
N MET G 233 22.48 -12.67 31.67
CA MET G 233 21.41 -12.58 32.68
C MET G 233 21.82 -11.65 33.81
N THR G 234 20.83 -11.12 34.54
CA THR G 234 21.13 -10.29 35.71
C THR G 234 21.50 -11.26 36.84
N VAL G 235 22.08 -10.76 37.92
CA VAL G 235 22.45 -11.62 39.05
C VAL G 235 21.18 -12.19 39.70
N VAL G 236 20.09 -11.40 39.74
CA VAL G 236 18.83 -11.87 40.32
C VAL G 236 18.27 -13.03 39.49
N GLU G 237 18.28 -12.89 38.16
CA GLU G 237 17.77 -13.95 37.27
C GLU G 237 18.69 -15.17 37.28
N PHE G 238 20.00 -14.95 37.37
CA PHE G 238 21.00 -16.02 37.35
C PHE G 238 20.98 -16.84 38.64
N ALA G 239 21.05 -16.18 39.80
CA ALA G 239 21.08 -16.87 41.08
C ALA G 239 20.32 -16.03 42.12
N PRO G 240 18.99 -16.13 42.20
CA PRO G 240 18.26 -15.31 43.19
C PRO G 240 18.58 -15.64 44.65
N ASP G 241 19.21 -16.80 44.90
CA ASP G 241 19.58 -17.21 46.25
C ASP G 241 21.02 -16.81 46.63
N HIS G 242 21.77 -16.19 45.70
CA HIS G 242 23.15 -15.77 45.97
C HIS G 242 23.16 -14.55 46.89
N PRO G 243 24.11 -14.43 47.85
CA PRO G 243 24.11 -13.25 48.73
C PRO G 243 24.06 -11.92 47.98
N GLN G 244 24.70 -11.83 46.80
CA GLN G 244 24.71 -10.61 46.01
C GLN G 244 23.30 -10.27 45.54
N ALA G 245 22.53 -11.26 45.06
CA ALA G 245 21.15 -11.03 44.62
C ALA G 245 20.31 -10.48 45.77
N LEU G 246 20.57 -10.96 47.00
CA LEU G 246 19.84 -10.51 48.18
C LEU G 246 20.28 -9.09 48.59
N GLU G 247 21.52 -8.68 48.25
CA GLU G 247 21.99 -7.33 48.55
C GLU G 247 21.18 -6.34 47.71
N TYR G 248 20.93 -6.66 46.43
CA TYR G 248 20.13 -5.80 45.55
C TYR G 248 18.67 -5.78 46.03
N LYS G 249 18.19 -6.88 46.61
CA LYS G 249 16.83 -6.97 47.15
C LYS G 249 16.71 -6.02 48.35
N LYS G 250 17.74 -5.99 49.22
CA LYS G 250 17.75 -5.11 50.39
C LYS G 250 17.72 -3.66 49.93
N LEU G 251 18.59 -3.31 48.96
CA LEU G 251 18.66 -1.95 48.44
C LEU G 251 17.32 -1.55 47.79
N GLY G 252 16.72 -2.47 47.05
CA GLY G 252 15.44 -2.24 46.40
C GLY G 252 14.35 -1.85 47.37
N LYS G 253 14.24 -2.58 48.49
CA LYS G 253 13.22 -2.24 49.48
C LYS G 253 13.58 -0.95 50.21
N LYS G 254 14.88 -0.70 50.44
CA LYS G 254 15.32 0.54 51.08
C LYS G 254 14.91 1.74 50.23
N ILE G 255 15.05 1.64 48.89
CA ILE G 255 14.67 2.73 47.98
C ILE G 255 13.17 2.91 48.01
N MET G 256 12.43 1.81 47.95
CA MET G 256 10.97 1.84 47.97
C MET G 256 10.42 2.47 49.26
N ASP G 257 10.94 2.06 50.42
CA ASP G 257 10.48 2.56 51.72
C ASP G 257 11.28 3.76 52.21
N ASN G 258 12.00 4.47 51.32
CA ASN G 258 12.80 5.61 51.75
C ASN G 258 11.96 6.87 51.95
N ASP G 259 12.11 7.51 53.11
CA ASP G 259 11.42 8.75 53.44
C ASP G 259 12.41 9.87 53.84
N GLU G 260 13.71 9.54 54.01
CA GLU G 260 14.74 10.50 54.39
C GLU G 260 15.35 11.12 53.14
N LEU G 261 14.54 11.87 52.39
CA LEU G 261 15.06 12.58 51.18
C LEU G 261 15.51 13.97 51.64
N VAL G 262 16.79 14.33 51.46
CA VAL G 262 17.32 15.63 52.01
C VAL G 262 17.95 16.47 50.90
N ILE G 263 18.01 17.80 51.08
CA ILE G 263 18.71 18.70 50.14
C ILE G 263 20.19 18.64 50.50
N PRO G 264 21.11 18.35 49.56
CA PRO G 264 22.53 18.15 49.91
C PRO G 264 23.34 19.41 50.29
N THR G 265 24.33 19.24 51.17
CA THR G 265 25.22 20.33 51.56
C THR G 265 26.55 20.02 50.89
N PRO G 266 26.73 20.38 49.60
CA PRO G 266 27.98 20.05 48.92
C PRO G 266 29.25 20.48 49.64
N LEU G 267 30.26 19.61 49.61
CA LEU G 267 31.55 19.86 50.23
C LEU G 267 32.39 20.80 49.36
N SER G 268 33.31 21.54 49.96
CA SER G 268 34.18 22.43 49.21
C SER G 268 35.30 21.56 48.61
N MET G 269 36.04 22.07 47.61
CA MET G 269 37.12 21.30 47.01
C MET G 269 38.18 20.93 48.06
N ASP G 270 38.40 21.79 49.06
CA ASP G 270 39.36 21.55 50.12
C ASP G 270 38.81 20.40 50.97
N GLU G 271 37.59 20.55 51.53
CA GLU G 271 36.98 19.52 52.36
C GLU G 271 37.07 18.12 51.78
N LEU G 272 36.80 17.98 50.47
CA LEU G 272 36.84 16.67 49.82
C LEU G 272 38.26 16.14 49.75
N GLU G 273 39.22 16.99 49.39
CA GLU G 273 40.61 16.56 49.30
C GLU G 273 41.14 16.15 50.67
N LYS G 274 40.84 16.93 51.73
CA LYS G 274 41.31 16.59 53.08
C LYS G 274 40.67 15.30 53.57
N LEU G 275 39.41 15.06 53.19
CA LEU G 275 38.71 13.84 53.59
C LEU G 275 39.37 12.63 52.92
N VAL G 276 39.74 12.77 51.63
CA VAL G 276 40.39 11.69 50.90
C VAL G 276 41.78 11.43 51.51
N GLU G 277 42.51 12.50 51.85
CA GLU G 277 43.84 12.37 52.44
C GLU G 277 43.78 11.77 53.84
N LYS G 278 42.73 12.07 54.61
CA LYS G 278 42.59 11.54 55.97
C LYS G 278 42.53 10.02 55.94
N TYR G 279 41.62 9.46 55.13
CA TYR G 279 41.47 8.01 55.03
C TYR G 279 42.62 7.39 54.23
N GLY G 280 43.08 8.09 53.19
CA GLY G 280 44.19 7.65 52.36
C GLY G 280 44.02 6.25 51.84
N LEU G 281 42.86 5.97 51.23
CA LEU G 281 42.59 4.63 50.65
C LEU G 281 43.60 4.37 49.54
N TYR G 282 43.72 5.32 48.60
CA TYR G 282 44.59 5.11 47.42
C TYR G 282 45.78 6.06 47.49
N PHE H 3 42.78 30.23 14.67
CA PHE H 3 43.14 29.03 15.44
C PHE H 3 44.53 28.48 15.05
N ASP H 4 45.04 28.83 13.86
CA ASP H 4 46.36 28.40 13.40
C ASP H 4 47.43 29.47 13.64
N GLU H 5 47.02 30.73 13.83
CA GLU H 5 47.94 31.85 14.07
C GLU H 5 48.44 31.89 15.52
N ILE H 6 47.68 31.31 16.46
CA ILE H 6 48.09 31.30 17.87
C ILE H 6 49.23 30.30 18.07
N ALA H 7 50.39 30.74 18.59
CA ALA H 7 51.57 29.88 18.81
C ALA H 7 51.88 29.03 17.56
N PRO H 8 52.30 29.68 16.44
CA PRO H 8 52.55 28.90 15.22
C PRO H 8 53.79 28.00 15.27
N ASN H 9 54.80 28.38 16.05
CA ASN H 9 56.02 27.58 16.17
C ASN H 9 55.90 26.48 17.24
N ALA H 10 54.71 26.31 17.84
CA ALA H 10 54.50 25.32 18.89
C ALA H 10 53.77 24.08 18.39
N LYS H 11 54.02 22.95 19.04
CA LYS H 11 53.38 21.67 18.74
C LYS H 11 52.08 21.65 19.54
N LYS H 12 50.95 21.98 18.90
CA LYS H 12 49.67 22.01 19.61
C LYS H 12 49.14 20.60 19.81
N VAL H 13 49.02 20.18 21.07
CA VAL H 13 48.54 18.85 21.40
C VAL H 13 47.38 18.94 22.38
N ALA H 14 46.43 17.99 22.30
CA ALA H 14 45.30 17.95 23.21
C ALA H 14 45.19 16.54 23.78
N ILE H 15 45.19 16.41 25.11
CA ILE H 15 45.11 15.12 25.78
C ILE H 15 43.68 14.85 26.22
N TYR H 16 43.08 13.77 25.70
CA TYR H 16 41.72 13.38 26.02
C TYR H 16 41.74 12.07 26.82
N GLY H 17 40.60 11.68 27.37
CA GLY H 17 40.50 10.44 28.14
C GLY H 17 39.39 10.46 29.17
N LYS H 18 39.10 9.28 29.72
CA LYS H 18 38.08 9.11 30.74
C LYS H 18 38.48 9.87 32.02
N GLY H 19 37.49 10.24 32.83
CA GLY H 19 37.76 10.93 34.08
C GLY H 19 38.54 10.07 35.06
N GLY H 20 39.58 10.64 35.65
CA GLY H 20 40.42 9.94 36.61
C GLY H 20 41.36 8.93 36.01
N ILE H 21 41.51 8.92 34.68
CA ILE H 21 42.39 7.98 34.00
C ILE H 21 43.87 8.37 34.10
N GLY H 22 44.15 9.64 34.40
CA GLY H 22 45.52 10.11 34.54
C GLY H 22 45.93 11.09 33.46
N LYS H 23 44.98 11.94 33.01
CA LYS H 23 45.29 12.94 31.98
C LYS H 23 46.12 14.07 32.58
N SER H 24 45.67 14.64 33.72
CA SER H 24 46.37 15.73 34.38
C SER H 24 47.77 15.30 34.81
N THR H 25 47.90 14.08 35.35
CA THR H 25 49.19 13.57 35.79
C THR H 25 50.14 13.45 34.59
N THR H 26 49.67 12.82 33.51
CA THR H 26 50.50 12.62 32.32
C THR H 26 50.85 13.95 31.65
N THR H 27 49.86 14.81 31.41
CA THR H 27 50.07 16.10 30.76
C THR H 27 51.06 16.98 31.53
N GLN H 28 50.89 17.10 32.85
CA GLN H 28 51.76 17.94 33.66
C GLN H 28 53.19 17.40 33.70
N ASN H 29 53.36 16.10 33.97
CA ASN H 29 54.70 15.50 34.04
C ASN H 29 55.39 15.49 32.68
N THR H 30 54.64 15.32 31.59
CA THR H 30 55.24 15.33 30.26
C THR H 30 55.73 16.74 29.95
N ALA H 31 54.91 17.76 30.25
CA ALA H 31 55.29 19.15 30.03
C ALA H 31 56.49 19.50 30.89
N ALA H 32 56.51 19.04 32.16
CA ALA H 32 57.61 19.30 33.07
C ALA H 32 58.91 18.68 32.54
N ALA H 33 58.82 17.48 31.97
CA ALA H 33 59.99 16.81 31.40
C ALA H 33 60.50 17.57 30.17
N LEU H 34 59.59 18.05 29.33
CA LEU H 34 59.94 18.80 28.13
C LEU H 34 60.61 20.13 28.47
N ALA H 35 60.13 20.80 29.52
CA ALA H 35 60.68 22.09 29.94
C ALA H 35 61.97 21.98 30.75
N TYR H 36 62.15 20.90 31.52
CA TYR H 36 63.33 20.75 32.37
C TYR H 36 64.47 19.98 31.67
N TYR H 37 64.18 18.82 31.06
CA TYR H 37 65.23 18.03 30.40
C TYR H 37 65.63 18.60 29.03
N TYR H 38 64.65 18.94 28.17
CA TYR H 38 64.94 19.47 26.84
C TYR H 38 64.90 21.00 26.73
N LYS H 39 64.60 21.70 27.85
CA LYS H 39 64.51 23.17 27.88
C LYS H 39 63.62 23.72 26.76
N LEU H 40 62.36 23.34 26.77
CA LEU H 40 61.38 23.80 25.80
C LEU H 40 60.36 24.70 26.50
N LYS H 41 60.03 25.85 25.89
CA LYS H 41 59.06 26.79 26.44
C LYS H 41 57.68 26.17 26.19
N GLY H 42 56.90 25.98 27.25
CA GLY H 42 55.59 25.37 27.12
C GLY H 42 54.47 26.06 27.86
N MET H 43 53.25 25.52 27.70
CA MET H 43 52.05 26.08 28.32
C MET H 43 50.96 25.00 28.42
N ILE H 44 50.19 25.00 29.51
CA ILE H 44 49.11 24.04 29.71
C ILE H 44 47.81 24.80 29.84
N HIS H 45 46.79 24.43 29.05
CA HIS H 45 45.49 25.07 29.11
C HIS H 45 44.49 23.99 29.56
N GLY H 46 44.14 24.03 30.83
CA GLY H 46 43.21 23.08 31.41
C GLY H 46 41.78 23.28 30.93
N CYS H 47 41.28 22.31 30.16
CA CYS H 47 39.92 22.34 29.63
C CYS H 47 39.04 21.29 30.34
N ASP H 48 39.34 21.00 31.61
CA ASP H 48 38.58 20.04 32.40
C ASP H 48 37.90 20.84 33.51
N PRO H 49 36.57 20.72 33.71
CA PRO H 49 35.91 21.49 34.76
C PRO H 49 36.41 21.22 36.19
N LYS H 50 37.27 20.19 36.38
CA LYS H 50 37.82 19.89 37.70
C LYS H 50 38.77 21.01 38.17
N ALA H 51 39.42 21.71 37.22
CA ALA H 51 40.34 22.83 37.47
C ALA H 51 41.57 22.48 38.31
N ASP H 52 42.10 21.27 38.14
CA ASP H 52 43.30 20.84 38.85
C ASP H 52 44.40 20.35 37.88
N SER H 53 44.24 20.64 36.59
CA SER H 53 45.19 20.21 35.55
C SER H 53 46.51 20.98 35.57
N THR H 54 46.63 22.03 36.41
CA THR H 54 47.87 22.82 36.49
C THR H 54 48.35 23.00 37.94
N ARG H 55 47.87 22.18 38.91
CA ARG H 55 48.28 22.34 40.31
C ARG H 55 49.72 21.93 40.57
N MET H 56 50.15 20.77 40.04
CA MET H 56 51.50 20.30 40.30
C MET H 56 52.55 21.19 39.65
N ILE H 57 52.22 21.83 38.52
CA ILE H 57 53.15 22.74 37.86
C ILE H 57 53.23 24.01 38.72
N LEU H 58 52.09 24.46 39.29
CA LEU H 58 52.07 25.64 40.16
C LEU H 58 52.42 25.30 41.62
N HIS H 59 53.01 24.11 41.86
CA HIS H 59 53.45 23.67 43.18
C HIS H 59 52.34 23.61 44.24
N GLY H 60 51.23 22.96 43.91
CA GLY H 60 50.11 22.81 44.82
C GLY H 60 49.19 24.01 44.96
N LYS H 61 49.64 25.19 44.52
CA LYS H 61 48.83 26.40 44.63
C LYS H 61 47.64 26.34 43.66
N PRO H 62 46.38 26.45 44.14
CA PRO H 62 45.24 26.39 43.20
C PRO H 62 45.20 27.63 42.31
N GLN H 63 44.79 27.44 41.05
CA GLN H 63 44.70 28.54 40.11
C GLN H 63 43.27 29.03 39.96
N GLU H 64 43.08 30.36 39.98
CA GLU H 64 41.74 30.92 39.75
C GLU H 64 41.37 30.70 38.28
N THR H 65 40.23 30.07 38.01
CA THR H 65 39.82 29.76 36.64
C THR H 65 39.41 31.03 35.90
N VAL H 66 39.38 30.98 34.57
CA VAL H 66 38.98 32.13 33.76
C VAL H 66 37.54 32.51 34.10
N MET H 67 36.66 31.51 34.28
CA MET H 67 35.25 31.70 34.63
C MET H 67 35.12 32.43 35.97
N ASP H 68 35.96 32.06 36.94
CA ASP H 68 35.93 32.68 38.26
C ASP H 68 36.36 34.15 38.19
N VAL H 69 37.42 34.44 37.41
CA VAL H 69 37.91 35.81 37.28
C VAL H 69 36.88 36.67 36.53
N LEU H 70 36.27 36.12 35.48
CA LEU H 70 35.28 36.87 34.71
C LEU H 70 34.02 37.14 35.51
N ARG H 71 33.58 36.17 36.30
CA ARG H 71 32.38 36.30 37.10
C ARG H 71 32.50 37.34 38.20
N GLU H 72 33.61 37.36 38.92
CA GLU H 72 33.80 38.31 40.02
C GLU H 72 34.48 39.62 39.64
N GLU H 73 34.98 39.77 38.39
CA GLU H 73 35.67 41.01 37.99
C GLU H 73 35.20 41.61 36.67
N GLY H 74 34.42 40.87 35.89
CA GLY H 74 33.92 41.36 34.62
C GLY H 74 35.00 41.39 33.55
N GLU H 75 34.59 41.53 32.28
CA GLU H 75 35.51 41.57 31.15
C GLU H 75 36.52 42.74 31.22
N GLU H 76 36.21 43.80 31.97
CA GLU H 76 37.12 44.95 32.09
C GLU H 76 38.21 44.73 33.15
N GLY H 77 37.88 44.04 34.23
CA GLY H 77 38.82 43.79 35.30
C GLY H 77 39.72 42.58 35.10
N VAL H 78 39.58 41.91 33.95
CA VAL H 78 40.37 40.68 33.66
C VAL H 78 41.71 41.07 33.01
N THR H 79 42.82 40.51 33.50
CA THR H 79 44.12 40.76 32.90
C THR H 79 44.85 39.43 32.75
N LEU H 80 45.86 39.39 31.88
CA LEU H 80 46.60 38.16 31.62
C LEU H 80 47.32 37.63 32.87
N GLU H 81 47.72 38.53 33.77
CA GLU H 81 48.40 38.18 35.01
C GLU H 81 47.52 37.33 35.96
N LYS H 82 46.22 37.63 36.02
CA LYS H 82 45.28 36.92 36.90
C LYS H 82 44.85 35.53 36.39
N VAL H 83 44.79 35.35 35.07
CA VAL H 83 44.34 34.09 34.47
C VAL H 83 45.50 33.18 34.06
N ARG H 84 46.67 33.74 33.73
CA ARG H 84 47.83 32.95 33.32
C ARG H 84 48.93 33.07 34.37
N LYS H 85 49.32 31.93 34.97
CA LYS H 85 50.36 31.91 35.99
C LYS H 85 51.58 31.15 35.48
N VAL H 86 52.74 31.40 36.07
CA VAL H 86 53.97 30.73 35.68
C VAL H 86 54.36 29.74 36.78
N GLY H 87 54.74 28.53 36.38
CA GLY H 87 55.12 27.49 37.34
C GLY H 87 56.48 26.89 37.05
N PHE H 88 56.60 25.56 37.27
CA PHE H 88 57.86 24.84 37.07
C PHE H 88 58.47 25.07 35.69
N CYS H 89 59.76 25.43 35.65
CA CYS H 89 60.51 25.68 34.42
C CYS H 89 59.82 26.65 33.45
N GLY H 90 59.23 27.70 34.01
CA GLY H 90 58.54 28.72 33.22
C GLY H 90 57.36 28.25 32.39
N ILE H 91 56.68 27.17 32.79
CA ILE H 91 55.53 26.69 32.03
C ILE H 91 54.32 27.54 32.39
N TYR H 92 53.69 28.14 31.38
CA TYR H 92 52.52 28.97 31.61
C TYR H 92 51.32 28.08 31.88
N CYS H 93 50.41 28.52 32.76
CA CYS H 93 49.24 27.72 33.12
C CYS H 93 47.97 28.55 33.05
N VAL H 94 46.89 27.94 32.58
CA VAL H 94 45.59 28.61 32.52
C VAL H 94 44.51 27.56 32.69
N GLU H 95 43.47 27.87 33.48
CA GLU H 95 42.38 26.93 33.75
C GLU H 95 41.10 27.55 33.22
N SER H 96 40.44 26.88 32.27
CA SER H 96 39.21 27.40 31.68
C SER H 96 38.08 27.47 32.70
N GLY H 97 37.91 26.41 33.48
CA GLY H 97 36.85 26.34 34.47
C GLY H 97 35.52 26.03 33.81
N GLY H 98 34.43 26.36 34.48
CA GLY H 98 33.10 26.10 33.92
C GLY H 98 31.97 26.62 34.80
N PRO H 99 30.72 26.53 34.31
CA PRO H 99 29.59 27.00 35.11
C PRO H 99 29.26 26.06 36.26
N GLU H 100 28.39 26.48 37.18
CA GLU H 100 28.00 25.64 38.31
C GLU H 100 27.25 24.40 37.80
N PRO H 101 27.44 23.21 38.40
CA PRO H 101 26.71 22.02 37.90
C PRO H 101 25.21 22.24 37.75
N GLY H 102 24.67 21.88 36.60
CA GLY H 102 23.25 22.03 36.30
C GLY H 102 22.92 23.35 35.61
N VAL H 103 23.90 24.27 35.52
CA VAL H 103 23.72 25.57 34.89
C VAL H 103 24.43 25.65 33.55
N GLY H 104 23.66 25.70 32.47
CA GLY H 104 24.21 25.81 31.13
C GLY H 104 24.99 24.61 30.63
N CYS H 105 25.96 24.88 29.75
CA CYS H 105 26.79 23.82 29.14
C CYS H 105 28.14 23.77 29.85
N ALA H 106 28.56 22.59 30.31
CA ALA H 106 29.81 22.42 31.04
C ALA H 106 31.05 22.83 30.23
N GLY H 107 31.01 22.63 28.93
CA GLY H 107 32.13 22.97 28.06
C GLY H 107 32.21 24.43 27.69
N ARG H 108 31.23 25.26 28.10
CA ARG H 108 31.22 26.69 27.76
C ARG H 108 32.44 27.44 28.26
N GLY H 109 33.03 26.97 29.35
CA GLY H 109 34.21 27.60 29.92
C GLY H 109 35.42 27.48 29.02
N VAL H 110 35.50 26.41 28.22
CA VAL H 110 36.63 26.19 27.32
C VAL H 110 36.62 27.24 26.20
N ILE H 111 35.46 27.47 25.59
CA ILE H 111 35.33 28.42 24.50
C ILE H 111 35.68 29.84 24.95
N THR H 112 35.15 30.25 26.10
CA THR H 112 35.40 31.58 26.64
C THR H 112 36.88 31.79 26.94
N ALA H 113 37.53 30.80 27.57
CA ALA H 113 38.95 30.91 27.91
C ALA H 113 39.87 30.94 26.71
N VAL H 114 39.58 30.14 25.67
CA VAL H 114 40.41 30.13 24.47
C VAL H 114 40.26 31.46 23.76
N ASN H 115 39.02 31.96 23.66
CA ASN H 115 38.77 33.27 23.00
C ASN H 115 39.48 34.37 23.78
N LEU H 116 39.39 34.35 25.11
CA LEU H 116 40.02 35.40 25.92
C LEU H 116 41.53 35.35 25.77
N MET H 117 42.11 34.14 25.71
CA MET H 117 43.56 33.98 25.51
C MET H 117 43.98 34.56 24.17
N LYS H 118 43.09 34.56 23.17
CA LYS H 118 43.38 35.13 21.86
C LYS H 118 43.37 36.64 21.98
N GLU H 119 42.34 37.20 22.62
CA GLU H 119 42.18 38.64 22.78
C GLU H 119 43.34 39.26 23.58
N LEU H 120 43.80 38.57 24.63
CA LEU H 120 44.90 39.11 25.44
C LEU H 120 46.30 38.67 24.96
N GLY H 121 46.39 37.89 23.90
CA GLY H 121 47.68 37.42 23.39
C GLY H 121 48.41 36.58 24.41
N GLY H 122 47.67 35.71 25.08
CA GLY H 122 48.20 34.83 26.11
C GLY H 122 48.90 33.58 25.64
N TYR H 123 48.96 33.35 24.32
CA TYR H 123 49.64 32.18 23.79
C TYR H 123 50.93 32.74 23.16
N PRO H 124 52.06 32.74 23.88
CA PRO H 124 53.29 33.31 23.30
C PRO H 124 53.67 32.69 21.97
N ASP H 125 54.09 33.52 21.00
CA ASP H 125 54.46 33.04 19.67
C ASP H 125 55.69 32.13 19.72
N ASP H 126 56.63 32.41 20.64
CA ASP H 126 57.85 31.61 20.77
C ASP H 126 57.65 30.30 21.55
N LEU H 127 56.39 29.83 21.72
CA LEU H 127 56.14 28.58 22.43
C LEU H 127 56.65 27.42 21.60
N ASP H 128 57.11 26.35 22.27
CA ASP H 128 57.60 25.15 21.61
C ASP H 128 56.52 24.06 21.65
N PHE H 129 55.72 24.03 22.73
CA PHE H 129 54.63 23.07 22.87
C PHE H 129 53.47 23.71 23.65
N LEU H 130 52.24 23.30 23.34
CA LEU H 130 51.03 23.80 24.01
C LEU H 130 50.11 22.62 24.21
N PHE H 131 49.81 22.27 25.46
CA PHE H 131 48.96 21.13 25.77
C PHE H 131 47.59 21.57 26.30
N PHE H 132 46.55 20.80 25.97
CA PHE H 132 45.18 21.06 26.41
C PHE H 132 44.66 19.82 27.13
N ASP H 133 44.46 19.89 28.44
CA ASP H 133 43.94 18.76 29.20
C ASP H 133 42.42 18.82 29.05
N VAL H 134 41.84 18.00 28.17
CA VAL H 134 40.40 18.04 27.90
C VAL H 134 39.62 16.87 28.50
N LEU H 135 38.38 17.15 28.94
CA LEU H 135 37.47 16.15 29.50
C LEU H 135 36.92 15.32 28.33
N GLY H 136 37.15 14.02 28.37
CA GLY H 136 36.72 13.11 27.31
C GLY H 136 35.54 12.20 27.62
N ASP H 137 34.91 12.35 28.79
CA ASP H 137 33.75 11.50 29.13
C ASP H 137 32.60 11.73 28.15
N VAL H 138 32.48 12.96 27.62
CA VAL H 138 31.47 13.33 26.63
C VAL H 138 32.18 14.17 25.56
N VAL H 139 31.91 13.88 24.28
CA VAL H 139 32.54 14.62 23.19
C VAL H 139 31.50 15.58 22.64
N CYS H 140 31.47 16.79 23.21
CA CYS H 140 30.48 17.77 22.75
C CYS H 140 30.82 19.14 23.32
N GLY H 141 30.17 20.17 22.81
CA GLY H 141 30.38 21.54 23.25
C GLY H 141 31.83 21.95 23.23
N GLY H 142 32.26 22.63 24.30
CA GLY H 142 33.63 23.10 24.41
C GLY H 142 34.65 21.97 24.47
N PHE H 143 34.24 20.78 24.93
CA PHE H 143 35.14 19.64 25.01
C PHE H 143 35.49 19.13 23.61
N ALA H 144 34.54 19.17 22.69
CA ALA H 144 34.79 18.74 21.31
C ALA H 144 35.34 19.88 20.44
N MET H 145 35.42 21.12 20.98
CA MET H 145 35.91 22.30 20.26
C MET H 145 37.34 22.11 19.72
N PRO H 146 38.31 21.61 20.49
CA PRO H 146 39.67 21.43 19.93
C PRO H 146 39.73 20.52 18.71
N LEU H 147 38.81 19.54 18.62
CA LEU H 147 38.78 18.62 17.48
C LEU H 147 38.08 19.28 16.29
N ARG H 148 37.02 20.03 16.56
CA ARG H 148 36.21 20.71 15.55
C ARG H 148 36.90 21.95 14.95
N ASP H 149 37.47 22.80 15.80
CA ASP H 149 38.13 24.04 15.36
C ASP H 149 39.59 23.90 15.00
N GLY H 150 40.13 22.69 15.08
CA GLY H 150 41.54 22.47 14.78
C GLY H 150 42.44 23.28 15.70
N LEU H 151 42.05 23.37 16.98
CA LEU H 151 42.80 24.10 18.01
C LEU H 151 44.14 23.40 18.21
N ALA H 152 44.09 22.07 18.36
CA ALA H 152 45.25 21.22 18.49
C ALA H 152 45.15 20.18 17.38
N LYS H 153 46.17 20.11 16.51
CA LYS H 153 46.13 19.18 15.39
C LYS H 153 46.46 17.75 15.82
N GLU H 154 47.29 17.58 16.85
CA GLU H 154 47.67 16.24 17.33
C GLU H 154 46.92 15.90 18.60
N ILE H 155 46.26 14.74 18.63
CA ILE H 155 45.50 14.32 19.81
C ILE H 155 46.07 13.01 20.34
N TYR H 156 46.07 12.85 21.67
CA TYR H 156 46.53 11.63 22.32
C TYR H 156 45.51 11.29 23.38
N ILE H 157 45.13 10.01 23.46
CA ILE H 157 44.13 9.60 24.43
C ILE H 157 44.77 8.73 25.50
N VAL H 158 44.57 9.09 26.76
CA VAL H 158 45.09 8.30 27.86
C VAL H 158 44.04 7.25 28.15
N SER H 159 44.44 5.98 28.25
CA SER H 159 43.50 4.90 28.52
C SER H 159 44.17 3.75 29.25
N SER H 160 43.36 2.91 29.89
CA SER H 160 43.82 1.72 30.61
C SER H 160 43.08 0.50 30.02
N GLY H 161 43.35 -0.68 30.55
CA GLY H 161 42.70 -1.90 30.08
C GLY H 161 41.21 -1.95 30.37
N GLU H 162 40.69 -1.04 31.21
CA GLU H 162 39.28 -1.00 31.57
C GLU H 162 38.39 -0.80 30.35
N MET H 163 37.22 -1.44 30.35
CA MET H 163 36.26 -1.32 29.25
C MET H 163 35.81 0.13 29.08
N MET H 164 35.49 0.82 30.19
CA MET H 164 35.03 2.20 30.12
C MET H 164 36.10 3.13 29.57
N ALA H 165 37.37 2.90 29.92
CA ALA H 165 38.47 3.72 29.42
C ALA H 165 38.63 3.53 27.93
N LEU H 166 38.51 2.28 27.45
CA LEU H 166 38.64 2.00 26.02
C LEU H 166 37.40 2.51 25.26
N TYR H 167 36.21 2.43 25.89
CA TYR H 167 34.97 2.91 25.30
C TYR H 167 35.09 4.42 25.06
N ALA H 168 35.57 5.15 26.08
CA ALA H 168 35.74 6.60 25.96
C ALA H 168 36.74 6.93 24.87
N ALA H 169 37.86 6.19 24.82
CA ALA H 169 38.88 6.40 23.79
C ALA H 169 38.33 6.16 22.40
N ASN H 170 37.47 5.16 22.24
CA ASN H 170 36.86 4.86 20.94
C ASN H 170 35.91 5.98 20.55
N ASN H 171 35.16 6.54 21.52
CA ASN H 171 34.23 7.63 21.27
C ASN H 171 34.99 8.90 20.87
N ILE H 172 36.14 9.16 21.50
CA ILE H 172 36.95 10.33 21.15
C ILE H 172 37.46 10.15 19.71
N ALA H 173 37.87 8.92 19.36
CA ALA H 173 38.32 8.59 18.01
C ALA H 173 37.21 8.84 17.00
N LYS H 174 35.94 8.59 17.38
CA LYS H 174 34.80 8.84 16.50
C LYS H 174 34.69 10.33 16.21
N GLY H 175 34.92 11.16 17.23
CA GLY H 175 34.88 12.61 17.07
C GLY H 175 36.01 13.11 16.20
N ILE H 176 37.19 12.47 16.31
CA ILE H 176 38.36 12.84 15.50
C ILE H 176 38.04 12.54 14.05
N LEU H 177 37.55 11.32 13.76
CA LEU H 177 37.20 10.90 12.40
C LEU H 177 36.18 11.85 11.77
N LYS H 178 35.20 12.33 12.55
CA LYS H 178 34.18 13.24 12.03
C LYS H 178 34.78 14.57 11.55
N TYR H 179 35.62 15.21 12.38
CA TYR H 179 36.24 16.49 12.03
C TYR H 179 37.64 16.32 11.46
N ALA H 180 37.97 15.15 10.88
CA ALA H 180 39.31 14.94 10.36
C ALA H 180 39.56 15.69 9.06
N GLU H 181 38.59 15.69 8.16
CA GLU H 181 38.74 16.37 6.88
C GLU H 181 38.51 17.88 6.99
N GLN H 182 37.52 18.27 7.80
CA GLN H 182 37.16 19.68 7.98
C GLN H 182 38.25 20.49 8.68
N SER H 183 38.79 19.98 9.80
CA SER H 183 39.80 20.70 10.58
C SER H 183 41.23 20.20 10.42
N GLY H 184 41.42 19.01 9.87
CA GLY H 184 42.75 18.45 9.71
C GLY H 184 43.33 17.90 11.01
N VAL H 185 42.49 17.60 12.02
CA VAL H 185 42.99 17.05 13.28
C VAL H 185 43.23 15.54 13.11
N ARG H 186 44.22 15.02 13.82
CA ARG H 186 44.61 13.61 13.71
C ARG H 186 44.92 12.98 15.06
N LEU H 187 44.92 11.64 15.13
CA LEU H 187 45.22 10.92 16.35
C LEU H 187 46.68 10.48 16.32
N GLY H 188 47.49 11.01 17.23
CA GLY H 188 48.90 10.66 17.31
C GLY H 188 49.16 9.29 17.90
N GLY H 189 48.31 8.87 18.83
CA GLY H 189 48.45 7.57 19.45
C GLY H 189 47.74 7.46 20.79
N ILE H 190 47.72 6.26 21.36
CA ILE H 190 47.08 6.02 22.64
C ILE H 190 48.16 5.90 23.70
N ILE H 191 48.00 6.60 24.81
CA ILE H 191 48.96 6.55 25.92
C ILE H 191 48.32 5.65 26.97
N CYS H 192 49.01 4.59 27.41
CA CYS H 192 48.44 3.68 28.40
C CYS H 192 48.91 4.01 29.82
N ASN H 193 47.99 4.41 30.70
CA ASN H 193 48.32 4.69 32.09
C ASN H 193 48.02 3.37 32.81
N SER H 194 49.07 2.58 33.06
CA SER H 194 48.94 1.26 33.67
C SER H 194 48.23 1.24 35.03
N ARG H 195 47.52 0.12 35.28
CA ARG H 195 46.81 -0.15 36.52
C ARG H 195 47.37 -1.44 37.20
N ASN H 196 48.53 -1.95 36.72
CA ASN H 196 49.18 -3.16 37.21
C ASN H 196 48.31 -4.40 37.06
N VAL H 197 47.75 -4.60 35.86
CA VAL H 197 46.91 -5.76 35.57
C VAL H 197 47.68 -6.64 34.58
N ASP H 198 47.44 -7.95 34.63
CA ASP H 198 48.14 -8.89 33.75
C ASP H 198 47.73 -8.68 32.29
N GLY H 199 48.71 -8.62 31.40
CA GLY H 199 48.47 -8.46 29.98
C GLY H 199 47.75 -7.18 29.57
N GLU H 200 48.01 -6.07 30.26
CA GLU H 200 47.38 -4.80 29.95
C GLU H 200 47.93 -4.27 28.63
N ARG H 201 49.25 -4.32 28.47
CA ARG H 201 49.88 -3.81 27.22
C ARG H 201 49.36 -4.61 26.03
N GLU H 202 49.36 -5.93 26.13
CA GLU H 202 48.95 -6.78 25.01
C GLU H 202 47.54 -6.42 24.52
N LEU H 203 46.60 -6.14 25.44
CA LEU H 203 45.24 -5.76 25.05
C LEU H 203 45.29 -4.39 24.36
N MET H 204 46.02 -3.44 24.96
CA MET H 204 46.15 -2.08 24.43
C MET H 204 46.74 -2.08 23.03
N GLU H 205 47.72 -2.96 22.79
CA GLU H 205 48.38 -3.02 21.45
C GLU H 205 47.36 -3.48 20.41
N GLU H 206 46.57 -4.52 20.73
CA GLU H 206 45.58 -5.02 19.77
C GLU H 206 44.49 -3.97 19.55
N PHE H 207 44.13 -3.22 20.61
CA PHE H 207 43.13 -2.15 20.52
C PHE H 207 43.61 -1.08 19.55
N CYS H 208 44.89 -0.69 19.63
CA CYS H 208 45.47 0.32 18.75
C CYS H 208 45.50 -0.20 17.31
N ASP H 209 45.81 -1.50 17.12
CA ASP H 209 45.84 -2.10 15.78
C ASP H 209 44.46 -1.99 15.12
N LYS H 210 43.40 -2.34 15.88
CA LYS H 210 42.04 -2.28 15.36
C LYS H 210 41.60 -0.83 15.14
N LEU H 211 42.08 0.10 15.98
CA LEU H 211 41.75 1.52 15.87
C LEU H 211 42.59 2.23 14.78
N GLY H 212 43.57 1.55 14.21
CA GLY H 212 44.40 2.10 13.15
C GLY H 212 45.46 3.07 13.65
N THR H 213 45.87 2.95 14.92
CA THR H 213 46.88 3.83 15.51
C THR H 213 47.95 2.98 16.24
N LYS H 214 48.84 3.62 17.03
CA LYS H 214 49.90 2.93 17.76
C LYS H 214 49.82 3.24 19.25
N LEU H 215 50.35 2.33 20.08
CA LEU H 215 50.40 2.55 21.53
C LEU H 215 51.71 3.31 21.73
N ILE H 216 51.66 4.63 21.56
CA ILE H 216 52.84 5.48 21.66
C ILE H 216 53.69 5.24 22.92
N HIS H 217 53.08 5.04 24.08
CA HIS H 217 53.84 4.82 25.31
C HIS H 217 53.06 4.09 26.39
N PHE H 218 53.77 3.37 27.27
CA PHE H 218 53.19 2.63 28.38
C PHE H 218 53.73 3.24 29.67
N ILE H 219 52.91 4.03 30.37
CA ILE H 219 53.32 4.64 31.62
C ILE H 219 53.05 3.65 32.76
N PRO H 220 54.06 3.23 33.54
CA PRO H 220 53.78 2.28 34.64
C PRO H 220 53.10 2.96 35.85
N ARG H 221 52.42 2.14 36.65
CA ARG H 221 51.78 2.66 37.89
C ARG H 221 52.85 2.74 38.98
N ASP H 222 53.20 3.94 39.42
CA ASP H 222 54.26 4.11 40.42
C ASP H 222 53.81 4.98 41.60
N ASN H 223 54.16 4.55 42.82
CA ASN H 223 53.81 5.28 44.04
C ASN H 223 54.48 6.65 44.10
N ILE H 224 55.58 6.87 43.34
CA ILE H 224 56.28 8.16 43.34
C ILE H 224 55.36 9.30 42.92
N VAL H 225 54.29 9.02 42.16
CA VAL H 225 53.35 10.05 41.72
C VAL H 225 52.66 10.65 42.95
N GLN H 226 52.17 9.79 43.83
CA GLN H 226 51.45 10.25 45.05
C GLN H 226 52.45 10.93 46.00
N LYS H 227 53.68 10.41 46.08
CA LYS H 227 54.67 10.97 47.00
C LYS H 227 55.04 12.38 46.54
N ALA H 228 55.19 12.58 45.21
CA ALA H 228 55.50 13.89 44.68
C ALA H 228 54.29 14.82 44.88
N GLU H 229 53.05 14.28 44.72
CA GLU H 229 51.83 15.06 44.91
C GLU H 229 51.76 15.56 46.35
N PHE H 230 52.10 14.68 47.31
CA PHE H 230 52.10 15.01 48.73
C PHE H 230 53.04 16.19 49.02
N ASN H 231 54.15 16.28 48.28
CA ASN H 231 55.12 17.36 48.43
C ASN H 231 54.77 18.56 47.51
N LYS H 232 53.54 18.62 46.98
CA LYS H 232 53.06 19.70 46.11
C LYS H 232 54.04 19.93 44.95
N MET H 233 54.34 18.87 44.19
CA MET H 233 55.27 18.99 43.06
C MET H 233 55.03 17.89 42.02
N THR H 234 55.62 18.04 40.82
CA THR H 234 55.52 17.03 39.77
C THR H 234 56.59 15.97 40.05
N VAL H 235 56.49 14.80 39.42
CA VAL H 235 57.49 13.75 39.59
C VAL H 235 58.84 14.21 39.02
N VAL H 236 58.82 14.98 37.91
CA VAL H 236 60.05 15.49 37.30
C VAL H 236 60.76 16.45 38.26
N GLU H 237 60.02 17.36 38.88
CA GLU H 237 60.58 18.31 39.83
C GLU H 237 61.03 17.63 41.13
N PHE H 238 60.27 16.62 41.58
CA PHE H 238 60.56 15.90 42.82
C PHE H 238 61.78 15.01 42.70
N ALA H 239 61.84 14.15 41.67
CA ALA H 239 62.95 13.24 41.48
C ALA H 239 63.22 13.07 39.98
N PRO H 240 63.97 13.98 39.33
CA PRO H 240 64.22 13.83 37.88
C PRO H 240 65.01 12.58 37.49
N ASP H 241 65.67 11.93 38.46
CA ASP H 241 66.45 10.72 38.18
C ASP H 241 65.64 9.43 38.44
N HIS H 242 64.37 9.54 38.88
CA HIS H 242 63.53 8.38 39.14
C HIS H 242 63.09 7.74 37.82
N PRO H 243 63.03 6.40 37.70
CA PRO H 243 62.60 5.80 36.43
C PRO H 243 61.29 6.37 35.88
N GLN H 244 60.34 6.72 36.76
CA GLN H 244 59.06 7.29 36.35
C GLN H 244 59.27 8.63 35.65
N ALA H 245 60.13 9.51 36.21
CA ALA H 245 60.41 10.81 35.59
C ALA H 245 60.99 10.62 34.18
N LEU H 246 61.82 9.58 33.99
CA LEU H 246 62.42 9.28 32.68
C LEU H 246 61.37 8.70 31.72
N GLU H 247 60.31 8.04 32.23
CA GLU H 247 59.25 7.52 31.38
C GLU H 247 58.51 8.69 30.73
N TYR H 248 58.23 9.77 31.52
CA TYR H 248 57.58 10.95 30.99
C TYR H 248 58.49 11.67 30.00
N LYS H 249 59.83 11.60 30.18
CA LYS H 249 60.80 12.19 29.27
C LYS H 249 60.73 11.46 27.94
N LYS H 250 60.64 10.12 27.99
CA LYS H 250 60.54 9.32 26.74
C LYS H 250 59.26 9.72 25.99
N LEU H 251 58.11 9.66 26.68
CA LEU H 251 56.78 10.02 26.10
C LEU H 251 56.87 11.40 25.45
N GLY H 252 57.43 12.38 26.17
CA GLY H 252 57.56 13.76 25.66
C GLY H 252 58.30 13.79 24.34
N LYS H 253 59.51 13.21 24.30
CA LYS H 253 60.31 13.20 23.08
C LYS H 253 59.48 12.55 21.96
N LYS H 254 58.81 11.43 22.27
CA LYS H 254 57.98 10.71 21.30
C LYS H 254 56.89 11.61 20.73
N ILE H 255 56.25 12.42 21.59
CA ILE H 255 55.18 13.34 21.15
C ILE H 255 55.79 14.41 20.23
N MET H 256 56.91 14.99 20.63
CA MET H 256 57.56 16.04 19.84
C MET H 256 58.00 15.55 18.47
N ASP H 257 58.61 14.36 18.40
CA ASP H 257 59.10 13.80 17.13
C ASP H 257 58.08 12.86 16.48
N ASN H 258 56.79 12.96 16.83
CA ASN H 258 55.78 12.09 16.24
C ASN H 258 55.34 12.56 14.85
N ASP H 259 55.43 11.66 13.87
CA ASP H 259 55.04 11.90 12.48
C ASP H 259 53.98 10.87 12.01
N GLU H 260 53.51 10.02 12.92
CA GLU H 260 52.52 8.98 12.53
C GLU H 260 51.12 9.42 12.96
N LEU H 261 50.79 10.71 12.77
CA LEU H 261 49.43 11.20 13.06
C LEU H 261 48.48 10.65 11.98
N VAL H 262 47.39 9.99 12.38
CA VAL H 262 46.50 9.33 11.38
C VAL H 262 45.03 9.50 11.76
N ILE H 263 44.12 9.30 10.80
CA ILE H 263 42.66 9.35 11.10
C ILE H 263 42.25 7.96 11.60
N PRO H 264 41.50 7.86 12.72
CA PRO H 264 41.20 6.54 13.32
C PRO H 264 40.08 5.72 12.67
N THR H 265 40.07 4.41 12.92
CA THR H 265 39.04 3.50 12.41
C THR H 265 38.31 2.99 13.66
N PRO H 266 37.34 3.75 14.18
CA PRO H 266 36.65 3.31 15.41
C PRO H 266 36.09 1.89 15.36
N LEU H 267 36.22 1.18 16.47
CA LEU H 267 35.73 -0.20 16.59
C LEU H 267 34.23 -0.19 16.82
N SER H 268 33.55 -1.27 16.45
CA SER H 268 32.11 -1.37 16.68
C SER H 268 31.92 -1.79 18.14
N MET H 269 30.71 -1.63 18.68
CA MET H 269 30.45 -2.02 20.06
C MET H 269 30.74 -3.50 20.29
N ASP H 270 30.50 -4.34 19.27
CA ASP H 270 30.73 -5.77 19.36
C ASP H 270 32.24 -6.06 19.35
N GLU H 271 33.00 -5.40 18.46
CA GLU H 271 34.45 -5.61 18.38
C GLU H 271 35.14 -5.29 19.69
N LEU H 272 34.73 -4.19 20.35
CA LEU H 272 35.34 -3.79 21.61
C LEU H 272 35.03 -4.78 22.72
N GLU H 273 33.78 -5.25 22.80
CA GLU H 273 33.39 -6.22 23.83
C GLU H 273 34.12 -7.54 23.63
N LYS H 274 34.18 -8.04 22.39
CA LYS H 274 34.87 -9.30 22.12
C LYS H 274 36.36 -9.18 22.43
N LEU H 275 36.96 -8.01 22.21
CA LEU H 275 38.37 -7.78 22.48
C LEU H 275 38.61 -7.80 23.98
N VAL H 276 37.71 -7.17 24.76
CA VAL H 276 37.84 -7.14 26.22
C VAL H 276 37.70 -8.56 26.77
N GLU H 277 36.75 -9.34 26.24
CA GLU H 277 36.54 -10.72 26.67
C GLU H 277 37.73 -11.60 26.32
N LYS H 278 38.39 -11.34 25.16
CA LYS H 278 39.55 -12.12 24.73
C LYS H 278 40.65 -12.11 25.81
N TYR H 279 41.07 -10.93 26.24
CA TYR H 279 42.10 -10.79 27.25
C TYR H 279 41.55 -11.05 28.66
N GLY H 280 40.33 -10.59 28.95
CA GLY H 280 39.68 -10.80 30.24
C GLY H 280 40.55 -10.41 31.42
N LEU H 281 41.05 -9.17 31.43
CA LEU H 281 41.91 -8.70 32.55
C LEU H 281 41.05 -8.61 33.81
N TYR H 282 39.92 -7.93 33.69
CA TYR H 282 39.07 -7.68 34.86
C TYR H 282 37.90 -8.66 34.87
N SER I 2 -2.95 -10.21 33.93
CA SER I 2 -2.44 -11.28 34.79
C SER I 2 -2.66 -12.65 34.14
N PHE I 3 -1.95 -13.68 34.62
CA PHE I 3 -2.09 -15.03 34.07
C PHE I 3 -3.40 -15.73 34.45
N ASP I 4 -4.17 -15.18 35.39
CA ASP I 4 -5.47 -15.77 35.76
C ASP I 4 -6.60 -15.25 34.84
N GLU I 5 -6.38 -14.10 34.17
CA GLU I 5 -7.37 -13.52 33.25
C GLU I 5 -7.39 -14.25 31.90
N ILE I 6 -6.29 -14.93 31.52
CA ILE I 6 -6.23 -15.65 30.25
C ILE I 6 -7.07 -16.93 30.36
N ALA I 7 -8.07 -17.11 29.48
CA ALA I 7 -8.93 -18.31 29.50
C ALA I 7 -9.42 -18.61 30.94
N PRO I 8 -10.27 -17.74 31.52
CA PRO I 8 -10.71 -17.98 32.91
C PRO I 8 -11.64 -19.18 33.09
N ASN I 9 -12.45 -19.50 32.07
CA ASN I 9 -13.37 -20.62 32.15
C ASN I 9 -12.70 -21.97 31.77
N ALA I 10 -11.38 -21.96 31.53
CA ALA I 10 -10.66 -23.17 31.15
C ALA I 10 -9.87 -23.76 32.29
N LYS I 11 -9.65 -25.08 32.25
CA LYS I 11 -8.85 -25.77 33.24
C LYS I 11 -7.42 -25.69 32.73
N LYS I 12 -6.61 -24.80 33.32
CA LYS I 12 -5.23 -24.61 32.89
C LYS I 12 -4.35 -25.70 33.52
N VAL I 13 -3.79 -26.55 32.68
CA VAL I 13 -2.94 -27.66 33.12
C VAL I 13 -1.60 -27.63 32.42
N ALA I 14 -0.54 -28.07 33.11
CA ALA I 14 0.80 -28.12 32.54
C ALA I 14 1.36 -29.52 32.75
N ILE I 15 1.79 -30.17 31.67
CA ILE I 15 2.34 -31.52 31.73
C ILE I 15 3.87 -31.46 31.72
N TYR I 16 4.49 -31.95 32.79
CA TYR I 16 5.95 -31.97 32.93
C TYR I 16 6.44 -33.41 32.87
N GLY I 17 7.74 -33.59 32.73
CA GLY I 17 8.32 -34.92 32.66
C GLY I 17 9.65 -34.96 31.95
N LYS I 18 10.34 -36.09 32.10
CA LYS I 18 11.64 -36.33 31.49
C LYS I 18 11.50 -36.40 29.96
N GLY I 19 12.57 -36.08 29.24
CA GLY I 19 12.56 -36.10 27.78
C GLY I 19 12.31 -37.47 27.23
N GLY I 20 11.40 -37.57 26.26
CA GLY I 20 11.05 -38.83 25.62
C GLY I 20 10.22 -39.77 26.48
N ILE I 21 9.70 -39.27 27.61
CA ILE I 21 8.88 -40.09 28.51
C ILE I 21 7.45 -40.28 27.98
N GLY I 22 7.00 -39.43 27.07
CA GLY I 22 5.66 -39.53 26.50
C GLY I 22 4.76 -38.38 26.88
N LYS I 23 5.31 -37.17 27.03
CA LYS I 23 4.51 -36.00 27.40
C LYS I 23 3.67 -35.58 26.20
N SER I 24 4.30 -35.40 25.02
CA SER I 24 3.63 -34.98 23.81
C SER I 24 2.55 -35.98 23.42
N THR I 25 2.84 -37.28 23.51
CA THR I 25 1.88 -38.32 23.16
C THR I 25 0.68 -38.26 24.10
N THR I 26 0.94 -38.18 25.42
CA THR I 26 -0.11 -38.12 26.43
C THR I 26 -0.95 -36.85 26.32
N THR I 27 -0.30 -35.69 26.23
CA THR I 27 -0.98 -34.40 26.14
C THR I 27 -1.86 -34.28 24.89
N GLN I 28 -1.32 -34.66 23.73
CA GLN I 28 -2.07 -34.58 22.47
C GLN I 28 -3.27 -35.53 22.46
N ASN I 29 -3.06 -36.80 22.82
CA ASN I 29 -4.15 -37.77 22.81
C ASN I 29 -5.21 -37.45 23.88
N THR I 30 -4.81 -36.91 25.03
CA THR I 30 -5.76 -36.54 26.07
C THR I 30 -6.62 -35.39 25.57
N ALA I 31 -5.98 -34.37 24.97
CA ALA I 31 -6.69 -33.22 24.43
C ALA I 31 -7.63 -33.67 23.31
N ALA I 32 -7.16 -34.59 22.44
CA ALA I 32 -7.97 -35.12 21.33
C ALA I 32 -9.19 -35.84 21.87
N ALA I 33 -9.03 -36.59 22.97
CA ALA I 33 -10.14 -37.32 23.58
C ALA I 33 -11.16 -36.35 24.18
N LEU I 34 -10.68 -35.30 24.85
CA LEU I 34 -11.57 -34.31 25.46
C LEU I 34 -12.35 -33.51 24.41
N ALA I 35 -11.72 -33.22 23.27
CA ALA I 35 -12.38 -32.48 22.20
C ALA I 35 -13.28 -33.37 21.35
N TYR I 36 -12.95 -34.67 21.22
CA TYR I 36 -13.72 -35.59 20.40
C TYR I 36 -14.89 -36.26 21.14
N TYR I 37 -14.62 -36.94 22.26
CA TYR I 37 -15.67 -37.63 23.00
C TYR I 37 -16.56 -36.66 23.78
N TYR I 38 -15.95 -35.69 24.48
CA TYR I 38 -16.71 -34.74 25.29
C TYR I 38 -17.00 -33.40 24.60
N LYS I 39 -16.58 -33.24 23.33
CA LYS I 39 -16.81 -32.00 22.57
C LYS I 39 -16.38 -30.73 23.31
N LEU I 40 -15.22 -30.76 23.96
CA LEU I 40 -14.71 -29.60 24.68
C LEU I 40 -13.75 -28.77 23.82
N LYS I 41 -13.81 -27.43 23.94
CA LYS I 41 -12.94 -26.53 23.18
C LYS I 41 -11.60 -26.49 23.92
N GLY I 42 -10.51 -26.83 23.24
CA GLY I 42 -9.20 -26.87 23.85
C GLY I 42 -8.08 -26.22 23.08
N MET I 43 -6.88 -26.20 23.68
CA MET I 43 -5.70 -25.59 23.09
C MET I 43 -4.43 -26.18 23.71
N ILE I 44 -3.39 -26.36 22.90
CA ILE I 44 -2.11 -26.90 23.38
C ILE I 44 -1.03 -25.88 23.11
N HIS I 45 -0.25 -25.53 24.14
CA HIS I 45 0.86 -24.59 23.99
C HIS I 45 2.14 -25.35 24.30
N GLY I 46 2.85 -25.74 23.25
CA GLY I 46 4.10 -26.48 23.37
C GLY I 46 5.22 -25.65 23.93
N CYS I 47 5.67 -25.99 25.14
CA CYS I 47 6.77 -25.30 25.81
C CYS I 47 8.02 -26.20 25.85
N ASP I 48 8.18 -27.08 24.84
CA ASP I 48 9.33 -27.96 24.74
C ASP I 48 10.11 -27.53 23.51
N PRO I 49 11.43 -27.28 23.60
CA PRO I 49 12.18 -26.85 22.39
C PRO I 49 12.18 -27.85 21.24
N LYS I 50 11.69 -29.08 21.46
CA LYS I 50 11.64 -30.06 20.38
C LYS I 50 10.66 -29.62 19.29
N ALA I 51 9.63 -28.84 19.65
CA ALA I 51 8.62 -28.27 18.75
C ALA I 51 7.80 -29.30 17.98
N ASP I 52 7.50 -30.44 18.62
CA ASP I 52 6.69 -31.48 18.00
C ASP I 52 5.50 -31.86 18.90
N SER I 53 5.20 -31.03 19.92
CA SER I 53 4.11 -31.28 20.85
C SER I 53 2.72 -31.06 20.26
N THR I 54 2.66 -30.63 18.99
CA THR I 54 1.35 -30.34 18.34
C THR I 54 1.28 -30.98 16.95
N ARG I 55 2.25 -31.82 16.59
CA ARG I 55 2.30 -32.39 15.22
C ARG I 55 1.09 -33.30 14.96
N MET I 56 0.79 -34.22 15.88
CA MET I 56 -0.30 -35.21 15.65
C MET I 56 -1.66 -34.51 15.59
N ILE I 57 -1.85 -33.44 16.36
CA ILE I 57 -3.11 -32.69 16.33
C ILE I 57 -3.20 -31.99 14.96
N LEU I 58 -2.08 -31.47 14.45
CA LEU I 58 -2.04 -30.82 13.13
C LEU I 58 -1.84 -31.84 11.99
N HIS I 59 -2.06 -33.13 12.26
CA HIS I 59 -1.98 -34.21 11.27
C HIS I 59 -0.63 -34.34 10.56
N GLY I 60 0.44 -34.40 11.35
CA GLY I 60 1.79 -34.55 10.84
C GLY I 60 2.41 -33.34 10.16
N LYS I 61 1.67 -32.24 10.10
CA LYS I 61 2.21 -31.01 9.44
C LYS I 61 2.99 -30.21 10.49
N PRO I 62 4.32 -30.00 10.34
CA PRO I 62 5.07 -29.29 11.40
C PRO I 62 4.61 -27.84 11.53
N GLN I 63 4.60 -27.32 12.76
CA GLN I 63 4.17 -25.95 13.01
C GLN I 63 5.34 -25.01 13.14
N GLU I 64 5.23 -23.81 12.57
CA GLU I 64 6.28 -22.81 12.68
C GLU I 64 6.23 -22.29 14.12
N THR I 65 7.36 -22.30 14.83
CA THR I 65 7.38 -21.86 16.22
C THR I 65 7.28 -20.35 16.32
N VAL I 66 6.92 -19.83 17.50
CA VAL I 66 6.80 -18.39 17.71
C VAL I 66 8.17 -17.72 17.48
N MET I 67 9.25 -18.34 17.98
CA MET I 67 10.59 -17.78 17.80
C MET I 67 10.95 -17.72 16.32
N ASP I 68 10.58 -18.74 15.53
CA ASP I 68 10.88 -18.76 14.10
C ASP I 68 10.13 -17.64 13.37
N VAL I 69 8.85 -17.43 13.71
CA VAL I 69 8.04 -16.39 13.07
C VAL I 69 8.58 -15.02 13.45
N LEU I 70 8.91 -14.83 14.73
CA LEU I 70 9.46 -13.54 15.20
C LEU I 70 10.79 -13.24 14.53
N ARG I 71 11.61 -14.28 14.32
CA ARG I 71 12.93 -14.12 13.70
C ARG I 71 12.83 -13.76 12.22
N GLU I 72 11.84 -14.31 11.52
CA GLU I 72 11.68 -14.04 10.09
C GLU I 72 10.82 -12.80 9.81
N GLU I 73 9.57 -12.78 10.29
CA GLU I 73 8.65 -11.67 10.05
C GLU I 73 8.80 -10.47 10.99
N GLY I 74 9.44 -10.66 12.14
CA GLY I 74 9.58 -9.57 13.12
C GLY I 74 8.27 -9.33 13.85
N GLU I 75 8.30 -8.64 15.00
CA GLU I 75 7.06 -8.37 15.76
C GLU I 75 6.00 -7.55 15.01
N GLU I 76 6.38 -6.96 13.87
CA GLU I 76 5.43 -6.11 13.10
C GLU I 76 4.67 -7.08 12.20
N GLY I 77 5.37 -8.00 11.53
CA GLY I 77 4.73 -8.93 10.59
C GLY I 77 4.16 -10.18 11.24
N VAL I 78 4.04 -10.11 12.57
CA VAL I 78 3.52 -11.28 13.34
C VAL I 78 2.02 -11.16 13.51
N THR I 79 1.29 -12.22 13.18
CA THR I 79 -0.15 -12.28 13.33
C THR I 79 -0.49 -13.59 14.03
N LEU I 80 -1.67 -13.64 14.64
CA LEU I 80 -2.15 -14.82 15.36
C LEU I 80 -2.34 -16.04 14.43
N GLU I 81 -2.50 -15.81 13.13
CA GLU I 81 -2.72 -16.89 12.16
C GLU I 81 -1.44 -17.67 11.87
N LYS I 82 -0.27 -17.05 11.97
CA LYS I 82 0.99 -17.74 11.69
C LYS I 82 1.51 -18.52 12.88
N VAL I 83 1.13 -18.10 14.10
CA VAL I 83 1.62 -18.77 15.30
C VAL I 83 0.60 -19.74 15.90
N ARG I 84 -0.68 -19.46 15.68
CA ARG I 84 -1.76 -20.33 16.22
C ARG I 84 -2.47 -21.05 15.07
N LYS I 85 -2.47 -22.38 15.10
CA LYS I 85 -3.12 -23.19 14.05
C LYS I 85 -4.25 -24.04 14.62
N VAL I 86 -5.19 -24.48 13.77
CA VAL I 86 -6.30 -25.30 14.22
C VAL I 86 -6.11 -26.72 13.68
N GLY I 87 -6.29 -27.71 14.53
CA GLY I 87 -6.13 -29.10 14.15
C GLY I 87 -7.35 -29.96 14.46
N PHE I 88 -7.11 -31.20 14.89
CA PHE I 88 -8.18 -32.14 15.19
C PHE I 88 -9.21 -31.59 16.17
N CYS I 89 -10.51 -31.69 15.82
CA CYS I 89 -11.62 -31.23 16.64
C CYS I 89 -11.47 -29.78 17.11
N GLY I 90 -11.00 -28.92 16.23
CA GLY I 90 -10.82 -27.50 16.52
C GLY I 90 -9.86 -27.17 17.65
N ILE I 91 -8.88 -28.05 17.93
CA ILE I 91 -7.92 -27.77 19.00
C ILE I 91 -6.90 -26.77 18.49
N TYR I 92 -6.75 -25.66 19.20
CA TYR I 92 -5.76 -24.63 18.81
C TYR I 92 -4.36 -25.12 19.19
N CYS I 93 -3.37 -24.79 18.36
CA CYS I 93 -2.01 -25.22 18.64
C CYS I 93 -1.02 -24.08 18.54
N VAL I 94 -0.03 -24.05 19.44
CA VAL I 94 1.02 -23.03 19.44
C VAL I 94 2.32 -23.68 19.91
N GLU I 95 3.45 -23.36 19.26
CA GLU I 95 4.75 -23.90 19.64
C GLU I 95 5.65 -22.75 20.02
N SER I 96 6.10 -22.71 21.27
CA SER I 96 6.96 -21.62 21.73
C SER I 96 8.31 -21.61 21.00
N GLY I 97 8.91 -22.79 20.87
CA GLY I 97 10.21 -22.91 20.24
C GLY I 97 11.30 -22.47 21.19
N GLY I 98 12.44 -22.11 20.64
CA GLY I 98 13.56 -21.66 21.45
C GLY I 98 14.76 -21.26 20.62
N PRO I 99 15.81 -20.76 21.27
CA PRO I 99 17.01 -20.35 20.52
C PRO I 99 17.81 -21.56 20.04
N GLU I 100 18.78 -21.32 19.15
CA GLU I 100 19.62 -22.40 18.63
C GLU I 100 20.43 -23.03 19.76
N PRO I 101 20.67 -24.36 19.79
CA PRO I 101 21.47 -24.95 20.88
C PRO I 101 22.79 -24.23 21.12
N GLY I 102 23.07 -23.91 22.37
CA GLY I 102 24.28 -23.22 22.77
C GLY I 102 24.14 -21.70 22.80
N VAL I 103 23.01 -21.17 22.30
CA VAL I 103 22.76 -19.73 22.25
C VAL I 103 21.71 -19.32 23.28
N GLY I 104 22.12 -18.57 24.28
CA GLY I 104 21.21 -18.08 25.32
C GLY I 104 20.56 -19.13 26.20
N CYS I 105 19.37 -18.79 26.71
CA CYS I 105 18.61 -19.70 27.61
C CYS I 105 17.56 -20.46 26.80
N ALA I 106 17.52 -21.78 26.93
CA ALA I 106 16.57 -22.63 26.20
C ALA I 106 15.11 -22.31 26.50
N GLY I 107 14.80 -21.91 27.73
CA GLY I 107 13.44 -21.60 28.13
C GLY I 107 12.94 -20.21 27.77
N ARG I 108 13.80 -19.35 27.19
CA ARG I 108 13.39 -18.00 26.84
C ARG I 108 12.23 -17.98 25.84
N GLY I 109 12.14 -18.99 24.98
CA GLY I 109 11.07 -19.08 24.00
C GLY I 109 9.68 -19.20 24.62
N VAL I 110 9.60 -19.81 25.81
CA VAL I 110 8.32 -19.99 26.51
C VAL I 110 7.77 -18.64 26.97
N ILE I 111 8.61 -17.82 27.60
CA ILE I 111 8.19 -16.50 28.09
C ILE I 111 7.70 -15.64 26.95
N THR I 112 8.47 -15.56 25.87
CA THR I 112 8.12 -14.74 24.72
C THR I 112 6.80 -15.16 24.10
N ALA I 113 6.58 -16.48 23.95
CA ALA I 113 5.36 -17.00 23.35
C ALA I 113 4.12 -16.76 24.21
N VAL I 114 4.23 -16.93 25.52
CA VAL I 114 3.09 -16.73 26.40
C VAL I 114 2.71 -15.24 26.41
N ASN I 115 3.72 -14.35 26.47
CA ASN I 115 3.47 -12.92 26.45
C ASN I 115 2.86 -12.48 25.12
N LEU I 116 3.35 -13.04 24.00
CA LEU I 116 2.79 -12.69 22.68
C LEU I 116 1.34 -13.16 22.60
N MET I 117 1.07 -14.40 23.01
CA MET I 117 -0.31 -14.95 22.99
C MET I 117 -1.24 -13.99 23.75
N LYS I 118 -0.80 -13.51 24.92
CA LYS I 118 -1.62 -12.61 25.71
C LYS I 118 -1.84 -11.30 24.95
N GLU I 119 -0.77 -10.77 24.36
CA GLU I 119 -0.83 -9.53 23.61
C GLU I 119 -1.80 -9.64 22.42
N LEU I 120 -1.75 -10.74 21.68
CA LEU I 120 -2.64 -10.94 20.52
C LEU I 120 -4.00 -11.56 20.89
N GLY I 121 -4.24 -11.85 22.17
CA GLY I 121 -5.49 -12.44 22.62
C GLY I 121 -5.75 -13.80 21.99
N GLY I 122 -4.71 -14.61 21.91
CA GLY I 122 -4.83 -15.93 21.31
C GLY I 122 -5.32 -17.03 22.21
N TYR I 123 -5.61 -16.71 23.48
CA TYR I 123 -6.15 -17.69 24.41
C TYR I 123 -7.64 -17.41 24.46
N PRO I 124 -8.49 -18.11 23.66
CA PRO I 124 -9.92 -17.79 23.69
C PRO I 124 -10.53 -17.90 25.08
N ASP I 125 -11.38 -16.94 25.46
CA ASP I 125 -12.02 -16.92 26.76
C ASP I 125 -12.96 -18.11 26.96
N ASP I 126 -13.62 -18.55 25.88
CA ASP I 126 -14.54 -19.69 25.95
C ASP I 126 -13.85 -21.06 25.95
N LEU I 127 -12.53 -21.11 26.21
CA LEU I 127 -11.82 -22.39 26.25
C LEU I 127 -12.30 -23.21 27.45
N ASP I 128 -12.29 -24.53 27.31
CA ASP I 128 -12.69 -25.45 28.37
C ASP I 128 -11.44 -26.04 29.03
N PHE I 129 -10.35 -26.22 28.25
CA PHE I 129 -9.10 -26.73 28.78
C PHE I 129 -7.92 -26.14 27.99
N LEU I 130 -6.78 -25.96 28.66
CA LEU I 130 -5.57 -25.40 28.05
C LEU I 130 -4.38 -26.17 28.61
N PHE I 131 -3.67 -26.89 27.76
CA PHE I 131 -2.52 -27.70 28.19
C PHE I 131 -1.20 -27.09 27.76
N PHE I 132 -0.16 -27.27 28.59
CA PHE I 132 1.19 -26.77 28.31
C PHE I 132 2.15 -27.95 28.39
N ASP I 133 2.71 -28.37 27.26
CA ASP I 133 3.68 -29.47 27.22
C ASP I 133 5.03 -28.85 27.59
N VAL I 134 5.48 -28.99 28.84
CA VAL I 134 6.72 -28.37 29.29
C VAL I 134 7.88 -29.37 29.47
N LEU I 135 9.10 -28.95 29.09
CA LEU I 135 10.29 -29.78 29.26
C LEU I 135 10.62 -29.83 30.74
N GLY I 136 10.75 -31.03 31.28
CA GLY I 136 11.03 -31.23 32.71
C GLY I 136 12.40 -31.75 33.09
N ASP I 137 13.35 -31.82 32.14
CA ASP I 137 14.71 -32.28 32.45
C ASP I 137 15.42 -31.30 33.39
N VAL I 138 15.12 -30.00 33.26
CA VAL I 138 15.68 -28.95 34.11
C VAL I 138 14.53 -28.03 34.50
N VAL I 139 14.47 -27.65 35.78
CA VAL I 139 13.40 -26.77 36.26
C VAL I 139 14.04 -25.39 36.43
N CYS I 140 14.07 -24.61 35.34
CA CYS I 140 14.68 -23.29 35.37
C CYS I 140 14.23 -22.46 34.17
N GLY I 141 14.35 -21.14 34.28
CA GLY I 141 13.99 -20.23 33.22
C GLY I 141 12.53 -20.35 32.80
N GLY I 142 12.28 -20.34 31.50
CA GLY I 142 10.94 -20.44 30.96
C GLY I 142 10.24 -21.75 31.29
N PHE I 143 11.01 -22.82 31.53
CA PHE I 143 10.44 -24.12 31.88
C PHE I 143 9.81 -24.08 33.27
N ALA I 144 10.42 -23.34 34.20
CA ALA I 144 9.89 -23.21 35.56
C ALA I 144 8.90 -22.06 35.72
N MET I 145 8.73 -21.19 34.70
CA MET I 145 7.81 -20.07 34.85
C MET I 145 6.36 -20.52 35.09
N PRO I 146 5.79 -21.52 34.39
CA PRO I 146 4.40 -21.91 34.68
C PRO I 146 4.15 -22.23 36.15
N LEU I 147 5.18 -22.70 36.85
CA LEU I 147 5.07 -23.03 38.27
C LEU I 147 5.24 -21.77 39.13
N ARG I 148 6.17 -20.90 38.74
CA ARG I 148 6.47 -19.68 39.49
C ARG I 148 5.42 -18.58 39.31
N ASP I 149 5.01 -18.30 38.06
CA ASP I 149 4.03 -17.25 37.79
C ASP I 149 2.56 -17.73 37.82
N GLY I 150 2.33 -18.98 38.18
CA GLY I 150 0.97 -19.53 38.26
C GLY I 150 0.23 -19.52 36.94
N LEU I 151 0.93 -19.87 35.84
CA LEU I 151 0.29 -19.90 34.52
C LEU I 151 -0.74 -21.02 34.50
N ALA I 152 -0.35 -22.21 34.95
CA ALA I 152 -1.23 -23.37 35.05
C ALA I 152 -1.23 -23.74 36.53
N LYS I 153 -2.39 -23.76 37.18
CA LYS I 153 -2.46 -24.09 38.60
C LYS I 153 -2.38 -25.60 38.86
N GLU I 154 -2.75 -26.43 37.88
CA GLU I 154 -2.72 -27.89 38.06
C GLU I 154 -1.58 -28.48 37.25
N ILE I 155 -0.70 -29.25 37.89
CA ILE I 155 0.45 -29.86 37.24
C ILE I 155 0.34 -31.38 37.29
N TYR I 156 0.72 -32.05 36.21
CA TYR I 156 0.73 -33.51 36.16
C TYR I 156 2.08 -33.90 35.59
N ILE I 157 2.73 -34.88 36.18
CA ILE I 157 4.04 -35.31 35.71
C ILE I 157 3.97 -36.70 35.10
N VAL I 158 4.45 -36.84 33.85
CA VAL I 158 4.47 -38.13 33.18
C VAL I 158 5.77 -38.80 33.59
N SER I 159 5.69 -40.04 34.09
CA SER I 159 6.89 -40.75 34.54
C SER I 159 6.74 -42.26 34.36
N SER I 160 7.87 -42.96 34.35
CA SER I 160 7.91 -44.42 34.22
C SER I 160 8.70 -44.97 35.43
N GLY I 161 8.86 -46.28 35.50
CA GLY I 161 9.60 -46.90 36.60
C GLY I 161 11.09 -46.57 36.61
N GLU I 162 11.60 -45.96 35.53
CA GLU I 162 13.02 -45.60 35.44
C GLU I 162 13.44 -44.63 36.53
N MET I 163 14.67 -44.77 37.02
CA MET I 163 15.20 -43.90 38.07
C MET I 163 15.24 -42.45 37.60
N MET I 164 15.73 -42.19 36.37
CA MET I 164 15.81 -40.83 35.87
C MET I 164 14.43 -40.20 35.72
N ALA I 165 13.42 -40.98 35.30
CA ALA I 165 12.07 -40.44 35.16
C ALA I 165 11.52 -40.05 36.52
N LEU I 166 11.77 -40.86 37.54
CA LEU I 166 11.29 -40.56 38.90
C LEU I 166 12.10 -39.41 39.51
N TYR I 167 13.41 -39.33 39.20
CA TYR I 167 14.28 -38.26 39.69
C TYR I 167 13.77 -36.92 39.16
N ALA I 168 13.47 -36.87 37.85
CA ALA I 168 12.96 -35.67 37.22
C ALA I 168 11.63 -35.28 37.85
N ALA I 169 10.73 -36.26 38.07
CA ALA I 169 9.43 -36.00 38.68
C ALA I 169 9.57 -35.44 40.08
N ASN I 170 10.55 -35.93 40.84
CA ASN I 170 10.79 -35.46 42.19
C ASN I 170 11.31 -34.02 42.16
N ASN I 171 12.17 -33.70 41.18
CA ASN I 171 12.72 -32.36 41.03
C ASN I 171 11.63 -31.38 40.64
N ILE I 172 10.69 -31.79 39.78
CA ILE I 172 9.57 -30.94 39.38
C ILE I 172 8.70 -30.67 40.62
N ALA I 173 8.48 -31.70 41.46
CA ALA I 173 7.72 -31.58 42.69
C ALA I 173 8.39 -30.58 43.64
N LYS I 174 9.74 -30.52 43.64
CA LYS I 174 10.48 -29.58 44.47
C LYS I 174 10.17 -28.15 44.02
N GLY I 175 10.09 -27.94 42.71
CA GLY I 175 9.77 -26.63 42.14
C GLY I 175 8.34 -26.24 42.45
N ILE I 176 7.42 -27.23 42.47
CA ILE I 176 6.01 -26.96 42.80
C ILE I 176 5.93 -26.51 44.25
N LEU I 177 6.54 -27.27 45.17
CA LEU I 177 6.55 -26.95 46.59
C LEU I 177 7.13 -25.56 46.87
N LYS I 178 8.24 -25.22 46.21
CA LYS I 178 8.90 -23.94 46.42
C LYS I 178 7.98 -22.74 46.16
N TYR I 179 7.21 -22.77 45.07
CA TYR I 179 6.30 -21.66 44.75
C TYR I 179 4.83 -22.02 44.97
N ALA I 180 4.54 -22.99 45.86
CA ALA I 180 3.17 -23.42 46.11
C ALA I 180 2.33 -22.33 46.79
N GLU I 181 2.87 -21.66 47.82
CA GLU I 181 2.13 -20.62 48.52
C GLU I 181 2.14 -19.30 47.75
N GLN I 182 3.25 -18.98 47.08
CA GLN I 182 3.36 -17.74 46.33
C GLN I 182 2.40 -17.69 45.11
N SER I 183 2.39 -18.75 44.27
CA SER I 183 1.57 -18.78 43.06
C SER I 183 0.28 -19.61 43.15
N GLY I 184 0.17 -20.46 44.15
CA GLY I 184 -1.01 -21.30 44.31
C GLY I 184 -1.02 -22.50 43.37
N VAL I 185 0.17 -22.87 42.84
CA VAL I 185 0.29 -24.02 41.94
C VAL I 185 0.25 -25.32 42.75
N ARG I 186 -0.38 -26.37 42.21
CA ARG I 186 -0.50 -27.65 42.90
C ARG I 186 -0.24 -28.83 41.98
N LEU I 187 0.06 -29.99 42.57
CA LEU I 187 0.31 -31.21 41.81
C LEU I 187 -0.96 -32.07 41.83
N GLY I 188 -1.55 -32.24 40.65
CA GLY I 188 -2.77 -33.03 40.50
C GLY I 188 -2.55 -34.52 40.63
N GLY I 189 -1.38 -34.99 40.21
CA GLY I 189 -1.03 -36.40 40.27
C GLY I 189 0.05 -36.80 39.29
N ILE I 190 0.50 -38.05 39.37
CA ILE I 190 1.54 -38.58 38.49
C ILE I 190 0.88 -39.48 37.44
N ILE I 191 1.20 -39.29 36.17
CA ILE I 191 0.67 -40.11 35.09
C ILE I 191 1.77 -41.10 34.72
N CYS I 192 1.50 -42.40 34.73
CA CYS I 192 2.53 -43.40 34.39
C CYS I 192 2.43 -43.85 32.95
N ASN I 193 3.47 -43.56 32.15
CA ASN I 193 3.51 -44.01 30.77
C ASN I 193 4.30 -45.32 30.82
N SER I 194 3.58 -46.45 30.82
CA SER I 194 4.19 -47.77 30.93
C SER I 194 5.25 -48.09 29.87
N ARG I 195 6.30 -48.80 30.31
CA ARG I 195 7.40 -49.29 29.47
C ARG I 195 7.35 -50.84 29.42
N ASN I 196 6.25 -51.45 29.93
CA ASN I 196 6.01 -52.88 29.96
C ASN I 196 7.02 -53.66 30.82
N VAL I 197 7.28 -53.17 32.05
CA VAL I 197 8.19 -53.85 32.98
C VAL I 197 7.39 -54.42 34.15
N ASP I 198 7.92 -55.46 34.79
CA ASP I 198 7.24 -56.13 35.91
C ASP I 198 7.08 -55.10 37.03
N GLY I 199 5.98 -55.21 37.79
CA GLY I 199 5.71 -54.34 38.91
C GLY I 199 5.96 -52.85 38.77
N GLU I 200 5.68 -52.29 37.58
CA GLU I 200 5.89 -50.86 37.34
C GLU I 200 4.86 -50.05 38.13
N ARG I 201 3.59 -50.47 38.08
CA ARG I 201 2.51 -49.79 38.78
C ARG I 201 2.74 -49.77 40.30
N GLU I 202 3.16 -50.91 40.86
CA GLU I 202 3.38 -51.01 42.30
C GLU I 202 4.46 -50.03 42.77
N LEU I 203 5.55 -49.88 42.00
CA LEU I 203 6.62 -48.95 42.35
C LEU I 203 6.10 -47.51 42.26
N MET I 204 5.34 -47.21 41.20
CA MET I 204 4.77 -45.88 40.98
C MET I 204 3.81 -45.49 42.10
N GLU I 205 2.98 -46.43 42.58
CA GLU I 205 2.02 -46.13 43.64
C GLU I 205 2.72 -45.83 44.95
N GLU I 206 3.80 -46.54 45.28
CA GLU I 206 4.54 -46.26 46.51
C GLU I 206 5.24 -44.90 46.38
N PHE I 207 5.74 -44.58 45.17
CA PHE I 207 6.40 -43.31 44.89
C PHE I 207 5.42 -42.16 45.14
N CYS I 208 4.16 -42.29 44.67
CA CYS I 208 3.14 -41.27 44.86
C CYS I 208 2.79 -41.13 46.34
N ASP I 209 2.74 -42.25 47.07
CA ASP I 209 2.45 -42.23 48.51
C ASP I 209 3.52 -41.41 49.25
N LYS I 210 4.80 -41.65 48.93
CA LYS I 210 5.90 -40.94 49.56
C LYS I 210 5.91 -39.46 49.13
N LEU I 211 5.51 -39.19 47.88
CA LEU I 211 5.46 -37.84 47.34
C LEU I 211 4.19 -37.06 47.79
N GLY I 212 3.26 -37.74 48.46
CA GLY I 212 2.03 -37.12 48.95
C GLY I 212 0.97 -36.85 47.90
N THR I 213 1.01 -37.58 46.77
CA THR I 213 0.02 -37.40 45.71
C THR I 213 -0.58 -38.77 45.30
N LYS I 214 -1.27 -38.87 44.15
CA LYS I 214 -1.88 -40.12 43.69
C LYS I 214 -1.43 -40.44 42.27
N LEU I 215 -1.47 -41.73 41.91
CA LEU I 215 -1.12 -42.15 40.55
C LEU I 215 -2.44 -42.04 39.80
N ILE I 216 -2.74 -40.84 39.31
CA ILE I 216 -4.00 -40.55 38.62
C ILE I 216 -4.36 -41.56 37.50
N HIS I 217 -3.38 -42.01 36.70
CA HIS I 217 -3.68 -42.96 35.63
C HIS I 217 -2.46 -43.76 35.18
N PHE I 218 -2.70 -44.96 34.65
CA PHE I 218 -1.66 -45.84 34.14
C PHE I 218 -1.90 -46.05 32.65
N ILE I 219 -1.11 -45.39 31.80
CA ILE I 219 -1.25 -45.53 30.35
C ILE I 219 -0.45 -46.75 29.89
N PRO I 220 -1.06 -47.76 29.24
CA PRO I 220 -0.26 -48.92 28.80
C PRO I 220 0.57 -48.62 27.56
N ARG I 221 1.62 -49.41 27.33
CA ARG I 221 2.46 -49.24 26.14
C ARG I 221 1.76 -49.99 25.00
N ASP I 222 1.31 -49.28 23.95
CA ASP I 222 0.59 -49.91 22.86
C ASP I 222 1.16 -49.53 21.48
N ASN I 223 1.28 -50.52 20.57
CA ASN I 223 1.78 -50.31 19.21
C ASN I 223 0.88 -49.37 18.41
N ILE I 224 -0.39 -49.24 18.79
CA ILE I 224 -1.32 -48.38 18.06
C ILE I 224 -0.84 -46.91 18.01
N VAL I 225 0.01 -46.49 18.95
CA VAL I 225 0.52 -45.12 18.96
C VAL I 225 1.38 -44.91 17.71
N GLN I 226 2.30 -45.85 17.44
CA GLN I 226 3.18 -45.76 16.29
C GLN I 226 2.43 -45.96 14.97
N LYS I 227 1.38 -46.79 14.98
CA LYS I 227 0.58 -47.03 13.77
C LYS I 227 -0.19 -45.76 13.41
N ALA I 228 -0.75 -45.07 14.42
CA ALA I 228 -1.49 -43.82 14.21
C ALA I 228 -0.51 -42.72 13.79
N GLU I 229 0.71 -42.69 14.39
CA GLU I 229 1.74 -41.71 14.05
C GLU I 229 2.11 -41.85 12.58
N PHE I 230 2.20 -43.09 12.05
CA PHE I 230 2.51 -43.34 10.60
C PHE I 230 1.38 -42.74 9.74
N ASN I 231 0.15 -42.76 10.25
CA ASN I 231 -1.00 -42.19 9.50
C ASN I 231 -1.11 -40.69 9.82
N LYS I 232 -0.07 -40.13 10.45
CA LYS I 232 -0.08 -38.69 10.75
C LYS I 232 -1.39 -38.33 11.45
N MET I 233 -1.74 -39.09 12.48
CA MET I 233 -2.96 -38.90 13.25
C MET I 233 -2.73 -39.28 14.71
N THR I 234 -3.60 -38.77 15.60
CA THR I 234 -3.54 -39.14 16.99
C THR I 234 -4.23 -40.51 17.11
N VAL I 235 -4.08 -41.20 18.23
CA VAL I 235 -4.74 -42.51 18.41
C VAL I 235 -6.26 -42.30 18.43
N VAL I 236 -6.73 -41.19 19.05
CA VAL I 236 -8.16 -40.89 19.13
C VAL I 236 -8.73 -40.71 17.71
N GLU I 237 -8.03 -39.95 16.87
CA GLU I 237 -8.49 -39.71 15.50
C GLU I 237 -8.37 -40.97 14.63
N PHE I 238 -7.32 -41.76 14.85
CA PHE I 238 -7.07 -42.98 14.08
C PHE I 238 -8.06 -44.10 14.42
N ALA I 239 -8.24 -44.40 15.71
CA ALA I 239 -9.14 -45.47 16.14
C ALA I 239 -9.79 -45.09 17.47
N PRO I 240 -10.87 -44.29 17.46
CA PRO I 240 -11.50 -43.92 18.74
C PRO I 240 -12.10 -45.09 19.53
N ASP I 241 -12.28 -46.24 18.89
CA ASP I 241 -12.82 -47.43 19.55
C ASP I 241 -11.72 -48.36 20.11
N HIS I 242 -10.45 -48.03 19.89
CA HIS I 242 -9.33 -48.85 20.37
C HIS I 242 -9.18 -48.70 21.89
N PRO I 243 -8.86 -49.77 22.65
CA PRO I 243 -8.70 -49.61 24.11
C PRO I 243 -7.78 -48.47 24.52
N GLN I 244 -6.71 -48.22 23.74
CA GLN I 244 -5.77 -47.14 24.05
C GLN I 244 -6.45 -45.79 23.96
N ALA I 245 -7.27 -45.55 22.92
CA ALA I 245 -8.00 -44.30 22.78
C ALA I 245 -8.91 -44.07 23.98
N LEU I 246 -9.52 -45.15 24.51
CA LEU I 246 -10.39 -45.05 25.68
C LEU I 246 -9.59 -44.80 26.96
N GLU I 247 -8.31 -45.21 27.01
CA GLU I 247 -7.46 -44.96 28.17
C GLU I 247 -7.23 -43.45 28.29
N TYR I 248 -6.97 -42.78 27.15
CA TYR I 248 -6.77 -41.33 27.13
C TYR I 248 -8.08 -40.61 27.50
N LYS I 249 -9.23 -41.19 27.13
CA LYS I 249 -10.54 -40.63 27.45
C LYS I 249 -10.75 -40.69 28.97
N LYS I 250 -10.36 -41.81 29.60
CA LYS I 250 -10.49 -41.96 31.05
C LYS I 250 -9.62 -40.93 31.76
N LEU I 251 -8.35 -40.79 31.32
CA LEU I 251 -7.41 -39.83 31.90
C LEU I 251 -7.95 -38.41 31.73
N GLY I 252 -8.48 -38.10 30.54
CA GLY I 252 -9.03 -36.78 30.25
C GLY I 252 -10.13 -36.39 31.22
N LYS I 253 -11.07 -37.32 31.50
CA LYS I 253 -12.14 -37.06 32.43
C LYS I 253 -11.58 -36.91 33.84
N LYS I 254 -10.61 -37.76 34.22
CA LYS I 254 -9.99 -37.70 35.54
C LYS I 254 -9.35 -36.34 35.77
N ILE I 255 -8.67 -35.77 34.75
CA ILE I 255 -8.04 -34.46 34.86
C ILE I 255 -9.11 -33.38 35.04
N MET I 256 -10.17 -33.44 34.22
CA MET I 256 -11.24 -32.46 34.28
C MET I 256 -11.97 -32.47 35.62
N ASP I 257 -12.28 -33.65 36.16
CA ASP I 257 -12.99 -33.77 37.43
C ASP I 257 -12.04 -33.91 38.63
N ASN I 258 -10.77 -33.53 38.48
CA ASN I 258 -9.81 -33.66 39.59
C ASN I 258 -9.94 -32.53 40.60
N ASP I 259 -10.06 -32.90 41.88
CA ASP I 259 -10.15 -31.96 42.99
C ASP I 259 -9.08 -32.23 44.06
N GLU I 260 -8.34 -33.35 43.94
CA GLU I 260 -7.29 -33.72 44.88
C GLU I 260 -5.95 -33.14 44.43
N LEU I 261 -5.86 -31.81 44.44
CA LEU I 261 -4.59 -31.13 44.07
C LEU I 261 -3.84 -30.84 45.37
N VAL I 262 -2.62 -31.37 45.53
CA VAL I 262 -1.92 -31.24 46.84
C VAL I 262 -0.50 -30.70 46.65
N ILE I 263 0.06 -30.07 47.68
CA ILE I 263 1.47 -29.59 47.62
C ILE I 263 2.35 -30.81 47.88
N PRO I 264 3.35 -31.12 47.03
CA PRO I 264 4.13 -32.36 47.17
C PRO I 264 5.14 -32.42 48.32
N THR I 265 5.47 -33.63 48.78
CA THR I 265 6.47 -33.85 49.82
C THR I 265 7.63 -34.54 49.12
N PRO I 266 8.54 -33.79 48.47
CA PRO I 266 9.65 -34.43 47.76
C PRO I 266 10.47 -35.43 48.57
N LEU I 267 10.85 -36.53 47.92
CA LEU I 267 11.66 -37.58 48.55
C LEU I 267 13.12 -37.16 48.58
N SER I 268 13.89 -37.70 49.52
CA SER I 268 15.32 -37.40 49.60
C SER I 268 16.02 -38.29 48.57
N MET I 269 17.27 -37.98 48.22
CA MET I 269 18.01 -38.79 47.25
C MET I 269 18.13 -40.25 47.72
N ASP I 270 18.25 -40.45 49.04
CA ASP I 270 18.35 -41.79 49.62
C ASP I 270 17.04 -42.52 49.51
N GLU I 271 15.92 -41.85 49.86
CA GLU I 271 14.59 -42.47 49.80
C GLU I 271 14.27 -42.97 48.40
N LEU I 272 14.60 -42.18 47.38
CA LEU I 272 14.32 -42.56 46.00
C LEU I 272 15.16 -43.75 45.56
N GLU I 273 16.46 -43.75 45.91
CA GLU I 273 17.34 -44.84 45.54
C GLU I 273 16.91 -46.13 46.21
N LYS I 274 16.57 -46.05 47.51
CA LYS I 274 16.15 -47.21 48.28
C LYS I 274 14.84 -47.78 47.73
N LEU I 275 13.94 -46.91 47.24
CA LEU I 275 12.67 -47.32 46.67
C LEU I 275 12.90 -48.03 45.33
N VAL I 276 13.84 -47.53 44.51
CA VAL I 276 14.14 -48.13 43.22
C VAL I 276 14.76 -49.53 43.41
N GLU I 277 15.65 -49.69 44.38
CA GLU I 277 16.31 -51.00 44.62
C GLU I 277 15.28 -51.99 45.19
N LYS I 278 14.35 -51.51 46.01
CA LYS I 278 13.35 -52.36 46.65
C LYS I 278 12.60 -53.17 45.58
N TYR I 279 12.22 -52.50 44.48
CA TYR I 279 11.51 -53.16 43.38
C TYR I 279 12.50 -53.77 42.39
N GLY I 280 13.57 -53.05 42.07
CA GLY I 280 14.63 -53.52 41.17
C GLY I 280 14.10 -54.01 39.84
N LEU I 281 13.39 -53.11 39.15
CA LEU I 281 12.78 -53.43 37.84
C LEU I 281 13.88 -53.69 36.81
N PHE J 3 41.72 -21.29 29.89
CA PHE J 3 41.31 -22.67 30.18
C PHE J 3 42.20 -23.73 29.52
N ASP J 4 43.28 -23.31 28.86
CA ASP J 4 44.24 -24.22 28.21
C ASP J 4 45.42 -24.52 29.15
N GLU J 5 45.65 -23.67 30.17
CA GLU J 5 46.75 -23.83 31.12
C GLU J 5 46.43 -24.88 32.19
N ILE J 6 45.13 -25.14 32.46
CA ILE J 6 44.74 -26.14 33.45
C ILE J 6 45.01 -27.55 32.90
N ALA J 7 45.81 -28.37 33.61
CA ALA J 7 46.16 -29.74 33.18
C ALA J 7 46.58 -29.77 31.69
N PRO J 8 47.72 -29.16 31.35
CA PRO J 8 48.13 -29.13 29.93
C PRO J 8 48.56 -30.48 29.36
N ASN J 9 49.13 -31.36 30.20
CA ASN J 9 49.57 -32.68 29.75
C ASN J 9 48.43 -33.72 29.76
N ALA J 10 47.19 -33.29 30.06
CA ALA J 10 46.05 -34.20 30.12
C ALA J 10 45.16 -34.11 28.89
N LYS J 11 44.45 -35.22 28.59
CA LYS J 11 43.50 -35.26 27.48
C LYS J 11 42.18 -34.78 28.05
N LYS J 12 41.80 -33.56 27.70
CA LYS J 12 40.59 -32.93 28.21
C LYS J 12 39.38 -33.43 27.41
N VAL J 13 38.51 -34.23 28.06
CA VAL J 13 37.33 -34.78 27.38
C VAL J 13 36.05 -34.45 28.15
N ALA J 14 34.95 -34.25 27.42
CA ALA J 14 33.66 -33.96 28.04
C ALA J 14 32.63 -34.92 27.46
N ILE J 15 31.93 -35.66 28.32
CA ILE J 15 30.93 -36.62 27.90
C ILE J 15 29.54 -36.03 28.00
N TYR J 16 28.84 -35.91 26.87
CA TYR J 16 27.49 -35.36 26.82
C TYR J 16 26.50 -36.48 26.46
N GLY J 17 25.21 -36.20 26.58
CA GLY J 17 24.18 -37.18 26.26
C GLY J 17 22.88 -36.95 27.01
N LYS J 18 21.84 -37.65 26.57
CA LYS J 18 20.51 -37.57 27.16
C LYS J 18 20.56 -38.11 28.60
N GLY J 19 19.62 -37.67 29.43
CA GLY J 19 19.54 -38.12 30.81
C GLY J 19 19.24 -39.61 30.89
N GLY J 20 20.00 -40.31 31.75
CA GLY J 20 19.82 -41.74 31.93
C GLY J 20 20.33 -42.60 30.79
N ILE J 21 21.06 -42.00 29.83
CA ILE J 21 21.58 -42.76 28.69
C ILE J 21 22.79 -43.62 29.09
N GLY J 22 23.48 -43.29 30.18
CA GLY J 22 24.64 -44.04 30.62
C GLY J 22 25.92 -43.23 30.56
N LYS J 23 25.86 -41.92 30.83
CA LYS J 23 27.05 -41.07 30.79
C LYS J 23 27.91 -41.35 32.02
N SER J 24 27.30 -41.33 33.21
CA SER J 24 28.02 -41.57 34.46
C SER J 24 28.63 -42.96 34.48
N THR J 25 27.89 -43.97 34.01
CA THR J 25 28.40 -45.34 33.98
C THR J 25 29.60 -45.44 33.03
N THR J 26 29.47 -44.89 31.82
CA THR J 26 30.56 -44.95 30.84
C THR J 26 31.77 -44.15 31.30
N THR J 27 31.57 -42.90 31.73
CA THR J 27 32.66 -42.03 32.16
C THR J 27 33.43 -42.63 33.33
N GLN J 28 32.74 -43.12 34.36
CA GLN J 28 33.38 -43.70 35.53
C GLN J 28 34.15 -44.97 35.20
N ASN J 29 33.52 -45.90 34.48
CA ASN J 29 34.18 -47.17 34.12
C ASN J 29 35.34 -46.95 33.16
N THR J 30 35.24 -45.98 32.25
CA THR J 30 36.32 -45.70 31.30
C THR J 30 37.51 -45.13 32.07
N ALA J 31 37.24 -44.19 32.99
CA ALA J 31 38.30 -43.59 33.82
C ALA J 31 38.94 -44.66 34.70
N ALA J 32 38.13 -45.56 35.28
CA ALA J 32 38.61 -46.65 36.13
C ALA J 32 39.51 -47.58 35.33
N ALA J 33 39.15 -47.85 34.07
CA ALA J 33 39.96 -48.72 33.22
C ALA J 33 41.29 -48.05 32.87
N LEU J 34 41.27 -46.74 32.56
CA LEU J 34 42.50 -46.02 32.23
C LEU J 34 43.44 -45.92 33.43
N ALA J 35 42.89 -45.78 34.64
CA ALA J 35 43.71 -45.67 35.85
C ALA J 35 44.17 -47.05 36.35
N TYR J 36 43.39 -48.11 36.10
CA TYR J 36 43.72 -49.45 36.58
C TYR J 36 44.63 -50.24 35.61
N TYR J 37 44.20 -50.33 34.34
CA TYR J 37 44.96 -51.10 33.33
C TYR J 37 46.15 -50.28 32.82
N TYR J 38 45.97 -48.98 32.60
CA TYR J 38 47.07 -48.16 32.01
C TYR J 38 47.71 -47.27 33.08
N LYS J 39 47.40 -47.51 34.36
CA LYS J 39 48.02 -46.74 35.44
C LYS J 39 48.12 -45.24 35.13
N LEU J 40 47.08 -44.66 34.52
CA LEU J 40 47.07 -43.24 34.19
C LEU J 40 46.42 -42.43 35.31
N LYS J 41 46.97 -41.26 35.63
CA LYS J 41 46.40 -40.42 36.67
C LYS J 41 45.26 -39.63 36.03
N GLY J 42 44.09 -39.69 36.63
CA GLY J 42 42.90 -39.04 36.09
C GLY J 42 42.06 -38.27 37.09
N MET J 43 41.00 -37.64 36.59
CA MET J 43 40.09 -36.84 37.41
C MET J 43 38.73 -36.72 36.72
N ILE J 44 37.63 -36.77 37.49
CA ILE J 44 36.29 -36.64 36.95
C ILE J 44 35.62 -35.42 37.58
N HIS J 45 35.10 -34.53 36.75
CA HIS J 45 34.40 -33.34 37.21
C HIS J 45 32.94 -33.46 36.79
N GLY J 46 32.09 -33.85 37.72
CA GLY J 46 30.67 -34.02 37.47
C GLY J 46 29.95 -32.70 37.24
N CYS J 47 29.48 -32.48 36.01
CA CYS J 47 28.76 -31.27 35.64
C CYS J 47 27.26 -31.58 35.42
N ASP J 48 26.73 -32.60 36.13
CA ASP J 48 25.33 -33.00 36.04
C ASP J 48 24.70 -32.68 37.39
N PRO J 49 23.57 -31.95 37.45
CA PRO J 49 22.98 -31.65 38.76
C PRO J 49 22.53 -32.87 39.57
N LYS J 50 22.55 -34.07 38.97
CA LYS J 50 22.17 -35.28 39.70
C LYS J 50 23.18 -35.57 40.83
N ALA J 51 24.45 -35.15 40.65
CA ALA J 51 25.53 -35.30 41.63
C ALA J 51 25.88 -36.75 41.99
N ASP J 52 25.78 -37.66 41.03
CA ASP J 52 26.12 -39.07 41.26
C ASP J 52 27.13 -39.57 40.21
N SER J 53 27.78 -38.65 39.47
CA SER J 53 28.75 -39.00 38.44
C SER J 53 30.10 -39.49 38.99
N THR J 54 30.24 -39.51 40.31
CA THR J 54 31.53 -39.92 40.95
C THR J 54 31.28 -40.87 42.13
N ARG J 55 30.11 -41.50 42.21
CA ARG J 55 29.79 -42.34 43.39
C ARG J 55 30.54 -43.68 43.29
N MET J 56 30.45 -44.37 42.16
CA MET J 56 31.06 -45.73 42.05
C MET J 56 32.55 -45.66 42.40
N ILE J 57 33.26 -44.68 41.81
CA ILE J 57 34.72 -44.49 42.08
C ILE J 57 34.92 -44.26 43.58
N LEU J 58 34.03 -43.50 44.21
CA LEU J 58 34.12 -43.23 45.65
C LEU J 58 33.56 -44.38 46.51
N HIS J 59 33.39 -45.57 45.91
CA HIS J 59 32.91 -46.77 46.59
C HIS J 59 31.56 -46.57 47.32
N GLY J 60 30.60 -45.99 46.63
CA GLY J 60 29.27 -45.75 47.18
C GLY J 60 29.12 -44.57 48.11
N LYS J 61 30.24 -43.92 48.46
CA LYS J 61 30.19 -42.78 49.37
C LYS J 61 29.76 -41.52 48.65
N PRO J 62 28.62 -40.90 49.02
CA PRO J 62 28.22 -39.67 48.32
C PRO J 62 29.24 -38.55 48.50
N GLN J 63 29.36 -37.68 47.51
CA GLN J 63 30.30 -36.58 47.57
C GLN J 63 29.58 -35.26 47.79
N GLU J 64 30.07 -34.40 48.70
CA GLU J 64 29.44 -33.10 48.90
C GLU J 64 29.75 -32.26 47.67
N THR J 65 28.73 -31.64 47.06
CA THR J 65 28.95 -30.85 45.86
C THR J 65 29.60 -29.52 46.21
N VAL J 66 30.19 -28.85 45.21
CA VAL J 66 30.82 -27.55 45.43
C VAL J 66 29.79 -26.54 45.92
N MET J 67 28.59 -26.58 45.34
CA MET J 67 27.52 -25.63 45.76
C MET J 67 27.19 -25.87 47.24
N ASP J 68 27.07 -27.13 47.65
CA ASP J 68 26.72 -27.46 49.04
C ASP J 68 27.79 -26.94 49.99
N VAL J 69 29.07 -27.11 49.64
CA VAL J 69 30.17 -26.65 50.51
C VAL J 69 30.20 -25.11 50.56
N LEU J 70 29.99 -24.44 49.43
CA LEU J 70 29.99 -22.97 49.38
C LEU J 70 28.81 -22.39 50.16
N ARG J 71 27.65 -23.03 50.08
CA ARG J 71 26.46 -22.54 50.76
C ARG J 71 26.55 -22.68 52.28
N GLU J 72 27.06 -23.83 52.77
CA GLU J 72 27.15 -24.08 54.21
C GLU J 72 28.47 -23.63 54.87
N GLU J 73 29.40 -23.03 54.11
CA GLU J 73 30.67 -22.59 54.69
C GLU J 73 31.25 -21.29 54.13
N GLY J 74 30.70 -20.79 53.03
CA GLY J 74 31.19 -19.56 52.42
C GLY J 74 32.49 -19.76 51.66
N GLU J 75 32.84 -18.79 50.80
CA GLU J 75 34.07 -18.88 50.00
C GLU J 75 35.36 -18.88 50.84
N GLU J 76 35.27 -18.66 52.16
CA GLU J 76 36.44 -18.65 53.02
C GLU J 76 36.66 -20.06 53.56
N GLY J 77 35.57 -20.70 53.96
CA GLY J 77 35.64 -22.05 54.53
C GLY J 77 35.80 -23.15 53.50
N VAL J 78 35.88 -22.79 52.21
CA VAL J 78 36.00 -23.81 51.14
C VAL J 78 37.48 -24.22 50.98
N THR J 79 37.73 -25.50 50.67
CA THR J 79 39.09 -26.00 50.47
C THR J 79 39.08 -27.28 49.62
N LEU J 80 40.17 -27.55 48.89
CA LEU J 80 40.25 -28.74 48.03
C LEU J 80 39.98 -30.05 48.74
N GLU J 81 40.27 -30.15 50.04
CA GLU J 81 40.04 -31.38 50.78
C GLU J 81 38.55 -31.71 50.92
N LYS J 82 37.68 -30.70 50.93
CA LYS J 82 36.24 -30.89 51.08
C LYS J 82 35.49 -31.01 49.73
N VAL J 83 36.04 -30.42 48.65
CA VAL J 83 35.39 -30.48 47.33
C VAL J 83 35.99 -31.55 46.42
N ARG J 84 37.28 -31.88 46.61
CA ARG J 84 37.94 -32.89 45.79
C ARG J 84 38.30 -34.11 46.62
N LYS J 85 37.76 -35.28 46.24
CA LYS J 85 38.03 -36.53 46.94
C LYS J 85 38.79 -37.50 46.05
N VAL J 86 39.50 -38.45 46.65
CA VAL J 86 40.27 -39.44 45.90
C VAL J 86 39.56 -40.79 46.04
N GLY J 87 39.42 -41.51 44.92
CA GLY J 87 38.76 -42.81 44.92
C GLY J 87 39.60 -43.91 44.32
N PHE J 88 38.96 -44.85 43.61
CA PHE J 88 39.64 -45.98 42.98
C PHE J 88 40.82 -45.55 42.11
N CYS J 89 41.99 -46.19 42.30
CA CYS J 89 43.22 -45.91 41.56
C CYS J 89 43.61 -44.43 41.52
N GLY J 90 43.43 -43.75 42.65
CA GLY J 90 43.79 -42.34 42.78
C GLY J 90 43.07 -41.38 41.87
N ILE J 91 41.83 -41.71 41.42
CA ILE J 91 41.11 -40.79 40.54
C ILE J 91 40.50 -39.69 41.38
N TYR J 92 40.82 -38.43 41.05
CA TYR J 92 40.27 -37.30 41.79
C TYR J 92 38.82 -37.09 41.35
N CYS J 93 37.95 -36.69 42.27
CA CYS J 93 36.53 -36.50 41.98
C CYS J 93 36.03 -35.17 42.48
N VAL J 94 35.19 -34.46 41.70
CA VAL J 94 34.56 -33.20 42.10
C VAL J 94 33.16 -33.19 41.51
N GLU J 95 32.18 -32.71 42.29
CA GLU J 95 30.80 -32.61 41.83
C GLU J 95 30.40 -31.15 41.87
N SER J 96 30.07 -30.57 40.72
CA SER J 96 29.69 -29.16 40.67
C SER J 96 28.41 -28.89 41.45
N GLY J 97 27.41 -29.72 41.24
CA GLY J 97 26.11 -29.54 41.90
C GLY J 97 25.32 -28.48 41.19
N GLY J 98 24.34 -27.90 41.89
CA GLY J 98 23.51 -26.85 41.30
C GLY J 98 22.50 -26.28 42.27
N PRO J 99 21.77 -25.24 41.85
CA PRO J 99 20.78 -24.65 42.75
C PRO J 99 19.53 -25.53 42.89
N GLU J 100 18.68 -25.21 43.87
CA GLU J 100 17.45 -25.97 44.09
C GLU J 100 16.54 -25.85 42.86
N PRO J 101 15.80 -26.90 42.46
CA PRO J 101 14.92 -26.78 41.29
C PRO J 101 13.98 -25.56 41.36
N GLY J 102 13.95 -24.79 40.28
CA GLY J 102 13.13 -23.59 40.19
C GLY J 102 13.85 -22.33 40.62
N VAL J 103 15.07 -22.46 41.17
CA VAL J 103 15.86 -21.33 41.64
C VAL J 103 17.06 -21.07 40.71
N GLY J 104 17.02 -19.97 39.98
CA GLY J 104 18.10 -19.59 39.09
C GLY J 104 18.34 -20.51 37.90
N CYS J 105 19.58 -20.56 37.43
CA CYS J 105 20.00 -21.37 36.28
C CYS J 105 20.61 -22.68 36.76
N ALA J 106 20.15 -23.82 36.23
CA ALA J 106 20.65 -25.14 36.63
C ALA J 106 22.14 -25.34 36.35
N GLY J 107 22.65 -24.73 35.28
CA GLY J 107 24.04 -24.85 34.91
C GLY J 107 24.99 -23.93 35.66
N ARG J 108 24.46 -23.07 36.53
CA ARG J 108 25.32 -22.09 37.26
C ARG J 108 26.34 -22.81 38.15
N GLY J 109 26.02 -24.01 38.63
CA GLY J 109 26.93 -24.77 39.48
C GLY J 109 28.20 -25.19 38.77
N VAL J 110 28.13 -25.39 37.45
CA VAL J 110 29.27 -25.81 36.65
C VAL J 110 30.30 -24.67 36.56
N ILE J 111 29.86 -23.46 36.20
CA ILE J 111 30.76 -22.31 36.10
C ILE J 111 31.46 -22.01 37.42
N THR J 112 30.73 -22.04 38.54
CA THR J 112 31.29 -21.77 39.86
C THR J 112 32.33 -22.84 40.24
N ALA J 113 32.03 -24.12 40.01
CA ALA J 113 32.96 -25.20 40.35
C ALA J 113 34.23 -25.19 39.52
N VAL J 114 34.11 -24.95 38.22
CA VAL J 114 35.27 -24.90 37.32
C VAL J 114 36.19 -23.74 37.72
N ASN J 115 35.61 -22.55 37.93
CA ASN J 115 36.41 -21.38 38.31
C ASN J 115 37.03 -21.54 39.68
N LEU J 116 36.38 -22.26 40.61
CA LEU J 116 36.94 -22.46 41.94
C LEU J 116 38.06 -23.49 41.86
N MET J 117 37.88 -24.55 41.07
CA MET J 117 38.93 -25.55 40.89
C MET J 117 40.16 -24.88 40.23
N LYS J 118 39.93 -23.85 39.42
CA LYS J 118 40.97 -23.08 38.75
C LYS J 118 41.74 -22.25 39.80
N GLU J 119 40.99 -21.61 40.71
CA GLU J 119 41.56 -20.77 41.78
C GLU J 119 42.36 -21.61 42.79
N LEU J 120 41.82 -22.75 43.25
CA LEU J 120 42.54 -23.57 44.22
C LEU J 120 43.58 -24.50 43.58
N GLY J 121 43.71 -24.48 42.27
CA GLY J 121 44.68 -25.35 41.58
C GLY J 121 44.34 -26.81 41.78
N GLY J 122 43.04 -27.12 41.68
CA GLY J 122 42.54 -28.47 41.87
C GLY J 122 42.71 -29.38 40.67
N TYR J 123 43.25 -28.87 39.56
CA TYR J 123 43.48 -29.69 38.37
C TYR J 123 44.99 -29.94 38.34
N PRO J 124 45.47 -31.09 38.85
CA PRO J 124 46.92 -31.34 38.83
C PRO J 124 47.53 -31.25 37.44
N ASP J 125 48.69 -30.59 37.32
CA ASP J 125 49.38 -30.44 36.04
C ASP J 125 49.82 -31.78 35.45
N ASP J 126 50.20 -32.73 36.32
CA ASP J 126 50.64 -34.05 35.89
C ASP J 126 49.49 -35.01 35.54
N LEU J 127 48.27 -34.49 35.33
CA LEU J 127 47.14 -35.35 34.96
C LEU J 127 47.35 -35.90 33.56
N ASP J 128 46.84 -37.12 33.31
CA ASP J 128 46.93 -37.75 32.01
C ASP J 128 45.58 -37.63 31.27
N PHE J 129 44.47 -37.62 32.02
CA PHE J 129 43.14 -37.45 31.43
C PHE J 129 42.23 -36.73 32.42
N LEU J 130 41.27 -35.95 31.90
CA LEU J 130 40.33 -35.20 32.73
C LEU J 130 38.96 -35.29 32.04
N PHE J 131 37.98 -35.91 32.70
CA PHE J 131 36.65 -36.07 32.11
C PHE J 131 35.62 -35.19 32.78
N PHE J 132 34.63 -34.72 32.00
CA PHE J 132 33.54 -33.87 32.49
C PHE J 132 32.22 -34.53 32.13
N ASP J 133 31.48 -35.04 33.12
CA ASP J 133 30.17 -35.67 32.88
C ASP J 133 29.17 -34.52 32.80
N VAL J 134 28.77 -34.12 31.58
CA VAL J 134 27.87 -32.97 31.42
C VAL J 134 26.44 -33.37 31.02
N LEU J 135 25.43 -32.67 31.57
CA LEU J 135 24.02 -32.91 31.25
C LEU J 135 23.79 -32.39 29.83
N GLY J 136 23.27 -33.23 28.94
CA GLY J 136 23.05 -32.85 27.55
C GLY J 136 21.61 -32.68 27.11
N ASP J 137 20.65 -32.76 28.05
CA ASP J 137 19.24 -32.59 27.68
C ASP J 137 18.98 -31.17 27.13
N VAL J 138 19.73 -30.17 27.61
CA VAL J 138 19.65 -28.79 27.15
C VAL J 138 21.06 -28.28 26.97
N VAL J 139 21.34 -27.59 25.86
CA VAL J 139 22.68 -27.05 25.60
C VAL J 139 22.62 -25.55 25.88
N CYS J 140 22.86 -25.19 27.14
CA CYS J 140 22.80 -23.76 27.51
C CYS J 140 23.46 -23.56 28.87
N GLY J 141 23.75 -22.31 29.20
CA GLY J 141 24.37 -21.96 30.47
C GLY J 141 25.64 -22.72 30.76
N GLY J 142 25.78 -23.19 31.99
CA GLY J 142 26.95 -23.94 32.41
C GLY J 142 27.13 -25.25 31.67
N PHE J 143 26.03 -25.82 31.19
CA PHE J 143 26.09 -27.11 30.46
C PHE J 143 26.78 -26.89 29.11
N ALA J 144 26.88 -25.63 28.67
CA ALA J 144 27.53 -25.32 27.38
C ALA J 144 28.88 -24.65 27.61
N MET J 145 29.26 -24.45 28.87
CA MET J 145 30.53 -23.75 29.20
C MET J 145 31.72 -24.50 28.59
N PRO J 146 31.87 -25.83 28.75
CA PRO J 146 33.05 -26.53 28.24
C PRO J 146 33.22 -26.30 26.73
N LEU J 147 32.15 -26.47 25.96
CA LEU J 147 32.25 -26.18 24.50
C LEU J 147 32.47 -24.71 24.18
N ARG J 148 31.85 -23.81 24.94
CA ARG J 148 31.94 -22.39 24.63
C ARG J 148 33.34 -21.91 25.01
N ASP J 149 33.77 -22.19 26.25
CA ASP J 149 35.06 -21.72 26.74
C ASP J 149 36.24 -22.66 26.43
N GLY J 150 36.00 -23.73 25.68
CA GLY J 150 37.07 -24.65 25.33
C GLY J 150 37.72 -25.35 26.52
N LEU J 151 36.92 -25.76 27.52
CA LEU J 151 37.47 -26.48 28.69
C LEU J 151 38.00 -27.81 28.19
N ALA J 152 37.15 -28.54 27.44
CA ALA J 152 37.48 -29.83 26.91
C ALA J 152 37.41 -29.70 25.41
N LYS J 153 38.50 -29.99 24.71
CA LYS J 153 38.52 -29.86 23.25
C LYS J 153 37.94 -31.07 22.53
N GLU J 154 37.84 -32.23 23.21
CA GLU J 154 37.27 -33.43 22.61
C GLU J 154 35.95 -33.74 23.29
N ILE J 155 34.85 -33.79 22.53
CA ILE J 155 33.51 -34.03 23.08
C ILE J 155 32.94 -35.33 22.52
N TYR J 156 32.61 -36.30 23.38
CA TYR J 156 32.05 -37.58 22.94
C TYR J 156 30.61 -37.67 23.47
N ILE J 157 29.64 -38.12 22.64
CA ILE J 157 28.24 -38.18 23.05
C ILE J 157 27.76 -39.62 23.21
N VAL J 158 27.18 -39.94 24.38
CA VAL J 158 26.66 -41.28 24.62
C VAL J 158 25.22 -41.28 24.10
N SER J 159 24.88 -42.25 23.24
CA SER J 159 23.54 -42.33 22.66
C SER J 159 23.12 -43.77 22.36
N SER J 160 21.82 -44.00 22.22
CA SER J 160 21.25 -45.31 21.90
C SER J 160 20.40 -45.16 20.63
N GLY J 161 19.76 -46.25 20.18
CA GLY J 161 18.92 -46.22 19.00
C GLY J 161 17.64 -45.41 19.15
N GLU J 162 17.23 -45.08 20.40
CA GLU J 162 16.00 -44.32 20.59
C GLU J 162 16.11 -42.91 19.96
N MET J 163 14.98 -42.39 19.46
CA MET J 163 14.89 -41.10 18.78
C MET J 163 15.33 -39.95 19.67
N MET J 164 14.88 -39.93 20.93
CA MET J 164 15.25 -38.85 21.85
C MET J 164 16.75 -38.79 22.10
N ALA J 165 17.41 -39.95 22.19
CA ALA J 165 18.84 -39.99 22.44
C ALA J 165 19.59 -39.43 21.23
N LEU J 166 19.12 -39.79 20.02
CA LEU J 166 19.76 -39.29 18.81
C LEU J 166 19.46 -37.80 18.63
N TYR J 167 18.26 -37.35 19.01
CA TYR J 167 17.86 -35.95 18.93
C TYR J 167 18.78 -35.12 19.81
N ALA J 168 19.00 -35.57 21.06
CA ALA J 168 19.87 -34.86 21.99
C ALA J 168 21.30 -34.81 21.44
N ALA J 169 21.79 -35.94 20.89
CA ALA J 169 23.13 -35.99 20.32
C ALA J 169 23.28 -35.02 19.16
N ASN J 170 22.24 -34.89 18.33
CA ASN J 170 22.28 -33.97 17.20
C ASN J 170 22.29 -32.52 17.71
N ASN J 171 21.55 -32.23 18.78
CA ASN J 171 21.51 -30.88 19.36
C ASN J 171 22.86 -30.53 19.97
N ILE J 172 23.54 -31.49 20.61
CA ILE J 172 24.87 -31.25 21.19
C ILE J 172 25.84 -30.94 20.04
N ALA J 173 25.72 -31.69 18.93
CA ALA J 173 26.55 -31.49 17.73
C ALA J 173 26.33 -30.08 17.18
N LYS J 174 25.10 -29.55 17.27
CA LYS J 174 24.78 -28.19 16.80
C LYS J 174 25.56 -27.17 17.65
N GLY J 175 25.65 -27.41 18.95
CA GLY J 175 26.39 -26.54 19.86
C GLY J 175 27.88 -26.61 19.60
N ILE J 176 28.39 -27.80 19.24
CA ILE J 176 29.82 -27.98 18.94
C ILE J 176 30.12 -27.16 17.68
N LEU J 177 29.28 -27.29 16.65
CA LEU J 177 29.42 -26.58 15.39
C LEU J 177 29.48 -25.07 15.59
N LYS J 178 28.62 -24.52 16.45
CA LYS J 178 28.57 -23.07 16.67
C LYS J 178 29.81 -22.51 17.39
N TYR J 179 30.50 -23.32 18.20
CA TYR J 179 31.70 -22.86 18.92
C TYR J 179 32.97 -23.63 18.49
N ALA J 180 32.98 -24.21 17.28
CA ALA J 180 34.14 -24.97 16.81
C ALA J 180 35.30 -24.06 16.43
N GLU J 181 35.02 -22.95 15.74
CA GLU J 181 36.05 -22.00 15.31
C GLU J 181 36.50 -21.07 16.44
N GLN J 182 35.57 -20.66 17.32
CA GLN J 182 35.87 -19.74 18.42
C GLN J 182 36.71 -20.40 19.52
N SER J 183 36.32 -21.60 19.97
CA SER J 183 37.02 -22.30 21.05
C SER J 183 37.90 -23.47 20.61
N GLY J 184 37.73 -23.95 19.39
CA GLY J 184 38.51 -25.07 18.90
C GLY J 184 38.04 -26.42 19.41
N VAL J 185 36.77 -26.47 19.83
CA VAL J 185 36.20 -27.75 20.33
C VAL J 185 35.84 -28.64 19.13
N ARG J 186 35.95 -29.96 19.30
CA ARG J 186 35.63 -30.90 18.23
C ARG J 186 34.88 -32.14 18.74
N LEU J 187 34.17 -32.83 17.83
CA LEU J 187 33.42 -34.05 18.14
C LEU J 187 34.26 -35.23 17.67
N GLY J 188 34.80 -36.01 18.61
CA GLY J 188 35.63 -37.17 18.28
C GLY J 188 34.83 -38.37 17.83
N GLY J 189 33.66 -38.56 18.42
CA GLY J 189 32.81 -39.69 18.05
C GLY J 189 31.62 -39.89 18.95
N ILE J 190 30.73 -40.79 18.53
CA ILE J 190 29.53 -41.14 19.28
C ILE J 190 29.76 -42.48 19.96
N ILE J 191 29.45 -42.58 21.25
CA ILE J 191 29.59 -43.82 22.00
C ILE J 191 28.19 -44.40 22.11
N CYS J 192 27.97 -45.65 21.69
CA CYS J 192 26.64 -46.26 21.76
C CYS J 192 26.48 -47.13 22.99
N ASN J 193 25.57 -46.74 23.89
CA ASN J 193 25.28 -47.53 25.08
C ASN J 193 24.09 -48.39 24.66
N SER J 194 24.36 -49.64 24.28
CA SER J 194 23.32 -50.56 23.78
C SER J 194 22.16 -50.79 24.73
N ARG J 195 20.98 -51.04 24.16
CA ARG J 195 19.77 -51.35 24.91
C ARG J 195 19.18 -52.73 24.44
N ASN J 196 20.01 -53.55 23.76
CA ASN J 196 19.66 -54.88 23.26
C ASN J 196 18.54 -54.90 22.22
N VAL J 197 18.55 -53.98 21.25
CA VAL J 197 17.53 -53.97 20.20
C VAL J 197 18.19 -54.41 18.88
N ASP J 198 17.39 -55.01 17.99
CA ASP J 198 17.89 -55.51 16.72
C ASP J 198 18.35 -54.38 15.81
N GLY J 199 19.53 -54.53 15.22
CA GLY J 199 20.09 -53.52 14.31
C GLY J 199 20.34 -52.16 14.91
N GLU J 200 20.74 -52.11 16.19
CA GLU J 200 21.02 -50.84 16.85
C GLU J 200 22.32 -50.26 16.30
N ARG J 201 23.35 -51.11 16.14
CA ARG J 201 24.67 -50.73 15.63
C ARG J 201 24.56 -50.15 14.22
N GLU J 202 23.78 -50.80 13.36
CA GLU J 202 23.60 -50.37 11.98
C GLU J 202 22.98 -48.98 11.88
N LEU J 203 21.97 -48.69 12.73
CA LEU J 203 21.33 -47.38 12.74
C LEU J 203 22.33 -46.33 13.23
N MET J 204 23.08 -46.64 14.29
CA MET J 204 24.07 -45.73 14.86
C MET J 204 25.19 -45.40 13.86
N GLU J 205 25.64 -46.39 13.08
CA GLU J 205 26.71 -46.16 12.10
C GLU J 205 26.25 -45.24 10.98
N GLU J 206 25.00 -45.38 10.51
CA GLU J 206 24.49 -44.49 9.48
C GLU J 206 24.30 -43.08 10.05
N PHE J 207 23.89 -42.98 11.33
CA PHE J 207 23.71 -41.70 12.01
C PHE J 207 25.05 -40.96 12.07
N CYS J 208 26.14 -41.67 12.41
CA CYS J 208 27.46 -41.07 12.49
C CYS J 208 27.92 -40.62 11.11
N ASP J 209 27.61 -41.41 10.07
CA ASP J 209 27.98 -41.06 8.69
C ASP J 209 27.33 -39.74 8.28
N LYS J 210 26.03 -39.59 8.57
CA LYS J 210 25.30 -38.37 8.25
C LYS J 210 25.78 -37.19 9.11
N LEU J 211 26.18 -37.47 10.36
CA LEU J 211 26.68 -36.45 11.28
C LEU J 211 28.15 -36.07 11.01
N GLY J 212 28.82 -36.80 10.13
CA GLY J 212 30.21 -36.54 9.76
C GLY J 212 31.22 -37.01 10.80
N THR J 213 30.86 -37.99 11.63
CA THR J 213 31.75 -38.52 12.67
C THR J 213 31.78 -40.07 12.60
N LYS J 214 32.39 -40.74 13.61
CA LYS J 214 32.46 -42.21 13.65
C LYS J 214 31.79 -42.75 14.91
N LEU J 215 31.39 -44.01 14.89
CA LEU J 215 30.83 -44.66 16.06
C LEU J 215 32.05 -45.26 16.76
N ILE J 216 32.74 -44.44 17.56
CA ILE J 216 33.97 -44.84 18.24
C ILE J 216 33.88 -46.20 18.97
N HIS J 217 32.76 -46.48 19.66
CA HIS J 217 32.64 -47.75 20.38
C HIS J 217 31.20 -48.14 20.63
N PHE J 218 30.96 -49.44 20.76
CA PHE J 218 29.64 -50.02 21.03
C PHE J 218 29.70 -50.73 22.38
N ILE J 219 29.14 -50.11 23.43
CA ILE J 219 29.15 -50.71 24.76
C ILE J 219 27.93 -51.63 24.86
N PRO J 220 28.10 -52.94 25.12
CA PRO J 220 26.91 -53.81 25.23
C PRO J 220 26.16 -53.62 26.56
N ARG J 221 24.88 -54.00 26.58
CA ARG J 221 24.06 -53.90 27.80
C ARG J 221 24.38 -55.14 28.61
N ASP J 222 24.98 -54.97 29.80
CA ASP J 222 25.35 -56.13 30.62
C ASP J 222 24.86 -55.98 32.05
N ASN J 223 24.35 -57.07 32.62
CA ASN J 223 23.85 -57.04 34.03
C ASN J 223 24.99 -56.75 34.99
N ILE J 224 26.22 -57.08 34.62
CA ILE J 224 27.35 -56.90 35.54
C ILE J 224 27.42 -55.46 36.06
N VAL J 225 26.86 -54.48 35.33
CA VAL J 225 26.87 -53.08 35.76
C VAL J 225 26.04 -52.96 37.03
N GLN J 226 24.82 -53.51 37.02
CA GLN J 226 23.93 -53.45 38.18
C GLN J 226 24.46 -54.29 39.34
N LYS J 227 25.13 -55.41 39.04
CA LYS J 227 25.70 -56.27 40.08
C LYS J 227 26.84 -55.54 40.78
N ALA J 228 27.70 -54.85 40.00
CA ALA J 228 28.80 -54.10 40.56
C ALA J 228 28.27 -52.88 41.34
N GLU J 229 27.19 -52.25 40.85
CA GLU J 229 26.58 -51.10 41.51
C GLU J 229 26.08 -51.46 42.90
N PHE J 230 25.45 -52.63 43.05
CA PHE J 230 24.94 -53.07 44.35
C PHE J 230 26.09 -53.20 45.35
N ASN J 231 27.23 -53.74 44.91
CA ASN J 231 28.40 -53.87 45.78
C ASN J 231 29.13 -52.54 46.03
N LYS J 232 28.56 -51.40 45.57
CA LYS J 232 29.15 -50.07 45.73
C LYS J 232 30.54 -50.03 45.11
N MET J 233 30.66 -50.51 43.86
CA MET J 233 31.94 -50.56 43.14
C MET J 233 31.74 -50.40 41.64
N THR J 234 32.77 -49.92 40.94
CA THR J 234 32.70 -49.79 39.48
C THR J 234 32.99 -51.18 38.87
N VAL J 235 32.52 -51.46 37.65
CA VAL J 235 32.72 -52.76 37.00
C VAL J 235 34.21 -53.16 36.93
N VAL J 236 35.09 -52.21 36.59
CA VAL J 236 36.53 -52.48 36.50
C VAL J 236 37.06 -52.97 37.85
N GLU J 237 36.62 -52.34 38.94
CA GLU J 237 37.05 -52.71 40.29
C GLU J 237 36.40 -54.02 40.75
N PHE J 238 35.16 -54.27 40.33
CA PHE J 238 34.42 -55.47 40.69
C PHE J 238 34.96 -56.72 39.98
N ALA J 239 35.11 -56.66 38.65
CA ALA J 239 35.60 -57.79 37.86
C ALA J 239 36.43 -57.28 36.69
N PRO J 240 37.73 -56.98 36.89
CA PRO J 240 38.53 -56.48 35.76
C PRO J 240 38.71 -57.48 34.61
N ASP J 241 38.41 -58.77 34.85
CA ASP J 241 38.52 -59.81 33.82
C ASP J 241 37.20 -60.07 33.07
N HIS J 242 36.11 -59.37 33.44
CA HIS J 242 34.82 -59.55 32.79
C HIS J 242 34.83 -58.90 31.40
N PRO J 243 34.20 -59.51 30.37
CA PRO J 243 34.21 -58.87 29.04
C PRO J 243 33.79 -57.40 29.04
N GLN J 244 32.83 -57.02 29.92
CA GLN J 244 32.37 -55.64 30.00
C GLN J 244 33.48 -54.73 30.46
N ALA J 245 34.26 -55.12 31.47
CA ALA J 245 35.38 -54.32 31.96
C ALA J 245 36.40 -54.09 30.84
N LEU J 246 36.61 -55.10 29.99
CA LEU J 246 37.54 -54.97 28.87
C LEU J 246 36.97 -54.08 27.76
N GLU J 247 35.63 -53.97 27.65
CA GLU J 247 35.00 -53.10 26.66
C GLU J 247 35.33 -51.65 27.02
N TYR J 248 35.26 -51.30 28.32
CA TYR J 248 35.60 -49.96 28.77
C TYR J 248 37.10 -49.68 28.58
N LYS J 249 37.95 -50.72 28.68
CA LYS J 249 39.40 -50.57 28.46
C LYS J 249 39.64 -50.26 26.98
N LYS J 250 38.90 -50.93 26.07
CA LYS J 250 39.06 -50.69 24.64
C LYS J 250 38.66 -49.26 24.33
N LEU J 251 37.51 -48.81 24.87
CA LEU J 251 37.03 -47.45 24.66
C LEU J 251 38.03 -46.43 25.22
N GLY J 252 38.56 -46.71 26.40
CA GLY J 252 39.54 -45.85 27.04
C GLY J 252 40.76 -45.61 26.17
N LYS J 253 41.31 -46.67 25.57
CA LYS J 253 42.46 -46.55 24.69
C LYS J 253 42.07 -45.79 23.42
N LYS J 254 40.88 -46.08 22.88
CA LYS J 254 40.39 -45.41 21.67
C LYS J 254 40.29 -43.90 21.90
N ILE J 255 39.82 -43.48 23.09
CA ILE J 255 39.69 -42.07 23.44
C ILE J 255 41.08 -41.44 23.49
N MET J 256 42.02 -42.10 24.17
CA MET J 256 43.38 -41.61 24.35
C MET J 256 44.13 -41.48 23.02
N ASP J 257 44.01 -42.48 22.13
CA ASP J 257 44.69 -42.45 20.84
C ASP J 257 43.82 -41.89 19.71
N ASN J 258 42.76 -41.13 20.03
CA ASN J 258 41.89 -40.59 18.99
C ASN J 258 42.49 -39.34 18.35
N ASP J 259 42.54 -39.32 17.01
CA ASP J 259 43.04 -38.19 16.24
C ASP J 259 42.01 -37.69 15.22
N GLU J 260 40.90 -38.44 15.02
CA GLU J 260 39.85 -38.08 14.07
C GLU J 260 38.81 -37.21 14.76
N LEU J 261 39.21 -36.00 15.16
CA LEU J 261 38.27 -35.07 15.82
C LEU J 261 37.80 -34.06 14.76
N VAL J 262 36.49 -34.00 14.48
CA VAL J 262 36.00 -33.14 13.38
C VAL J 262 34.80 -32.32 13.83
N ILE J 263 34.51 -31.22 13.12
CA ILE J 263 33.29 -30.42 13.43
C ILE J 263 32.10 -31.16 12.81
N PRO J 264 30.98 -31.35 13.53
CA PRO J 264 29.86 -32.14 13.00
C PRO J 264 28.98 -31.47 11.95
N THR J 265 28.23 -32.27 11.18
CA THR J 265 27.30 -31.75 10.18
C THR J 265 25.91 -32.19 10.69
N PRO J 266 25.31 -31.41 11.60
CA PRO J 266 24.01 -31.79 12.16
C PRO J 266 22.94 -32.14 11.13
N LEU J 267 22.16 -33.18 11.42
CA LEU J 267 21.07 -33.64 10.55
C LEU J 267 19.86 -32.74 10.72
N SER J 268 19.00 -32.65 9.70
CA SER J 268 17.78 -31.86 9.79
C SER J 268 16.75 -32.72 10.54
N MET J 269 15.66 -32.12 11.04
CA MET J 269 14.65 -32.93 11.75
C MET J 269 14.06 -34.00 10.83
N ASP J 270 13.95 -33.70 9.52
CA ASP J 270 13.41 -34.65 8.57
C ASP J 270 14.38 -35.82 8.38
N GLU J 271 15.68 -35.53 8.22
CA GLU J 271 16.69 -36.56 8.04
C GLU J 271 16.72 -37.54 9.22
N LEU J 272 16.60 -37.03 10.47
CA LEU J 272 16.62 -37.89 11.65
C LEU J 272 15.40 -38.78 11.68
N GLU J 273 14.22 -38.21 11.42
CA GLU J 273 12.99 -38.97 11.45
C GLU J 273 12.98 -40.07 10.39
N LYS J 274 13.39 -39.75 9.16
CA LYS J 274 13.43 -40.76 8.09
C LYS J 274 14.41 -41.87 8.44
N LEU J 275 15.54 -41.51 9.08
CA LEU J 275 16.56 -42.49 9.45
C LEU J 275 16.00 -43.43 10.52
N VAL J 276 15.27 -42.89 11.49
CA VAL J 276 14.67 -43.70 12.56
C VAL J 276 13.61 -44.62 11.95
N GLU J 277 12.80 -44.12 11.01
CA GLU J 277 11.75 -44.92 10.36
C GLU J 277 12.35 -46.01 9.49
N LYS J 278 13.50 -45.75 8.84
CA LYS J 278 14.17 -46.73 7.99
C LYS J 278 14.46 -48.02 8.76
N TYR J 279 14.99 -47.88 9.97
CA TYR J 279 15.32 -49.04 10.79
C TYR J 279 14.11 -49.51 11.60
N GLY J 280 13.34 -48.57 12.14
CA GLY J 280 12.14 -48.87 12.92
C GLY J 280 12.38 -49.83 14.06
N LEU J 281 13.38 -49.51 14.89
CA LEU J 281 13.67 -50.36 16.06
C LEU J 281 12.39 -50.53 16.87
N SER K 2 11.01 -54.44 7.25
CA SER K 2 10.75 -53.76 5.97
C SER K 2 9.66 -54.51 5.16
N PHE K 3 9.52 -54.22 3.85
CA PHE K 3 8.50 -54.88 3.02
C PHE K 3 9.08 -55.59 1.79
N ASP K 4 10.40 -55.79 1.72
CA ASP K 4 11.03 -56.47 0.58
C ASP K 4 11.34 -57.93 0.91
N GLU K 5 11.63 -58.24 2.19
CA GLU K 5 11.95 -59.60 2.62
C GLU K 5 10.71 -60.49 2.74
N ILE K 6 9.49 -59.92 2.80
CA ILE K 6 8.28 -60.73 2.90
C ILE K 6 8.03 -61.35 1.53
N ALA K 7 7.96 -62.70 1.43
CA ALA K 7 7.75 -63.39 0.14
C ALA K 7 8.70 -62.82 -0.96
N PRO K 8 10.02 -63.02 -0.80
CA PRO K 8 10.96 -62.45 -1.79
C PRO K 8 10.90 -63.11 -3.17
N ASN K 9 10.57 -64.40 -3.23
CA ASN K 9 10.49 -65.10 -4.52
C ASN K 9 9.12 -64.92 -5.20
N ALA K 10 8.23 -64.09 -4.63
CA ALA K 10 6.90 -63.88 -5.18
C ALA K 10 6.77 -62.57 -5.93
N LYS K 11 5.86 -62.54 -6.91
CA LYS K 11 5.58 -61.30 -7.66
C LYS K 11 4.51 -60.52 -6.88
N LYS K 12 4.93 -59.51 -6.13
CA LYS K 12 3.99 -58.73 -5.31
C LYS K 12 3.22 -57.75 -6.18
N VAL K 13 1.90 -57.96 -6.28
CA VAL K 13 1.03 -57.11 -7.11
C VAL K 13 -0.13 -56.58 -6.28
N ALA K 14 -0.60 -55.36 -6.59
CA ALA K 14 -1.73 -54.75 -5.91
C ALA K 14 -2.73 -54.28 -6.96
N ILE K 15 -3.98 -54.73 -6.81
CA ILE K 15 -5.05 -54.37 -7.78
C ILE K 15 -5.90 -53.23 -7.21
N TYR K 16 -5.90 -52.08 -7.88
CA TYR K 16 -6.67 -50.92 -7.46
C TYR K 16 -7.81 -50.67 -8.45
N GLY K 17 -8.72 -49.76 -8.10
CA GLY K 17 -9.85 -49.44 -8.97
C GLY K 17 -11.06 -48.94 -8.22
N LYS K 18 -12.02 -48.41 -8.98
CA LYS K 18 -13.26 -47.87 -8.38
C LYS K 18 -14.06 -49.01 -7.76
N GLY K 19 -14.95 -48.68 -6.83
CA GLY K 19 -15.79 -49.68 -6.18
C GLY K 19 -16.76 -50.32 -7.15
N GLY K 20 -16.86 -51.64 -7.09
CA GLY K 20 -17.76 -52.40 -7.95
C GLY K 20 -17.31 -52.49 -9.40
N ILE K 21 -16.06 -52.12 -9.70
CA ILE K 21 -15.54 -52.16 -11.05
C ILE K 21 -15.13 -53.59 -11.47
N GLY K 22 -14.93 -54.49 -10.51
CA GLY K 22 -14.56 -55.87 -10.79
C GLY K 22 -13.16 -56.22 -10.34
N LYS K 23 -12.71 -55.65 -9.20
CA LYS K 23 -11.37 -55.93 -8.70
C LYS K 23 -11.34 -57.31 -8.07
N SER K 24 -12.31 -57.62 -7.20
CA SER K 24 -12.39 -58.91 -6.53
C SER K 24 -12.57 -60.03 -7.53
N THR K 25 -13.43 -59.83 -8.55
CA THR K 25 -13.66 -60.85 -9.57
C THR K 25 -12.39 -61.12 -10.36
N THR K 26 -11.73 -60.05 -10.82
CA THR K 26 -10.49 -60.20 -11.60
C THR K 26 -9.36 -60.80 -10.77
N THR K 27 -9.11 -60.25 -9.56
CA THR K 27 -8.03 -60.74 -8.69
C THR K 27 -8.19 -62.20 -8.34
N GLN K 28 -9.41 -62.61 -7.93
CA GLN K 28 -9.65 -63.99 -7.55
C GLN K 28 -9.51 -64.96 -8.73
N ASN K 29 -10.15 -64.65 -9.86
CA ASN K 29 -10.08 -65.52 -11.03
C ASN K 29 -8.67 -65.58 -11.63
N THR K 30 -7.92 -64.46 -11.56
CA THR K 30 -6.55 -64.46 -12.08
C THR K 30 -5.69 -65.35 -11.19
N ALA K 31 -5.83 -65.22 -9.87
CA ALA K 31 -5.08 -66.04 -8.93
C ALA K 31 -5.45 -67.51 -9.10
N ALA K 32 -6.75 -67.81 -9.29
CA ALA K 32 -7.23 -69.17 -9.49
C ALA K 32 -6.62 -69.77 -10.75
N ALA K 33 -6.51 -68.97 -11.81
CA ALA K 33 -5.93 -69.42 -13.07
C ALA K 33 -4.43 -69.71 -12.90
N LEU K 34 -3.71 -68.84 -12.18
CA LEU K 34 -2.28 -69.03 -11.96
C LEU K 34 -2.01 -70.26 -11.10
N ALA K 35 -2.87 -70.54 -10.11
CA ALA K 35 -2.69 -71.69 -9.24
C ALA K 35 -3.18 -73.00 -9.89
N TYR K 36 -4.17 -72.93 -10.78
CA TYR K 36 -4.73 -74.11 -11.43
C TYR K 36 -4.00 -74.49 -12.72
N TYR K 37 -3.89 -73.56 -13.68
CA TYR K 37 -3.23 -73.85 -14.95
C TYR K 37 -1.72 -73.91 -14.81
N TYR K 38 -1.11 -72.94 -14.11
CA TYR K 38 0.35 -72.90 -13.97
C TYR K 38 0.86 -73.47 -12.65
N LYS K 39 -0.02 -74.09 -11.83
CA LYS K 39 0.37 -74.72 -10.56
C LYS K 39 1.26 -73.82 -9.68
N LEU K 40 0.95 -72.52 -9.63
CA LEU K 40 1.74 -71.57 -8.83
C LEU K 40 1.16 -71.38 -7.43
N LYS K 41 2.03 -71.27 -6.41
CA LYS K 41 1.60 -71.07 -5.04
C LYS K 41 1.29 -69.58 -4.88
N GLY K 42 0.08 -69.25 -4.46
CA GLY K 42 -0.34 -67.87 -4.33
C GLY K 42 -1.05 -67.52 -3.04
N MET K 43 -1.38 -66.22 -2.90
CA MET K 43 -2.05 -65.70 -1.72
C MET K 43 -2.75 -64.38 -2.04
N ILE K 44 -3.94 -64.16 -1.47
CA ILE K 44 -4.69 -62.94 -1.69
C ILE K 44 -4.89 -62.24 -0.35
N HIS K 45 -4.54 -60.96 -0.27
CA HIS K 45 -4.72 -60.17 0.94
C HIS K 45 -5.72 -59.06 0.62
N GLY K 46 -6.96 -59.27 1.04
CA GLY K 46 -8.03 -58.31 0.82
C GLY K 46 -7.88 -57.05 1.63
N CYS K 47 -7.62 -55.93 0.95
CA CYS K 47 -7.47 -54.63 1.59
C CYS K 47 -8.68 -53.73 1.27
N ASP K 48 -9.86 -54.34 1.08
CA ASP K 48 -11.09 -53.61 0.79
C ASP K 48 -12.02 -53.83 1.99
N PRO K 49 -12.57 -52.77 2.61
CA PRO K 49 -13.45 -52.99 3.78
C PRO K 49 -14.70 -53.81 3.49
N LYS K 50 -15.01 -54.11 2.21
CA LYS K 50 -16.18 -54.93 1.89
C LYS K 50 -16.00 -56.35 2.42
N ALA K 51 -14.74 -56.84 2.53
CA ALA K 51 -14.38 -58.15 3.06
C ALA K 51 -14.94 -59.34 2.27
N ASP K 52 -15.07 -59.21 0.95
CA ASP K 52 -15.56 -60.29 0.09
C ASP K 52 -14.56 -60.61 -1.05
N SER K 53 -13.31 -60.10 -0.95
CA SER K 53 -12.29 -60.29 -1.96
C SER K 53 -11.69 -61.70 -1.98
N THR K 54 -12.08 -62.57 -1.03
CA THR K 54 -11.58 -63.96 -0.99
C THR K 54 -12.73 -64.96 -0.85
N ARG K 55 -13.97 -64.55 -1.17
CA ARG K 55 -15.15 -65.39 -1.06
C ARG K 55 -15.17 -66.56 -2.06
N MET K 56 -14.93 -66.29 -3.33
CA MET K 56 -14.98 -67.32 -4.36
C MET K 56 -13.81 -68.32 -4.24
N ILE K 57 -12.67 -67.87 -3.73
CA ILE K 57 -11.54 -68.83 -3.51
C ILE K 57 -11.91 -69.75 -2.35
N LEU K 58 -12.55 -69.20 -1.31
CA LEU K 58 -12.98 -70.00 -0.17
C LEU K 58 -14.33 -70.70 -0.41
N HIS K 59 -14.79 -70.77 -1.66
CA HIS K 59 -16.02 -71.45 -2.06
C HIS K 59 -17.29 -70.92 -1.37
N GLY K 60 -17.47 -69.60 -1.42
CA GLY K 60 -18.64 -68.94 -0.83
C GLY K 60 -18.58 -68.76 0.68
N LYS K 61 -17.60 -69.39 1.35
CA LYS K 61 -17.47 -69.29 2.81
C LYS K 61 -16.94 -67.90 3.21
N PRO K 62 -17.73 -67.05 3.93
CA PRO K 62 -17.20 -65.74 4.33
C PRO K 62 -16.03 -65.89 5.29
N GLN K 63 -14.99 -65.06 5.15
CA GLN K 63 -13.80 -65.14 6.01
C GLN K 63 -13.87 -64.14 7.14
N GLU K 64 -13.45 -64.55 8.36
CA GLU K 64 -13.42 -63.63 9.48
C GLU K 64 -12.25 -62.68 9.22
N THR K 65 -12.51 -61.36 9.28
CA THR K 65 -11.46 -60.39 9.01
C THR K 65 -10.47 -60.31 10.18
N VAL K 66 -9.28 -59.75 9.93
CA VAL K 66 -8.27 -59.61 10.98
C VAL K 66 -8.81 -58.72 12.10
N MET K 67 -9.50 -57.64 11.73
CA MET K 67 -10.07 -56.72 12.71
C MET K 67 -11.10 -57.43 13.59
N ASP K 68 -11.93 -58.31 13.00
CA ASP K 68 -12.94 -59.05 13.75
C ASP K 68 -12.30 -60.02 14.74
N VAL K 69 -11.23 -60.72 14.31
CA VAL K 69 -10.55 -61.68 15.17
C VAL K 69 -9.87 -60.94 16.33
N LEU K 70 -9.24 -59.77 16.10
CA LEU K 70 -8.61 -59.03 17.20
C LEU K 70 -9.65 -58.42 18.15
N ARG K 71 -10.80 -58.03 17.62
CA ARG K 71 -11.87 -57.44 18.42
C ARG K 71 -12.42 -58.42 19.46
N GLU K 72 -12.56 -59.71 19.10
CA GLU K 72 -13.10 -60.70 20.04
C GLU K 72 -12.01 -61.51 20.77
N GLU K 73 -11.12 -62.15 20.01
CA GLU K 73 -10.06 -62.98 20.60
C GLU K 73 -8.91 -62.18 21.22
N GLY K 74 -8.71 -60.93 20.80
CA GLY K 74 -7.62 -60.12 21.32
C GLY K 74 -6.29 -60.52 20.73
N GLU K 75 -5.29 -59.64 20.83
CA GLU K 75 -3.94 -59.93 20.31
C GLU K 75 -3.31 -61.21 20.90
N GLU K 76 -3.83 -61.73 22.01
CA GLU K 76 -3.31 -62.95 22.65
C GLU K 76 -3.90 -64.23 22.02
N GLY K 77 -5.19 -64.20 21.70
CA GLY K 77 -5.88 -65.34 21.10
C GLY K 77 -5.85 -65.38 19.59
N VAL K 78 -5.19 -64.42 18.94
CA VAL K 78 -5.12 -64.40 17.47
C VAL K 78 -4.02 -65.36 17.00
N THR K 79 -4.36 -66.25 16.05
CA THR K 79 -3.41 -67.20 15.48
C THR K 79 -3.48 -67.14 13.95
N LEU K 80 -2.48 -67.70 13.26
CA LEU K 80 -2.45 -67.67 11.81
C LEU K 80 -3.59 -68.46 11.16
N GLU K 81 -4.15 -69.48 11.86
CA GLU K 81 -5.24 -70.27 11.30
C GLU K 81 -6.56 -69.47 11.25
N LYS K 82 -6.83 -68.65 12.27
CA LYS K 82 -8.08 -67.88 12.32
C LYS K 82 -8.11 -66.74 11.30
N VAL K 83 -6.94 -66.21 10.91
CA VAL K 83 -6.90 -65.08 9.98
C VAL K 83 -6.54 -65.49 8.56
N ARG K 84 -5.77 -66.58 8.38
CA ARG K 84 -5.39 -67.04 7.05
C ARG K 84 -6.04 -68.40 6.76
N LYS K 85 -6.86 -68.46 5.70
CA LYS K 85 -7.53 -69.70 5.31
C LYS K 85 -7.03 -70.17 3.95
N VAL K 86 -7.19 -71.46 3.66
CA VAL K 86 -6.75 -72.02 2.37
C VAL K 86 -7.98 -72.34 1.55
N GLY K 87 -7.93 -71.99 0.26
CA GLY K 87 -9.04 -72.23 -0.64
C GLY K 87 -8.65 -72.98 -1.89
N PHE K 88 -9.25 -72.61 -3.03
CA PHE K 88 -8.99 -73.25 -4.31
C PHE K 88 -7.50 -73.32 -4.66
N CYS K 89 -7.03 -74.52 -5.02
CA CYS K 89 -5.64 -74.78 -5.40
C CYS K 89 -4.62 -74.26 -4.38
N GLY K 90 -4.92 -74.43 -3.10
CA GLY K 90 -4.05 -74.02 -2.02
C GLY K 90 -3.74 -72.53 -1.94
N ILE K 91 -4.64 -71.66 -2.44
CA ILE K 91 -4.41 -70.22 -2.39
C ILE K 91 -4.73 -69.75 -0.96
N TYR K 92 -3.76 -69.09 -0.31
CA TYR K 92 -3.97 -68.56 1.03
C TYR K 92 -4.80 -67.29 0.94
N CYS K 93 -5.70 -67.07 1.91
CA CYS K 93 -6.57 -65.92 1.90
C CYS K 93 -6.55 -65.18 3.23
N VAL K 94 -6.57 -63.84 3.18
CA VAL K 94 -6.57 -63.00 4.37
C VAL K 94 -7.43 -61.77 4.08
N GLU K 95 -8.28 -61.35 5.03
CA GLU K 95 -9.11 -60.17 4.85
C GLU K 95 -8.75 -59.17 5.95
N SER K 96 -8.26 -57.99 5.57
CA SER K 96 -7.86 -56.98 6.55
C SER K 96 -9.05 -56.48 7.35
N GLY K 97 -10.15 -56.19 6.67
CA GLY K 97 -11.34 -55.66 7.31
C GLY K 97 -11.16 -54.18 7.61
N GLY K 98 -11.97 -53.68 8.53
CA GLY K 98 -11.89 -52.25 8.87
C GLY K 98 -12.77 -51.94 10.06
N PRO K 99 -12.68 -50.73 10.63
CA PRO K 99 -13.54 -50.35 11.75
C PRO K 99 -14.97 -50.14 11.27
N GLU K 100 -15.89 -49.92 12.21
CA GLU K 100 -17.30 -49.72 11.89
C GLU K 100 -17.48 -48.39 11.13
N PRO K 101 -18.38 -48.31 10.13
CA PRO K 101 -18.55 -47.04 9.41
C PRO K 101 -18.74 -45.83 10.32
N GLY K 102 -17.98 -44.77 10.08
CA GLY K 102 -18.04 -43.55 10.88
C GLY K 102 -17.06 -43.52 12.04
N VAL K 103 -16.39 -44.67 12.31
CA VAL K 103 -15.43 -44.78 13.40
C VAL K 103 -14.00 -44.85 12.87
N GLY K 104 -13.20 -43.83 13.17
CA GLY K 104 -11.77 -43.85 12.81
C GLY K 104 -11.49 -43.85 11.32
N CYS K 105 -10.34 -44.38 10.91
CA CYS K 105 -9.95 -44.37 9.47
C CYS K 105 -10.35 -45.73 8.88
N ALA K 106 -10.95 -45.72 7.68
CA ALA K 106 -11.42 -46.98 7.06
C ALA K 106 -10.24 -47.87 6.69
N GLY K 107 -9.16 -47.29 6.16
CA GLY K 107 -8.00 -48.09 5.70
C GLY K 107 -7.13 -48.52 6.86
N ARG K 108 -7.51 -48.22 8.09
CA ARG K 108 -6.67 -48.55 9.29
C ARG K 108 -6.56 -50.06 9.47
N GLY K 109 -7.49 -50.84 8.90
CA GLY K 109 -7.40 -52.31 9.03
C GLY K 109 -6.27 -52.87 8.18
N VAL K 110 -5.95 -52.20 7.06
CA VAL K 110 -4.91 -52.68 6.16
C VAL K 110 -3.55 -52.70 6.87
N ILE K 111 -3.19 -51.61 7.56
CA ILE K 111 -1.90 -51.52 8.26
C ILE K 111 -1.81 -52.61 9.33
N THR K 112 -2.84 -52.75 10.14
CA THR K 112 -2.86 -53.73 11.22
C THR K 112 -2.69 -55.15 10.67
N ALA K 113 -3.35 -55.46 9.55
CA ALA K 113 -3.28 -56.80 8.95
C ALA K 113 -1.91 -57.14 8.36
N VAL K 114 -1.28 -56.22 7.64
CA VAL K 114 0.03 -56.51 7.03
C VAL K 114 1.10 -56.66 8.11
N ASN K 115 1.02 -55.86 9.18
CA ASN K 115 1.99 -56.00 10.29
C ASN K 115 1.77 -57.36 10.97
N LEU K 116 0.51 -57.68 11.27
CA LEU K 116 0.18 -58.94 11.95
C LEU K 116 0.70 -60.12 11.13
N MET K 117 0.47 -60.07 9.82
CA MET K 117 0.94 -61.16 8.93
C MET K 117 2.46 -61.31 9.08
N LYS K 118 3.19 -60.19 9.15
CA LYS K 118 4.65 -60.27 9.24
C LYS K 118 5.05 -60.89 10.57
N GLU K 119 4.38 -60.47 11.65
CA GLU K 119 4.68 -60.97 13.00
C GLU K 119 4.50 -62.49 13.08
N LEU K 120 3.42 -63.00 12.48
CA LEU K 120 3.15 -64.45 12.49
C LEU K 120 3.76 -65.22 11.32
N GLY K 121 4.50 -64.55 10.43
CA GLY K 121 5.13 -65.19 9.28
C GLY K 121 4.10 -65.82 8.36
N GLY K 122 3.01 -65.08 8.12
CA GLY K 122 1.92 -65.61 7.28
C GLY K 122 2.13 -65.36 5.80
N TYR K 123 3.20 -64.63 5.44
CA TYR K 123 3.53 -64.42 4.01
C TYR K 123 4.59 -65.45 3.67
N PRO K 124 4.23 -66.62 3.09
CA PRO K 124 5.19 -67.68 2.83
C PRO K 124 6.36 -67.21 1.95
N ASP K 125 7.56 -67.73 2.21
CA ASP K 125 8.74 -67.37 1.39
C ASP K 125 8.63 -68.07 0.02
N ASP K 126 8.13 -69.30 -0.01
CA ASP K 126 8.05 -70.02 -1.27
C ASP K 126 6.86 -69.59 -2.15
N LEU K 127 6.25 -68.42 -1.87
CA LEU K 127 5.13 -67.94 -2.69
C LEU K 127 5.63 -67.56 -4.07
N ASP K 128 4.78 -67.72 -5.08
CA ASP K 128 5.11 -67.36 -6.46
C ASP K 128 4.44 -66.03 -6.80
N PHE K 129 3.27 -65.76 -6.21
CA PHE K 129 2.55 -64.51 -6.41
C PHE K 129 1.80 -64.12 -5.15
N LEU K 130 1.62 -62.81 -4.95
CA LEU K 130 0.90 -62.27 -3.80
C LEU K 130 0.09 -61.08 -4.28
N PHE K 131 -1.24 -61.16 -4.22
CA PHE K 131 -2.10 -60.08 -4.69
C PHE K 131 -2.78 -59.35 -3.54
N PHE K 132 -2.99 -58.04 -3.71
CA PHE K 132 -3.64 -57.20 -2.71
C PHE K 132 -4.83 -56.50 -3.38
N ASP K 133 -6.06 -56.87 -3.00
CA ASP K 133 -7.26 -56.24 -3.56
C ASP K 133 -7.47 -54.96 -2.75
N VAL K 134 -7.08 -53.80 -3.29
CA VAL K 134 -7.18 -52.53 -2.55
C VAL K 134 -8.30 -51.63 -3.05
N LEU K 135 -8.99 -50.94 -2.11
CA LEU K 135 -10.05 -50.00 -2.43
C LEU K 135 -9.39 -48.76 -3.05
N GLY K 136 -9.82 -48.36 -4.23
CA GLY K 136 -9.22 -47.22 -4.92
C GLY K 136 -10.07 -45.96 -5.03
N ASP K 137 -11.24 -45.93 -4.38
CA ASP K 137 -12.11 -44.75 -4.43
C ASP K 137 -11.42 -43.54 -3.81
N VAL K 138 -10.57 -43.76 -2.79
CA VAL K 138 -9.80 -42.71 -2.13
C VAL K 138 -8.37 -43.24 -1.97
N VAL K 139 -7.37 -42.41 -2.27
CA VAL K 139 -5.97 -42.81 -2.14
C VAL K 139 -5.43 -42.16 -0.88
N CYS K 140 -5.63 -42.80 0.28
CA CYS K 140 -5.19 -42.26 1.56
C CYS K 140 -5.17 -43.35 2.63
N GLY K 141 -4.41 -43.11 3.69
CA GLY K 141 -4.30 -44.05 4.80
C GLY K 141 -3.80 -45.41 4.38
N GLY K 142 -4.42 -46.46 4.91
CA GLY K 142 -4.04 -47.82 4.60
C GLY K 142 -4.21 -48.19 3.14
N PHE K 143 -5.12 -47.51 2.43
CA PHE K 143 -5.34 -47.79 1.01
C PHE K 143 -4.15 -47.33 0.19
N ALA K 144 -3.53 -46.22 0.56
CA ALA K 144 -2.35 -45.71 -0.14
C ALA K 144 -1.04 -46.32 0.41
N MET K 145 -1.11 -47.13 1.49
CA MET K 145 0.06 -47.76 2.10
C MET K 145 0.84 -48.66 1.12
N PRO K 146 0.21 -49.54 0.33
CA PRO K 146 1.00 -50.37 -0.59
C PRO K 146 1.84 -49.56 -1.59
N LEU K 147 1.37 -48.35 -1.95
CA LEU K 147 2.09 -47.48 -2.87
C LEU K 147 3.22 -46.74 -2.13
N ARG K 148 3.00 -46.43 -0.84
CA ARG K 148 3.94 -45.72 0.02
C ARG K 148 5.10 -46.59 0.53
N ASP K 149 4.76 -47.70 1.21
CA ASP K 149 5.84 -48.53 1.83
C ASP K 149 6.32 -49.64 0.89
N GLY K 150 5.94 -49.55 -0.39
CA GLY K 150 6.45 -50.53 -1.36
C GLY K 150 6.03 -51.95 -1.04
N LEU K 151 4.80 -52.13 -0.60
CA LEU K 151 4.28 -53.50 -0.32
C LEU K 151 4.28 -54.28 -1.65
N ALA K 152 3.63 -53.73 -2.67
CA ALA K 152 3.60 -54.36 -4.00
C ALA K 152 4.32 -53.43 -4.99
N LYS K 153 5.33 -53.94 -5.68
CA LYS K 153 6.11 -53.09 -6.58
C LYS K 153 5.39 -52.86 -7.91
N GLU K 154 4.42 -53.73 -8.24
CA GLU K 154 3.66 -53.65 -9.48
C GLU K 154 2.18 -53.39 -9.19
N ILE K 155 1.62 -52.36 -9.82
CA ILE K 155 0.22 -51.99 -9.62
C ILE K 155 -0.55 -52.14 -10.92
N TYR K 156 -1.78 -52.61 -10.85
CA TYR K 156 -2.65 -52.73 -12.01
C TYR K 156 -3.98 -52.15 -11.61
N ILE K 157 -4.57 -51.31 -12.46
CA ILE K 157 -5.84 -50.69 -12.15
C ILE K 157 -6.95 -51.23 -13.03
N VAL K 158 -8.03 -51.72 -12.41
CA VAL K 158 -9.18 -52.23 -13.15
C VAL K 158 -10.06 -51.03 -13.45
N SER K 159 -10.42 -50.83 -14.72
CA SER K 159 -11.25 -49.69 -15.11
C SER K 159 -12.13 -50.02 -16.31
N SER K 160 -13.19 -49.22 -16.50
CA SER K 160 -14.11 -49.37 -17.62
C SER K 160 -14.16 -48.02 -18.37
N GLY K 161 -14.96 -47.93 -19.41
CA GLY K 161 -15.10 -46.70 -20.18
C GLY K 161 -15.75 -45.57 -19.41
N GLU K 162 -16.34 -45.86 -18.23
CA GLU K 162 -17.02 -44.85 -17.42
C GLU K 162 -16.06 -43.75 -16.99
N MET K 163 -16.57 -42.52 -16.91
CA MET K 163 -15.77 -41.37 -16.50
C MET K 163 -15.25 -41.56 -15.08
N MET K 164 -16.11 -42.02 -14.18
CA MET K 164 -15.72 -42.19 -12.75
C MET K 164 -14.61 -43.26 -12.65
N ALA K 165 -14.71 -44.34 -13.42
CA ALA K 165 -13.71 -45.41 -13.37
C ALA K 165 -12.36 -44.89 -13.87
N LEU K 166 -12.37 -44.07 -14.92
CA LEU K 166 -11.13 -43.51 -15.47
C LEU K 166 -10.59 -42.43 -14.52
N TYR K 167 -11.47 -41.66 -13.88
CA TYR K 167 -11.09 -40.61 -12.93
C TYR K 167 -10.35 -41.26 -11.76
N ALA K 168 -10.91 -42.36 -11.21
CA ALA K 168 -10.31 -43.07 -10.09
C ALA K 168 -8.94 -43.61 -10.52
N ALA K 169 -8.86 -44.20 -11.73
CA ALA K 169 -7.61 -44.75 -12.24
C ALA K 169 -6.55 -43.68 -12.38
N ASN K 170 -6.94 -42.48 -12.81
CA ASN K 170 -6.00 -41.38 -12.95
C ASN K 170 -5.52 -40.93 -11.57
N ASN K 171 -6.41 -40.91 -10.56
CA ASN K 171 -6.06 -40.53 -9.19
C ASN K 171 -5.11 -41.54 -8.59
N ILE K 172 -5.31 -42.83 -8.85
CA ILE K 172 -4.35 -43.85 -8.34
C ILE K 172 -2.98 -43.64 -9.01
N ALA K 173 -2.98 -43.34 -10.31
CA ALA K 173 -1.74 -43.06 -11.04
C ALA K 173 -1.01 -41.87 -10.41
N LYS K 174 -1.76 -40.87 -9.91
CA LYS K 174 -1.16 -39.70 -9.27
C LYS K 174 -0.42 -40.14 -8.00
N GLY K 175 -1.02 -41.07 -7.25
CA GLY K 175 -0.42 -41.60 -6.03
C GLY K 175 0.81 -42.42 -6.35
N ILE K 176 0.79 -43.15 -7.47
CA ILE K 176 1.94 -43.96 -7.88
C ILE K 176 3.10 -43.02 -8.21
N LEU K 177 2.84 -42.00 -9.04
CA LEU K 177 3.86 -41.02 -9.45
C LEU K 177 4.52 -40.31 -8.28
N LYS K 178 3.75 -39.83 -7.31
CA LYS K 178 4.33 -39.11 -6.19
C LYS K 178 5.27 -40.00 -5.39
N TYR K 179 4.93 -41.29 -5.24
CA TYR K 179 5.75 -42.23 -4.41
C TYR K 179 6.59 -43.19 -5.25
N ALA K 180 6.82 -42.86 -6.51
CA ALA K 180 7.56 -43.73 -7.43
C ALA K 180 9.05 -43.82 -7.14
N GLU K 181 9.68 -42.68 -6.83
CA GLU K 181 11.11 -42.63 -6.58
C GLU K 181 11.45 -43.08 -5.16
N GLN K 182 10.62 -42.72 -4.19
CA GLN K 182 10.85 -43.06 -2.79
C GLN K 182 10.55 -44.51 -2.42
N SER K 183 9.62 -45.15 -3.14
CA SER K 183 9.24 -46.53 -2.83
C SER K 183 9.57 -47.53 -3.96
N GLY K 184 9.80 -47.03 -5.17
CA GLY K 184 10.09 -47.89 -6.31
C GLY K 184 8.86 -48.57 -6.87
N VAL K 185 7.67 -48.08 -6.52
CA VAL K 185 6.41 -48.63 -7.01
C VAL K 185 6.18 -48.19 -8.46
N ARG K 186 5.64 -49.09 -9.30
CA ARG K 186 5.38 -48.78 -10.69
C ARG K 186 4.01 -49.27 -11.16
N LEU K 187 3.51 -48.72 -12.28
CA LEU K 187 2.22 -49.12 -12.86
C LEU K 187 2.48 -50.10 -14.00
N GLY K 188 2.03 -51.34 -13.82
CA GLY K 188 2.20 -52.39 -14.82
C GLY K 188 1.28 -52.24 -16.02
N GLY K 189 0.09 -51.71 -15.81
CA GLY K 189 -0.87 -51.50 -16.88
C GLY K 189 -2.30 -51.37 -16.39
N ILE K 190 -3.22 -51.05 -17.30
CA ILE K 190 -4.63 -50.90 -16.97
C ILE K 190 -5.37 -52.14 -17.45
N ILE K 191 -6.21 -52.73 -16.59
CA ILE K 191 -6.99 -53.90 -16.96
C ILE K 191 -8.40 -53.39 -17.21
N CYS K 192 -8.98 -53.67 -18.39
CA CYS K 192 -10.32 -53.19 -18.70
C CYS K 192 -11.38 -54.24 -18.45
N ASN K 193 -12.31 -53.98 -17.51
CA ASN K 193 -13.40 -54.90 -17.25
C ASN K 193 -14.54 -54.39 -18.12
N SER K 194 -14.73 -55.01 -19.27
CA SER K 194 -15.75 -54.60 -20.24
C SER K 194 -17.15 -54.56 -19.66
N ARG K 195 -17.95 -53.62 -20.14
CA ARG K 195 -19.35 -53.45 -19.76
C ARG K 195 -20.23 -53.60 -21.02
N ASN K 196 -19.72 -54.24 -22.10
CA ASN K 196 -20.43 -54.44 -23.37
C ASN K 196 -20.79 -53.12 -24.05
N VAL K 197 -19.96 -52.09 -23.86
CA VAL K 197 -20.17 -50.77 -24.47
C VAL K 197 -19.24 -50.65 -25.66
N ASP K 198 -19.79 -50.31 -26.83
CA ASP K 198 -18.96 -50.16 -28.04
C ASP K 198 -18.00 -48.99 -27.91
N GLY K 199 -16.77 -49.23 -28.37
CA GLY K 199 -15.72 -48.23 -28.32
C GLY K 199 -14.98 -48.17 -26.99
N GLU K 200 -15.26 -49.11 -26.07
CA GLU K 200 -14.59 -49.13 -24.77
C GLU K 200 -13.10 -49.35 -24.94
N ARG K 201 -12.70 -50.38 -25.69
CA ARG K 201 -11.29 -50.68 -25.91
C ARG K 201 -10.57 -49.50 -26.58
N GLU K 202 -11.18 -48.89 -27.60
CA GLU K 202 -10.55 -47.77 -28.29
C GLU K 202 -10.32 -46.60 -27.34
N LEU K 203 -11.29 -46.29 -26.47
CA LEU K 203 -11.16 -45.22 -25.49
C LEU K 203 -10.06 -45.59 -24.49
N MET K 204 -10.11 -46.82 -23.98
CA MET K 204 -9.15 -47.32 -23.00
C MET K 204 -7.72 -47.28 -23.53
N GLU K 205 -7.52 -47.61 -24.80
CA GLU K 205 -6.18 -47.62 -25.39
C GLU K 205 -5.63 -46.21 -25.51
N GLU K 206 -6.47 -45.22 -25.86
CA GLU K 206 -6.01 -43.84 -25.94
C GLU K 206 -5.72 -43.31 -24.53
N PHE K 207 -6.54 -43.73 -23.54
CA PHE K 207 -6.36 -43.35 -22.14
C PHE K 207 -4.99 -43.83 -21.64
N CYS K 208 -4.63 -45.09 -21.97
CA CYS K 208 -3.34 -45.66 -21.56
C CYS K 208 -2.20 -44.93 -22.24
N ASP K 209 -2.38 -44.55 -23.52
CA ASP K 209 -1.34 -43.81 -24.26
C ASP K 209 -1.06 -42.47 -23.57
N LYS K 210 -2.12 -41.75 -23.17
CA LYS K 210 -1.96 -40.46 -22.48
C LYS K 210 -1.38 -40.66 -21.07
N LEU K 211 -1.72 -41.78 -20.41
CA LEU K 211 -1.21 -42.10 -19.06
C LEU K 211 0.23 -42.63 -19.11
N GLY K 212 0.74 -42.94 -20.29
CA GLY K 212 2.09 -43.46 -20.42
C GLY K 212 2.21 -44.95 -20.15
N THR K 213 1.09 -45.68 -20.10
CA THR K 213 1.10 -47.13 -19.85
C THR K 213 0.42 -47.91 -21.01
N LYS K 214 0.12 -49.22 -20.79
CA LYS K 214 -0.50 -50.07 -21.81
C LYS K 214 -1.78 -50.70 -21.27
N LEU K 215 -2.70 -51.05 -22.17
CA LEU K 215 -3.94 -51.72 -21.77
C LEU K 215 -3.56 -53.20 -21.78
N ILE K 216 -2.98 -53.67 -20.67
CA ILE K 216 -2.49 -55.05 -20.55
C ILE K 216 -3.51 -56.11 -20.98
N HIS K 217 -4.80 -55.95 -20.64
CA HIS K 217 -5.80 -56.95 -21.04
C HIS K 217 -7.22 -56.40 -21.06
N PHE K 218 -8.08 -57.01 -21.89
CA PHE K 218 -9.47 -56.63 -22.03
C PHE K 218 -10.33 -57.82 -21.58
N ILE K 219 -10.91 -57.74 -20.39
CA ILE K 219 -11.74 -58.83 -19.88
C ILE K 219 -13.18 -58.62 -20.40
N PRO K 220 -13.78 -59.57 -21.14
CA PRO K 220 -15.16 -59.33 -21.62
C PRO K 220 -16.20 -59.53 -20.52
N ARG K 221 -17.40 -58.95 -20.69
CA ARG K 221 -18.46 -59.14 -19.70
C ARG K 221 -19.15 -60.43 -20.05
N ASP K 222 -19.11 -61.41 -19.15
CA ASP K 222 -19.71 -62.73 -19.41
C ASP K 222 -20.62 -63.18 -18.27
N ASN K 223 -21.78 -63.75 -18.62
CA ASN K 223 -22.74 -64.25 -17.63
C ASN K 223 -22.18 -65.41 -16.81
N ILE K 224 -21.14 -66.10 -17.31
CA ILE K 224 -20.56 -67.23 -16.59
C ILE K 224 -20.03 -66.81 -15.20
N VAL K 225 -19.72 -65.52 -15.01
CA VAL K 225 -19.24 -65.04 -13.71
C VAL K 225 -20.34 -65.20 -12.67
N GLN K 226 -21.55 -64.75 -13.01
CA GLN K 226 -22.69 -64.84 -12.10
C GLN K 226 -23.13 -66.30 -11.90
N LYS K 227 -23.01 -67.13 -12.95
CA LYS K 227 -23.39 -68.54 -12.85
C LYS K 227 -22.41 -69.26 -11.91
N ALA K 228 -21.12 -68.97 -12.02
CA ALA K 228 -20.11 -69.57 -11.15
C ALA K 228 -20.29 -69.04 -9.72
N GLU K 229 -20.65 -67.75 -9.56
CA GLU K 229 -20.86 -67.17 -8.24
C GLU K 229 -22.00 -67.88 -7.51
N PHE K 230 -23.10 -68.22 -8.20
CA PHE K 230 -24.20 -68.92 -7.54
C PHE K 230 -23.74 -70.32 -7.07
N ASN K 231 -22.90 -71.00 -7.87
CA ASN K 231 -22.38 -72.30 -7.47
C ASN K 231 -21.24 -72.17 -6.42
N LYS K 232 -21.04 -70.95 -5.86
CA LYS K 232 -20.04 -70.66 -4.84
C LYS K 232 -18.66 -71.12 -5.28
N MET K 233 -18.25 -70.67 -6.46
CA MET K 233 -16.96 -71.05 -7.04
C MET K 233 -16.47 -69.98 -8.00
N THR K 234 -15.18 -70.01 -8.32
CA THR K 234 -14.61 -69.07 -9.27
C THR K 234 -14.93 -69.58 -10.68
N VAL K 235 -14.77 -68.75 -11.71
CA VAL K 235 -15.01 -69.18 -13.08
C VAL K 235 -14.00 -70.28 -13.48
N VAL K 236 -12.75 -70.17 -12.99
CA VAL K 236 -11.71 -71.15 -13.28
C VAL K 236 -12.09 -72.51 -12.69
N GLU K 237 -12.56 -72.52 -11.44
CA GLU K 237 -12.96 -73.76 -10.77
C GLU K 237 -14.25 -74.33 -11.37
N PHE K 238 -15.18 -73.44 -11.75
CA PHE K 238 -16.47 -73.85 -12.32
C PHE K 238 -16.35 -74.43 -13.73
N ALA K 239 -15.67 -73.72 -14.63
CA ALA K 239 -15.51 -74.17 -16.00
C ALA K 239 -14.14 -73.74 -16.53
N PRO K 240 -13.05 -74.50 -16.25
CA PRO K 240 -11.73 -74.09 -16.73
C PRO K 240 -11.59 -74.07 -18.26
N ASP K 241 -12.52 -74.69 -18.99
CA ASP K 241 -12.50 -74.72 -20.45
C ASP K 241 -13.34 -73.60 -21.09
N HIS K 242 -14.01 -72.78 -20.27
CA HIS K 242 -14.84 -71.68 -20.78
C HIS K 242 -13.95 -70.54 -21.31
N PRO K 243 -14.30 -69.87 -22.42
CA PRO K 243 -13.45 -68.77 -22.92
C PRO K 243 -13.08 -67.74 -21.85
N GLN K 244 -14.01 -67.45 -20.92
CA GLN K 244 -13.77 -66.48 -19.86
C GLN K 244 -12.64 -66.96 -18.93
N ALA K 245 -12.66 -68.24 -18.55
CA ALA K 245 -11.60 -68.80 -17.70
C ALA K 245 -10.23 -68.66 -18.37
N LEU K 246 -10.19 -68.83 -19.71
CA LEU K 246 -8.95 -68.70 -20.48
C LEU K 246 -8.52 -67.23 -20.58
N GLU K 247 -9.47 -66.28 -20.50
CA GLU K 247 -9.12 -64.85 -20.54
C GLU K 247 -8.33 -64.51 -19.27
N TYR K 248 -8.78 -65.03 -18.11
CA TYR K 248 -8.07 -64.80 -16.84
C TYR K 248 -6.70 -65.49 -16.86
N LYS K 249 -6.56 -66.62 -17.56
CA LYS K 249 -5.27 -67.31 -17.69
C LYS K 249 -4.33 -66.44 -18.49
N LYS K 250 -4.82 -65.83 -19.59
CA LYS K 250 -4.00 -64.97 -20.44
C LYS K 250 -3.50 -63.79 -19.61
N LEU K 251 -4.41 -63.13 -18.86
CA LEU K 251 -4.05 -62.00 -18.01
C LEU K 251 -3.04 -62.42 -16.96
N GLY K 252 -3.25 -63.58 -16.34
CA GLY K 252 -2.35 -64.11 -15.33
C GLY K 252 -0.93 -64.26 -15.84
N LYS K 253 -0.78 -64.83 -17.05
CA LYS K 253 0.52 -65.00 -17.67
C LYS K 253 1.12 -63.63 -17.97
N LYS K 254 0.32 -62.70 -18.50
CA LYS K 254 0.77 -61.35 -18.84
C LYS K 254 1.33 -60.63 -17.61
N ILE K 255 0.65 -60.79 -16.47
CA ILE K 255 1.11 -60.13 -15.22
C ILE K 255 2.48 -60.67 -14.84
N MET K 256 2.59 -62.00 -14.65
CA MET K 256 3.87 -62.63 -14.24
C MET K 256 4.98 -62.28 -15.23
N ASP K 257 4.68 -62.28 -16.53
CA ASP K 257 5.73 -62.06 -17.57
C ASP K 257 5.81 -60.58 -17.93
N ASN K 258 5.32 -59.70 -17.06
CA ASN K 258 5.35 -58.26 -17.34
C ASN K 258 6.65 -57.60 -16.94
N ASP K 259 7.26 -56.86 -17.86
CA ASP K 259 8.51 -56.12 -17.63
C ASP K 259 8.36 -54.63 -17.96
N GLU K 260 7.23 -54.22 -18.57
CA GLU K 260 6.98 -52.83 -18.95
C GLU K 260 6.27 -52.12 -17.80
N LEU K 261 7.00 -51.93 -16.69
CA LEU K 261 6.44 -51.18 -15.54
C LEU K 261 6.90 -49.73 -15.68
N VAL K 262 5.97 -48.78 -15.83
CA VAL K 262 6.39 -47.37 -16.09
C VAL K 262 5.76 -46.42 -15.07
N ILE K 263 6.47 -45.35 -14.72
CA ILE K 263 5.89 -44.31 -13.82
C ILE K 263 4.83 -43.57 -14.64
N PRO K 264 3.60 -43.36 -14.14
CA PRO K 264 2.53 -42.78 -14.95
C PRO K 264 2.57 -41.26 -15.19
N THR K 265 1.96 -40.80 -16.29
CA THR K 265 1.87 -39.38 -16.60
C THR K 265 0.38 -39.02 -16.46
N PRO K 266 -0.09 -38.74 -15.23
CA PRO K 266 -1.51 -38.45 -15.04
C PRO K 266 -2.07 -37.35 -15.96
N LEU K 267 -3.29 -37.58 -16.45
CA LEU K 267 -3.97 -36.64 -17.33
C LEU K 267 -4.54 -35.48 -16.51
N SER K 268 -4.73 -34.34 -17.16
CA SER K 268 -5.36 -33.19 -16.49
C SER K 268 -6.88 -33.34 -16.59
N MET K 269 -7.63 -32.73 -15.66
CA MET K 269 -9.11 -32.89 -15.67
C MET K 269 -9.64 -32.53 -17.06
N ASP K 270 -9.03 -31.54 -17.71
CA ASP K 270 -9.52 -31.14 -19.03
C ASP K 270 -9.25 -32.25 -20.04
N GLU K 271 -8.04 -32.84 -20.02
CA GLU K 271 -7.67 -33.92 -20.94
C GLU K 271 -8.61 -35.12 -20.81
N LEU K 272 -8.95 -35.49 -19.57
CA LEU K 272 -9.83 -36.63 -19.34
C LEU K 272 -11.26 -36.31 -19.82
N GLU K 273 -11.75 -35.07 -19.58
CA GLU K 273 -13.08 -34.65 -20.04
C GLU K 273 -13.16 -34.68 -21.57
N LYS K 274 -12.17 -34.08 -22.23
CA LYS K 274 -12.12 -34.04 -23.69
C LYS K 274 -12.00 -35.46 -24.26
N LEU K 275 -11.25 -36.35 -23.59
CA LEU K 275 -11.09 -37.72 -24.05
C LEU K 275 -12.42 -38.47 -23.98
N VAL K 276 -13.12 -38.40 -22.85
CA VAL K 276 -14.39 -39.11 -22.69
C VAL K 276 -15.44 -38.54 -23.64
N GLU K 277 -15.47 -37.21 -23.82
CA GLU K 277 -16.45 -36.59 -24.72
C GLU K 277 -16.17 -36.94 -26.19
N LYS K 278 -14.90 -37.14 -26.55
CA LYS K 278 -14.52 -37.48 -27.92
C LYS K 278 -15.18 -38.77 -28.38
N TYR K 279 -15.15 -39.81 -27.53
CA TYR K 279 -15.73 -41.11 -27.86
C TYR K 279 -17.24 -41.12 -27.61
N GLY K 280 -17.66 -40.48 -26.53
CA GLY K 280 -19.08 -40.38 -26.17
C GLY K 280 -19.77 -41.73 -26.06
N LEU K 281 -19.19 -42.64 -25.28
CA LEU K 281 -19.77 -43.99 -25.11
C LEU K 281 -21.10 -43.86 -24.39
N TYR K 282 -21.14 -43.09 -23.30
CA TYR K 282 -22.39 -42.89 -22.53
C TYR K 282 -22.94 -41.49 -22.81
N PHE L 3 -23.05 -26.25 15.22
CA PHE L 3 -23.43 -26.32 13.79
C PHE L 3 -24.93 -26.00 13.64
N ASP L 4 -25.60 -25.69 14.75
CA ASP L 4 -27.04 -25.34 14.71
C ASP L 4 -27.08 -23.82 14.63
N GLU L 5 -25.92 -23.19 14.39
CA GLU L 5 -25.86 -21.74 14.29
C GLU L 5 -25.66 -21.25 12.83
N ILE L 6 -25.34 -22.20 11.94
CA ILE L 6 -25.16 -21.87 10.50
C ILE L 6 -26.52 -21.97 9.79
N ALA L 7 -26.92 -20.91 9.09
CA ALA L 7 -28.18 -20.94 8.34
C ALA L 7 -29.32 -21.56 9.19
N PRO L 8 -29.73 -20.89 10.27
CA PRO L 8 -30.78 -21.46 11.14
C PRO L 8 -32.14 -21.64 10.47
N ASN L 9 -32.51 -20.71 9.58
CA ASN L 9 -33.78 -20.77 8.87
C ASN L 9 -33.73 -21.66 7.63
N ALA L 10 -32.62 -22.35 7.39
CA ALA L 10 -32.46 -23.21 6.22
C ALA L 10 -32.61 -24.69 6.55
N LYS L 11 -33.02 -25.47 5.58
CA LYS L 11 -33.15 -26.91 5.74
C LYS L 11 -31.77 -27.48 5.36
N LYS L 12 -30.96 -27.84 6.37
CA LYS L 12 -29.62 -28.36 6.12
C LYS L 12 -29.72 -29.84 5.73
N VAL L 13 -29.33 -30.16 4.49
CA VAL L 13 -29.39 -31.53 3.96
C VAL L 13 -28.03 -31.94 3.42
N ALA L 14 -27.70 -33.23 3.53
CA ALA L 14 -26.44 -33.76 3.02
C ALA L 14 -26.75 -34.97 2.14
N ILE L 15 -26.26 -34.94 0.90
CA ILE L 15 -26.49 -36.03 -0.06
C ILE L 15 -25.27 -36.95 -0.10
N TYR L 16 -25.47 -38.22 0.26
CA TYR L 16 -24.40 -39.21 0.25
C TYR L 16 -24.67 -40.24 -0.85
N GLY L 17 -23.69 -41.10 -1.12
CA GLY L 17 -23.85 -42.13 -2.14
C GLY L 17 -22.54 -42.58 -2.76
N LYS L 18 -22.59 -43.67 -3.51
CA LYS L 18 -21.42 -44.23 -4.18
C LYS L 18 -20.92 -43.26 -5.27
N GLY L 19 -19.64 -43.36 -5.62
CA GLY L 19 -19.06 -42.51 -6.64
C GLY L 19 -19.67 -42.76 -8.00
N GLY L 20 -20.02 -41.68 -8.70
CA GLY L 20 -20.63 -41.75 -10.02
C GLY L 20 -22.07 -42.22 -10.03
N ILE L 21 -22.71 -42.28 -8.86
CA ILE L 21 -24.10 -42.71 -8.77
C ILE L 21 -25.10 -41.61 -9.20
N GLY L 22 -24.67 -40.36 -9.21
CA GLY L 22 -25.51 -39.25 -9.61
C GLY L 22 -25.83 -38.29 -8.47
N LYS L 23 -24.89 -38.09 -7.53
CA LYS L 23 -25.11 -37.19 -6.41
C LYS L 23 -25.05 -35.75 -6.89
N SER L 24 -24.00 -35.39 -7.63
CA SER L 24 -23.82 -34.02 -8.14
C SER L 24 -24.96 -33.64 -9.06
N THR L 25 -25.38 -34.56 -9.94
CA THR L 25 -26.48 -34.29 -10.86
C THR L 25 -27.78 -34.05 -10.09
N THR L 26 -28.11 -34.93 -9.14
CA THR L 26 -29.33 -34.78 -8.36
C THR L 26 -29.30 -33.52 -7.49
N THR L 27 -28.22 -33.33 -6.71
CA THR L 27 -28.10 -32.18 -5.82
C THR L 27 -28.20 -30.86 -6.57
N GLN L 28 -27.48 -30.71 -7.68
CA GLN L 28 -27.50 -29.47 -8.45
C GLN L 28 -28.87 -29.21 -9.07
N ASN L 29 -29.46 -30.20 -9.73
CA ASN L 29 -30.77 -30.03 -10.37
C ASN L 29 -31.88 -29.82 -9.35
N THR L 30 -31.79 -30.45 -8.16
CA THR L 30 -32.81 -30.28 -7.13
C THR L 30 -32.71 -28.84 -6.60
N ALA L 31 -31.49 -28.36 -6.34
CA ALA L 31 -31.28 -27.00 -5.86
C ALA L 31 -31.75 -26.00 -6.91
N ALA L 32 -31.45 -26.26 -8.20
CA ALA L 32 -31.87 -25.40 -9.30
C ALA L 32 -33.39 -25.32 -9.37
N ALA L 33 -34.07 -26.45 -9.15
CA ALA L 33 -35.53 -26.48 -9.18
C ALA L 33 -36.11 -25.69 -8.01
N LEU L 34 -35.52 -25.84 -6.82
CA LEU L 34 -35.97 -25.10 -5.63
C LEU L 34 -35.81 -23.61 -5.81
N ALA L 35 -34.69 -23.17 -6.39
CA ALA L 35 -34.41 -21.76 -6.57
C ALA L 35 -35.18 -21.16 -7.75
N TYR L 36 -35.48 -21.97 -8.78
CA TYR L 36 -36.17 -21.49 -9.96
C TYR L 36 -37.71 -21.53 -9.84
N TYR L 37 -38.28 -22.71 -9.57
CA TYR L 37 -39.73 -22.86 -9.47
C TYR L 37 -40.30 -22.26 -8.18
N TYR L 38 -39.66 -22.55 -7.04
CA TYR L 38 -40.15 -22.06 -5.75
C TYR L 38 -39.45 -20.78 -5.25
N LYS L 39 -38.51 -20.21 -6.04
CA LYS L 39 -37.81 -18.97 -5.72
C LYS L 39 -37.13 -19.00 -4.33
N LEU L 40 -36.54 -20.12 -3.95
CA LEU L 40 -35.89 -20.25 -2.64
C LEU L 40 -34.40 -19.92 -2.71
N LYS L 41 -33.87 -19.25 -1.68
CA LYS L 41 -32.45 -18.89 -1.61
C LYS L 41 -31.71 -20.13 -1.15
N GLY L 42 -30.73 -20.59 -1.92
CA GLY L 42 -29.98 -21.80 -1.58
C GLY L 42 -28.48 -21.72 -1.72
N MET L 43 -27.81 -22.82 -1.37
CA MET L 43 -26.36 -22.90 -1.42
C MET L 43 -25.92 -24.36 -1.48
N ILE L 44 -24.83 -24.64 -2.22
CA ILE L 44 -24.30 -25.99 -2.34
C ILE L 44 -22.84 -25.99 -1.86
N HIS L 45 -22.51 -26.90 -0.95
CA HIS L 45 -21.16 -27.03 -0.44
C HIS L 45 -20.64 -28.40 -0.85
N GLY L 46 -19.84 -28.43 -1.90
CA GLY L 46 -19.26 -29.67 -2.42
C GLY L 46 -18.23 -30.28 -1.49
N CYS L 47 -18.56 -31.43 -0.91
CA CYS L 47 -17.67 -32.16 -0.02
C CYS L 47 -17.13 -33.43 -0.70
N ASP L 48 -16.98 -33.40 -2.04
CA ASP L 48 -16.47 -34.52 -2.82
C ASP L 48 -15.14 -34.06 -3.41
N PRO L 49 -14.03 -34.83 -3.24
CA PRO L 49 -12.76 -34.39 -3.80
C PRO L 49 -12.74 -34.23 -5.33
N LYS L 50 -13.79 -34.68 -6.03
CA LYS L 50 -13.84 -34.53 -7.49
C LYS L 50 -13.93 -33.04 -7.88
N ALA L 51 -14.51 -32.20 -7.00
CA ALA L 51 -14.65 -30.75 -7.17
C ALA L 51 -15.45 -30.31 -8.40
N ASP L 52 -16.49 -31.08 -8.75
CA ASP L 52 -17.36 -30.73 -9.88
C ASP L 52 -18.84 -30.72 -9.46
N SER L 53 -19.10 -30.72 -8.13
CA SER L 53 -20.45 -30.73 -7.57
C SER L 53 -21.23 -29.42 -7.78
N THR L 54 -20.57 -28.36 -8.26
CA THR L 54 -21.20 -27.06 -8.51
C THR L 54 -20.92 -26.57 -9.95
N ARG L 55 -20.36 -27.43 -10.81
CA ARG L 55 -20.02 -27.04 -12.17
C ARG L 55 -21.22 -26.56 -12.99
N MET L 56 -22.33 -27.29 -12.96
CA MET L 56 -23.52 -26.94 -13.73
C MET L 56 -24.19 -25.66 -13.22
N ILE L 57 -24.21 -25.45 -11.90
CA ILE L 57 -24.83 -24.25 -11.34
C ILE L 57 -23.99 -23.03 -11.80
N LEU L 58 -22.64 -23.18 -11.88
CA LEU L 58 -21.76 -22.11 -12.38
C LEU L 58 -21.65 -22.10 -13.90
N HIS L 59 -22.56 -22.79 -14.60
CA HIS L 59 -22.62 -22.83 -16.05
C HIS L 59 -21.35 -23.36 -16.73
N GLY L 60 -20.86 -24.50 -16.27
CA GLY L 60 -19.67 -25.14 -16.84
C GLY L 60 -18.35 -24.52 -16.45
N LYS L 61 -18.37 -23.44 -15.65
CA LYS L 61 -17.16 -22.76 -15.21
C LYS L 61 -16.60 -23.44 -13.94
N PRO L 62 -15.44 -24.12 -14.00
CA PRO L 62 -14.91 -24.75 -12.78
C PRO L 62 -14.66 -23.75 -11.66
N GLN L 63 -14.85 -24.16 -10.40
CA GLN L 63 -14.65 -23.30 -9.24
C GLN L 63 -13.36 -23.68 -8.52
N GLU L 64 -12.54 -22.69 -8.09
CA GLU L 64 -11.31 -22.96 -7.35
C GLU L 64 -11.73 -23.48 -5.98
N THR L 65 -11.15 -24.61 -5.54
CA THR L 65 -11.54 -25.21 -4.26
C THR L 65 -10.94 -24.42 -3.11
N VAL L 66 -11.47 -24.61 -1.90
CA VAL L 66 -10.96 -23.92 -0.72
C VAL L 66 -9.50 -24.30 -0.47
N MET L 67 -9.17 -25.59 -0.63
CA MET L 67 -7.79 -26.04 -0.42
C MET L 67 -6.84 -25.38 -1.43
N ASP L 68 -7.28 -25.20 -2.68
CA ASP L 68 -6.46 -24.56 -3.71
C ASP L 68 -6.19 -23.10 -3.36
N VAL L 69 -7.23 -22.39 -2.90
CA VAL L 69 -7.09 -20.97 -2.55
C VAL L 69 -6.21 -20.82 -1.31
N LEU L 70 -6.41 -21.69 -0.31
CA LEU L 70 -5.62 -21.62 0.94
C LEU L 70 -4.15 -21.93 0.63
N ARG L 71 -3.91 -22.72 -0.44
CA ARG L 71 -2.52 -23.14 -0.77
C ARG L 71 -1.83 -22.05 -1.60
N GLU L 72 -2.56 -21.38 -2.49
CA GLU L 72 -1.92 -20.38 -3.39
C GLU L 72 -1.92 -18.99 -2.74
N GLU L 73 -2.79 -18.76 -1.75
CA GLU L 73 -2.88 -17.42 -1.16
C GLU L 73 -2.67 -17.33 0.36
N GLY L 74 -2.70 -18.47 1.05
CA GLY L 74 -2.53 -18.48 2.49
C GLY L 74 -3.78 -17.99 3.20
N GLU L 75 -3.90 -18.29 4.51
CA GLU L 75 -5.07 -17.88 5.29
C GLU L 75 -5.30 -16.37 5.36
N GLU L 76 -4.33 -15.55 4.93
CA GLU L 76 -4.47 -14.09 4.98
C GLU L 76 -5.06 -13.61 3.66
N GLY L 77 -4.61 -14.18 2.55
CA GLY L 77 -5.07 -13.77 1.23
C GLY L 77 -6.39 -14.39 0.79
N VAL L 78 -7.10 -15.02 1.73
CA VAL L 78 -8.39 -15.71 1.38
C VAL L 78 -9.56 -14.75 1.62
N THR L 79 -10.48 -14.66 0.65
CA THR L 79 -11.67 -13.83 0.77
C THR L 79 -12.88 -14.68 0.42
N LEU L 80 -14.05 -14.33 0.95
CA LEU L 80 -15.28 -15.07 0.66
C LEU L 80 -15.62 -15.03 -0.84
N GLU L 81 -15.16 -14.00 -1.55
CA GLU L 81 -15.41 -13.85 -2.99
C GLU L 81 -14.62 -14.89 -3.80
N LYS L 82 -13.45 -15.33 -3.32
CA LYS L 82 -12.63 -16.29 -4.05
C LYS L 82 -13.05 -17.75 -3.85
N VAL L 83 -13.69 -18.06 -2.73
CA VAL L 83 -14.14 -19.43 -2.42
C VAL L 83 -15.64 -19.65 -2.65
N ARG L 84 -16.47 -18.60 -2.53
CA ARG L 84 -17.91 -18.72 -2.74
C ARG L 84 -18.33 -17.95 -3.99
N LYS L 85 -18.93 -18.66 -4.96
CA LYS L 85 -19.37 -18.08 -6.23
C LYS L 85 -20.89 -18.17 -6.38
N VAL L 86 -21.50 -17.23 -7.11
CA VAL L 86 -22.96 -17.23 -7.30
C VAL L 86 -23.25 -17.76 -8.72
N GLY L 87 -24.23 -18.65 -8.84
CA GLY L 87 -24.60 -19.23 -10.11
C GLY L 87 -26.07 -19.09 -10.44
N PHE L 88 -26.65 -20.13 -11.04
CA PHE L 88 -28.06 -20.14 -11.44
C PHE L 88 -29.02 -19.78 -10.31
N CYS L 89 -29.92 -18.81 -10.56
CA CYS L 89 -30.91 -18.35 -9.59
C CYS L 89 -30.31 -17.96 -8.24
N GLY L 90 -29.16 -17.30 -8.27
CA GLY L 90 -28.49 -16.85 -7.05
C GLY L 90 -28.06 -17.94 -6.08
N ILE L 91 -27.82 -19.16 -6.57
CA ILE L 91 -27.39 -20.25 -5.68
C ILE L 91 -25.91 -20.08 -5.37
N TYR L 92 -25.54 -20.02 -4.09
CA TYR L 92 -24.14 -19.88 -3.68
C TYR L 92 -23.44 -21.23 -3.82
N CYS L 93 -22.18 -21.21 -4.23
CA CYS L 93 -21.43 -22.45 -4.44
C CYS L 93 -20.08 -22.42 -3.77
N VAL L 94 -19.67 -23.55 -3.18
CA VAL L 94 -18.37 -23.67 -2.51
C VAL L 94 -17.86 -25.10 -2.73
N GLU L 95 -16.56 -25.25 -3.02
CA GLU L 95 -15.98 -26.58 -3.21
C GLU L 95 -14.89 -26.77 -2.17
N SER L 96 -15.04 -27.77 -1.30
CA SER L 96 -14.07 -28.02 -0.24
C SER L 96 -12.72 -28.44 -0.81
N GLY L 97 -12.74 -29.35 -1.78
CA GLY L 97 -11.52 -29.86 -2.38
C GLY L 97 -10.88 -30.87 -1.47
N GLY L 98 -9.59 -31.09 -1.65
CA GLY L 98 -8.86 -32.05 -0.84
C GLY L 98 -7.39 -32.11 -1.17
N PRO L 99 -6.62 -32.89 -0.41
CA PRO L 99 -5.18 -33.00 -0.72
C PRO L 99 -4.92 -33.87 -1.95
N GLU L 100 -3.67 -33.84 -2.44
CA GLU L 100 -3.30 -34.62 -3.61
C GLU L 100 -3.44 -36.13 -3.30
N PRO L 101 -3.87 -36.99 -4.25
CA PRO L 101 -3.98 -38.42 -3.93
C PRO L 101 -2.71 -39.01 -3.32
N GLY L 102 -2.86 -39.73 -2.22
CA GLY L 102 -1.76 -40.34 -1.50
C GLY L 102 -1.19 -39.46 -0.39
N VAL L 103 -1.63 -38.20 -0.32
CA VAL L 103 -1.14 -37.26 0.68
C VAL L 103 -2.22 -36.98 1.75
N GLY L 104 -1.95 -37.40 2.99
CA GLY L 104 -2.87 -37.10 4.11
C GLY L 104 -4.23 -37.74 3.98
N CYS L 105 -5.23 -37.15 4.62
CA CYS L 105 -6.61 -37.73 4.61
C CYS L 105 -7.46 -37.01 3.57
N ALA L 106 -8.18 -37.78 2.73
CA ALA L 106 -8.99 -37.20 1.67
C ALA L 106 -10.11 -36.28 2.18
N GLY L 107 -10.67 -36.59 3.35
CA GLY L 107 -11.75 -35.81 3.91
C GLY L 107 -11.34 -34.56 4.66
N ARG L 108 -10.02 -34.32 4.84
CA ARG L 108 -9.56 -33.14 5.58
C ARG L 108 -10.04 -31.82 4.94
N GLY L 109 -10.21 -31.80 3.62
CA GLY L 109 -10.67 -30.61 2.92
C GLY L 109 -12.04 -30.16 3.35
N VAL L 110 -12.90 -31.11 3.75
CA VAL L 110 -14.26 -30.80 4.18
C VAL L 110 -14.27 -30.03 5.48
N ILE L 111 -13.49 -30.49 6.46
CA ILE L 111 -13.44 -29.84 7.77
C ILE L 111 -12.89 -28.42 7.65
N THR L 112 -11.81 -28.26 6.89
CA THR L 112 -11.20 -26.93 6.70
C THR L 112 -12.18 -25.96 6.03
N ALA L 113 -12.88 -26.41 5.00
CA ALA L 113 -13.83 -25.56 4.27
C ALA L 113 -15.04 -25.16 5.11
N VAL L 114 -15.58 -26.09 5.91
CA VAL L 114 -16.74 -25.77 6.74
C VAL L 114 -16.32 -24.77 7.81
N ASN L 115 -15.15 -24.98 8.43
CA ASN L 115 -14.65 -24.06 9.46
C ASN L 115 -14.37 -22.69 8.87
N LEU L 116 -13.80 -22.64 7.65
CA LEU L 116 -13.51 -21.36 7.01
C LEU L 116 -14.80 -20.63 6.67
N MET L 117 -15.80 -21.37 6.18
CA MET L 117 -17.10 -20.76 5.84
C MET L 117 -17.74 -20.15 7.08
N LYS L 118 -17.61 -20.85 8.22
CA LYS L 118 -18.14 -20.39 9.51
C LYS L 118 -17.40 -19.12 9.93
N GLU L 119 -16.05 -19.10 9.78
CA GLU L 119 -15.21 -17.96 10.13
C GLU L 119 -15.55 -16.73 9.29
N LEU L 120 -15.70 -16.88 7.97
CA LEU L 120 -16.01 -15.77 7.07
C LEU L 120 -17.50 -15.45 6.95
N GLY L 121 -18.35 -16.18 7.67
CA GLY L 121 -19.79 -15.96 7.62
C GLY L 121 -20.34 -16.19 6.22
N GLY L 122 -19.80 -17.20 5.56
CA GLY L 122 -20.20 -17.47 4.16
C GLY L 122 -21.52 -18.19 4.07
N TYR L 123 -22.11 -18.57 5.21
CA TYR L 123 -23.45 -19.22 5.22
C TYR L 123 -24.52 -18.17 5.54
N PRO L 124 -25.23 -17.63 4.53
CA PRO L 124 -26.25 -16.59 4.76
C PRO L 124 -27.33 -17.07 5.75
N ASP L 125 -27.65 -16.24 6.76
CA ASP L 125 -28.69 -16.60 7.71
C ASP L 125 -30.06 -16.74 7.04
N ASP L 126 -30.32 -15.92 6.01
CA ASP L 126 -31.59 -15.96 5.29
C ASP L 126 -31.69 -17.10 4.27
N LEU L 127 -30.81 -18.12 4.33
CA LEU L 127 -30.87 -19.23 3.39
C LEU L 127 -32.13 -20.06 3.68
N ASP L 128 -32.72 -20.66 2.65
CA ASP L 128 -33.91 -21.51 2.77
C ASP L 128 -33.49 -22.98 2.73
N PHE L 129 -32.40 -23.31 2.01
CA PHE L 129 -31.89 -24.67 1.94
C PHE L 129 -30.38 -24.64 1.75
N LEU L 130 -29.69 -25.65 2.29
CA LEU L 130 -28.24 -25.77 2.19
C LEU L 130 -27.92 -27.23 1.96
N PHE L 131 -27.33 -27.56 0.80
CA PHE L 131 -27.01 -28.95 0.47
C PHE L 131 -25.51 -29.21 0.52
N PHE L 132 -25.13 -30.43 0.92
CA PHE L 132 -23.74 -30.85 1.00
C PHE L 132 -23.57 -32.12 0.16
N ASP L 133 -22.86 -32.03 -0.97
CA ASP L 133 -22.62 -33.18 -1.83
C ASP L 133 -21.44 -33.92 -1.20
N VAL L 134 -21.70 -34.99 -0.42
CA VAL L 134 -20.64 -35.72 0.28
C VAL L 134 -20.32 -37.07 -0.36
N LEU L 135 -19.02 -37.40 -0.42
CA LEU L 135 -18.55 -38.68 -0.95
C LEU L 135 -18.98 -39.77 0.02
N GLY L 136 -19.54 -40.86 -0.49
CA GLY L 136 -20.03 -41.94 0.36
C GLY L 136 -19.32 -43.27 0.19
N ASP L 137 -18.25 -43.33 -0.61
CA ASP L 137 -17.53 -44.58 -0.80
C ASP L 137 -16.91 -45.07 0.50
N VAL L 138 -16.49 -44.14 1.38
CA VAL L 138 -15.93 -44.45 2.70
C VAL L 138 -16.55 -43.49 3.70
N VAL L 139 -16.97 -43.99 4.86
CA VAL L 139 -17.58 -43.15 5.89
C VAL L 139 -16.52 -42.93 6.96
N CYS L 140 -15.71 -41.90 6.75
CA CYS L 140 -14.66 -41.59 7.76
C CYS L 140 -14.13 -40.18 7.52
N GLY L 141 -13.41 -39.67 8.51
CA GLY L 141 -12.82 -38.34 8.44
C GLY L 141 -13.84 -37.25 8.14
N GLY L 142 -13.47 -36.34 7.25
CA GLY L 142 -14.33 -35.24 6.85
C GLY L 142 -15.63 -35.67 6.18
N PHE L 143 -15.61 -36.85 5.55
CA PHE L 143 -16.80 -37.37 4.88
C PHE L 143 -17.87 -37.75 5.90
N ALA L 144 -17.47 -38.31 7.04
CA ALA L 144 -18.42 -38.68 8.09
C ALA L 144 -18.69 -37.52 9.08
N MET L 145 -17.98 -36.37 8.93
CA MET L 145 -18.16 -35.23 9.81
C MET L 145 -19.61 -34.69 9.80
N PRO L 146 -20.28 -34.50 8.64
CA PRO L 146 -21.67 -33.99 8.71
C PRO L 146 -22.61 -34.87 9.53
N LEU L 147 -22.32 -36.17 9.60
CA LEU L 147 -23.15 -37.12 10.34
C LEU L 147 -22.80 -37.10 11.83
N ARG L 148 -21.51 -36.98 12.14
CA ARG L 148 -21.02 -36.96 13.50
C ARG L 148 -21.28 -35.64 14.22
N ASP L 149 -20.88 -34.52 13.62
CA ASP L 149 -21.05 -33.20 14.23
C ASP L 149 -22.44 -32.58 13.98
N GLY L 150 -23.33 -33.31 13.33
CA GLY L 150 -24.69 -32.84 13.04
C GLY L 150 -24.73 -31.57 12.23
N LEU L 151 -23.87 -31.48 11.19
CA LEU L 151 -23.82 -30.33 10.30
C LEU L 151 -25.14 -30.23 9.55
N ALA L 152 -25.59 -31.36 8.99
CA ALA L 152 -26.86 -31.46 8.27
C ALA L 152 -27.66 -32.51 9.03
N LYS L 153 -28.85 -32.16 9.50
CA LYS L 153 -29.68 -33.11 10.26
C LYS L 153 -30.46 -34.05 9.36
N GLU L 154 -30.61 -33.72 8.07
CA GLU L 154 -31.35 -34.57 7.13
C GLU L 154 -30.38 -35.18 6.14
N ILE L 155 -30.37 -36.51 6.02
CA ILE L 155 -29.48 -37.18 5.07
C ILE L 155 -30.32 -37.93 4.05
N TYR L 156 -29.88 -37.89 2.78
CA TYR L 156 -30.54 -38.61 1.71
C TYR L 156 -29.45 -39.33 0.95
N ILE L 157 -29.64 -40.60 0.63
CA ILE L 157 -28.63 -41.37 -0.07
C ILE L 157 -29.08 -41.69 -1.49
N VAL L 158 -28.25 -41.34 -2.49
CA VAL L 158 -28.57 -41.63 -3.88
C VAL L 158 -28.05 -43.04 -4.14
N SER L 159 -28.90 -43.92 -4.67
CA SER L 159 -28.50 -45.31 -4.94
C SER L 159 -29.26 -45.89 -6.13
N SER L 160 -28.71 -46.95 -6.71
CA SER L 160 -29.30 -47.66 -7.84
C SER L 160 -29.47 -49.13 -7.43
N GLY L 161 -30.00 -49.96 -8.32
CA GLY L 161 -30.19 -51.37 -8.03
C GLY L 161 -28.89 -52.15 -7.86
N GLU L 162 -27.74 -51.54 -8.22
CA GLU L 162 -26.44 -52.20 -8.12
C GLU L 162 -26.12 -52.60 -6.69
N MET L 163 -25.44 -53.73 -6.51
CA MET L 163 -25.05 -54.22 -5.19
C MET L 163 -24.13 -53.22 -4.49
N MET L 164 -23.13 -52.70 -5.21
CA MET L 164 -22.19 -51.75 -4.62
C MET L 164 -22.88 -50.46 -4.18
N ALA L 165 -23.86 -49.99 -4.95
CA ALA L 165 -24.58 -48.77 -4.60
C ALA L 165 -25.40 -49.00 -3.33
N LEU L 166 -26.03 -50.18 -3.20
CA LEU L 166 -26.83 -50.49 -2.02
C LEU L 166 -25.91 -50.75 -0.82
N TYR L 167 -24.73 -51.37 -1.05
CA TYR L 167 -23.76 -51.64 0.01
C TYR L 167 -23.30 -50.32 0.61
N ALA L 168 -22.96 -49.34 -0.24
CA ALA L 168 -22.52 -48.03 0.21
C ALA L 168 -23.64 -47.35 1.00
N ALA L 169 -24.88 -47.43 0.50
CA ALA L 169 -26.01 -46.83 1.18
C ALA L 169 -26.23 -47.44 2.56
N ASN L 170 -26.04 -48.76 2.68
CA ASN L 170 -26.20 -49.44 3.96
C ASN L 170 -25.10 -49.00 4.93
N ASN L 171 -23.87 -48.81 4.42
CA ASN L 171 -22.75 -48.38 5.24
C ASN L 171 -22.97 -46.96 5.73
N ILE L 172 -23.54 -46.08 4.89
CA ILE L 172 -23.82 -44.70 5.28
C ILE L 172 -24.88 -44.73 6.40
N ALA L 173 -25.89 -45.62 6.25
CA ALA L 173 -26.95 -45.80 7.25
C ALA L 173 -26.33 -46.25 8.59
N LYS L 174 -25.28 -47.08 8.55
CA LYS L 174 -24.60 -47.54 9.75
C LYS L 174 -23.98 -46.34 10.48
N GLY L 175 -23.39 -45.42 9.72
CA GLY L 175 -22.80 -44.21 10.28
C GLY L 175 -23.86 -43.29 10.87
N ILE L 176 -25.04 -43.22 10.23
CA ILE L 176 -26.13 -42.39 10.73
C ILE L 176 -26.60 -42.96 12.07
N LEU L 177 -26.84 -44.28 12.14
CA LEU L 177 -27.29 -44.96 13.35
C LEU L 177 -26.30 -44.75 14.51
N LYS L 178 -25.00 -44.87 14.23
CA LYS L 178 -23.96 -44.71 15.24
C LYS L 178 -24.01 -43.36 15.96
N TYR L 179 -24.23 -42.26 15.23
CA TYR L 179 -24.27 -40.92 15.85
C TYR L 179 -25.68 -40.30 15.81
N ALA L 180 -26.72 -41.14 15.79
CA ALA L 180 -28.10 -40.65 15.74
C ALA L 180 -28.50 -39.98 17.06
N GLU L 181 -28.11 -40.57 18.20
CA GLU L 181 -28.46 -40.01 19.51
C GLU L 181 -27.55 -38.84 19.87
N GLN L 182 -26.25 -38.96 19.56
CA GLN L 182 -25.27 -37.93 19.88
C GLN L 182 -25.52 -36.61 19.13
N SER L 183 -25.70 -36.67 17.81
CA SER L 183 -25.88 -35.48 16.99
C SER L 183 -27.30 -35.19 16.55
N GLY L 184 -28.20 -36.16 16.65
CA GLY L 184 -29.59 -35.97 16.24
C GLY L 184 -29.77 -36.03 14.73
N VAL L 185 -28.80 -36.63 14.02
CA VAL L 185 -28.87 -36.77 12.56
C VAL L 185 -29.84 -37.90 12.21
N ARG L 186 -30.57 -37.72 11.12
CA ARG L 186 -31.60 -38.73 10.72
C ARG L 186 -31.56 -38.97 9.21
N LEU L 187 -32.10 -40.11 8.76
CA LEU L 187 -32.15 -40.45 7.35
C LEU L 187 -33.54 -40.09 6.82
N GLY L 188 -33.61 -39.13 5.90
CA GLY L 188 -34.86 -38.69 5.30
C GLY L 188 -35.44 -39.68 4.30
N GLY L 189 -34.57 -40.40 3.60
CA GLY L 189 -34.99 -41.38 2.61
C GLY L 189 -33.93 -41.70 1.59
N ILE L 190 -34.20 -42.69 0.73
CA ILE L 190 -33.27 -43.11 -0.32
C ILE L 190 -33.77 -42.55 -1.65
N ILE L 191 -32.89 -41.92 -2.42
CA ILE L 191 -33.25 -41.38 -3.74
C ILE L 191 -32.69 -42.38 -4.76
N CYS L 192 -33.54 -42.89 -5.67
CA CYS L 192 -33.07 -43.85 -6.67
C CYS L 192 -32.75 -43.20 -8.00
N ASN L 193 -31.48 -43.24 -8.42
CA ASN L 193 -31.08 -42.71 -9.71
C ASN L 193 -31.11 -43.90 -10.64
N SER L 194 -32.20 -44.03 -11.41
CA SER L 194 -32.41 -45.16 -12.32
C SER L 194 -31.32 -45.38 -13.36
N ARG L 195 -31.13 -46.64 -13.76
CA ARG L 195 -30.19 -47.03 -14.81
C ARG L 195 -30.92 -47.81 -15.93
N ASN L 196 -32.25 -47.82 -15.89
CA ASN L 196 -33.03 -48.51 -16.95
C ASN L 196 -32.91 -50.03 -16.82
N VAL L 197 -33.08 -50.56 -15.60
CA VAL L 197 -33.08 -52.02 -15.46
C VAL L 197 -34.47 -52.47 -14.98
N ASP L 198 -34.85 -53.70 -15.32
CA ASP L 198 -36.17 -54.23 -14.96
C ASP L 198 -36.29 -54.42 -13.45
N GLY L 199 -37.40 -53.96 -12.90
CA GLY L 199 -37.68 -54.09 -11.48
C GLY L 199 -36.71 -53.40 -10.55
N GLU L 200 -36.18 -52.24 -10.97
CA GLU L 200 -35.24 -51.49 -10.15
C GLU L 200 -35.98 -50.88 -8.96
N ARG L 201 -37.15 -50.27 -9.24
CA ARG L 201 -37.97 -49.64 -8.20
C ARG L 201 -38.40 -50.66 -7.15
N GLU L 202 -38.86 -51.84 -7.58
CA GLU L 202 -39.31 -52.90 -6.67
C GLU L 202 -38.19 -53.32 -5.69
N LEU L 203 -36.95 -53.42 -6.16
CA LEU L 203 -35.82 -53.79 -5.30
C LEU L 203 -35.57 -52.66 -4.30
N MET L 204 -35.52 -51.42 -4.80
CA MET L 204 -35.28 -50.24 -3.98
C MET L 204 -36.33 -50.10 -2.87
N GLU L 205 -37.59 -50.42 -3.16
CA GLU L 205 -38.67 -50.29 -2.17
C GLU L 205 -38.54 -51.33 -1.06
N GLU L 206 -38.16 -52.58 -1.41
CA GLU L 206 -37.97 -53.61 -0.39
C GLU L 206 -36.72 -53.28 0.44
N PHE L 207 -35.68 -52.71 -0.20
CA PHE L 207 -34.45 -52.31 0.48
C PHE L 207 -34.77 -51.24 1.53
N CYS L 208 -35.60 -50.25 1.17
CA CYS L 208 -35.99 -49.18 2.09
C CYS L 208 -36.81 -49.76 3.24
N ASP L 209 -37.68 -50.73 2.96
CA ASP L 209 -38.50 -51.36 3.99
C ASP L 209 -37.61 -52.04 5.04
N LYS L 210 -36.61 -52.80 4.57
CA LYS L 210 -35.68 -53.49 5.46
C LYS L 210 -34.79 -52.49 6.21
N LEU L 211 -34.45 -51.37 5.55
CA LEU L 211 -33.61 -50.32 6.15
C LEU L 211 -34.41 -49.39 7.10
N GLY L 212 -35.73 -49.54 7.13
CA GLY L 212 -36.59 -48.74 8.00
C GLY L 212 -36.84 -47.34 7.51
N THR L 213 -36.70 -47.10 6.20
CA THR L 213 -36.91 -45.77 5.61
C THR L 213 -37.85 -45.89 4.38
N LYS L 214 -37.97 -44.81 3.58
CA LYS L 214 -38.84 -44.80 2.39
C LYS L 214 -38.03 -44.43 1.14
N LEU L 215 -38.52 -44.86 -0.03
CA LEU L 215 -37.89 -44.51 -1.30
C LEU L 215 -38.53 -43.18 -1.67
N ILE L 216 -38.00 -42.08 -1.12
CA ILE L 216 -38.54 -40.74 -1.32
C ILE L 216 -38.84 -40.40 -2.79
N HIS L 217 -37.96 -40.78 -3.74
CA HIS L 217 -38.19 -40.46 -5.14
C HIS L 217 -37.44 -41.38 -6.08
N PHE L 218 -37.98 -41.54 -7.30
CA PHE L 218 -37.38 -42.36 -8.36
C PHE L 218 -37.04 -41.44 -9.53
N ILE L 219 -35.75 -41.12 -9.70
CA ILE L 219 -35.33 -40.26 -10.80
C ILE L 219 -35.09 -41.12 -12.04
N PRO L 220 -35.78 -40.90 -13.17
CA PRO L 220 -35.51 -41.74 -14.35
C PRO L 220 -34.21 -41.39 -15.05
N ARG L 221 -33.68 -42.33 -15.84
CA ARG L 221 -32.46 -42.10 -16.60
C ARG L 221 -32.87 -41.38 -17.88
N ASP L 222 -32.44 -40.12 -18.06
CA ASP L 222 -32.83 -39.36 -19.24
C ASP L 222 -31.62 -38.73 -19.95
N ASN L 223 -31.61 -38.81 -21.29
CA ASN L 223 -30.52 -38.24 -22.09
C ASN L 223 -30.46 -36.71 -21.99
N ILE L 224 -31.54 -36.06 -21.53
CA ILE L 224 -31.55 -34.60 -21.40
C ILE L 224 -30.46 -34.11 -20.42
N VAL L 225 -30.00 -34.97 -19.49
CA VAL L 225 -28.97 -34.59 -18.54
C VAL L 225 -27.67 -34.32 -19.29
N GLN L 226 -27.29 -35.24 -20.19
CA GLN L 226 -26.08 -35.10 -20.97
C GLN L 226 -26.21 -33.96 -22.00
N LYS L 227 -27.43 -33.73 -22.53
CA LYS L 227 -27.66 -32.64 -23.49
C LYS L 227 -27.51 -31.29 -22.78
N ALA L 228 -28.01 -31.18 -21.55
CA ALA L 228 -27.89 -29.95 -20.77
C ALA L 228 -26.43 -29.75 -20.33
N GLU L 229 -25.71 -30.84 -19.99
CA GLU L 229 -24.30 -30.78 -19.61
C GLU L 229 -23.50 -30.23 -20.80
N PHE L 230 -23.80 -30.71 -22.01
CA PHE L 230 -23.14 -30.27 -23.24
C PHE L 230 -23.37 -28.77 -23.47
N ASN L 231 -24.53 -28.25 -23.05
CA ASN L 231 -24.86 -26.83 -23.18
C ASN L 231 -24.42 -26.01 -21.96
N LYS L 232 -23.56 -26.59 -21.07
CA LYS L 232 -23.05 -25.92 -19.86
C LYS L 232 -24.19 -25.33 -19.02
N MET L 233 -25.22 -26.16 -18.74
CA MET L 233 -26.40 -25.75 -17.97
C MET L 233 -26.98 -26.94 -17.20
N THR L 234 -27.78 -26.66 -16.17
CA THR L 234 -28.48 -27.72 -15.44
C THR L 234 -29.71 -28.06 -16.29
N VAL L 235 -30.38 -29.19 -16.01
CA VAL L 235 -31.57 -29.56 -16.76
C VAL L 235 -32.69 -28.53 -16.52
N VAL L 236 -32.78 -28.00 -15.29
CA VAL L 236 -33.79 -27.00 -14.94
C VAL L 236 -33.57 -25.72 -15.76
N GLU L 237 -32.32 -25.27 -15.86
CA GLU L 237 -31.98 -24.06 -16.62
C GLU L 237 -32.13 -24.28 -18.12
N PHE L 238 -31.77 -25.48 -18.59
CA PHE L 238 -31.83 -25.85 -20.00
C PHE L 238 -33.26 -26.00 -20.52
N ALA L 239 -34.08 -26.80 -19.83
CA ALA L 239 -35.45 -27.03 -20.24
C ALA L 239 -36.35 -27.20 -19.00
N PRO L 240 -36.82 -26.10 -18.38
CA PRO L 240 -37.66 -26.25 -17.18
C PRO L 240 -39.00 -26.95 -17.42
N ASP L 241 -39.43 -27.07 -18.69
CA ASP L 241 -40.68 -27.74 -19.05
C ASP L 241 -40.49 -29.23 -19.39
N HIS L 242 -39.24 -29.73 -19.36
CA HIS L 242 -38.97 -31.13 -19.68
C HIS L 242 -39.43 -32.03 -18.52
N PRO L 243 -40.00 -33.23 -18.77
CA PRO L 243 -40.42 -34.10 -17.65
C PRO L 243 -39.33 -34.31 -16.59
N GLN L 244 -38.06 -34.41 -17.02
CA GLN L 244 -36.95 -34.61 -16.09
C GLN L 244 -36.81 -33.42 -15.15
N ALA L 245 -36.91 -32.19 -15.68
CA ALA L 245 -36.84 -30.98 -14.86
C ALA L 245 -37.94 -30.98 -13.79
N LEU L 246 -39.13 -31.49 -14.14
CA LEU L 246 -40.25 -31.57 -13.21
C LEU L 246 -40.04 -32.68 -12.17
N GLU L 247 -39.26 -33.73 -12.51
CA GLU L 247 -38.97 -34.81 -11.56
C GLU L 247 -38.12 -34.23 -10.42
N TYR L 248 -37.13 -33.39 -10.75
CA TYR L 248 -36.28 -32.75 -9.74
C TYR L 248 -37.11 -31.77 -8.91
N LYS L 249 -38.13 -31.14 -9.51
CA LYS L 249 -39.03 -30.21 -8.81
C LYS L 249 -39.84 -31.00 -7.78
N LYS L 250 -40.33 -32.20 -8.16
CA LYS L 250 -41.11 -33.05 -7.25
C LYS L 250 -40.24 -33.46 -6.07
N LEU L 251 -39.00 -33.92 -6.35
CA LEU L 251 -38.07 -34.33 -5.30
C LEU L 251 -37.74 -33.16 -4.38
N GLY L 252 -37.52 -31.99 -4.96
CA GLY L 252 -37.21 -30.79 -4.20
C GLY L 252 -38.29 -30.45 -3.18
N LYS L 253 -39.56 -30.52 -3.60
CA LYS L 253 -40.68 -30.25 -2.70
C LYS L 253 -40.76 -31.35 -1.65
N LYS L 254 -40.55 -32.61 -2.04
CA LYS L 254 -40.59 -33.74 -1.11
C LYS L 254 -39.55 -33.56 0.00
N ILE L 255 -38.35 -33.09 -0.36
CA ILE L 255 -37.26 -32.92 0.65
C ILE L 255 -37.64 -31.77 1.58
N MET L 256 -38.24 -30.70 1.02
CA MET L 256 -38.59 -29.51 1.85
C MET L 256 -39.73 -29.88 2.82
N ASP L 257 -40.77 -30.56 2.33
CA ASP L 257 -41.90 -30.93 3.17
C ASP L 257 -41.72 -32.28 3.86
N ASN L 258 -40.49 -32.80 3.96
CA ASN L 258 -40.27 -34.10 4.58
C ASN L 258 -40.27 -34.02 6.10
N ASP L 259 -41.07 -34.89 6.74
CA ASP L 259 -41.16 -34.98 8.19
C ASP L 259 -40.89 -36.42 8.69
N GLU L 260 -40.80 -37.40 7.77
CA GLU L 260 -40.54 -38.80 8.11
C GLU L 260 -39.04 -39.06 8.14
N LEU L 261 -38.35 -38.40 9.08
CA LEU L 261 -36.88 -38.62 9.24
C LEU L 261 -36.71 -39.71 10.29
N VAL L 262 -36.04 -40.83 9.95
CA VAL L 262 -36.00 -41.98 10.89
C VAL L 262 -34.56 -42.47 11.10
N ILE L 263 -34.29 -43.15 12.23
CA ILE L 263 -32.95 -43.76 12.47
C ILE L 263 -32.84 -45.12 11.78
N PRO L 264 -31.94 -45.31 10.79
CA PRO L 264 -31.91 -46.56 10.03
C PRO L 264 -31.65 -47.92 10.72
N THR L 265 -32.21 -49.00 10.16
CA THR L 265 -31.96 -50.34 10.68
C THR L 265 -31.10 -51.03 9.62
N PRO L 266 -29.77 -50.83 9.66
CA PRO L 266 -28.91 -51.43 8.63
C PRO L 266 -29.09 -52.93 8.44
N LEU L 267 -29.05 -53.37 7.18
CA LEU L 267 -29.19 -54.78 6.82
C LEU L 267 -27.88 -55.51 7.06
N SER L 268 -27.93 -56.82 7.27
CA SER L 268 -26.71 -57.62 7.46
C SER L 268 -26.18 -57.92 6.05
N MET L 269 -24.91 -58.34 5.92
CA MET L 269 -24.38 -58.65 4.59
C MET L 269 -25.18 -59.77 3.92
N ASP L 270 -25.70 -60.72 4.71
CA ASP L 270 -26.49 -61.81 4.17
C ASP L 270 -27.82 -61.29 3.66
N GLU L 271 -28.50 -60.43 4.42
CA GLU L 271 -29.79 -59.88 4.02
C GLU L 271 -29.68 -59.12 2.70
N LEU L 272 -28.62 -58.32 2.54
CA LEU L 272 -28.42 -57.54 1.32
C LEU L 272 -28.14 -58.43 0.11
N GLU L 273 -27.32 -59.48 0.29
CA GLU L 273 -27.00 -60.40 -0.81
C GLU L 273 -28.23 -61.17 -1.24
N LYS L 274 -29.01 -61.66 -0.27
CA LYS L 274 -30.23 -62.41 -0.56
C LYS L 274 -31.26 -61.52 -1.26
N LEU L 275 -31.30 -60.22 -0.91
CA LEU L 275 -32.22 -59.27 -1.51
C LEU L 275 -31.83 -59.06 -2.98
N VAL L 276 -30.53 -58.92 -3.24
CA VAL L 276 -30.03 -58.71 -4.60
C VAL L 276 -30.29 -59.93 -5.47
N GLU L 277 -30.10 -61.13 -4.91
CA GLU L 277 -30.33 -62.37 -5.66
C GLU L 277 -31.82 -62.56 -5.95
N LYS L 278 -32.70 -62.15 -5.01
CA LYS L 278 -34.15 -62.28 -5.16
C LYS L 278 -34.63 -61.60 -6.44
N TYR L 279 -34.11 -60.42 -6.74
CA TYR L 279 -34.48 -59.66 -7.93
C TYR L 279 -33.59 -60.01 -9.12
N GLY L 280 -32.28 -60.13 -8.89
CA GLY L 280 -31.30 -60.46 -9.92
C GLY L 280 -31.41 -59.56 -11.13
N LEU L 281 -31.31 -58.26 -10.90
CA LEU L 281 -31.45 -57.27 -12.01
C LEU L 281 -30.26 -57.38 -12.95
N TYR L 282 -29.07 -57.15 -12.41
CA TYR L 282 -27.89 -57.07 -13.27
C TYR L 282 -27.28 -58.47 -13.41
#